data_5IZR
#
_entry.id   5IZR
#
_cell.length_a   100.824
_cell.length_b   112.667
_cell.length_c   159.200
_cell.angle_alpha   90.00
_cell.angle_beta   90.03
_cell.angle_gamma   90.00
#
_symmetry.space_group_name_H-M   'P 1 21 1'
#
loop_
_entity.id
_entity.type
_entity.pdbx_description
1 polymer 'Cytosolic phospholipase A2 delta'
2 non-polymer 'methyl (R)-(6Z,9Z,12Z)-octadeca-6,9,12-trien-1-ylphosphonofluoridate'
3 non-polymer 'TERBIUM(III) ION'
4 water water
#
_entity_poly.entity_id   1
_entity_poly.type   'polypeptide(L)'
_entity_poly.pdbx_seq_one_letter_code
;GAMGSESLSPGGPPGHPYQGEASTCWQLTVRVLEARNLRWADLLSEADPYVILQLSTAPGMKFKTKTLTDTSHPVWNEAF
RFLIQSQVKNVLELSIYDEDSVTEDDICFKVLYDISEVLPGKLLRKTFSQSPQGEEELDVEFLMEETSDRPENLITNKVI
VARELSCLDVHLDSTGSTAVVADQDKLELELVLKGSYEDTQTSFLGTASAFRFHYMAALETELSGRLRSSRSNGWNGDNS
AGYLTVPLRPLTIGKEVTMDVPAPNAPGVRLQLKAEGCPEELAVHLGFNLCAEEQAFLSRRKQVVAKALKQALQLDRDLQ
EDEVPVVGIMATGGGARAMTSLYGHLLALQKLGLLDCVTYFSGISGSTWTMAHLYGDPEWSQRDLEGPIRYAREHLAKSK
LEVFSPERLASYRRELELRAEQGHPTTFVDLWALVLESMLHGQVMDQKLSGQRAALERGQNPLPLYLSLNVKENNLETLD
FKEWVEFSPYEVGFLKYGAFVPPELFGSEFFMGRLMRRIPEPRICFLEAIWSNIFSLNLLDAWYDLTSSGESWKQHIKDK
TRSLEKEPLTTSGTSSRLEASWLQPGTALAQAFKGFLTGRPLHQRSPNFLQGLQLHQDYCSHKDFSTWADYQLDSMPSQL
TPKEPRLCLVDAAYFINTSSPSMFRPGRRLDLILSFDYSLSAPFEALQQTELYCRARGLPFPRVEPSPQDQHQPRECHLF
SDPACPEAPILLHFPLVNASFKDHSAPGVQRSPAELQGGQVDLTGATCPYTLSNMTYKEEDFERLLRLSDYNVQTSQGAI
LQALRTALKHRTLE
;
_entity_poly.pdbx_strand_id   A,B,C,D
#
# COMPACT_ATOMS: atom_id res chain seq x y z
N GLN A 19 -27.24 3.57 11.02
CA GLN A 19 -27.57 3.20 12.44
C GLN A 19 -28.80 3.96 12.98
N GLY A 20 -28.74 5.29 12.94
CA GLY A 20 -29.75 6.15 13.56
C GLY A 20 -30.74 6.72 12.57
N GLU A 21 -31.74 7.41 13.10
CA GLU A 21 -32.79 8.03 12.29
C GLU A 21 -33.36 9.20 13.08
N ALA A 22 -33.45 10.36 12.45
CA ALA A 22 -34.09 11.52 13.05
C ALA A 22 -35.53 11.60 12.56
N SER A 23 -36.46 11.67 13.50
CA SER A 23 -37.88 11.82 13.15
C SER A 23 -38.57 12.70 14.18
N THR A 24 -39.48 13.55 13.69
CA THR A 24 -40.21 14.46 14.55
C THR A 24 -41.46 13.78 15.10
N CYS A 25 -41.72 14.04 16.37
CA CYS A 25 -42.93 13.57 17.01
C CYS A 25 -44.10 14.48 16.63
N TRP A 26 -45.30 13.93 16.71
CA TRP A 26 -46.54 14.67 16.54
C TRP A 26 -47.17 14.85 17.92
N GLN A 27 -48.18 15.70 18.01
CA GLN A 27 -48.93 15.83 19.25
C GLN A 27 -50.36 15.33 19.09
N LEU A 28 -50.63 14.19 19.73
CA LEU A 28 -51.97 13.62 19.77
C LEU A 28 -52.70 14.20 20.98
N THR A 29 -53.91 14.66 20.71
CA THR A 29 -54.80 15.20 21.74
C THR A 29 -56.05 14.35 21.66
N VAL A 30 -56.22 13.47 22.63
CA VAL A 30 -57.39 12.60 22.65
C VAL A 30 -58.33 13.24 23.63
N ARG A 31 -59.63 13.20 23.33
CA ARG A 31 -60.63 13.60 24.30
C ARG A 31 -61.71 12.56 24.52
N VAL A 32 -61.96 12.30 25.79
CA VAL A 32 -62.93 11.32 26.22
C VAL A 32 -64.23 12.07 26.41
N LEU A 33 -65.27 11.67 25.68
CA LEU A 33 -66.54 12.37 25.69
C LEU A 33 -67.50 11.68 26.64
N GLU A 34 -68.03 10.55 26.19
CA GLU A 34 -69.04 9.82 26.93
C GLU A 34 -68.94 8.33 26.68
N ALA A 35 -69.49 7.57 27.63
CA ALA A 35 -69.84 6.19 27.39
C ALA A 35 -71.36 6.06 27.49
N ARG A 36 -71.88 4.93 27.01
CA ARG A 36 -73.30 4.67 27.06
C ARG A 36 -73.49 3.20 27.44
N ASN A 37 -74.52 2.94 28.23
CA ASN A 37 -74.93 1.57 28.56
C ASN A 37 -73.99 0.80 29.52
N LEU A 38 -73.40 1.50 30.47
CA LEU A 38 -72.43 0.89 31.35
C LEU A 38 -73.10 -0.05 32.34
N ARG A 39 -72.70 -1.32 32.29
CA ARG A 39 -73.17 -2.29 33.28
C ARG A 39 -73.08 -1.70 34.68
N TRP A 40 -74.01 -2.12 35.53
CA TRP A 40 -74.10 -1.60 36.87
C TRP A 40 -73.16 -2.36 37.79
N ALA A 41 -73.12 -1.95 39.05
CA ALA A 41 -72.48 -2.74 40.06
C ALA A 41 -73.47 -3.77 40.56
N ASP A 42 -72.95 -4.70 41.32
CA ASP A 42 -73.77 -5.69 41.96
C ASP A 42 -74.65 -4.96 42.94
N LEU A 43 -75.69 -5.65 43.39
CA LEU A 43 -76.61 -5.10 44.39
C LEU A 43 -77.29 -3.77 43.94
N LEU A 44 -77.82 -3.81 42.71
CA LEU A 44 -78.68 -2.76 42.12
C LEU A 44 -78.13 -1.35 42.17
N SER A 45 -76.83 -1.24 42.39
CA SER A 45 -76.18 0.04 42.50
C SER A 45 -75.74 0.37 41.09
N GLU A 46 -75.95 1.60 40.68
CA GLU A 46 -75.49 2.01 39.38
C GLU A 46 -73.99 2.34 39.46
N ALA A 47 -73.31 2.38 38.32
CA ALA A 47 -71.83 2.45 38.29
C ALA A 47 -71.19 3.84 38.54
N ASP A 48 -70.06 3.88 39.26
CA ASP A 48 -69.25 5.12 39.52
C ASP A 48 -67.99 5.15 38.64
N PRO A 49 -68.12 5.59 37.38
CA PRO A 49 -67.12 5.20 36.40
C PRO A 49 -66.03 6.22 36.10
N TYR A 50 -64.91 5.73 35.58
CA TYR A 50 -63.86 6.56 34.98
C TYR A 50 -63.09 5.83 33.89
N VAL A 51 -62.34 6.61 33.13
CA VAL A 51 -61.56 6.11 32.01
C VAL A 51 -60.07 6.21 32.33
N ILE A 52 -59.26 5.35 31.72
CA ILE A 52 -57.80 5.39 31.85
C ILE A 52 -57.17 5.25 30.49
N LEU A 53 -56.29 6.17 30.15
CA LEU A 53 -55.55 6.09 28.90
C LEU A 53 -54.11 5.64 29.17
N GLN A 54 -53.66 4.61 28.45
CA GLN A 54 -52.27 4.20 28.47
C GLN A 54 -51.80 4.03 27.06
N LEU A 55 -50.59 4.49 26.79
CA LEU A 55 -50.00 4.32 25.48
C LEU A 55 -48.93 3.24 25.57
N SER A 56 -49.07 2.19 24.74
CA SER A 56 -48.12 1.09 24.71
C SER A 56 -46.68 1.57 24.74
N THR A 57 -46.41 2.65 24.03
CA THR A 57 -45.07 3.18 23.88
C THR A 57 -44.79 4.31 24.87
N ALA A 58 -45.36 4.23 26.08
CA ALA A 58 -45.13 5.24 27.14
C ALA A 58 -45.24 4.57 28.51
N PRO A 59 -44.59 3.42 28.66
CA PRO A 59 -44.92 2.34 29.59
C PRO A 59 -45.33 2.72 31.02
N GLY A 60 -44.70 3.73 31.62
CA GLY A 60 -44.98 4.04 33.04
C GLY A 60 -46.14 4.99 33.32
N MET A 61 -46.68 5.57 32.26
CA MET A 61 -47.56 6.73 32.37
C MET A 61 -49.03 6.33 32.23
N LYS A 62 -49.88 6.97 33.03
CA LYS A 62 -51.33 6.81 32.94
C LYS A 62 -52.00 8.18 32.87
N PHE A 63 -53.15 8.24 32.24
CA PHE A 63 -54.04 9.36 32.40
C PHE A 63 -55.33 8.81 32.97
N LYS A 64 -56.10 9.67 33.62
CA LYS A 64 -57.23 9.23 34.40
C LYS A 64 -58.28 10.34 34.50
N THR A 65 -59.49 10.06 34.03
CA THR A 65 -60.57 11.03 34.04
C THR A 65 -61.16 11.10 35.43
N LYS A 66 -61.88 12.19 35.69
CA LYS A 66 -62.59 12.33 36.96
C LYS A 66 -63.47 11.11 37.08
N THR A 67 -63.80 10.77 38.31
CA THR A 67 -64.62 9.60 38.58
C THR A 67 -66.07 10.06 38.90
N LEU A 68 -66.95 9.96 37.90
CA LEU A 68 -68.37 10.37 38.07
C LEU A 68 -69.10 9.36 38.97
N THR A 69 -70.32 9.70 39.38
CA THR A 69 -71.07 8.82 40.30
C THR A 69 -72.41 8.36 39.77
N ASP A 70 -72.59 7.04 39.76
CA ASP A 70 -73.87 6.40 39.56
C ASP A 70 -74.52 6.75 38.20
N THR A 71 -73.79 6.49 37.12
CA THR A 71 -74.28 6.75 35.76
C THR A 71 -73.92 5.59 34.84
N SER A 72 -74.89 5.11 34.07
CA SER A 72 -74.62 4.14 33.02
C SER A 72 -74.45 4.79 31.64
N HIS A 73 -74.58 6.12 31.62
CA HIS A 73 -74.29 6.95 30.46
C HIS A 73 -73.48 8.16 30.96
N PRO A 74 -72.19 7.96 31.30
CA PRO A 74 -71.40 9.03 31.88
C PRO A 74 -70.72 9.89 30.83
N VAL A 75 -70.68 11.20 31.10
CA VAL A 75 -70.08 12.19 30.19
C VAL A 75 -68.97 12.93 30.93
N TRP A 76 -67.72 12.62 30.58
CA TRP A 76 -66.53 13.21 31.20
C TRP A 76 -66.05 14.45 30.50
N ASN A 77 -66.12 14.43 29.17
CA ASN A 77 -65.57 15.48 28.29
C ASN A 77 -64.28 16.12 28.80
N GLU A 78 -63.25 15.29 28.97
CA GLU A 78 -61.89 15.74 29.25
C GLU A 78 -60.99 15.37 28.09
N ALA A 79 -59.83 16.02 28.02
CA ALA A 79 -58.90 15.82 26.91
C ALA A 79 -57.46 15.73 27.41
N PHE A 80 -56.70 14.80 26.84
CA PHE A 80 -55.32 14.59 27.23
C PHE A 80 -54.40 14.63 26.03
N ARG A 81 -53.11 14.78 26.34
CA ARG A 81 -52.07 15.03 25.34
C ARG A 81 -50.91 14.02 25.43
N PHE A 82 -50.45 13.56 24.28
CA PHE A 82 -49.33 12.66 24.19
C PHE A 82 -48.34 13.18 23.18
N LEU A 83 -47.14 12.62 23.21
CA LEU A 83 -46.22 12.72 22.09
C LEU A 83 -46.08 11.38 21.37
N ILE A 84 -46.43 11.39 20.09
CA ILE A 84 -46.46 10.19 19.28
C ILE A 84 -45.28 10.21 18.34
N GLN A 85 -44.47 9.16 18.36
CA GLN A 85 -43.39 9.02 17.39
C GLN A 85 -43.95 8.21 16.22
N SER A 86 -44.08 8.88 15.08
CA SER A 86 -44.66 8.30 13.88
C SER A 86 -44.01 7.01 13.41
N GLN A 87 -42.70 6.87 13.61
CA GLN A 87 -41.95 5.72 13.12
C GLN A 87 -42.06 4.47 13.97
N VAL A 88 -42.73 4.56 15.12
CA VAL A 88 -42.92 3.43 16.03
C VAL A 88 -44.39 3.01 16.01
N LYS A 89 -44.71 1.77 16.36
CA LYS A 89 -46.11 1.31 16.40
C LYS A 89 -46.78 1.70 17.71
N ASN A 90 -47.64 2.70 17.68
CA ASN A 90 -48.29 3.24 18.89
C ASN A 90 -49.73 2.73 19.04
N VAL A 91 -50.01 2.08 20.17
CA VAL A 91 -51.30 1.45 20.44
C VAL A 91 -51.85 2.05 21.72
N LEU A 92 -53.06 2.57 21.66
CA LEU A 92 -53.65 3.26 22.79
C LEU A 92 -54.72 2.40 23.45
N GLU A 93 -54.50 2.09 24.72
CA GLU A 93 -55.37 1.20 25.47
C GLU A 93 -56.18 2.05 26.41
N LEU A 94 -57.45 2.20 26.07
CA LEU A 94 -58.33 3.04 26.87
C LEU A 94 -59.43 2.17 27.42
N SER A 95 -59.72 2.38 28.69
CA SER A 95 -60.49 1.42 29.46
C SER A 95 -61.27 2.11 30.58
N ILE A 96 -62.53 1.70 30.74
CA ILE A 96 -63.44 2.27 31.72
C ILE A 96 -63.52 1.38 32.94
N TYR A 97 -63.45 1.98 34.13
CA TYR A 97 -63.54 1.20 35.39
C TYR A 97 -64.72 1.67 36.24
N ASP A 98 -65.21 0.79 37.11
CA ASP A 98 -66.19 1.12 38.14
C ASP A 98 -65.45 1.29 39.47
N GLU A 99 -65.52 2.49 40.06
CA GLU A 99 -64.79 2.76 41.31
C GLU A 99 -65.48 2.03 42.46
N ASP A 100 -64.74 1.07 43.04
CA ASP A 100 -65.17 0.19 44.11
C ASP A 100 -64.46 0.57 45.38
N SER A 101 -65.24 0.77 46.44
CA SER A 101 -64.73 1.22 47.72
C SER A 101 -64.81 0.10 48.76
N THR A 103 -62.17 -2.01 47.56
CA THR A 103 -61.43 -3.03 46.80
C THR A 103 -60.71 -2.35 45.64
N GLU A 104 -60.01 -3.16 44.85
CA GLU A 104 -59.56 -2.74 43.52
C GLU A 104 -60.77 -2.54 42.61
N ASP A 105 -60.61 -1.70 41.60
CA ASP A 105 -61.72 -1.29 40.75
C ASP A 105 -61.95 -2.28 39.60
N ASP A 106 -63.20 -2.68 39.40
CA ASP A 106 -63.54 -3.66 38.38
C ASP A 106 -63.66 -3.00 37.01
N ILE A 107 -62.88 -3.49 36.05
CA ILE A 107 -62.98 -3.05 34.66
C ILE A 107 -64.26 -3.53 34.00
N CYS A 108 -64.82 -2.69 33.15
CA CYS A 108 -66.03 -3.06 32.38
C CYS A 108 -65.88 -2.89 30.88
N PHE A 109 -65.03 -1.97 30.45
CA PHE A 109 -64.81 -1.76 29.04
C PHE A 109 -63.32 -1.55 28.76
N LYS A 110 -62.79 -2.22 27.76
CA LYS A 110 -61.39 -2.07 27.38
C LYS A 110 -61.28 -2.16 25.87
N VAL A 111 -60.48 -1.29 25.27
CA VAL A 111 -60.26 -1.40 23.85
C VAL A 111 -58.88 -0.84 23.44
N LEU A 112 -58.14 -1.63 22.67
CA LEU A 112 -56.85 -1.20 22.13
C LEU A 112 -57.09 -0.54 20.79
N TYR A 113 -56.44 0.58 20.53
CA TYR A 113 -56.66 1.28 19.27
C TYR A 113 -55.33 1.70 18.63
N ASP A 114 -55.02 1.14 17.46
CA ASP A 114 -53.83 1.53 16.74
C ASP A 114 -54.06 2.90 16.13
N ILE A 115 -53.19 3.85 16.47
CA ILE A 115 -53.35 5.23 16.06
C ILE A 115 -52.54 5.56 14.79
N SER A 116 -52.29 4.55 13.97
CA SER A 116 -51.80 4.78 12.62
C SER A 116 -52.94 5.43 11.86
N GLU A 117 -54.12 4.82 11.95
CA GLU A 117 -55.32 5.35 11.32
C GLU A 117 -55.37 6.87 11.41
N VAL A 118 -55.30 7.41 12.61
CA VAL A 118 -55.50 8.85 12.81
C VAL A 118 -54.48 9.70 12.05
N LEU A 119 -54.98 10.51 11.11
CA LEU A 119 -54.18 11.36 10.24
C LEU A 119 -54.12 12.78 10.81
N PRO A 120 -53.01 13.51 10.57
CA PRO A 120 -52.78 14.82 11.20
C PRO A 120 -53.59 15.96 10.60
N GLY A 121 -54.04 16.90 11.44
CA GLY A 121 -54.89 17.99 10.97
C GLY A 121 -56.35 17.57 10.91
N LYS A 122 -56.61 16.43 10.25
CA LYS A 122 -57.91 15.74 10.30
C LYS A 122 -58.29 15.37 11.73
N LEU A 123 -59.43 15.90 12.18
CA LEU A 123 -60.01 15.55 13.48
C LEU A 123 -60.85 14.30 13.29
N LEU A 124 -60.59 13.26 14.09
CA LEU A 124 -61.36 12.01 14.02
C LEU A 124 -62.30 11.89 15.21
N ARG A 125 -63.51 11.38 14.96
CA ARG A 125 -64.38 10.92 16.05
C ARG A 125 -64.54 9.43 15.87
N LYS A 126 -64.33 8.68 16.96
CA LYS A 126 -64.56 7.24 16.96
C LYS A 126 -65.58 6.88 18.02
N THR A 127 -66.19 5.71 17.82
CA THR A 127 -67.01 5.04 18.81
C THR A 127 -66.54 3.60 18.90
N PHE A 128 -66.36 3.11 20.11
CA PHE A 128 -65.83 1.77 20.26
C PHE A 128 -66.90 0.88 20.88
N SER A 129 -66.80 -0.43 20.67
CA SER A 129 -67.70 -1.39 21.31
C SER A 129 -67.13 -2.81 21.41
N GLN A 130 -67.40 -3.46 22.53
CA GLN A 130 -66.97 -4.83 22.87
C GLN A 130 -67.28 -5.15 24.34
N GLU A 135 -73.19 -3.75 23.21
CA GLU A 135 -73.90 -3.00 24.25
C GLU A 135 -73.18 -1.70 24.63
N GLU A 136 -72.11 -1.81 25.41
CA GLU A 136 -71.38 -0.65 25.93
C GLU A 136 -70.67 0.09 24.81
N GLU A 137 -70.79 1.41 24.80
CA GLU A 137 -70.20 2.24 23.75
C GLU A 137 -69.46 3.43 24.33
N LEU A 138 -68.31 3.75 23.75
CA LEU A 138 -67.48 4.87 24.22
C LEU A 138 -67.01 5.77 23.07
N ASP A 139 -67.25 7.07 23.25
CA ASP A 139 -67.02 8.10 22.23
C ASP A 139 -65.78 8.92 22.51
N VAL A 140 -64.87 8.97 21.53
CA VAL A 140 -63.57 9.63 21.69
C VAL A 140 -63.28 10.49 20.47
N GLU A 141 -62.62 11.63 20.69
CA GLU A 141 -62.16 12.53 19.63
C GLU A 141 -60.64 12.77 19.68
N PHE A 142 -59.95 12.35 18.62
CA PHE A 142 -58.50 12.53 18.47
C PHE A 142 -58.17 13.69 17.51
N LEU A 143 -57.06 14.38 17.79
CA LEU A 143 -56.49 15.34 16.86
C LEU A 143 -54.95 15.33 16.85
N MET A 144 -54.38 14.88 15.74
CA MET A 144 -52.91 14.84 15.55
C MET A 144 -52.42 16.16 14.97
N GLU A 145 -51.64 16.88 15.77
CA GLU A 145 -51.14 18.20 15.39
C GLU A 145 -49.64 18.17 15.22
N GLU A 146 -49.14 18.80 14.16
CA GLU A 146 -47.70 19.04 14.00
C GLU A 146 -47.12 19.75 15.21
N THR A 147 -45.81 19.73 15.31
CA THR A 147 -45.16 20.46 16.38
C THR A 147 -43.74 20.84 16.00
N SER A 148 -43.27 21.94 16.56
CA SER A 148 -41.94 22.45 16.31
C SER A 148 -41.03 22.15 17.49
N ASP A 149 -40.89 20.86 17.79
CA ASP A 149 -39.81 20.37 18.63
C ASP A 149 -38.78 19.82 17.67
N ARG A 150 -37.55 19.71 18.12
CA ARG A 150 -36.51 19.07 17.33
C ARG A 150 -36.88 17.62 17.10
N PRO A 151 -36.37 17.01 16.01
CA PRO A 151 -36.62 15.58 15.82
C PRO A 151 -35.95 14.68 16.88
N GLU A 152 -36.63 13.58 17.21
CA GLU A 152 -36.12 12.58 18.16
C GLU A 152 -35.04 11.79 17.45
N ASN A 153 -34.01 11.40 18.19
CA ASN A 153 -32.91 10.63 17.63
C ASN A 153 -33.03 9.16 17.95
N LEU A 154 -33.56 8.42 16.99
CA LEU A 154 -33.78 6.98 17.14
C LEU A 154 -32.56 6.19 16.71
N ILE A 155 -32.52 4.94 17.13
CA ILE A 155 -31.56 3.96 16.65
C ILE A 155 -32.40 2.78 16.22
N THR A 156 -32.51 2.58 14.92
CA THR A 156 -33.44 1.60 14.43
C THR A 156 -32.81 0.55 13.57
N ASN A 157 -33.53 -0.55 13.51
CA ASN A 157 -33.15 -1.75 12.85
C ASN A 157 -34.13 -2.00 11.71
N LYS A 158 -35.00 -1.01 11.49
CA LYS A 158 -36.19 -1.09 10.63
C LYS A 158 -37.25 -2.10 11.08
N VAL A 159 -37.03 -2.74 12.23
CA VAL A 159 -38.05 -3.60 12.87
C VAL A 159 -38.02 -3.44 14.39
N ILE A 160 -36.82 -3.25 14.95
CA ILE A 160 -36.72 -2.70 16.30
C ILE A 160 -36.32 -1.21 16.27
N VAL A 161 -36.82 -0.48 17.25
CA VAL A 161 -36.48 0.91 17.44
C VAL A 161 -36.10 1.11 18.90
N ALA A 162 -34.95 1.76 19.08
CA ALA A 162 -34.58 2.30 20.37
C ALA A 162 -34.97 3.79 20.36
N ARG A 163 -35.99 4.14 21.13
CA ARG A 163 -36.37 5.53 21.37
C ARG A 163 -35.23 6.31 22.00
N GLU A 164 -35.18 7.61 21.73
CA GLU A 164 -34.16 8.49 22.30
C GLU A 164 -34.29 8.50 23.81
N LEU A 165 -33.15 8.40 24.48
CA LEU A 165 -33.12 8.47 25.93
C LEU A 165 -32.64 9.81 26.45
N SER A 166 -32.75 9.95 27.76
CA SER A 166 -32.17 11.06 28.46
C SER A 166 -32.03 10.66 29.94
N CYS A 167 -31.18 11.40 30.63
CA CYS A 167 -30.64 10.98 31.90
C CYS A 167 -30.66 12.16 32.86
N LEU A 168 -31.08 11.89 34.09
CA LEU A 168 -31.26 12.94 35.08
C LEU A 168 -30.24 12.75 36.22
N ASP A 169 -29.14 13.50 36.14
CA ASP A 169 -28.12 13.52 37.20
C ASP A 169 -28.76 14.32 38.34
N VAL A 170 -28.71 13.79 39.54
CA VAL A 170 -29.24 14.46 40.72
C VAL A 170 -28.18 14.43 41.81
N HIS A 171 -27.68 15.60 42.20
CA HIS A 171 -26.61 15.70 43.20
C HIS A 171 -27.16 16.22 44.53
N LEU A 172 -26.53 15.83 45.63
CA LEU A 172 -27.17 15.88 46.94
C LEU A 172 -27.00 17.18 47.74
N ASP A 173 -25.93 17.94 47.55
CA ASP A 173 -25.82 19.26 48.22
C ASP A 173 -24.86 20.23 47.53
N GLU A 188 -33.59 9.00 53.82
CA GLU A 188 -35.03 9.19 53.74
C GLU A 188 -35.37 10.30 52.74
N LEU A 189 -34.78 10.18 51.55
CA LEU A 189 -35.12 11.03 50.41
C LEU A 189 -35.79 10.12 49.42
N GLU A 190 -36.93 10.53 48.88
CA GLU A 190 -37.61 9.71 47.89
C GLU A 190 -37.78 10.48 46.60
N LEU A 191 -36.96 10.15 45.62
CA LEU A 191 -37.07 10.74 44.29
C LEU A 191 -37.91 9.81 43.44
N VAL A 192 -38.90 10.37 42.74
CA VAL A 192 -39.82 9.59 41.89
C VAL A 192 -39.90 10.22 40.50
N LEU A 193 -39.72 9.40 39.47
CA LEU A 193 -39.81 9.89 38.10
C LEU A 193 -40.58 8.90 37.24
N LYS A 194 -41.87 9.15 37.05
CA LYS A 194 -42.72 8.19 36.35
C LYS A 194 -42.36 8.13 34.88
N GLY A 195 -42.17 6.91 34.38
CA GLY A 195 -41.75 6.65 32.98
C GLY A 195 -40.28 6.24 32.85
N SER A 196 -39.60 6.09 33.99
CA SER A 196 -38.16 5.87 34.02
C SER A 196 -37.86 4.46 34.48
N TYR A 197 -36.84 3.85 33.89
CA TYR A 197 -36.47 2.47 34.18
C TYR A 197 -36.39 2.22 35.70
N GLU A 198 -35.74 3.13 36.40
CA GLU A 198 -35.74 3.15 37.87
C GLU A 198 -36.95 3.99 38.22
N ASP A 199 -38.01 3.38 38.73
CA ASP A 199 -39.26 4.13 38.90
C ASP A 199 -39.10 5.21 39.96
N THR A 200 -38.65 4.78 41.13
CA THR A 200 -38.49 5.65 42.27
C THR A 200 -37.22 5.23 42.97
N GLN A 201 -36.36 6.21 43.30
CA GLN A 201 -35.14 5.92 44.04
C GLN A 201 -35.23 6.53 45.42
N THR A 202 -34.81 5.73 46.40
CA THR A 202 -35.02 6.04 47.80
C THR A 202 -33.73 5.82 48.57
N SER A 203 -33.06 6.92 48.91
CA SER A 203 -31.76 6.87 49.57
C SER A 203 -31.87 7.44 50.99
N PHE A 204 -30.85 7.12 51.79
CA PHE A 204 -30.87 7.37 53.23
C PHE A 204 -29.72 8.24 53.74
N LEU A 205 -28.67 8.39 52.95
CA LEU A 205 -27.51 9.16 53.39
C LEU A 205 -27.80 10.65 53.36
N GLY A 206 -26.88 11.42 53.90
CA GLY A 206 -26.90 12.87 53.80
C GLY A 206 -25.49 13.45 53.72
N THR A 207 -24.66 12.87 52.85
CA THR A 207 -23.27 13.33 52.66
C THR A 207 -22.76 13.08 51.24
N ALA A 208 -23.11 13.99 50.33
CA ALA A 208 -22.60 13.99 48.94
C ALA A 208 -23.05 12.78 48.06
N SER A 209 -24.33 12.38 48.15
CA SER A 209 -24.92 11.30 47.28
C SER A 209 -25.26 11.80 45.87
N ALA A 210 -25.60 10.85 44.99
CA ALA A 210 -26.09 11.18 43.65
C ALA A 210 -26.96 10.07 43.07
N PHE A 211 -27.67 10.39 41.99
CA PHE A 211 -28.61 9.46 41.37
C PHE A 211 -28.72 9.75 39.89
N ARG A 212 -28.92 8.69 39.13
CA ARG A 212 -29.24 8.81 37.72
C ARG A 212 -30.63 8.21 37.46
N PHE A 213 -31.40 8.87 36.61
CA PHE A 213 -32.63 8.30 36.08
C PHE A 213 -32.50 8.22 34.57
N HIS A 214 -33.01 7.13 34.00
CA HIS A 214 -33.09 6.96 32.55
C HIS A 214 -34.55 6.97 32.15
N TYR A 215 -34.87 7.65 31.05
CA TYR A 215 -36.25 7.77 30.62
C TYR A 215 -36.25 8.26 29.19
N MET A 216 -37.34 8.08 28.47
CA MET A 216 -37.41 8.58 27.10
C MET A 216 -37.38 10.10 27.07
N ALA A 217 -36.85 10.66 25.99
CA ALA A 217 -36.85 12.11 25.80
C ALA A 217 -38.26 12.58 25.51
N ALA A 218 -38.99 11.80 24.71
CA ALA A 218 -40.36 12.16 24.30
C ALA A 218 -41.40 12.13 25.42
N LEU A 219 -41.07 11.63 26.60
CA LEU A 219 -42.00 11.70 27.75
C LEU A 219 -42.16 13.12 28.29
N GLU A 220 -43.40 13.53 28.46
CA GLU A 220 -43.74 14.71 29.24
C GLU A 220 -43.95 14.21 30.65
N THR A 221 -43.00 14.47 31.55
CA THR A 221 -43.10 13.95 32.92
C THR A 221 -42.47 14.91 33.96
N GLU A 222 -42.30 14.44 35.20
CA GLU A 222 -41.92 15.30 36.33
C GLU A 222 -41.04 14.56 37.29
N LEU A 223 -40.01 15.21 37.83
CA LEU A 223 -39.29 14.66 38.97
C LEU A 223 -39.94 15.13 40.27
N SER A 224 -40.19 14.21 41.19
CA SER A 224 -40.84 14.55 42.45
C SER A 224 -39.99 14.14 43.63
N GLY A 225 -39.76 15.08 44.54
CA GLY A 225 -38.91 14.86 45.72
C GLY A 225 -39.61 15.08 47.06
N ARG A 226 -39.17 14.32 48.08
CA ARG A 226 -39.81 14.32 49.39
C ARG A 226 -38.92 13.76 50.49
N LEU A 227 -39.10 14.23 51.72
CA LEU A 227 -38.39 13.74 52.90
C LEU A 227 -39.35 13.07 53.91
N TYR A 243 -44.23 17.07 48.85
CA TYR A 243 -44.01 16.62 47.48
C TYR A 243 -43.74 17.73 46.44
N LEU A 244 -42.53 18.28 46.44
CA LEU A 244 -42.16 19.27 45.43
C LEU A 244 -41.82 18.57 44.15
N THR A 245 -42.14 19.20 43.02
CA THR A 245 -41.91 18.56 41.72
C THR A 245 -41.40 19.55 40.66
N VAL A 246 -40.58 19.04 39.75
CA VAL A 246 -40.05 19.81 38.65
C VAL A 246 -40.55 19.18 37.34
N PRO A 247 -41.15 19.98 36.46
CA PRO A 247 -41.59 19.42 35.18
C PRO A 247 -40.40 19.03 34.30
N LEU A 248 -40.61 18.04 33.43
CA LEU A 248 -39.64 17.65 32.41
C LEU A 248 -40.31 17.65 31.03
N ARG A 249 -40.21 18.77 30.33
CA ARG A 249 -40.80 18.85 29.00
C ARG A 249 -40.03 17.94 28.07
N PRO A 250 -40.69 17.45 27.02
CA PRO A 250 -40.01 16.56 26.08
C PRO A 250 -39.12 17.26 25.05
N LEU A 251 -38.03 16.59 24.67
CA LEU A 251 -37.16 16.97 23.55
C LEU A 251 -36.49 18.35 23.68
N THR A 252 -36.25 18.81 24.90
CA THR A 252 -35.58 20.10 25.08
C THR A 252 -34.19 19.89 25.62
N ILE A 253 -33.39 20.94 25.49
CA ILE A 253 -32.07 20.96 26.07
C ILE A 253 -32.30 21.23 27.55
N GLY A 254 -31.76 20.37 28.39
CA GLY A 254 -31.98 20.48 29.82
C GLY A 254 -31.10 21.55 30.42
N LYS A 255 -31.61 22.22 31.46
CA LYS A 255 -30.84 23.23 32.17
C LYS A 255 -30.43 22.68 33.51
N GLU A 256 -29.54 23.40 34.19
CA GLU A 256 -29.24 23.13 35.58
C GLU A 256 -30.44 23.63 36.39
N VAL A 257 -30.77 22.94 37.48
CA VAL A 257 -31.88 23.36 38.35
C VAL A 257 -31.58 22.99 39.79
N THR A 258 -31.78 23.93 40.70
CA THR A 258 -31.67 23.66 42.12
C THR A 258 -33.04 23.57 42.75
N MET A 259 -33.25 22.62 43.66
CA MET A 259 -34.44 22.65 44.50
C MET A 259 -34.08 22.35 45.93
N ASP A 260 -34.53 23.21 46.84
CA ASP A 260 -34.50 22.93 48.27
C ASP A 260 -35.71 22.08 48.64
N VAL A 261 -35.46 20.97 49.31
CA VAL A 261 -36.52 20.03 49.65
C VAL A 261 -36.72 20.12 51.15
N PRO A 262 -37.97 20.42 51.57
CA PRO A 262 -38.27 20.62 52.97
C PRO A 262 -38.33 19.32 53.75
N ALA A 263 -37.60 19.28 54.85
CA ALA A 263 -37.84 18.28 55.87
C ALA A 263 -39.12 18.70 56.57
N PRO A 264 -39.83 17.71 57.14
CA PRO A 264 -41.08 18.03 57.79
C PRO A 264 -40.87 18.98 58.99
N ASN A 265 -39.89 18.64 59.83
CA ASN A 265 -39.68 19.29 61.10
C ASN A 265 -38.39 20.15 61.07
N ALA A 266 -37.32 19.60 60.50
CA ALA A 266 -35.95 20.15 60.65
C ALA A 266 -35.55 21.02 59.44
N PRO A 267 -34.25 21.42 59.35
CA PRO A 267 -33.75 22.16 58.17
C PRO A 267 -33.72 21.35 56.87
N GLY A 268 -33.58 22.05 55.74
CA GLY A 268 -33.83 21.46 54.41
C GLY A 268 -32.61 21.00 53.64
N VAL A 269 -32.84 20.08 52.70
CA VAL A 269 -31.80 19.54 51.81
C VAL A 269 -31.84 20.29 50.47
N ARG A 270 -30.69 20.38 49.80
CA ARG A 270 -30.54 21.01 48.48
C ARG A 270 -30.35 19.92 47.42
N LEU A 271 -30.68 20.18 46.15
CA LEU A 271 -30.40 19.21 45.07
C LEU A 271 -30.10 19.92 43.76
N GLN A 272 -29.01 19.53 43.10
CA GLN A 272 -28.72 20.01 41.74
C GLN A 272 -29.24 18.99 40.72
N LEU A 273 -29.95 19.47 39.71
CA LEU A 273 -30.53 18.63 38.67
C LEU A 273 -30.05 19.09 37.29
N LYS A 274 -29.54 18.16 36.49
CA LYS A 274 -29.34 18.39 35.05
C LYS A 274 -29.93 17.23 34.29
N ALA A 275 -30.52 17.54 33.14
CA ALA A 275 -31.01 16.55 32.22
C ALA A 275 -30.08 16.57 31.01
N GLU A 276 -29.66 15.39 30.57
CA GLU A 276 -28.68 15.26 29.50
C GLU A 276 -29.03 14.10 28.62
N GLY A 277 -28.32 13.94 27.50
CA GLY A 277 -28.32 12.68 26.76
C GLY A 277 -27.70 11.61 27.65
N CYS A 278 -27.94 10.33 27.35
CA CYS A 278 -27.40 9.25 28.18
C CYS A 278 -25.90 9.03 27.89
N PRO A 279 -25.16 8.50 28.88
CA PRO A 279 -23.74 8.19 28.73
C PRO A 279 -23.42 6.83 28.10
N GLU A 280 -24.34 5.87 28.18
CA GLU A 280 -24.05 4.46 27.88
C GLU A 280 -24.25 4.13 26.41
N GLU A 281 -23.32 3.35 25.86
CA GLU A 281 -23.37 2.95 24.47
C GLU A 281 -24.28 1.72 24.38
N LEU A 282 -24.88 1.52 23.21
CA LEU A 282 -25.83 0.41 23.06
C LEU A 282 -25.14 -0.93 23.25
N ALA A 283 -25.53 -1.65 24.31
CA ALA A 283 -25.03 -2.98 24.59
C ALA A 283 -25.63 -4.04 23.64
N VAL A 284 -26.90 -3.88 23.30
CA VAL A 284 -27.59 -4.74 22.33
C VAL A 284 -27.28 -4.32 20.90
N HIS A 285 -26.96 -5.29 20.05
CA HIS A 285 -26.64 -4.98 18.67
C HIS A 285 -27.83 -5.25 17.80
N LEU A 286 -28.26 -4.22 17.08
CA LEU A 286 -29.43 -4.28 16.22
C LEU A 286 -28.95 -4.41 14.79
N GLY A 287 -29.26 -5.55 14.18
CA GLY A 287 -28.82 -5.79 12.82
C GLY A 287 -29.24 -7.14 12.29
N PHE A 288 -29.26 -7.27 10.97
CA PHE A 288 -29.51 -8.55 10.33
C PHE A 288 -28.26 -8.98 9.58
N ASN A 289 -27.10 -8.79 10.21
CA ASN A 289 -25.85 -9.31 9.70
C ASN A 289 -25.11 -10.09 10.76
N LEU A 290 -24.22 -10.96 10.31
CA LEU A 290 -23.48 -11.81 11.24
C LEU A 290 -22.51 -10.92 11.99
N CYS A 291 -22.25 -11.27 13.25
CA CYS A 291 -21.30 -10.49 14.05
C CYS A 291 -19.87 -10.70 13.58
N ALA A 292 -18.97 -9.85 14.06
CA ALA A 292 -17.58 -9.91 13.65
C ALA A 292 -16.95 -11.26 14.00
N GLU A 293 -17.19 -11.72 15.23
CA GLU A 293 -16.57 -12.96 15.72
C GLU A 293 -16.94 -14.16 14.85
N GLU A 294 -18.23 -14.23 14.49
CA GLU A 294 -18.71 -15.25 13.58
C GLU A 294 -18.02 -15.11 12.24
N GLN A 295 -17.90 -13.89 11.74
CA GLN A 295 -17.24 -13.65 10.48
C GLN A 295 -15.78 -14.09 10.51
N ALA A 296 -15.07 -13.67 11.56
CA ALA A 296 -13.71 -14.12 11.81
C ALA A 296 -13.61 -15.64 11.83
N PHE A 297 -14.49 -16.27 12.60
CA PHE A 297 -14.55 -17.74 12.71
C PHE A 297 -14.79 -18.43 11.37
N LEU A 298 -15.60 -17.84 10.50
CA LEU A 298 -15.88 -18.47 9.22
C LEU A 298 -14.60 -18.69 8.42
N SER A 299 -13.71 -17.70 8.42
CA SER A 299 -12.42 -17.85 7.77
C SER A 299 -11.62 -18.95 8.46
N ARG A 300 -11.40 -18.77 9.75
CA ARG A 300 -10.70 -19.76 10.58
C ARG A 300 -11.17 -21.19 10.34
N ARG A 301 -12.47 -21.35 10.18
CA ARG A 301 -13.03 -22.67 9.96
C ARG A 301 -12.88 -23.09 8.52
N LYS A 302 -13.21 -22.19 7.59
CA LYS A 302 -13.24 -22.55 6.17
C LYS A 302 -11.97 -23.22 5.65
N GLN A 303 -10.81 -22.84 6.19
CA GLN A 303 -9.55 -23.45 5.77
C GLN A 303 -9.44 -24.91 6.21
N VAL A 304 -9.75 -25.19 7.47
CA VAL A 304 -9.70 -26.58 7.98
C VAL A 304 -10.70 -27.45 7.22
N VAL A 305 -11.76 -26.83 6.71
CA VAL A 305 -12.71 -27.54 5.84
C VAL A 305 -12.08 -27.88 4.49
N ALA A 306 -11.39 -26.93 3.86
CA ALA A 306 -10.72 -27.21 2.58
C ALA A 306 -9.63 -28.26 2.76
N LYS A 307 -8.86 -28.12 3.84
CA LYS A 307 -7.84 -29.10 4.23
C LYS A 307 -8.45 -30.48 4.48
N ALA A 308 -9.67 -30.54 5.03
CA ALA A 308 -10.34 -31.82 5.30
C ALA A 308 -11.13 -32.36 4.09
N LEU A 309 -11.58 -31.47 3.21
CA LEU A 309 -12.30 -31.86 1.97
C LEU A 309 -11.36 -32.53 1.00
N LYS A 310 -10.17 -31.95 0.87
CA LYS A 310 -9.18 -32.44 -0.07
C LYS A 310 -8.87 -33.94 0.08
N GLN A 311 -8.82 -34.45 1.31
CA GLN A 311 -8.53 -35.90 1.55
C GLN A 311 -9.78 -36.72 1.33
N ALA A 312 -10.91 -36.21 1.81
CA ALA A 312 -12.19 -36.88 1.68
C ALA A 312 -12.65 -36.96 0.22
N LEU A 313 -12.36 -35.92 -0.57
CA LEU A 313 -12.73 -35.89 -1.99
C LEU A 313 -11.55 -36.13 -2.94
N GLN A 314 -10.41 -36.53 -2.39
CA GLN A 314 -9.17 -36.72 -3.14
C GLN A 314 -9.05 -35.68 -4.26
N LEU A 315 -8.76 -34.45 -3.88
CA LEU A 315 -8.91 -33.32 -4.81
C LEU A 315 -7.63 -32.93 -5.52
N ASP A 316 -7.83 -32.39 -6.73
CA ASP A 316 -6.75 -31.94 -7.61
C ASP A 316 -5.79 -30.98 -6.93
N ARG A 317 -6.37 -29.95 -6.31
CA ARG A 317 -5.60 -28.80 -5.86
C ARG A 317 -6.09 -28.33 -4.50
N ASP A 318 -5.56 -27.20 -4.03
CA ASP A 318 -6.09 -26.52 -2.87
C ASP A 318 -7.23 -25.59 -3.29
N LEU A 319 -8.13 -25.33 -2.34
CA LEU A 319 -9.30 -24.48 -2.56
C LEU A 319 -9.06 -23.10 -1.99
N GLN A 320 -9.56 -22.10 -2.70
CA GLN A 320 -9.56 -20.74 -2.20
C GLN A 320 -10.74 -20.63 -1.22
N GLU A 321 -10.64 -19.73 -0.24
CA GLU A 321 -11.69 -19.56 0.78
C GLU A 321 -13.09 -19.31 0.17
N ASP A 322 -13.13 -18.51 -0.89
CA ASP A 322 -14.39 -18.14 -1.55
C ASP A 322 -15.11 -19.31 -2.22
N GLU A 323 -14.41 -20.42 -2.44
CA GLU A 323 -15.00 -21.59 -3.10
C GLU A 323 -15.41 -22.69 -2.10
N VAL A 324 -15.02 -22.54 -0.83
CA VAL A 324 -15.28 -23.56 0.21
C VAL A 324 -16.77 -23.58 0.52
N PRO A 325 -17.41 -24.76 0.36
CA PRO A 325 -18.85 -24.86 0.60
C PRO A 325 -19.21 -24.87 2.08
N VAL A 326 -20.35 -24.25 2.41
CA VAL A 326 -20.82 -24.13 3.80
C VAL A 326 -21.81 -25.24 4.11
N VAL A 327 -21.38 -26.15 4.99
CA VAL A 327 -22.12 -27.36 5.30
C VAL A 327 -22.63 -27.24 6.72
N GLY A 328 -23.87 -27.64 6.95
CA GLY A 328 -24.45 -27.55 8.28
C GLY A 328 -25.01 -28.86 8.77
N ILE A 329 -24.90 -29.09 10.08
CA ILE A 329 -25.67 -30.13 10.74
C ILE A 329 -26.93 -29.51 11.33
N MET A 330 -28.07 -30.17 11.11
CA MET A 330 -29.36 -29.64 11.52
C MET A 330 -30.17 -30.69 12.26
N ALA A 331 -30.02 -30.71 13.57
CA ALA A 331 -30.67 -31.70 14.41
C ALA A 331 -32.00 -31.20 14.98
N THR A 332 -32.96 -32.12 15.09
CA THR A 332 -34.24 -31.85 15.75
C THR A 332 -34.12 -32.25 17.21
N GLY A 333 -35.21 -32.13 17.96
CA GLY A 333 -35.19 -32.49 19.37
C GLY A 333 -35.49 -33.95 19.52
N GLY A 334 -35.86 -34.32 20.73
CA GLY A 334 -36.32 -35.66 21.05
C GLY A 334 -35.70 -36.28 22.30
N GLY A 335 -35.57 -35.48 23.36
CA GLY A 335 -35.06 -35.97 24.63
C GLY A 335 -33.79 -36.80 24.57
N ALA A 336 -33.77 -37.84 25.40
CA ALA A 336 -32.64 -38.73 25.48
C ALA A 336 -32.37 -39.46 24.16
N ARG A 337 -33.45 -39.86 23.49
CA ARG A 337 -33.37 -40.46 22.15
C ARG A 337 -32.60 -39.58 21.14
N ALA A 338 -32.94 -38.30 21.09
CA ALA A 338 -32.26 -37.37 20.20
C ALA A 338 -30.77 -37.27 20.54
N MET A 339 -30.49 -37.21 21.84
CA MET A 339 -29.11 -37.06 22.33
C MET A 339 -28.20 -38.18 21.88
N THR A 340 -28.63 -39.42 22.12
CA THR A 340 -27.76 -40.58 21.88
C THR A 340 -27.64 -40.86 20.40
N SER A 341 -28.74 -40.78 19.67
CA SER A 341 -28.67 -40.94 18.24
C SER A 341 -27.71 -39.93 17.61
N LEU A 342 -27.73 -38.70 18.11
CA LEU A 342 -26.86 -37.63 17.61
C LEU A 342 -25.36 -37.96 17.79
N TYR A 343 -24.99 -38.35 19.01
CA TYR A 343 -23.65 -38.89 19.28
C TYR A 343 -23.25 -39.88 18.18
N GLY A 344 -24.16 -40.79 17.86
CA GLY A 344 -23.94 -41.80 16.86
C GLY A 344 -23.74 -41.20 15.49
N HIS A 345 -24.55 -40.23 15.12
CA HIS A 345 -24.42 -39.59 13.81
C HIS A 345 -23.10 -38.85 13.71
N LEU A 346 -22.71 -38.20 14.80
CA LEU A 346 -21.42 -37.52 14.85
C LEU A 346 -20.26 -38.52 14.73
N LEU A 347 -20.39 -39.63 15.47
CA LEU A 347 -19.39 -40.69 15.42
C LEU A 347 -19.13 -41.08 13.98
N ALA A 348 -20.20 -41.36 13.26
CA ALA A 348 -20.12 -41.73 11.85
C ALA A 348 -19.36 -40.67 11.09
N LEU A 349 -19.77 -39.42 11.24
CA LEU A 349 -19.14 -38.33 10.51
C LEU A 349 -17.65 -38.19 10.82
N GLN A 350 -17.26 -38.45 12.07
CA GLN A 350 -15.86 -38.40 12.47
C GLN A 350 -15.06 -39.48 11.73
N LYS A 351 -15.51 -40.73 11.88
CA LYS A 351 -14.89 -41.89 11.24
C LYS A 351 -14.73 -41.71 9.73
N LEU A 352 -15.74 -41.16 9.05
CA LEU A 352 -15.64 -40.93 7.61
C LEU A 352 -14.76 -39.74 7.27
N GLY A 353 -14.19 -39.08 8.28
CA GLY A 353 -13.34 -37.90 8.07
C GLY A 353 -14.09 -36.71 7.48
N LEU A 354 -15.40 -36.65 7.76
CA LEU A 354 -16.30 -35.65 7.17
C LEU A 354 -16.76 -34.61 8.18
N LEU A 355 -16.70 -34.94 9.46
CA LEU A 355 -17.07 -33.99 10.52
C LEU A 355 -16.25 -32.70 10.43
N ASP A 356 -15.05 -32.79 9.86
CA ASP A 356 -14.19 -31.62 9.70
C ASP A 356 -14.56 -30.74 8.50
N CYS A 357 -15.61 -31.12 7.75
CA CYS A 357 -16.11 -30.28 6.65
C CYS A 357 -17.31 -29.43 7.08
N VAL A 358 -17.76 -29.64 8.32
CA VAL A 358 -18.97 -29.02 8.86
C VAL A 358 -18.66 -27.65 9.50
N THR A 359 -19.23 -26.60 8.93
CA THR A 359 -19.02 -25.22 9.37
C THR A 359 -19.91 -24.88 10.56
N TYR A 360 -21.20 -25.15 10.41
CA TYR A 360 -22.23 -24.87 11.43
C TYR A 360 -22.86 -26.14 11.98
N PHE A 361 -23.29 -26.10 13.24
CA PHE A 361 -23.88 -27.25 13.91
C PHE A 361 -24.99 -26.76 14.86
N SER A 362 -26.25 -26.99 14.46
CA SER A 362 -27.43 -26.45 15.17
C SER A 362 -28.25 -27.55 15.78
N GLY A 363 -28.97 -27.26 16.85
CA GLY A 363 -29.88 -28.24 17.48
C GLY A 363 -31.00 -27.63 18.31
N ILE A 364 -32.02 -28.43 18.61
CA ILE A 364 -33.08 -28.04 19.54
C ILE A 364 -33.23 -29.11 20.62
N SER A 365 -33.63 -28.68 21.81
CA SER A 365 -34.04 -29.56 22.91
C SER A 365 -32.99 -30.66 23.28
N GLY A 366 -33.32 -31.94 23.14
CA GLY A 366 -32.37 -33.06 23.37
C GLY A 366 -31.02 -32.94 22.65
N SER A 367 -31.03 -32.65 21.35
CA SER A 367 -29.79 -32.38 20.59
C SER A 367 -28.81 -31.48 21.33
N THR A 368 -29.33 -30.50 22.05
CA THR A 368 -28.47 -29.54 22.74
C THR A 368 -27.72 -30.17 23.90
N TRP A 369 -28.26 -31.24 24.47
CA TRP A 369 -27.58 -31.95 25.55
C TRP A 369 -26.26 -32.54 25.02
N THR A 370 -26.38 -33.28 23.93
CA THR A 370 -25.22 -33.75 23.20
C THR A 370 -24.26 -32.61 22.88
N MET A 371 -24.81 -31.54 22.33
CA MET A 371 -23.99 -30.40 21.91
C MET A 371 -23.24 -29.76 23.07
N ALA A 372 -23.94 -29.56 24.18
CA ALA A 372 -23.39 -28.79 25.30
C ALA A 372 -22.23 -29.52 25.97
N HIS A 373 -22.40 -30.82 26.17
CA HIS A 373 -21.36 -31.66 26.75
C HIS A 373 -20.10 -31.73 25.88
N LEU A 374 -20.30 -31.99 24.60
CA LEU A 374 -19.19 -32.05 23.62
C LEU A 374 -18.37 -30.76 23.56
N TYR A 375 -19.05 -29.62 23.56
CA TYR A 375 -18.35 -28.34 23.46
C TYR A 375 -17.68 -27.90 24.77
N GLY A 376 -17.95 -28.62 25.87
CA GLY A 376 -17.22 -28.46 27.13
C GLY A 376 -15.74 -28.70 26.94
N ASP A 377 -15.40 -29.82 26.29
CA ASP A 377 -14.05 -30.08 25.81
C ASP A 377 -13.81 -29.22 24.56
N PRO A 378 -12.86 -28.26 24.63
CA PRO A 378 -12.68 -27.33 23.51
C PRO A 378 -12.14 -27.92 22.20
N GLU A 379 -11.82 -29.21 22.20
CA GLU A 379 -11.33 -29.87 20.98
C GLU A 379 -11.94 -31.25 20.79
N TRP A 380 -13.20 -31.38 21.21
CA TRP A 380 -13.96 -32.62 21.14
C TRP A 380 -13.95 -33.28 19.75
N SER A 381 -14.08 -32.46 18.70
CA SER A 381 -14.24 -32.98 17.33
C SER A 381 -13.00 -33.66 16.81
N GLN A 382 -11.85 -33.33 17.39
CA GLN A 382 -10.59 -33.97 17.03
C GLN A 382 -10.29 -35.20 17.87
N ARG A 383 -10.71 -35.18 19.14
CA ARG A 383 -10.47 -36.31 20.06
C ARG A 383 -11.49 -37.42 19.86
N ASP A 384 -11.24 -38.56 20.49
CA ASP A 384 -12.08 -39.74 20.36
C ASP A 384 -13.43 -39.45 21.00
N LEU A 385 -14.50 -39.68 20.23
CA LEU A 385 -15.86 -39.43 20.71
C LEU A 385 -16.33 -40.45 21.73
N GLU A 386 -15.76 -41.65 21.69
CA GLU A 386 -16.20 -42.77 22.55
C GLU A 386 -15.97 -42.50 24.05
N GLY A 387 -15.21 -41.45 24.38
CA GLY A 387 -15.10 -40.98 25.75
C GLY A 387 -16.41 -40.37 26.22
N PRO A 388 -16.83 -39.27 25.58
CA PRO A 388 -18.14 -38.66 25.84
C PRO A 388 -19.34 -39.62 25.70
N ILE A 389 -19.27 -40.56 24.76
CA ILE A 389 -20.36 -41.52 24.55
C ILE A 389 -20.56 -42.32 25.83
N ARG A 390 -19.43 -42.78 26.38
CA ARG A 390 -19.39 -43.57 27.62
C ARG A 390 -19.97 -42.78 28.79
N TYR A 391 -19.60 -41.50 28.84
CA TYR A 391 -20.13 -40.56 29.82
C TYR A 391 -21.65 -40.54 29.76
N ALA A 392 -22.15 -40.35 28.54
CA ALA A 392 -23.60 -40.26 28.32
C ALA A 392 -24.30 -41.55 28.68
N ARG A 393 -23.76 -42.67 28.20
CA ARG A 393 -24.34 -43.98 28.46
C ARG A 393 -24.46 -44.29 29.95
N GLU A 394 -23.39 -44.08 30.69
CA GLU A 394 -23.37 -44.40 32.11
C GLU A 394 -24.37 -43.58 32.89
N HIS A 395 -24.34 -42.26 32.68
CA HIS A 395 -25.27 -41.36 33.37
C HIS A 395 -26.71 -41.62 32.95
N LEU A 396 -26.91 -42.03 31.71
CA LEU A 396 -28.26 -42.38 31.22
C LEU A 396 -28.77 -43.67 31.89
N ALA A 397 -27.87 -44.62 32.12
CA ALA A 397 -28.23 -45.92 32.72
C ALA A 397 -28.40 -45.87 34.24
N LYS A 398 -27.58 -45.07 34.92
CA LYS A 398 -27.73 -44.79 36.36
C LYS A 398 -29.20 -44.52 36.69
N SER A 399 -29.76 -45.19 37.70
CA SER A 399 -31.19 -45.04 38.01
C SER A 399 -31.38 -43.66 38.63
N LYS A 400 -32.54 -43.04 38.37
CA LYS A 400 -32.77 -41.67 38.79
C LYS A 400 -33.65 -41.56 40.04
N LEU A 401 -33.62 -42.56 40.91
CA LEU A 401 -34.39 -42.44 42.13
C LEU A 401 -33.71 -41.42 43.06
N GLU A 402 -32.38 -41.33 42.93
CA GLU A 402 -31.60 -40.40 43.75
C GLU A 402 -31.93 -38.95 43.46
N VAL A 403 -32.11 -38.60 42.19
CA VAL A 403 -32.31 -37.19 41.80
C VAL A 403 -33.55 -36.58 42.45
N PHE A 404 -34.49 -37.41 42.91
CA PHE A 404 -35.67 -36.91 43.61
C PHE A 404 -35.69 -37.17 45.12
N SER A 405 -34.56 -37.61 45.67
CA SER A 405 -34.41 -37.83 47.09
C SER A 405 -34.17 -36.50 47.84
N PRO A 406 -34.77 -36.33 49.04
CA PRO A 406 -34.71 -35.05 49.77
C PRO A 406 -33.33 -34.46 50.10
N GLU A 407 -32.23 -35.20 49.91
CA GLU A 407 -30.91 -34.64 50.09
C GLU A 407 -30.60 -33.76 48.91
N ARG A 408 -30.96 -34.22 47.71
CA ARG A 408 -30.77 -33.41 46.50
C ARG A 408 -31.79 -32.28 46.41
N LEU A 409 -33.04 -32.58 46.70
CA LEU A 409 -34.06 -31.54 46.71
C LEU A 409 -33.67 -30.36 47.61
N ALA A 410 -33.06 -30.67 48.76
CA ALA A 410 -32.52 -29.65 49.63
C ALA A 410 -31.59 -28.73 48.83
N SER A 411 -30.62 -29.32 48.15
CA SER A 411 -29.60 -28.56 47.44
C SER A 411 -30.16 -27.73 46.27
N TYR A 412 -31.31 -28.15 45.72
CA TYR A 412 -31.98 -27.34 44.72
C TYR A 412 -32.61 -26.12 45.38
N ARG A 413 -33.56 -26.33 46.29
CA ARG A 413 -34.22 -25.20 46.96
C ARG A 413 -33.20 -24.27 47.63
N ARG A 414 -32.09 -24.86 48.11
CA ARG A 414 -31.02 -24.09 48.74
C ARG A 414 -30.32 -23.23 47.70
N GLU A 415 -30.16 -23.76 46.49
CA GLU A 415 -29.62 -22.97 45.38
C GLU A 415 -30.65 -22.00 44.81
N LEU A 416 -31.94 -22.30 44.97
CA LEU A 416 -33.00 -21.35 44.59
C LEU A 416 -33.12 -20.20 45.59
N GLU A 417 -32.92 -20.47 46.89
CA GLU A 417 -32.91 -19.39 47.87
C GLU A 417 -31.68 -18.50 47.64
N LEU A 418 -30.51 -19.12 47.46
CA LEU A 418 -29.30 -18.38 47.10
C LEU A 418 -29.54 -17.60 45.81
N ARG A 419 -30.24 -18.23 44.88
CA ARG A 419 -30.59 -17.63 43.60
C ARG A 419 -31.60 -16.49 43.78
N ALA A 420 -32.60 -16.68 44.64
CA ALA A 420 -33.59 -15.65 44.93
C ALA A 420 -33.01 -14.42 45.64
N GLU A 421 -32.00 -14.62 46.49
CA GLU A 421 -31.34 -13.52 47.20
C GLU A 421 -30.65 -12.57 46.21
N GLN A 422 -29.94 -13.13 45.23
CA GLN A 422 -29.37 -12.36 44.12
C GLN A 422 -30.52 -11.85 43.24
N GLY A 423 -30.23 -10.94 42.33
CA GLY A 423 -31.25 -10.44 41.40
C GLY A 423 -31.77 -11.52 40.44
N HIS A 424 -32.70 -12.34 40.91
CA HIS A 424 -33.19 -13.49 40.12
C HIS A 424 -34.64 -13.85 40.39
N PRO A 425 -35.41 -14.04 39.32
CA PRO A 425 -36.74 -14.59 39.50
C PRO A 425 -36.65 -16.08 39.81
N THR A 426 -37.68 -16.62 40.45
CA THR A 426 -37.80 -18.06 40.61
C THR A 426 -38.86 -18.56 39.64
N THR A 427 -38.41 -19.27 38.61
CA THR A 427 -39.27 -19.86 37.62
C THR A 427 -39.16 -21.35 37.71
N PHE A 428 -40.16 -22.04 37.20
CA PHE A 428 -40.15 -23.49 37.17
C PHE A 428 -38.97 -23.98 36.31
N VAL A 429 -38.74 -23.29 35.20
CA VAL A 429 -37.67 -23.67 34.28
C VAL A 429 -36.31 -23.74 34.98
N ASP A 430 -36.08 -22.91 36.00
CA ASP A 430 -34.82 -22.91 36.79
C ASP A 430 -34.65 -24.16 37.63
N LEU A 431 -35.77 -24.72 38.09
CA LEU A 431 -35.77 -26.00 38.81
C LEU A 431 -35.53 -27.14 37.84
N TRP A 432 -36.26 -27.10 36.72
CA TRP A 432 -36.04 -28.07 35.64
C TRP A 432 -34.57 -28.07 35.20
N ALA A 433 -33.92 -26.91 35.24
CA ALA A 433 -32.48 -26.83 34.97
C ALA A 433 -31.67 -27.63 35.96
N LEU A 434 -32.03 -27.54 37.24
CA LEU A 434 -31.34 -28.26 38.30
C LEU A 434 -31.56 -29.77 38.27
N VAL A 435 -32.78 -30.22 37.98
CA VAL A 435 -33.02 -31.68 37.93
C VAL A 435 -32.41 -32.28 36.66
N LEU A 436 -32.47 -31.54 35.55
CA LEU A 436 -31.91 -31.99 34.29
C LEU A 436 -30.41 -32.06 34.40
N GLU A 437 -29.79 -31.06 34.99
CA GLU A 437 -28.36 -31.11 35.30
C GLU A 437 -28.02 -32.33 36.14
N SER A 438 -28.92 -32.66 37.07
CA SER A 438 -28.73 -33.76 37.99
C SER A 438 -28.89 -35.12 37.32
N MET A 439 -29.72 -35.21 36.29
CA MET A 439 -29.87 -36.45 35.52
C MET A 439 -28.77 -36.61 34.49
N LEU A 440 -28.42 -35.52 33.84
CA LEU A 440 -27.49 -35.52 32.72
C LEU A 440 -26.05 -35.72 33.17
N HIS A 441 -25.77 -35.21 34.37
CA HIS A 441 -24.48 -35.34 35.05
C HIS A 441 -24.82 -35.77 36.47
N GLY A 442 -23.84 -36.20 37.25
CA GLY A 442 -24.13 -36.64 38.62
C GLY A 442 -24.25 -35.48 39.61
N GLN A 443 -23.89 -34.29 39.15
CA GLN A 443 -23.44 -33.23 40.02
C GLN A 443 -23.62 -31.90 39.35
N VAL A 444 -23.33 -30.83 40.08
CA VAL A 444 -23.16 -29.51 39.48
C VAL A 444 -22.06 -29.55 38.40
N MET A 445 -22.31 -28.89 37.26
CA MET A 445 -21.34 -28.78 36.17
C MET A 445 -21.08 -27.33 35.84
N ASP A 446 -19.88 -26.86 36.18
CA ASP A 446 -19.57 -25.42 36.10
C ASP A 446 -18.99 -25.05 34.74
N GLN A 447 -19.84 -25.06 33.71
CA GLN A 447 -19.46 -24.60 32.38
C GLN A 447 -20.44 -23.54 31.93
N LYS A 448 -20.03 -22.76 30.94
CA LYS A 448 -20.82 -21.61 30.47
C LYS A 448 -20.69 -21.42 28.95
N LEU A 449 -21.78 -21.01 28.31
CA LEU A 449 -21.81 -20.85 26.86
C LEU A 449 -20.68 -19.99 26.31
N SER A 450 -20.30 -18.94 27.02
CA SER A 450 -19.16 -18.11 26.62
C SER A 450 -17.90 -18.95 26.53
N GLY A 451 -17.72 -19.81 27.52
CA GLY A 451 -16.59 -20.75 27.58
C GLY A 451 -16.36 -21.58 26.33
N GLN A 452 -17.39 -21.75 25.51
CA GLN A 452 -17.28 -22.55 24.30
C GLN A 452 -16.59 -21.80 23.17
N ARG A 453 -16.21 -20.55 23.39
CA ARG A 453 -15.38 -19.90 22.38
C ARG A 453 -14.00 -20.53 22.34
N ALA A 454 -13.60 -21.16 23.45
CA ALA A 454 -12.46 -22.05 23.47
C ALA A 454 -12.48 -23.02 22.29
N ALA A 455 -13.62 -23.66 22.08
CA ALA A 455 -13.79 -24.64 21.01
C ALA A 455 -13.77 -24.07 19.60
N LEU A 456 -13.55 -22.77 19.45
CA LEU A 456 -13.59 -22.15 18.14
C LEU A 456 -12.39 -21.29 17.81
N GLU A 457 -11.53 -21.01 18.79
CA GLU A 457 -10.37 -20.13 18.61
C GLU A 457 -9.68 -20.37 17.29
N ARG A 458 -9.36 -21.63 17.01
CA ARG A 458 -8.54 -22.00 15.83
C ARG A 458 -9.37 -22.72 14.75
N GLY A 459 -10.69 -22.50 14.75
CA GLY A 459 -11.58 -23.14 13.79
C GLY A 459 -11.59 -24.65 13.90
N GLN A 460 -11.41 -25.16 15.11
CA GLN A 460 -11.25 -26.59 15.33
C GLN A 460 -12.56 -27.39 15.54
N ASN A 461 -13.68 -26.70 15.66
CA ASN A 461 -14.99 -27.37 15.68
C ASN A 461 -15.94 -26.54 14.84
N PRO A 462 -17.18 -27.03 14.61
CA PRO A 462 -18.18 -26.18 13.93
C PRO A 462 -18.78 -25.23 14.92
N LEU A 463 -19.52 -24.23 14.43
CA LEU A 463 -20.14 -23.24 15.30
C LEU A 463 -21.48 -23.73 15.88
N PRO A 464 -21.57 -23.86 17.20
CA PRO A 464 -22.78 -24.40 17.79
C PRO A 464 -23.91 -23.38 17.88
N LEU A 465 -25.08 -23.75 17.37
CA LEU A 465 -26.24 -22.89 17.36
C LEU A 465 -27.37 -23.57 18.10
N TYR A 466 -27.60 -23.15 19.34
CA TYR A 466 -28.65 -23.76 20.15
C TYR A 466 -29.92 -22.95 19.92
N LEU A 467 -30.90 -23.53 19.24
CA LEU A 467 -32.15 -22.85 18.98
C LEU A 467 -33.21 -23.10 20.06
N SER A 468 -34.00 -22.06 20.36
CA SER A 468 -34.96 -22.08 21.47
C SER A 468 -36.26 -21.41 21.06
N LEU A 469 -37.38 -22.12 21.28
CA LEU A 469 -38.70 -21.62 20.90
C LEU A 469 -39.39 -20.96 22.09
N ASN A 470 -39.61 -19.64 22.00
CA ASN A 470 -40.11 -18.83 23.12
C ASN A 470 -41.61 -18.51 23.01
N VAL A 471 -42.17 -17.88 24.04
CA VAL A 471 -43.56 -17.40 24.04
C VAL A 471 -43.66 -15.98 23.45
N LYS A 482 -45.10 -16.80 18.65
CA LYS A 482 -43.89 -17.38 19.25
C LYS A 482 -42.63 -17.13 18.40
N GLU A 483 -41.53 -16.81 19.07
CA GLU A 483 -40.32 -16.31 18.43
C GLU A 483 -39.19 -17.28 18.64
N TRP A 484 -38.24 -17.28 17.71
CA TRP A 484 -37.07 -18.11 17.82
C TRP A 484 -35.92 -17.33 18.41
N VAL A 485 -35.30 -17.92 19.44
CA VAL A 485 -34.08 -17.37 20.04
C VAL A 485 -32.92 -18.34 19.84
N GLU A 486 -31.90 -17.86 19.11
CA GLU A 486 -30.71 -18.60 18.78
C GLU A 486 -29.62 -18.24 19.77
N PHE A 487 -28.82 -19.22 20.16
CA PHE A 487 -27.71 -19.00 21.09
C PHE A 487 -26.42 -19.49 20.43
N SER A 488 -25.43 -18.63 20.31
CA SER A 488 -24.09 -19.11 19.96
C SER A 488 -23.15 -18.66 21.05
N PRO A 489 -21.95 -19.26 21.11
CA PRO A 489 -20.96 -18.77 22.05
C PRO A 489 -20.53 -17.33 21.77
N TYR A 490 -20.77 -16.86 20.55
CA TYR A 490 -20.53 -15.46 20.21
C TYR A 490 -21.70 -14.56 20.60
N GLU A 491 -22.90 -14.86 20.12
CA GLU A 491 -24.05 -14.00 20.42
C GLU A 491 -25.33 -14.79 20.62
N VAL A 492 -26.29 -14.12 21.27
CA VAL A 492 -27.61 -14.68 21.58
C VAL A 492 -28.66 -13.67 21.19
N GLY A 493 -29.72 -14.12 20.55
CA GLY A 493 -30.83 -13.21 20.33
C GLY A 493 -31.99 -13.65 19.45
N PHE A 494 -32.88 -12.71 19.22
CA PHE A 494 -34.11 -12.94 18.51
C PHE A 494 -33.80 -12.79 17.03
N LEU A 495 -34.05 -13.85 16.27
CA LEU A 495 -33.81 -13.86 14.83
C LEU A 495 -34.79 -12.93 14.12
N LYS A 496 -36.00 -12.83 14.65
CA LYS A 496 -37.04 -12.00 14.06
C LYS A 496 -36.74 -10.50 14.18
N TYR A 497 -36.12 -10.08 15.29
CA TYR A 497 -35.87 -8.66 15.54
C TYR A 497 -34.44 -8.24 15.27
N GLY A 498 -33.59 -9.15 14.82
CA GLY A 498 -32.19 -8.80 14.60
C GLY A 498 -31.70 -8.05 15.81
N ALA A 499 -31.94 -8.62 16.98
CA ALA A 499 -31.52 -8.02 18.24
C ALA A 499 -30.71 -9.06 18.98
N PHE A 500 -29.44 -8.74 19.26
CA PHE A 500 -28.52 -9.72 19.85
C PHE A 500 -27.56 -9.15 20.89
N VAL A 501 -27.22 -10.01 21.85
CA VAL A 501 -26.18 -9.73 22.83
C VAL A 501 -25.19 -10.89 22.88
N PRO A 502 -23.95 -10.60 23.34
CA PRO A 502 -23.08 -11.70 23.72
C PRO A 502 -23.62 -12.46 24.93
N PRO A 503 -23.33 -13.77 25.02
CA PRO A 503 -23.94 -14.71 25.98
C PRO A 503 -23.67 -14.46 27.46
N GLU A 504 -22.58 -13.76 27.78
CA GLU A 504 -22.29 -13.34 29.16
C GLU A 504 -23.41 -12.48 29.73
N LEU A 505 -23.87 -11.57 28.88
CA LEU A 505 -24.84 -10.58 29.29
C LEU A 505 -26.25 -11.15 29.31
N PHE A 506 -26.47 -12.28 28.64
CA PHE A 506 -27.77 -12.94 28.73
C PHE A 506 -28.10 -13.26 30.18
N GLY A 507 -29.24 -12.75 30.63
CA GLY A 507 -29.63 -12.83 32.04
C GLY A 507 -29.56 -11.47 32.72
N SER A 508 -28.72 -10.57 32.21
CA SER A 508 -28.50 -9.27 32.84
C SER A 508 -29.69 -8.37 32.62
N GLU A 509 -29.74 -7.27 33.35
CA GLU A 509 -30.87 -6.35 33.28
C GLU A 509 -30.59 -5.27 32.26
N PHE A 510 -31.53 -5.03 31.37
CA PHE A 510 -31.32 -4.08 30.27
C PHE A 510 -32.41 -3.01 30.22
N PHE A 511 -32.12 -1.97 29.45
CA PHE A 511 -33.10 -0.92 29.20
C PHE A 511 -32.82 -0.18 27.90
N MET A 512 -33.80 -0.23 27.01
CA MET A 512 -33.75 0.52 25.77
C MET A 512 -32.44 0.24 25.06
N GLY A 513 -32.00 -1.01 25.15
CA GLY A 513 -30.76 -1.46 24.50
C GLY A 513 -29.47 -1.13 25.23
N ARG A 514 -29.58 -0.79 26.51
CA ARG A 514 -28.42 -0.42 27.33
C ARG A 514 -28.36 -1.32 28.55
N LEU A 515 -27.16 -1.74 28.93
CA LEU A 515 -26.98 -2.59 30.10
C LEU A 515 -27.14 -1.77 31.37
N MET A 516 -28.08 -2.14 32.24
CA MET A 516 -28.31 -1.39 33.46
C MET A 516 -27.61 -2.03 34.65
N ARG A 517 -27.74 -3.34 34.81
CA ARG A 517 -27.05 -4.07 35.87
C ARG A 517 -26.51 -5.37 35.30
N ARG A 518 -25.20 -5.54 35.39
CA ARG A 518 -24.56 -6.77 34.94
C ARG A 518 -24.77 -7.89 35.97
N ILE A 519 -25.26 -9.02 35.49
CA ILE A 519 -25.53 -10.20 36.32
C ILE A 519 -24.52 -11.28 35.92
N PRO A 520 -24.11 -12.14 36.87
CA PRO A 520 -23.16 -13.19 36.48
C PRO A 520 -23.78 -14.17 35.48
N GLU A 521 -23.09 -14.37 34.35
CA GLU A 521 -23.49 -15.36 33.33
C GLU A 521 -23.83 -16.68 34.00
N PRO A 522 -24.96 -17.30 33.63
CA PRO A 522 -25.37 -18.50 34.34
C PRO A 522 -24.73 -19.77 33.82
N ARG A 523 -24.65 -20.73 34.73
CA ARG A 523 -24.17 -22.08 34.44
C ARG A 523 -25.00 -22.65 33.31
N ILE A 524 -24.36 -23.30 32.35
CA ILE A 524 -25.05 -23.69 31.11
C ILE A 524 -26.36 -24.49 31.27
N CYS A 525 -26.49 -25.26 32.34
CA CYS A 525 -27.71 -26.07 32.53
C CYS A 525 -29.01 -25.24 32.61
N PHE A 526 -28.89 -23.97 33.01
CA PHE A 526 -30.03 -23.07 33.04
C PHE A 526 -30.45 -22.71 31.63
N LEU A 527 -29.47 -22.58 30.73
CA LEU A 527 -29.76 -22.44 29.30
C LEU A 527 -30.34 -23.73 28.70
N GLU A 528 -29.79 -24.87 29.06
CA GLU A 528 -30.34 -26.14 28.58
C GLU A 528 -31.80 -26.31 28.94
N ALA A 529 -32.24 -25.77 30.09
CA ALA A 529 -33.65 -25.82 30.45
C ALA A 529 -34.50 -24.91 29.54
N ILE A 530 -34.04 -23.70 29.26
CA ILE A 530 -34.69 -22.84 28.26
C ILE A 530 -34.84 -23.63 26.96
N TRP A 531 -33.77 -24.30 26.54
CA TRP A 531 -33.72 -24.98 25.24
C TRP A 531 -34.53 -26.24 25.16
N SER A 532 -34.79 -26.86 26.31
CA SER A 532 -35.48 -28.15 26.36
C SER A 532 -36.57 -28.13 27.43
N ASN A 533 -37.20 -26.97 27.59
CA ASN A 533 -38.31 -26.82 28.53
C ASN A 533 -39.49 -27.60 28.07
N ILE A 534 -40.12 -28.24 29.03
CA ILE A 534 -41.20 -29.12 28.76
C ILE A 534 -42.47 -28.81 29.56
N PHE A 535 -42.43 -27.74 30.34
CA PHE A 535 -43.50 -27.43 31.29
C PHE A 535 -44.28 -26.19 30.91
N SER A 536 -45.58 -26.23 31.20
CA SER A 536 -46.43 -25.06 31.07
C SER A 536 -46.02 -24.03 32.10
N LEU A 537 -46.77 -22.94 32.20
CA LEU A 537 -46.51 -21.96 33.24
C LEU A 537 -47.17 -22.43 34.55
N ASN A 538 -47.95 -23.52 34.46
CA ASN A 538 -48.62 -24.15 35.61
C ASN A 538 -48.10 -25.57 35.87
N GLU A 579 -47.33 -42.89 32.99
CA GLU A 579 -48.36 -42.11 33.68
C GLU A 579 -48.17 -42.16 35.21
N ALA A 580 -48.20 -43.37 35.78
CA ALA A 580 -48.08 -43.58 37.24
C ALA A 580 -46.65 -43.38 37.73
N SER A 581 -45.67 -43.57 36.85
CA SER A 581 -44.27 -43.42 37.20
C SER A 581 -43.93 -42.03 37.74
N TRP A 582 -44.36 -40.99 37.02
CA TRP A 582 -43.97 -39.61 37.35
C TRP A 582 -45.10 -38.73 37.89
N LEU A 583 -46.02 -39.35 38.62
CA LEU A 583 -46.90 -38.64 39.55
C LEU A 583 -46.33 -38.73 40.98
N GLN A 584 -45.25 -39.50 41.15
CA GLN A 584 -44.64 -39.70 42.45
C GLN A 584 -43.44 -38.79 42.76
N PRO A 585 -42.53 -38.59 41.80
CA PRO A 585 -41.52 -37.55 42.00
C PRO A 585 -42.16 -36.17 42.04
N GLY A 586 -43.28 -36.01 41.36
CA GLY A 586 -44.10 -34.80 41.44
C GLY A 586 -44.56 -34.51 42.86
N THR A 587 -45.00 -35.54 43.57
CA THR A 587 -45.40 -35.40 44.98
C THR A 587 -44.18 -35.21 45.88
N ALA A 588 -43.12 -35.99 45.64
CA ALA A 588 -41.87 -35.83 46.38
C ALA A 588 -41.34 -34.39 46.27
N LEU A 589 -41.29 -33.87 45.04
CA LEU A 589 -40.89 -32.48 44.79
C LEU A 589 -41.79 -31.47 45.48
N ALA A 590 -43.08 -31.51 45.13
CA ALA A 590 -44.03 -30.48 45.58
C ALA A 590 -43.97 -30.29 47.08
N GLN A 591 -43.90 -31.40 47.80
CA GLN A 591 -43.84 -31.40 49.26
C GLN A 591 -42.52 -30.90 49.83
N ALA A 592 -41.41 -31.25 49.20
CA ALA A 592 -40.10 -30.74 49.61
C ALA A 592 -39.93 -29.23 49.34
N PHE A 593 -40.76 -28.69 48.45
CA PHE A 593 -40.61 -27.31 47.98
C PHE A 593 -41.63 -26.30 48.56
N LYS A 594 -42.40 -26.70 49.59
CA LYS A 594 -43.46 -25.83 50.12
C LYS A 594 -42.89 -24.69 50.98
N GLY A 595 -43.49 -23.51 50.84
CA GLY A 595 -42.96 -22.28 51.42
C GLY A 595 -42.75 -21.21 50.36
N PHE A 596 -42.49 -21.65 49.13
CA PHE A 596 -42.35 -20.74 47.98
C PHE A 596 -43.73 -20.21 47.58
N ARG A 605 -42.85 -11.68 35.19
CA ARG A 605 -42.07 -10.82 36.08
C ARG A 605 -40.61 -10.77 35.68
N SER A 606 -40.26 -11.45 34.59
CA SER A 606 -38.89 -11.79 34.27
C SER A 606 -38.44 -11.23 32.90
N PRO A 607 -38.10 -9.92 32.80
CA PRO A 607 -37.91 -9.43 31.43
C PRO A 607 -36.57 -9.82 30.78
N ASN A 608 -36.54 -9.66 29.46
CA ASN A 608 -35.38 -9.99 28.64
C ASN A 608 -34.58 -8.74 28.27
N PHE A 609 -33.61 -8.91 27.36
CA PHE A 609 -32.77 -7.79 26.99
C PHE A 609 -33.45 -6.78 26.04
N LEU A 610 -34.58 -7.16 25.46
CA LEU A 610 -35.37 -6.23 24.66
C LEU A 610 -36.09 -5.13 25.48
N GLN A 611 -36.22 -5.32 26.80
CA GLN A 611 -36.96 -4.41 27.67
C GLN A 611 -36.79 -2.96 27.27
N GLY A 612 -37.90 -2.24 27.13
CA GLY A 612 -37.87 -0.85 26.66
C GLY A 612 -37.99 -0.66 25.14
N LEU A 613 -37.38 -1.54 24.36
CA LEU A 613 -37.33 -1.35 22.92
C LEU A 613 -38.73 -1.36 22.36
N GLN A 614 -38.89 -0.75 21.19
CA GLN A 614 -40.20 -0.64 20.55
C GLN A 614 -40.15 -1.07 19.08
N LEU A 615 -41.31 -1.31 18.50
CA LEU A 615 -41.40 -1.86 17.14
C LEU A 615 -41.52 -0.76 16.10
N HIS A 616 -40.77 -0.86 15.01
CA HIS A 616 -40.87 0.10 13.93
C HIS A 616 -42.24 -0.02 13.27
N GLN A 617 -42.77 1.10 12.81
CA GLN A 617 -44.16 1.15 12.36
C GLN A 617 -44.34 0.42 11.06
N ASP A 618 -43.61 0.84 10.02
CA ASP A 618 -43.74 0.22 8.68
C ASP A 618 -43.58 -1.32 8.70
N TYR A 619 -42.88 -1.86 9.70
CA TYR A 619 -43.00 -3.26 10.05
C TYR A 619 -44.13 -3.44 11.06
N GLU A 644 -58.55 -25.71 30.23
CA GLU A 644 -58.33 -26.31 31.54
C GLU A 644 -56.82 -26.37 31.82
N PRO A 645 -56.41 -26.59 33.09
CA PRO A 645 -55.01 -26.46 33.40
C PRO A 645 -54.18 -27.65 32.92
N ARG A 646 -52.94 -27.36 32.51
CA ARG A 646 -52.02 -28.31 31.93
C ARG A 646 -50.73 -28.32 32.71
N LEU A 647 -49.98 -29.40 32.57
CA LEU A 647 -48.76 -29.63 33.35
C LEU A 647 -47.55 -29.46 32.46
N CYS A 648 -47.62 -29.99 31.25
CA CYS A 648 -46.58 -29.78 30.26
C CYS A 648 -46.97 -28.78 29.21
N LEU A 649 -45.98 -28.39 28.41
CA LEU A 649 -46.24 -27.75 27.14
C LEU A 649 -46.97 -28.76 26.28
N VAL A 650 -47.84 -28.26 25.42
CA VAL A 650 -48.65 -29.13 24.56
C VAL A 650 -48.67 -28.68 23.11
N ASP A 651 -48.54 -27.37 22.88
CA ASP A 651 -48.50 -26.86 21.54
C ASP A 651 -47.48 -27.68 20.77
N ALA A 652 -47.85 -28.08 19.55
CA ALA A 652 -47.06 -29.04 18.78
C ALA A 652 -45.72 -28.49 18.36
N ALA A 653 -45.65 -27.17 18.22
CA ALA A 653 -44.42 -26.48 17.86
C ALA A 653 -43.19 -26.87 18.69
N TYR A 654 -43.43 -27.08 19.98
CA TYR A 654 -42.37 -27.41 20.93
C TYR A 654 -41.70 -28.75 20.67
N PHE A 655 -42.46 -29.72 20.19
CA PHE A 655 -41.93 -31.06 19.97
C PHE A 655 -41.72 -31.45 18.51
N ILE A 656 -42.18 -30.65 17.55
CA ILE A 656 -42.01 -30.98 16.15
C ILE A 656 -41.41 -29.83 15.33
N ASN A 657 -40.10 -29.63 15.45
CA ASN A 657 -39.36 -28.79 14.51
C ASN A 657 -37.90 -29.18 14.51
N THR A 658 -37.24 -28.89 13.40
CA THR A 658 -35.79 -29.03 13.27
C THR A 658 -35.24 -27.62 13.49
N SER A 659 -33.92 -27.49 13.61
CA SER A 659 -33.30 -26.20 13.88
C SER A 659 -33.03 -25.37 12.59
N SER A 660 -33.99 -25.36 11.67
CA SER A 660 -33.81 -24.66 10.41
C SER A 660 -33.49 -23.19 10.62
N PRO A 661 -34.22 -22.53 11.53
CA PRO A 661 -34.11 -21.07 11.61
C PRO A 661 -32.68 -20.60 11.71
N SER A 662 -31.87 -21.32 12.48
CA SER A 662 -30.45 -21.04 12.58
C SER A 662 -29.73 -21.16 11.24
N MET A 663 -30.06 -22.17 10.46
CA MET A 663 -29.41 -22.40 9.18
C MET A 663 -29.80 -21.38 8.11
N PHE A 664 -30.84 -20.59 8.36
CA PHE A 664 -31.33 -19.64 7.35
C PHE A 664 -31.29 -18.17 7.79
N ARG A 665 -30.65 -17.90 8.92
CA ARG A 665 -30.41 -16.54 9.38
C ARG A 665 -29.66 -15.77 8.28
N PRO A 666 -29.97 -14.47 8.12
CA PRO A 666 -29.46 -13.60 7.08
C PRO A 666 -28.13 -13.93 6.43
N GLY A 667 -27.03 -13.87 7.17
CA GLY A 667 -25.70 -13.85 6.55
C GLY A 667 -25.03 -15.20 6.22
N ARG A 668 -25.73 -16.31 6.43
CA ARG A 668 -25.09 -17.63 6.57
C ARG A 668 -24.84 -18.41 5.27
N ARG A 669 -25.72 -18.23 4.28
CA ARG A 669 -25.60 -18.88 2.97
C ARG A 669 -25.18 -20.35 3.02
N LEU A 670 -26.06 -21.22 3.51
CA LEU A 670 -25.75 -22.64 3.58
C LEU A 670 -25.88 -23.32 2.23
N ASP A 671 -24.89 -24.17 1.90
CA ASP A 671 -24.83 -24.89 0.63
C ASP A 671 -25.22 -26.35 0.74
N LEU A 672 -24.90 -26.99 1.86
CA LEU A 672 -25.37 -28.36 2.16
C LEU A 672 -25.85 -28.44 3.61
N ILE A 673 -26.98 -29.12 3.83
CA ILE A 673 -27.48 -29.39 5.17
C ILE A 673 -27.65 -30.89 5.37
N LEU A 674 -27.06 -31.41 6.45
CA LEU A 674 -27.31 -32.77 6.88
C LEU A 674 -28.37 -32.69 7.97
N SER A 675 -29.59 -33.08 7.61
CA SER A 675 -30.71 -33.01 8.55
C SER A 675 -30.88 -34.32 9.25
N PHE A 676 -30.65 -34.32 10.56
CA PHE A 676 -30.92 -35.49 11.39
C PHE A 676 -32.23 -35.33 12.08
N ASP A 677 -33.08 -36.34 11.97
CA ASP A 677 -34.43 -36.29 12.50
C ASP A 677 -34.57 -37.44 13.46
N TYR A 678 -35.09 -37.18 14.64
CA TYR A 678 -35.18 -38.18 15.69
C TYR A 678 -36.61 -38.52 16.06
N SER A 679 -37.52 -38.29 15.11
CA SER A 679 -38.92 -38.62 15.31
C SER A 679 -39.16 -40.11 15.11
N LEU A 680 -40.09 -40.66 15.89
CA LEU A 680 -40.49 -42.07 15.80
C LEU A 680 -41.73 -42.26 14.94
N SER A 681 -42.26 -41.17 14.40
CA SER A 681 -43.22 -41.21 13.32
C SER A 681 -43.01 -39.89 12.59
N ALA A 682 -43.66 -39.70 11.45
CA ALA A 682 -43.51 -38.43 10.73
C ALA A 682 -42.04 -37.97 10.60
N PRO A 683 -41.21 -38.76 9.91
CA PRO A 683 -39.82 -38.33 9.71
C PRO A 683 -39.67 -37.19 8.72
N PHE A 684 -40.74 -36.77 8.05
CA PHE A 684 -40.62 -35.63 7.15
C PHE A 684 -41.44 -34.39 7.55
N GLU A 685 -42.13 -34.42 8.70
CA GLU A 685 -42.92 -33.25 9.11
C GLU A 685 -42.00 -32.06 9.35
N ALA A 686 -41.01 -32.26 10.20
CA ALA A 686 -40.08 -31.18 10.54
C ALA A 686 -39.50 -30.51 9.31
N LEU A 687 -39.18 -31.29 8.29
CA LEU A 687 -38.67 -30.70 7.05
C LEU A 687 -39.73 -29.90 6.31
N GLN A 688 -40.94 -30.44 6.21
CA GLN A 688 -42.02 -29.73 5.53
C GLN A 688 -42.35 -28.40 6.22
N GLN A 689 -42.26 -28.38 7.54
CA GLN A 689 -42.37 -27.16 8.34
C GLN A 689 -41.35 -26.15 7.85
N THR A 690 -40.12 -26.63 7.61
CA THR A 690 -39.03 -25.82 7.14
C THR A 690 -39.26 -25.29 5.73
N GLU A 691 -39.81 -26.14 4.86
CA GLU A 691 -40.17 -25.73 3.53
C GLU A 691 -41.11 -24.55 3.66
N LEU A 692 -42.18 -24.74 4.43
CA LEU A 692 -43.14 -23.67 4.75
C LEU A 692 -42.45 -22.40 5.25
N TYR A 693 -41.65 -22.55 6.29
CA TYR A 693 -40.89 -21.46 6.89
C TYR A 693 -40.12 -20.66 5.85
N CYS A 694 -39.28 -21.33 5.06
CA CYS A 694 -38.49 -20.67 4.02
C CYS A 694 -39.38 -20.13 2.90
N ARG A 695 -40.46 -20.83 2.60
CA ARG A 695 -41.41 -20.41 1.57
C ARG A 695 -42.02 -19.06 1.90
N ALA A 696 -42.38 -18.87 3.17
CA ALA A 696 -42.97 -17.61 3.62
C ALA A 696 -41.98 -16.45 3.70
N ARG A 697 -40.68 -16.72 3.61
CA ARG A 697 -39.70 -15.63 3.66
C ARG A 697 -38.90 -15.45 2.38
N GLY A 698 -39.38 -16.02 1.28
CA GLY A 698 -38.71 -15.87 -0.02
C GLY A 698 -37.30 -16.41 -0.05
N LEU A 699 -37.06 -17.45 0.75
CA LEU A 699 -35.75 -18.06 0.86
C LEU A 699 -35.74 -19.30 0.01
N PRO A 700 -34.73 -19.42 -0.88
CA PRO A 700 -34.67 -20.61 -1.70
C PRO A 700 -34.55 -21.85 -0.83
N PHE A 701 -35.29 -22.90 -1.19
CA PHE A 701 -35.31 -24.14 -0.45
C PHE A 701 -35.99 -25.23 -1.29
N PRO A 702 -35.34 -26.40 -1.41
CA PRO A 702 -35.86 -27.46 -2.28
C PRO A 702 -37.14 -28.05 -1.73
N ARG A 703 -38.07 -28.40 -2.61
CA ARG A 703 -39.36 -28.90 -2.16
C ARG A 703 -39.26 -30.35 -1.69
N VAL A 704 -39.73 -30.57 -0.46
CA VAL A 704 -39.73 -31.89 0.14
C VAL A 704 -41.05 -32.54 -0.19
N GLU A 705 -41.02 -33.45 -1.18
CA GLU A 705 -42.20 -34.18 -1.59
C GLU A 705 -41.85 -35.65 -1.63
N PRO A 706 -41.91 -36.32 -0.48
CA PRO A 706 -41.59 -37.75 -0.45
C PRO A 706 -42.76 -38.55 -0.98
N SER A 707 -42.47 -39.58 -1.78
CA SER A 707 -43.49 -40.43 -2.38
C SER A 707 -44.18 -41.26 -1.32
N PRO A 708 -45.42 -41.69 -1.59
CA PRO A 708 -46.16 -42.55 -0.66
C PRO A 708 -45.29 -43.69 -0.09
N GLN A 709 -44.49 -44.32 -0.94
CA GLN A 709 -43.60 -45.39 -0.53
C GLN A 709 -42.61 -44.96 0.55
N ASP A 710 -42.10 -43.73 0.44
CA ASP A 710 -41.11 -43.21 1.36
C ASP A 710 -41.67 -43.01 2.76
N GLN A 711 -42.87 -42.45 2.87
CA GLN A 711 -43.50 -42.28 4.18
C GLN A 711 -43.63 -43.61 4.91
N HIS A 712 -44.10 -44.64 4.19
CA HIS A 712 -44.45 -45.94 4.79
C HIS A 712 -43.25 -46.69 5.34
N GLN A 713 -42.25 -46.90 4.49
CA GLN A 713 -40.98 -47.44 4.94
C GLN A 713 -39.88 -46.57 4.37
N PRO A 714 -39.47 -45.54 5.13
CA PRO A 714 -38.34 -44.72 4.70
C PRO A 714 -37.03 -45.45 4.86
N ARG A 715 -36.00 -44.86 4.30
CA ARG A 715 -34.68 -45.45 4.23
C ARG A 715 -33.68 -44.48 4.83
N GLU A 716 -32.44 -44.95 4.96
CA GLU A 716 -31.42 -44.32 5.78
C GLU A 716 -31.13 -42.86 5.44
N CYS A 717 -31.24 -42.54 4.15
CA CYS A 717 -30.89 -41.23 3.63
C CYS A 717 -31.84 -40.82 2.52
N HIS A 718 -32.25 -39.54 2.50
CA HIS A 718 -33.10 -39.00 1.44
C HIS A 718 -32.52 -37.71 0.89
N LEU A 719 -32.34 -37.64 -0.42
CA LEU A 719 -31.90 -36.42 -1.09
C LEU A 719 -33.10 -35.53 -1.41
N PHE A 720 -32.88 -34.21 -1.39
CA PHE A 720 -33.86 -33.25 -1.86
C PHE A 720 -33.17 -32.18 -2.73
N SER A 721 -33.58 -32.13 -4.01
CA SER A 721 -32.84 -31.52 -5.14
C SER A 721 -31.49 -32.18 -5.42
N CYS A 725 -35.33 -24.16 -8.38
CA CYS A 725 -34.64 -22.95 -7.91
C CYS A 725 -33.18 -23.26 -7.51
N PRO A 726 -32.37 -23.73 -8.47
CA PRO A 726 -31.03 -24.22 -8.10
C PRO A 726 -30.01 -23.25 -7.45
N GLU A 727 -30.45 -22.36 -6.54
CA GLU A 727 -29.54 -21.64 -5.64
C GLU A 727 -29.77 -22.10 -4.19
N ALA A 728 -30.65 -23.08 -4.03
CA ALA A 728 -31.14 -23.52 -2.73
C ALA A 728 -30.22 -24.61 -2.22
N PRO A 729 -30.10 -24.72 -0.89
CA PRO A 729 -29.19 -25.72 -0.35
C PRO A 729 -29.54 -27.14 -0.78
N ILE A 730 -28.51 -27.97 -0.80
CA ILE A 730 -28.68 -29.40 -0.98
C ILE A 730 -29.05 -29.92 0.40
N LEU A 731 -29.88 -30.94 0.42
CA LEU A 731 -30.42 -31.39 1.68
C LEU A 731 -30.44 -32.92 1.74
N LEU A 732 -29.55 -33.46 2.56
CA LEU A 732 -29.57 -34.87 2.91
C LEU A 732 -30.26 -35.05 4.23
N HIS A 733 -31.34 -35.82 4.22
CA HIS A 733 -32.19 -35.98 5.38
C HIS A 733 -32.05 -37.41 5.87
N PHE A 734 -31.79 -37.56 7.16
CA PHE A 734 -31.57 -38.87 7.77
C PHE A 734 -32.67 -39.21 8.79
N PRO A 735 -33.70 -39.96 8.36
CA PRO A 735 -34.73 -40.45 9.27
C PRO A 735 -34.16 -41.32 10.35
N LEU A 736 -34.92 -41.48 11.42
CA LEU A 736 -34.55 -42.41 12.46
C LEU A 736 -35.26 -43.71 12.17
N VAL A 737 -34.66 -44.54 11.32
CA VAL A 737 -35.30 -45.75 10.80
C VAL A 737 -34.37 -46.97 11.00
N ASN A 738 -34.96 -48.14 11.21
CA ASN A 738 -34.19 -49.38 11.32
C ASN A 738 -34.41 -50.11 10.00
N ALA A 739 -33.55 -49.94 9.02
CA ALA A 739 -33.89 -50.35 7.67
C ALA A 739 -32.98 -51.50 7.25
N SER A 740 -31.80 -51.18 6.74
CA SER A 740 -30.84 -52.21 6.33
C SER A 740 -29.95 -52.63 7.50
N PHE A 741 -30.05 -51.91 8.61
CA PHE A 741 -29.33 -52.25 9.81
C PHE A 741 -29.83 -53.55 10.44
N LYS A 742 -31.06 -53.95 10.12
CA LYS A 742 -31.60 -55.22 10.63
C LYS A 742 -30.64 -56.38 10.37
N ASP A 743 -30.15 -56.45 9.14
CA ASP A 743 -29.33 -57.59 8.68
C ASP A 743 -27.94 -57.16 8.20
N HIS A 744 -27.47 -56.00 8.64
CA HIS A 744 -26.10 -55.56 8.36
C HIS A 744 -25.51 -55.08 9.67
N SER A 745 -24.33 -55.58 10.03
CA SER A 745 -23.64 -55.13 11.25
C SER A 745 -22.73 -53.93 10.97
N ALA A 746 -22.44 -53.69 9.70
CA ALA A 746 -21.64 -52.58 9.29
C ALA A 746 -21.91 -52.34 7.81
N PRO A 747 -21.58 -51.15 7.28
CA PRO A 747 -21.96 -50.83 5.89
C PRO A 747 -21.46 -51.89 4.92
N GLY A 748 -22.38 -52.53 4.22
CA GLY A 748 -22.03 -53.56 3.23
C GLY A 748 -21.76 -54.96 3.76
N VAL A 749 -21.83 -55.16 5.08
CA VAL A 749 -21.50 -56.45 5.68
C VAL A 749 -22.74 -57.12 6.25
N GLN A 750 -23.02 -58.34 5.77
CA GLN A 750 -24.13 -59.13 6.29
C GLN A 750 -24.00 -59.35 7.79
N ARG A 751 -25.13 -59.44 8.46
CA ARG A 751 -25.16 -59.66 9.91
C ARG A 751 -24.96 -61.14 10.22
N SER A 752 -23.99 -61.45 11.09
CA SER A 752 -23.79 -62.82 11.55
C SER A 752 -25.02 -63.18 12.38
N PRO A 753 -25.36 -64.48 12.45
CA PRO A 753 -26.51 -64.89 13.28
C PRO A 753 -26.26 -64.74 14.80
N ALA A 754 -25.00 -64.61 15.19
CA ALA A 754 -24.62 -64.33 16.59
C ALA A 754 -24.94 -62.90 17.04
N GLU A 755 -24.79 -61.94 16.13
CA GLU A 755 -25.11 -60.54 16.40
C GLU A 755 -26.48 -60.13 15.85
N LEU A 756 -27.34 -61.08 15.50
CA LEU A 756 -28.65 -60.75 14.94
C LEU A 756 -29.38 -59.80 15.87
N GLN A 757 -29.43 -60.15 17.17
CA GLN A 757 -30.02 -59.29 18.19
C GLN A 757 -29.56 -57.83 18.17
N GLY A 758 -28.32 -57.56 17.80
CA GLY A 758 -27.82 -56.18 17.67
C GLY A 758 -28.60 -55.31 16.69
N GLY A 759 -29.16 -55.93 15.65
CA GLY A 759 -29.91 -55.22 14.62
C GLY A 759 -31.38 -55.01 14.91
N GLN A 760 -31.91 -55.70 15.92
CA GLN A 760 -33.31 -55.52 16.30
C GLN A 760 -33.40 -54.37 17.30
N VAL A 761 -34.01 -53.28 16.87
CA VAL A 761 -34.03 -52.03 17.62
C VAL A 761 -35.47 -51.63 17.84
N ASP A 762 -35.87 -51.53 19.09
CA ASP A 762 -37.28 -51.35 19.43
C ASP A 762 -37.72 -49.90 19.23
N LEU A 763 -38.05 -49.54 17.99
CA LEU A 763 -38.41 -48.15 17.66
C LEU A 763 -39.90 -47.93 17.54
N THR A 764 -40.68 -49.02 17.58
CA THR A 764 -42.14 -48.97 17.49
C THR A 764 -42.69 -49.95 18.52
N GLY A 765 -44.00 -49.97 18.68
CA GLY A 765 -44.64 -50.89 19.62
C GLY A 765 -44.39 -50.53 21.09
N ALA A 766 -45.35 -50.92 21.94
CA ALA A 766 -45.31 -50.58 23.35
C ALA A 766 -44.05 -51.12 24.00
N THR A 767 -43.77 -50.61 25.20
CA THR A 767 -42.50 -50.83 25.91
C THR A 767 -41.26 -50.56 25.03
N CYS A 768 -41.39 -49.62 24.09
CA CYS A 768 -40.24 -49.07 23.39
C CYS A 768 -39.53 -48.17 24.41
N PRO A 769 -38.21 -48.34 24.56
CA PRO A 769 -37.47 -47.61 25.59
C PRO A 769 -37.05 -46.19 25.19
N TYR A 770 -37.36 -45.78 23.97
CA TYR A 770 -36.91 -44.48 23.45
C TYR A 770 -38.01 -43.43 23.44
N THR A 771 -39.16 -43.77 24.01
CA THR A 771 -40.20 -42.79 24.29
C THR A 771 -39.56 -41.51 24.87
N LEU A 772 -40.21 -40.37 24.63
CA LEU A 772 -39.73 -39.06 25.10
C LEU A 772 -39.68 -38.98 26.63
N SER A 773 -40.74 -39.47 27.28
CA SER A 773 -40.83 -39.69 28.74
C SER A 773 -39.57 -40.23 29.39
N ASN A 774 -39.05 -41.31 28.82
CA ASN A 774 -38.01 -42.12 29.44
C ASN A 774 -36.65 -41.43 29.43
N MET A 775 -36.01 -41.43 30.60
CA MET A 775 -34.68 -40.87 30.73
C MET A 775 -33.68 -41.75 31.49
N THR A 776 -33.97 -43.05 31.57
CA THR A 776 -32.96 -44.05 31.93
C THR A 776 -32.89 -45.05 30.78
N TYR A 777 -31.75 -45.15 30.13
CA TYR A 777 -31.57 -46.12 29.03
C TYR A 777 -30.59 -47.20 29.47
N LYS A 778 -31.11 -48.41 29.63
CA LYS A 778 -30.32 -49.61 29.86
C LYS A 778 -29.15 -49.63 28.86
N GLU A 779 -27.94 -49.91 29.35
CA GLU A 779 -26.70 -49.78 28.54
C GLU A 779 -26.79 -50.53 27.22
N GLU A 780 -27.40 -51.72 27.25
CA GLU A 780 -27.73 -52.48 26.06
C GLU A 780 -28.54 -51.65 25.04
N ASP A 781 -29.65 -51.06 25.50
CA ASP A 781 -30.53 -50.25 24.63
C ASP A 781 -29.85 -49.01 24.07
N PHE A 782 -29.11 -48.31 24.91
CA PHE A 782 -28.29 -47.19 24.47
C PHE A 782 -27.48 -47.56 23.23
N GLU A 783 -26.80 -48.71 23.29
CA GLU A 783 -25.87 -49.12 22.25
C GLU A 783 -26.54 -49.39 20.91
N ARG A 784 -27.67 -50.09 20.94
CA ARG A 784 -28.43 -50.38 19.72
C ARG A 784 -28.65 -49.10 18.93
N LEU A 785 -29.30 -48.13 19.57
CA LEU A 785 -29.67 -46.88 18.93
C LEU A 785 -28.45 -46.13 18.46
N LEU A 786 -27.38 -46.14 19.25
CA LEU A 786 -26.14 -45.47 18.87
C LEU A 786 -25.50 -46.07 17.62
N ARG A 787 -25.43 -47.40 17.58
CA ARG A 787 -24.84 -48.09 16.45
C ARG A 787 -25.73 -47.99 15.22
N LEU A 788 -27.05 -48.09 15.41
CA LEU A 788 -27.99 -47.88 14.32
C LEU A 788 -27.69 -46.55 13.67
N SER A 789 -27.57 -45.53 14.51
CA SER A 789 -27.34 -44.16 14.03
C SER A 789 -25.98 -44.04 13.34
N ASP A 790 -24.94 -44.54 13.98
CA ASP A 790 -23.60 -44.57 13.38
C ASP A 790 -23.68 -45.20 11.99
N TYR A 791 -24.30 -46.38 11.94
CA TYR A 791 -24.44 -47.15 10.71
C TYR A 791 -25.19 -46.40 9.63
N ASN A 792 -26.39 -45.92 9.96
CA ASN A 792 -27.26 -45.25 8.98
C ASN A 792 -26.51 -44.14 8.25
N VAL A 793 -25.66 -43.42 8.95
CA VAL A 793 -24.87 -42.37 8.33
C VAL A 793 -23.72 -42.94 7.51
N GLN A 794 -22.92 -43.81 8.12
CA GLN A 794 -21.77 -44.40 7.40
C GLN A 794 -22.24 -45.03 6.11
N THR A 795 -23.27 -45.88 6.22
CA THR A 795 -23.84 -46.59 5.05
C THR A 795 -24.34 -45.62 3.96
N SER A 796 -24.50 -44.35 4.29
CA SER A 796 -24.88 -43.32 3.33
C SER A 796 -23.70 -42.44 2.92
N GLN A 797 -22.48 -42.96 3.05
CA GLN A 797 -21.30 -42.17 2.75
C GLN A 797 -21.28 -41.70 1.29
N GLY A 798 -21.74 -42.57 0.38
CA GLY A 798 -21.76 -42.27 -1.04
C GLY A 798 -22.50 -40.99 -1.36
N ALA A 799 -23.74 -40.90 -0.86
CA ALA A 799 -24.61 -39.75 -1.12
C ALA A 799 -24.07 -38.45 -0.53
N ILE A 800 -23.37 -38.55 0.60
CA ILE A 800 -22.80 -37.38 1.26
C ILE A 800 -21.69 -36.84 0.38
N LEU A 801 -20.75 -37.72 0.04
CA LEU A 801 -19.61 -37.34 -0.81
C LEU A 801 -20.13 -36.80 -2.14
N GLN A 802 -21.12 -37.49 -2.71
CA GLN A 802 -21.81 -37.04 -3.92
C GLN A 802 -22.32 -35.61 -3.76
N ALA A 803 -23.02 -35.37 -2.65
CA ALA A 803 -23.58 -34.06 -2.34
C ALA A 803 -22.50 -32.98 -2.18
N LEU A 804 -21.41 -33.35 -1.48
CA LEU A 804 -20.30 -32.42 -1.29
C LEU A 804 -19.66 -32.01 -2.62
N ARG A 805 -19.52 -32.97 -3.53
CA ARG A 805 -19.02 -32.69 -4.89
C ARG A 805 -19.91 -31.67 -5.58
N THR A 806 -21.22 -31.89 -5.49
CA THR A 806 -22.22 -31.00 -6.10
C THR A 806 -22.16 -29.60 -5.50
N ALA A 807 -21.97 -29.54 -4.18
CA ALA A 807 -21.86 -28.27 -3.46
C ALA A 807 -20.62 -27.48 -3.90
N LEU A 808 -19.57 -28.20 -4.24
CA LEU A 808 -18.33 -27.59 -4.71
C LEU A 808 -18.54 -26.87 -6.05
N LYS A 809 -19.26 -27.52 -6.97
CA LYS A 809 -19.57 -26.96 -8.29
C LYS A 809 -20.71 -25.93 -8.30
N HIS A 810 -21.37 -25.72 -7.16
CA HIS A 810 -22.19 -24.50 -6.93
C HIS A 810 -21.33 -23.30 -7.37
N ARG A 811 -20.04 -23.35 -7.03
CA ARG A 811 -19.07 -22.30 -7.38
C ARG A 811 -17.69 -22.76 -6.91
N GLN B 19 -20.75 36.51 -36.46
CA GLN B 19 -21.11 36.23 -35.03
C GLN B 19 -22.34 37.04 -34.59
N GLY B 20 -22.28 38.37 -34.71
CA GLY B 20 -23.28 39.25 -34.15
C GLY B 20 -24.26 39.76 -35.19
N GLU B 21 -25.24 40.52 -34.73
CA GLU B 21 -26.26 41.10 -35.60
C GLU B 21 -26.84 42.32 -34.89
N ALA B 22 -26.89 43.45 -35.60
CA ALA B 22 -27.51 44.66 -35.09
C ALA B 22 -28.94 44.72 -35.62
N SER B 23 -29.90 44.86 -34.72
CA SER B 23 -31.30 45.03 -35.10
C SER B 23 -31.99 45.98 -34.15
N THR B 24 -32.87 46.81 -34.70
CA THR B 24 -33.61 47.78 -33.91
C THR B 24 -34.89 47.17 -33.37
N CYS B 25 -35.19 47.51 -32.12
CA CYS B 25 -36.41 47.08 -31.49
C CYS B 25 -37.55 47.99 -31.93
N TRP B 26 -38.77 47.45 -31.86
CA TRP B 26 -39.99 48.20 -32.12
C TRP B 26 -40.64 48.47 -30.77
N GLN B 27 -41.65 49.35 -30.76
CA GLN B 27 -42.43 49.55 -29.55
C GLN B 27 -43.85 49.04 -29.71
N LEU B 28 -44.16 47.95 -29.02
CA LEU B 28 -45.51 47.41 -28.99
C LEU B 28 -46.28 48.05 -27.85
N THR B 29 -47.48 48.52 -28.17
CA THR B 29 -48.39 49.12 -27.20
C THR B 29 -49.64 48.28 -27.29
N VAL B 30 -49.86 47.46 -26.28
CA VAL B 30 -51.05 46.61 -26.24
C VAL B 30 -52.01 47.31 -25.30
N ARG B 31 -53.29 47.29 -25.63
CA ARG B 31 -54.31 47.76 -24.70
C ARG B 31 -55.41 46.74 -24.47
N VAL B 32 -55.69 46.55 -23.19
CA VAL B 32 -56.68 45.62 -22.74
C VAL B 32 -57.98 46.41 -22.63
N LEU B 33 -59.00 45.99 -23.37
CA LEU B 33 -60.26 46.70 -23.43
C LEU B 33 -61.25 46.06 -22.47
N GLU B 34 -61.82 44.93 -22.88
CA GLU B 34 -62.85 44.26 -22.13
C GLU B 34 -62.78 42.73 -22.29
N ALA B 35 -63.36 42.03 -21.32
CA ALA B 35 -63.72 40.63 -21.50
C ALA B 35 -65.24 40.53 -21.44
N ARG B 36 -65.79 39.39 -21.86
CA ARG B 36 -67.27 39.26 -21.87
C ARG B 36 -68.15 38.21 -21.27
N ASN B 37 -67.66 37.10 -20.78
CA ASN B 37 -68.64 36.14 -20.31
C ASN B 37 -67.92 35.41 -19.21
N LEU B 38 -67.39 36.18 -18.26
CA LEU B 38 -66.47 35.60 -17.32
C LEU B 38 -67.17 34.73 -16.31
N ARG B 39 -66.78 33.45 -16.28
CA ARG B 39 -67.30 32.55 -15.28
C ARG B 39 -67.26 33.22 -13.91
N TRP B 40 -68.21 32.85 -13.07
CA TRP B 40 -68.32 33.42 -11.75
C TRP B 40 -67.40 32.69 -10.79
N ALA B 41 -67.37 33.15 -9.55
CA ALA B 41 -66.76 32.37 -8.51
C ALA B 41 -67.77 31.36 -8.03
N ASP B 42 -67.27 30.43 -7.25
CA ASP B 42 -68.12 29.47 -6.63
C ASP B 42 -69.01 30.23 -5.67
N LEU B 43 -70.06 29.56 -5.21
CA LEU B 43 -70.99 30.15 -4.24
C LEU B 43 -71.65 31.47 -4.73
N LEU B 44 -72.15 31.42 -5.97
CA LEU B 44 -72.99 32.46 -6.60
C LEU B 44 -72.44 33.86 -6.58
N SER B 45 -71.15 33.97 -6.32
CA SER B 45 -70.48 35.25 -6.24
C SER B 45 -70.01 35.54 -7.65
N GLU B 46 -70.21 36.77 -8.11
CA GLU B 46 -69.72 37.12 -9.42
C GLU B 46 -68.22 37.44 -9.33
N ALA B 47 -67.51 37.44 -10.47
CA ALA B 47 -66.02 37.49 -10.47
C ALA B 47 -65.36 38.89 -10.27
N ASP B 48 -64.25 38.94 -9.52
CA ASP B 48 -63.45 40.18 -9.30
C ASP B 48 -62.16 40.14 -10.14
N PRO B 49 -62.26 40.52 -11.43
CA PRO B 49 -61.23 40.09 -12.37
C PRO B 49 -60.12 41.09 -12.69
N TYR B 50 -59.00 40.55 -13.15
CA TYR B 50 -57.92 41.33 -13.76
C TYR B 50 -57.13 40.54 -14.79
N VAL B 51 -56.36 41.27 -15.59
CA VAL B 51 -55.55 40.70 -16.65
C VAL B 51 -54.07 40.80 -16.29
N ILE B 52 -53.27 39.90 -16.84
CA ILE B 52 -51.82 39.92 -16.68
C ILE B 52 -51.16 39.69 -18.02
N LEU B 53 -50.26 40.58 -18.39
CA LEU B 53 -49.48 40.42 -19.60
C LEU B 53 -48.07 39.96 -19.27
N GLN B 54 -47.62 38.90 -19.93
CA GLN B 54 -46.23 38.46 -19.84
C GLN B 54 -45.73 38.24 -21.24
N LEU B 55 -44.50 38.63 -21.49
CA LEU B 55 -43.87 38.38 -22.77
C LEU B 55 -42.83 37.29 -22.57
N SER B 56 -42.96 36.21 -23.35
CA SER B 56 -42.01 35.09 -23.30
C SER B 56 -40.55 35.55 -23.26
N THR B 57 -40.24 36.58 -24.03
CA THR B 57 -38.89 37.09 -24.14
C THR B 57 -38.63 38.28 -23.21
N ALA B 58 -39.23 38.26 -22.02
CA ALA B 58 -39.02 39.32 -21.03
C ALA B 58 -39.18 38.72 -19.63
N PRO B 59 -38.55 37.57 -19.40
CA PRO B 59 -38.92 36.55 -18.42
C PRO B 59 -39.39 37.01 -17.03
N GLY B 60 -38.77 38.04 -16.47
CA GLY B 60 -39.09 38.44 -15.09
C GLY B 60 -40.24 39.43 -14.91
N MET B 61 -40.73 39.96 -16.02
CA MET B 61 -41.59 41.13 -16.01
C MET B 61 -43.06 40.75 -16.15
N LYS B 62 -43.92 41.43 -15.41
CA LYS B 62 -45.37 41.28 -15.52
C LYS B 62 -45.99 42.66 -15.68
N PHE B 63 -47.14 42.70 -16.34
CA PHE B 63 -48.02 43.84 -16.25
C PHE B 63 -49.33 43.35 -15.68
N LYS B 64 -50.09 44.26 -15.09
CA LYS B 64 -51.25 43.86 -14.31
C LYS B 64 -52.26 45.00 -14.30
N THR B 65 -53.46 44.71 -14.79
CA THR B 65 -54.53 45.69 -14.85
C THR B 65 -55.17 45.85 -13.49
N LYS B 66 -55.89 46.96 -13.29
CA LYS B 66 -56.62 47.17 -12.06
C LYS B 66 -57.52 45.96 -11.88
N THR B 67 -57.86 45.68 -10.65
CA THR B 67 -58.72 44.55 -10.34
C THR B 67 -60.17 45.03 -10.08
N LEU B 68 -61.04 44.90 -11.09
CA LEU B 68 -62.44 45.33 -10.99
C LEU B 68 -63.20 44.39 -10.05
N THR B 69 -64.42 44.77 -9.65
CA THR B 69 -65.19 43.93 -8.70
C THR B 69 -66.55 43.46 -9.23
N ASP B 70 -66.73 42.15 -9.21
CA ASP B 70 -68.02 41.51 -9.43
C ASP B 70 -68.64 41.84 -10.80
N THR B 71 -67.90 41.51 -11.86
CA THR B 71 -68.37 41.70 -13.25
C THR B 71 -67.99 40.51 -14.12
N SER B 72 -68.95 40.00 -14.88
CA SER B 72 -68.67 38.95 -15.88
C SER B 72 -68.45 39.55 -17.27
N HIS B 73 -68.55 40.87 -17.36
CA HIS B 73 -68.23 41.64 -18.56
C HIS B 73 -67.42 42.85 -18.11
N PRO B 74 -66.15 42.65 -17.72
CA PRO B 74 -65.34 43.74 -17.18
C PRO B 74 -64.63 44.55 -18.26
N VAL B 75 -64.57 45.86 -18.07
CA VAL B 75 -63.92 46.80 -19.00
C VAL B 75 -62.82 47.56 -18.27
N TRP B 76 -61.56 47.21 -18.58
CA TRP B 76 -60.37 47.81 -17.96
C TRP B 76 -59.84 49.00 -18.69
N ASN B 77 -59.89 48.91 -20.03
CA ASN B 77 -59.29 49.91 -20.95
C ASN B 77 -58.00 50.57 -20.43
N GLU B 78 -57.00 49.73 -20.18
CA GLU B 78 -55.64 50.17 -19.88
C GLU B 78 -54.71 49.72 -21.02
N ALA B 79 -53.54 50.35 -21.09
CA ALA B 79 -52.60 50.09 -22.17
C ALA B 79 -51.17 50.02 -21.65
N PHE B 80 -50.42 49.04 -22.15
CA PHE B 80 -49.06 48.82 -21.69
C PHE B 80 -48.09 48.77 -22.87
N ARG B 81 -46.82 48.91 -22.55
CA ARG B 81 -45.74 49.10 -23.52
C ARG B 81 -44.62 48.10 -23.34
N PHE B 82 -44.13 47.57 -24.46
CA PHE B 82 -43.02 46.63 -24.47
C PHE B 82 -42.00 47.08 -25.48
N LEU B 83 -40.81 46.50 -25.39
CA LEU B 83 -39.85 46.55 -26.48
C LEU B 83 -39.72 45.16 -27.12
N ILE B 84 -40.03 45.11 -28.41
CA ILE B 84 -40.06 43.88 -29.15
C ILE B 84 -38.85 43.83 -30.04
N GLN B 85 -38.06 42.77 -29.94
CA GLN B 85 -36.95 42.55 -30.87
C GLN B 85 -37.47 41.69 -32.01
N SER B 86 -37.57 42.29 -33.19
CA SER B 86 -38.13 41.65 -34.37
C SER B 86 -37.49 40.32 -34.76
N GLN B 87 -36.19 40.19 -34.50
CA GLN B 87 -35.44 38.99 -34.91
C GLN B 87 -35.59 37.78 -33.97
N VAL B 88 -36.29 37.95 -32.85
CA VAL B 88 -36.52 36.88 -31.90
C VAL B 88 -37.99 36.48 -31.94
N LYS B 89 -38.34 35.26 -31.54
CA LYS B 89 -39.75 34.83 -31.51
C LYS B 89 -40.45 35.30 -30.23
N ASN B 90 -41.29 36.32 -30.37
CA ASN B 90 -41.99 36.94 -29.22
C ASN B 90 -43.44 36.46 -29.08
N VAL B 91 -43.76 35.88 -27.93
CA VAL B 91 -45.07 35.28 -27.66
C VAL B 91 -45.64 35.95 -26.45
N LEU B 92 -46.84 36.50 -26.58
CA LEU B 92 -47.45 37.25 -25.50
C LEU B 92 -48.54 36.42 -24.83
N GLU B 93 -48.36 36.17 -23.55
CA GLU B 93 -49.26 35.36 -22.77
C GLU B 93 -50.10 36.30 -21.91
N LEU B 94 -51.36 36.46 -22.30
CA LEU B 94 -52.25 37.33 -21.56
C LEU B 94 -53.39 36.51 -20.99
N SER B 95 -53.71 36.78 -19.74
CA SER B 95 -54.51 35.87 -18.94
C SER B 95 -55.31 36.64 -17.89
N ILE B 96 -56.58 36.26 -17.74
CA ILE B 96 -57.49 36.90 -16.79
C ILE B 96 -57.61 36.06 -15.52
N TYR B 97 -57.55 36.71 -14.35
CA TYR B 97 -57.68 36.01 -13.07
C TYR B 97 -58.87 36.54 -12.26
N ASP B 98 -59.38 35.70 -11.37
CA ASP B 98 -60.39 36.09 -10.39
C ASP B 98 -59.67 36.32 -9.04
N GLU B 99 -59.74 37.55 -8.52
CA GLU B 99 -59.06 37.88 -7.26
C GLU B 99 -59.76 37.31 -6.03
N ASP B 100 -58.98 36.59 -5.23
CA ASP B 100 -59.42 35.95 -4.01
C ASP B 100 -58.51 36.52 -2.92
N SER B 101 -59.00 37.37 -2.02
CA SER B 101 -58.11 37.96 -0.96
C SER B 101 -57.62 36.95 0.08
N VAL B 102 -58.29 35.79 0.18
CA VAL B 102 -57.90 34.72 1.12
C VAL B 102 -56.86 33.71 0.56
N THR B 103 -56.91 33.43 -0.75
CA THR B 103 -56.11 32.36 -1.39
C THR B 103 -55.27 32.92 -2.54
N GLU B 104 -54.57 32.04 -3.26
CA GLU B 104 -54.05 32.38 -4.58
C GLU B 104 -55.21 32.57 -5.56
N ASP B 105 -54.99 33.36 -6.61
CA ASP B 105 -56.04 33.75 -7.54
C ASP B 105 -56.25 32.71 -8.63
N ASP B 106 -57.50 32.31 -8.83
CA ASP B 106 -57.83 31.28 -9.82
C ASP B 106 -57.91 31.87 -11.22
N ILE B 107 -57.11 31.33 -12.13
CA ILE B 107 -57.16 31.71 -13.55
C ILE B 107 -58.44 31.22 -14.22
N CYS B 108 -58.97 32.01 -15.13
CA CYS B 108 -60.15 31.61 -15.91
C CYS B 108 -59.94 31.68 -17.42
N PHE B 109 -59.10 32.59 -17.87
CA PHE B 109 -58.86 32.74 -19.29
C PHE B 109 -57.36 32.92 -19.55
N LYS B 110 -56.82 32.19 -20.51
CA LYS B 110 -55.41 32.30 -20.86
C LYS B 110 -55.25 32.12 -22.35
N VAL B 111 -54.42 32.94 -22.96
CA VAL B 111 -54.17 32.76 -24.38
C VAL B 111 -52.76 33.27 -24.77
N LEU B 112 -52.00 32.43 -25.46
CA LEU B 112 -50.70 32.80 -25.99
C LEU B 112 -50.89 33.38 -27.38
N TYR B 113 -50.22 34.48 -27.69
CA TYR B 113 -50.40 35.12 -28.99
C TYR B 113 -49.06 35.49 -29.61
N ASP B 114 -48.71 34.85 -30.73
CA ASP B 114 -47.49 35.20 -31.44
C ASP B 114 -47.69 36.54 -32.12
N ILE B 115 -46.81 37.48 -31.81
CA ILE B 115 -46.93 38.85 -32.29
C ILE B 115 -46.08 39.10 -33.54
N SER B 116 -45.82 38.05 -34.30
CA SER B 116 -45.31 38.19 -35.66
C SER B 116 -46.41 38.82 -36.48
N GLU B 117 -47.61 38.23 -36.39
CA GLU B 117 -48.79 38.74 -37.09
C GLU B 117 -48.83 40.25 -37.09
N VAL B 118 -48.77 40.85 -35.90
CA VAL B 118 -48.95 42.31 -35.78
C VAL B 118 -47.90 43.11 -36.56
N LEU B 119 -48.38 43.87 -37.55
CA LEU B 119 -47.53 44.67 -38.45
C LEU B 119 -47.47 46.12 -37.96
N PRO B 120 -46.34 46.82 -38.22
CA PRO B 120 -46.08 48.15 -37.63
C PRO B 120 -46.86 49.28 -38.32
N GLY B 121 -47.32 50.26 -37.55
CA GLY B 121 -48.15 51.34 -38.08
C GLY B 121 -49.61 50.93 -38.17
N LYS B 122 -49.87 49.76 -38.76
CA LYS B 122 -51.18 49.10 -38.72
C LYS B 122 -51.62 48.79 -37.29
N LEU B 123 -52.74 49.36 -36.90
CA LEU B 123 -53.36 49.11 -35.60
C LEU B 123 -54.23 47.85 -35.75
N LEU B 124 -54.00 46.85 -34.88
CA LEU B 124 -54.80 45.61 -34.92
C LEU B 124 -55.79 45.59 -33.74
N ARG B 125 -57.00 45.08 -33.99
CA ARG B 125 -57.93 44.74 -32.93
C ARG B 125 -58.13 43.24 -33.00
N LYS B 126 -57.94 42.55 -31.88
CA LYS B 126 -58.16 41.11 -31.81
C LYS B 126 -59.22 40.81 -30.77
N THR B 127 -59.82 39.63 -30.92
CA THR B 127 -60.67 39.03 -29.92
C THR B 127 -60.22 37.59 -29.75
N PHE B 128 -60.08 37.14 -28.51
CA PHE B 128 -59.60 35.80 -28.27
C PHE B 128 -60.69 34.96 -27.64
N SER B 129 -60.59 33.64 -27.77
CA SER B 129 -61.52 32.74 -27.10
C SER B 129 -60.96 31.31 -26.89
N GLN B 130 -61.28 30.74 -25.73
CA GLN B 130 -60.87 29.39 -25.31
C GLN B 130 -61.21 29.15 -23.82
N GLU B 135 -67.10 30.57 -25.23
CA GLU B 135 -67.82 31.39 -24.26
C GLU B 135 -67.09 32.68 -23.94
N GLU B 136 -66.05 32.59 -23.11
CA GLU B 136 -65.31 33.77 -22.64
C GLU B 136 -64.56 34.44 -23.77
N GLU B 137 -64.67 35.77 -23.86
CA GLU B 137 -64.04 36.52 -24.94
C GLU B 137 -63.31 37.74 -24.41
N LEU B 138 -62.13 38.01 -24.97
CA LEU B 138 -61.29 39.14 -24.53
C LEU B 138 -60.78 39.97 -25.71
N ASP B 139 -60.99 41.29 -25.60
CA ASP B 139 -60.74 42.25 -26.68
C ASP B 139 -59.48 43.07 -26.39
N VAL B 140 -58.55 43.06 -27.34
CA VAL B 140 -57.23 43.69 -27.19
C VAL B 140 -56.90 44.48 -28.44
N GLU B 141 -56.23 45.62 -28.26
CA GLU B 141 -55.74 46.46 -29.35
C GLU B 141 -54.22 46.66 -29.29
N PHE B 142 -53.51 46.17 -30.31
CA PHE B 142 -52.06 46.34 -30.43
C PHE B 142 -51.67 47.43 -31.42
N LEU B 143 -50.55 48.11 -31.16
CA LEU B 143 -49.94 49.01 -32.12
C LEU B 143 -48.39 48.99 -32.08
N MET B 144 -47.79 48.47 -33.16
CA MET B 144 -46.33 48.40 -33.30
C MET B 144 -45.80 49.68 -33.95
N GLU B 145 -45.04 50.44 -33.17
CA GLU B 145 -44.51 51.74 -33.61
C GLU B 145 -43.00 51.68 -33.72
N GLU B 146 -42.47 52.25 -34.80
CA GLU B 146 -41.02 52.44 -34.95
C GLU B 146 -40.46 53.21 -33.77
N THR B 147 -39.14 53.18 -33.64
CA THR B 147 -38.51 53.96 -32.60
C THR B 147 -37.08 54.30 -32.98
N SER B 148 -36.61 55.42 -32.46
CA SER B 148 -35.25 55.89 -32.68
C SER B 148 -34.39 55.63 -31.46
N ASP B 149 -34.27 54.36 -31.08
CA ASP B 149 -33.22 53.92 -30.18
C ASP B 149 -32.17 53.30 -31.08
N ARG B 150 -30.95 53.18 -30.57
CA ARG B 150 -29.90 52.49 -31.30
C ARG B 150 -30.28 51.03 -31.44
N PRO B 151 -29.76 50.34 -32.49
CA PRO B 151 -30.04 48.92 -32.61
C PRO B 151 -29.41 48.07 -31.49
N GLU B 152 -30.11 47.01 -31.11
CA GLU B 152 -29.65 46.05 -30.09
C GLU B 152 -28.56 45.22 -30.73
N ASN B 153 -27.57 44.84 -29.93
CA ASN B 153 -26.45 44.03 -30.42
C ASN B 153 -26.60 42.59 -30.01
N LEU B 154 -27.12 41.79 -30.94
CA LEU B 154 -27.38 40.37 -30.73
C LEU B 154 -26.15 39.53 -31.09
N ILE B 155 -26.13 38.30 -30.57
CA ILE B 155 -25.17 37.29 -30.99
C ILE B 155 -26.01 36.10 -31.35
N THR B 156 -26.11 35.82 -32.64
CA THR B 156 -27.06 34.82 -33.10
C THR B 156 -26.42 33.72 -33.90
N ASN B 157 -27.15 32.63 -33.90
CA ASN B 157 -26.77 31.38 -34.47
C ASN B 157 -27.72 31.08 -35.63
N LYS B 158 -28.58 32.06 -35.94
CA LYS B 158 -29.74 31.92 -36.81
C LYS B 158 -30.83 30.95 -36.31
N VAL B 159 -30.65 30.39 -35.12
CA VAL B 159 -31.71 29.60 -34.44
C VAL B 159 -31.70 29.86 -32.93
N ILE B 160 -30.52 30.07 -32.34
CA ILE B 160 -30.44 30.70 -31.03
C ILE B 160 -30.01 32.17 -31.15
N VAL B 161 -30.52 32.98 -30.23
CA VAL B 161 -30.15 34.38 -30.13
C VAL B 161 -29.81 34.67 -28.69
N ALA B 162 -28.66 35.30 -28.50
CA ALA B 162 -28.32 35.90 -27.26
C ALA B 162 -28.68 37.39 -27.36
N ARG B 163 -29.73 37.79 -26.64
CA ARG B 163 -30.09 39.20 -26.50
C ARG B 163 -28.95 40.00 -25.89
N GLU B 164 -28.87 41.28 -26.23
CA GLU B 164 -27.86 42.17 -25.67
C GLU B 164 -28.03 42.27 -24.16
N LEU B 165 -26.92 42.21 -23.44
CA LEU B 165 -26.92 42.36 -22.00
C LEU B 165 -26.44 43.72 -21.54
N SER B 166 -26.60 43.93 -20.23
CA SER B 166 -26.03 45.08 -19.55
C SER B 166 -25.94 44.74 -18.06
N CYS B 167 -25.12 45.52 -17.36
CA CYS B 167 -24.64 45.15 -16.04
C CYS B 167 -24.68 46.37 -15.14
N LEU B 168 -25.15 46.17 -13.91
CA LEU B 168 -25.38 47.27 -12.99
C LEU B 168 -24.42 47.12 -11.80
N ASP B 169 -23.29 47.86 -11.85
CA ASP B 169 -22.33 47.91 -10.75
C ASP B 169 -23.01 48.79 -9.70
N VAL B 170 -23.02 48.32 -8.45
CA VAL B 170 -23.61 49.07 -7.34
C VAL B 170 -22.63 49.10 -6.20
N HIS B 171 -22.14 50.29 -5.85
CA HIS B 171 -21.12 50.44 -4.81
C HIS B 171 -21.72 51.05 -3.55
N LEU B 172 -21.14 50.74 -2.39
CA LEU B 172 -21.83 50.87 -1.11
C LEU B 172 -21.69 52.19 -0.38
N ASP B 173 -20.59 52.93 -0.57
CA ASP B 173 -20.50 54.30 0.01
C ASP B 173 -19.50 55.22 -0.70
N GLU B 188 -28.50 44.56 5.90
CA GLU B 188 -29.94 44.69 5.74
C GLU B 188 -30.29 45.70 4.63
N LEU B 189 -29.66 45.51 3.47
CA LEU B 189 -29.96 46.28 2.27
C LEU B 189 -30.59 45.31 1.31
N GLU B 190 -31.70 45.69 0.69
CA GLU B 190 -32.34 44.82 -0.29
C GLU B 190 -32.44 45.53 -1.63
N LEU B 191 -31.57 45.13 -2.57
CA LEU B 191 -31.64 45.64 -3.92
C LEU B 191 -32.46 44.66 -4.76
N VAL B 192 -33.41 45.20 -5.53
CA VAL B 192 -34.29 44.40 -6.39
C VAL B 192 -34.30 44.94 -7.81
N LEU B 193 -34.07 44.07 -8.79
CA LEU B 193 -34.10 44.49 -10.18
C LEU B 193 -34.84 43.45 -11.01
N LYS B 194 -36.11 43.71 -11.27
CA LYS B 194 -36.95 42.73 -11.97
C LYS B 194 -36.53 42.59 -13.42
N GLY B 195 -36.33 41.35 -13.84
CA GLY B 195 -35.83 41.01 -15.18
C GLY B 195 -34.37 40.55 -15.24
N SER B 196 -33.74 40.45 -14.08
CA SER B 196 -32.32 40.22 -13.96
C SER B 196 -32.04 38.84 -13.42
N TYR B 197 -31.00 38.20 -13.93
CA TYR B 197 -30.65 36.83 -13.53
C TYR B 197 -30.64 36.68 -12.00
N GLU B 198 -30.02 37.64 -11.32
CA GLU B 198 -30.07 37.73 -9.87
C GLU B 198 -31.29 38.58 -9.62
N ASP B 199 -32.38 38.01 -9.11
CA ASP B 199 -33.64 38.78 -9.05
C ASP B 199 -33.51 39.91 -8.05
N THR B 200 -33.12 39.54 -6.84
CA THR B 200 -33.01 40.46 -5.74
C THR B 200 -31.79 40.08 -4.95
N GLN B 201 -30.94 41.06 -4.62
CA GLN B 201 -29.76 40.80 -3.82
C GLN B 201 -29.92 41.48 -2.46
N THR B 202 -29.59 40.74 -1.40
CA THR B 202 -29.78 41.19 -0.04
C THR B 202 -28.48 40.99 0.76
N SER B 203 -27.86 42.11 1.12
CA SER B 203 -26.58 42.13 1.84
C SER B 203 -26.64 42.94 3.16
N PHE B 204 -25.54 42.90 3.92
CA PHE B 204 -25.35 43.74 5.12
C PHE B 204 -24.23 44.75 4.90
N GLY B 206 -21.80 46.71 5.99
CA GLY B 206 -21.81 48.16 5.86
C GLY B 206 -20.41 48.73 5.82
N THR B 207 -19.53 48.13 5.01
CA THR B 207 -18.14 48.58 4.85
C THR B 207 -17.60 48.25 3.47
N ALA B 208 -17.93 49.11 2.49
CA ALA B 208 -17.38 49.04 1.13
C ALA B 208 -17.81 47.79 0.30
N SER B 209 -19.09 47.40 0.38
CA SER B 209 -19.66 46.29 -0.43
C SER B 209 -19.96 46.69 -1.86
N ALA B 210 -20.28 45.69 -2.69
CA ALA B 210 -20.68 45.94 -4.07
C ALA B 210 -21.55 44.81 -4.62
N PHE B 211 -22.18 45.07 -5.76
CA PHE B 211 -23.10 44.12 -6.39
C PHE B 211 -23.15 44.34 -7.89
N ARG B 212 -23.30 43.24 -8.62
CA ARG B 212 -23.54 43.28 -10.06
C ARG B 212 -24.91 42.68 -10.34
N PHE B 213 -25.63 43.30 -11.26
CA PHE B 213 -26.85 42.70 -11.81
C PHE B 213 -26.68 42.56 -13.30
N HIS B 214 -27.17 41.45 -13.85
CA HIS B 214 -27.17 41.21 -15.29
C HIS B 214 -28.61 41.20 -15.74
N TYR B 215 -28.87 41.82 -16.88
CA TYR B 215 -30.23 41.92 -17.39
C TYR B 215 -30.17 42.35 -18.85
N MET B 216 -31.24 42.15 -19.59
CA MET B 216 -31.25 42.58 -20.99
C MET B 216 -31.20 44.09 -21.11
N ALA B 217 -30.62 44.58 -22.20
CA ALA B 217 -30.59 46.02 -22.47
C ALA B 217 -31.98 46.50 -22.85
N ALA B 218 -32.70 45.69 -23.63
CA ALA B 218 -34.05 46.03 -24.10
C ALA B 218 -35.14 46.09 -23.01
N LEU B 219 -34.85 45.62 -21.79
CA LEU B 219 -35.80 45.78 -20.71
C LEU B 219 -35.96 47.23 -20.24
N GLU B 220 -37.21 47.67 -20.15
CA GLU B 220 -37.57 48.90 -19.45
C GLU B 220 -37.83 48.46 -18.02
N THR B 221 -36.91 48.75 -17.11
CA THR B 221 -37.07 48.29 -15.72
C THR B 221 -36.46 49.29 -14.72
N GLU B 222 -36.35 48.89 -13.46
CA GLU B 222 -36.03 49.81 -12.37
C GLU B 222 -35.22 49.10 -11.34
N LEU B 223 -34.21 49.77 -10.79
CA LEU B 223 -33.57 49.26 -9.58
C LEU B 223 -34.30 49.81 -8.35
N SER B 224 -34.60 48.95 -7.39
CA SER B 224 -35.31 49.36 -6.17
C SER B 224 -34.53 49.01 -4.91
N GLY B 225 -34.32 50.00 -4.04
CA GLY B 225 -33.53 49.84 -2.82
C GLY B 225 -34.29 50.12 -1.54
N ARG B 226 -33.90 49.42 -0.46
CA ARG B 226 -34.58 49.52 0.83
C ARG B 226 -33.75 49.00 2.00
N LEU B 227 -34.00 49.56 3.20
CA LEU B 227 -33.33 49.14 4.46
C LEU B 227 -34.31 48.55 5.48
N TYR B 243 -38.98 52.29 -0.11
CA TYR B 243 -38.68 51.75 -1.42
C TYR B 243 -38.34 52.80 -2.50
N LEU B 244 -37.13 53.35 -2.46
CA LEU B 244 -36.69 54.27 -3.52
C LEU B 244 -36.28 53.49 -4.74
N THR B 245 -36.55 54.06 -5.91
CA THR B 245 -36.27 53.35 -7.17
C THR B 245 -35.71 54.28 -8.26
N VAL B 246 -34.86 53.71 -9.10
CA VAL B 246 -34.25 54.42 -10.21
C VAL B 246 -34.69 53.73 -11.50
N PRO B 247 -35.23 54.50 -12.46
CA PRO B 247 -35.60 53.88 -13.72
C PRO B 247 -34.38 53.42 -14.51
N LEU B 248 -34.56 52.40 -15.34
CA LEU B 248 -33.54 51.94 -16.28
C LEU B 248 -34.15 51.89 -17.68
N ARG B 249 -34.01 52.97 -18.43
CA ARG B 249 -34.56 53.03 -19.78
C ARG B 249 -33.76 52.07 -20.66
N PRO B 250 -34.38 51.54 -21.72
CA PRO B 250 -33.69 50.55 -22.55
C PRO B 250 -32.77 51.17 -23.58
N LEU B 251 -31.67 50.46 -23.88
CA LEU B 251 -30.75 50.77 -24.99
C LEU B 251 -30.06 52.14 -24.92
N THR B 252 -29.88 52.67 -23.73
CA THR B 252 -29.19 53.96 -23.59
C THR B 252 -27.83 53.77 -22.98
N ILE B 253 -27.01 54.80 -23.11
CA ILE B 253 -25.71 54.84 -22.47
C ILE B 253 -26.00 55.20 -21.02
N GLY B 254 -25.53 54.37 -20.11
CA GLY B 254 -25.81 54.54 -18.68
C GLY B 254 -24.95 55.65 -18.10
N LYS B 255 -25.50 56.38 -17.14
CA LYS B 255 -24.76 57.42 -16.44
C LYS B 255 -24.40 56.93 -15.05
N GLU B 256 -23.53 57.66 -14.37
CA GLU B 256 -23.28 57.46 -12.96
C GLU B 256 -24.51 58.01 -12.23
N VAL B 257 -24.90 57.39 -11.12
CA VAL B 257 -26.05 57.86 -10.34
C VAL B 257 -25.82 57.57 -8.87
N THR B 258 -26.08 58.57 -8.03
CA THR B 258 -26.02 58.39 -6.58
C THR B 258 -27.44 58.33 -6.02
N MET B 259 -27.69 57.42 -5.09
CA MET B 259 -28.91 57.50 -4.30
C MET B 259 -28.62 57.30 -2.83
N ASP B 260 -29.12 58.22 -2.00
CA ASP B 260 -29.14 58.02 -0.56
C ASP B 260 -30.38 57.19 -0.23
N VAL B 261 -30.17 56.11 0.53
CA VAL B 261 -31.25 55.22 0.90
C VAL B 261 -31.52 55.40 2.39
N PRO B 262 -32.78 55.73 2.73
CA PRO B 262 -33.13 56.01 4.12
C PRO B 262 -33.26 54.74 4.98
N ALA B 263 -32.59 54.76 6.13
CA ALA B 263 -32.86 53.81 7.22
C ALA B 263 -34.10 54.35 7.95
N PRO B 264 -34.68 53.59 8.92
CA PRO B 264 -35.68 54.27 9.76
C PRO B 264 -35.06 55.48 10.50
N ASN B 265 -33.87 55.29 11.05
CA ASN B 265 -33.07 56.40 11.63
C ASN B 265 -31.59 56.19 11.39
N GLY B 268 -28.54 57.53 7.00
CA GLY B 268 -28.78 56.91 5.69
C GLY B 268 -27.53 56.39 5.01
N VAL B 269 -27.72 55.42 4.11
CA VAL B 269 -26.65 54.82 3.30
C VAL B 269 -26.63 55.48 1.91
N ARG B 270 -25.44 55.52 1.30
CA ARG B 270 -25.21 56.09 -0.04
C ARG B 270 -24.99 54.93 -1.02
N LEU B 271 -25.26 55.13 -2.32
CA LEU B 271 -24.95 54.09 -3.33
C LEU B 271 -24.57 54.70 -4.67
N GLN B 272 -23.47 54.25 -5.26
CA GLN B 272 -23.10 54.65 -6.62
C GLN B 272 -23.59 53.58 -7.59
N LEU B 273 -24.24 54.02 -8.67
CA LEU B 273 -24.77 53.13 -9.69
C LEU B 273 -24.22 53.51 -11.06
N LYS B 274 -23.68 52.54 -11.80
CA LYS B 274 -23.42 52.70 -13.24
C LYS B 274 -23.97 51.51 -13.96
N ALA B 275 -24.50 51.78 -15.14
CA ALA B 275 -24.96 50.74 -16.04
C ALA B 275 -23.97 50.69 -17.21
N GLU B 276 -23.55 49.49 -17.57
CA GLU B 276 -22.53 49.29 -18.59
C GLU B 276 -22.86 48.08 -19.42
N GLY B 277 -22.10 47.86 -20.50
CA GLY B 277 -22.08 46.57 -21.17
C GLY B 277 -21.51 45.53 -20.20
N CYS B 278 -21.77 44.25 -20.45
CA CYS B 278 -21.29 43.23 -19.54
C CYS B 278 -19.78 42.98 -19.75
N PRO B 279 -19.08 42.50 -18.71
CA PRO B 279 -17.65 42.16 -18.79
C PRO B 279 -17.33 40.78 -19.36
N GLU B 280 -18.27 39.83 -19.28
CA GLU B 280 -17.99 38.41 -19.52
C GLU B 280 -18.15 38.02 -20.98
N GLU B 281 -17.22 37.20 -21.47
CA GLU B 281 -17.26 36.73 -22.85
C GLU B 281 -18.15 35.51 -22.90
N LEU B 282 -18.72 35.22 -24.07
CA LEU B 282 -19.66 34.10 -24.19
C LEU B 282 -19.00 32.76 -23.90
N ALA B 283 -19.41 32.12 -22.82
CA ALA B 283 -18.92 30.79 -22.47
C ALA B 283 -19.52 29.70 -23.36
N VAL B 284 -20.79 29.86 -23.74
CA VAL B 284 -21.46 28.93 -24.66
C VAL B 284 -21.13 29.26 -26.11
N HIS B 285 -20.81 28.24 -26.89
CA HIS B 285 -20.45 28.45 -28.29
C HIS B 285 -21.63 28.15 -29.16
N LEU B 286 -22.03 29.15 -29.93
CA LEU B 286 -23.17 29.04 -30.83
C LEU B 286 -22.67 28.82 -32.23
N GLY B 287 -22.98 27.66 -32.78
CA GLY B 287 -22.53 27.34 -34.11
C GLY B 287 -22.99 25.98 -34.57
N PHE B 288 -23.01 25.80 -35.88
CA PHE B 288 -23.25 24.49 -36.47
C PHE B 288 -21.99 24.00 -37.18
N ASN B 289 -20.85 24.21 -36.54
CA ASN B 289 -19.60 23.68 -37.00
C ASN B 289 -18.90 22.93 -35.88
N LEU B 290 -18.00 22.05 -36.24
CA LEU B 290 -17.27 21.27 -35.26
C LEU B 290 -16.29 22.18 -34.54
N CYS B 291 -16.05 21.92 -33.25
CA CYS B 291 -15.12 22.73 -32.47
C CYS B 291 -13.68 22.48 -32.90
N ALA B 292 -12.78 23.35 -32.45
CA ALA B 292 -11.39 23.27 -32.83
C ALA B 292 -10.78 21.94 -32.40
N GLU B 293 -11.04 21.54 -31.16
CA GLU B 293 -10.43 20.32 -30.61
C GLU B 293 -10.81 19.09 -31.42
N GLU B 294 -12.08 19.00 -31.78
CA GLU B 294 -12.55 17.93 -32.64
C GLU B 294 -11.85 17.98 -33.99
N GLN B 295 -11.73 19.19 -34.54
CA GLN B 295 -11.05 19.35 -35.81
C GLN B 295 -9.60 18.90 -35.72
N ALA B 296 -8.90 19.37 -34.68
CA ALA B 296 -7.53 18.94 -34.41
C ALA B 296 -7.44 17.43 -34.32
N PHE B 297 -8.35 16.84 -33.54
CA PHE B 297 -8.41 15.39 -33.37
C PHE B 297 -8.65 14.62 -34.65
N LEU B 298 -9.43 15.18 -35.56
CA LEU B 298 -9.71 14.49 -36.82
C LEU B 298 -8.43 14.22 -37.58
N SER B 299 -7.53 15.21 -37.62
CA SER B 299 -6.24 15.02 -38.25
C SER B 299 -5.42 13.97 -37.52
N ARG B 300 -5.21 14.21 -36.22
CA ARG B 300 -4.54 13.24 -35.34
C ARG B 300 -5.02 11.81 -35.52
N ARG B 301 -6.32 11.63 -35.67
CA ARG B 301 -6.91 10.31 -35.83
C ARG B 301 -6.75 9.81 -37.26
N LYS B 302 -7.06 10.67 -38.23
CA LYS B 302 -7.08 10.25 -39.64
C LYS B 302 -5.81 9.55 -40.12
N GLN B 303 -4.65 9.95 -39.58
CA GLN B 303 -3.38 9.31 -39.96
C GLN B 303 -3.30 7.87 -39.44
N VAL B 304 -3.64 7.65 -38.17
CA VAL B 304 -3.59 6.29 -37.60
C VAL B 304 -4.59 5.38 -38.33
N VAL B 305 -5.64 5.97 -38.87
CA VAL B 305 -6.59 5.24 -39.71
C VAL B 305 -5.95 4.83 -41.04
N ALA B 306 -5.25 5.74 -41.71
CA ALA B 306 -4.57 5.41 -42.96
C ALA B 306 -3.47 4.35 -42.74
N LYS B 307 -2.71 4.55 -41.66
CA LYS B 307 -1.72 3.57 -41.21
C LYS B 307 -2.36 2.21 -40.89
N ALA B 308 -3.57 2.19 -40.34
CA ALA B 308 -4.25 0.92 -40.01
C ALA B 308 -5.03 0.33 -41.19
N LEU B 309 -5.47 1.19 -42.13
CA LEU B 309 -6.17 0.74 -43.34
C LEU B 309 -5.23 0.02 -44.28
N LYS B 310 -4.03 0.58 -44.42
CA LYS B 310 -3.04 0.04 -45.33
C LYS B 310 -2.76 -1.46 -45.11
N GLN B 311 -2.73 -1.92 -43.85
CA GLN B 311 -2.44 -3.33 -43.54
C GLN B 311 -3.69 -4.16 -43.74
N ALA B 312 -4.82 -3.61 -43.29
CA ALA B 312 -6.11 -4.28 -43.41
C ALA B 312 -6.57 -4.44 -44.86
N LEU B 313 -6.26 -3.44 -45.69
CA LEU B 313 -6.61 -3.46 -47.12
C LEU B 313 -5.41 -3.74 -48.03
N GLN B 314 -4.27 -4.12 -47.44
CA GLN B 314 -3.02 -4.38 -48.19
C GLN B 314 -2.89 -3.39 -49.35
N LEU B 315 -2.60 -2.14 -49.03
CA LEU B 315 -2.74 -1.07 -50.01
C LEU B 315 -1.46 -0.71 -50.73
N ASP B 316 -1.64 -0.21 -51.96
CA ASP B 316 -0.56 0.18 -52.87
C ASP B 316 0.41 1.17 -52.22
N ARG B 317 -0.15 2.23 -51.65
CA ARG B 317 0.63 3.39 -51.24
C ARG B 317 0.13 3.91 -49.91
N ASP B 318 0.66 5.05 -49.49
CA ASP B 318 0.12 5.79 -48.36
C ASP B 318 -1.01 6.70 -48.84
N LEU B 319 -1.92 7.02 -47.92
CA LEU B 319 -3.08 7.86 -48.20
C LEU B 319 -2.84 9.27 -47.71
N GLN B 320 -3.33 10.24 -48.47
CA GLN B 320 -3.33 11.63 -48.05
C GLN B 320 -4.52 11.79 -47.09
N GLU B 321 -4.43 12.74 -46.16
CA GLU B 321 -5.49 12.96 -45.16
C GLU B 321 -6.87 13.19 -45.79
N ASP B 322 -6.90 13.93 -46.89
CA ASP B 322 -8.16 14.26 -47.58
C ASP B 322 -8.88 13.07 -48.18
N GLU B 323 -8.19 11.95 -48.34
CA GLU B 323 -8.77 10.74 -48.95
C GLU B 323 -9.20 9.71 -47.89
N VAL B 324 -8.81 9.92 -46.63
CA VAL B 324 -9.09 8.97 -45.55
C VAL B 324 -10.58 8.96 -45.26
N PRO B 325 -11.22 7.79 -45.37
CA PRO B 325 -12.67 7.70 -45.13
C PRO B 325 -13.03 7.76 -43.64
N VAL B 326 -14.16 8.40 -43.36
CA VAL B 326 -14.64 8.59 -41.99
C VAL B 326 -15.65 7.49 -41.64
N VAL B 327 -15.24 6.63 -40.71
CA VAL B 327 -16.00 5.44 -40.33
C VAL B 327 -16.51 5.62 -38.91
N GLY B 328 -17.76 5.26 -38.68
CA GLY B 328 -18.34 5.41 -37.36
C GLY B 328 -18.91 4.13 -36.81
N ILE B 329 -18.82 3.96 -35.50
CA ILE B 329 -19.61 2.96 -34.77
C ILE B 329 -20.86 3.64 -34.23
N MET B 330 -22.01 2.97 -34.41
CA MET B 330 -23.29 3.53 -34.04
C MET B 330 -24.11 2.51 -33.27
N ALA B 331 -23.97 2.55 -31.96
CA ALA B 331 -24.65 1.61 -31.07
C ALA B 331 -25.98 2.16 -30.53
N THR B 332 -26.94 1.26 -30.38
CA THR B 332 -28.23 1.55 -29.75
C THR B 332 -28.13 1.25 -28.26
N GLY B 333 -29.21 1.42 -27.54
CA GLY B 333 -29.21 1.12 -26.13
C GLY B 333 -29.53 -0.34 -25.91
N GLY B 334 -29.89 -0.66 -24.67
CA GLY B 334 -30.36 -1.98 -24.29
C GLY B 334 -29.75 -2.54 -23.02
N GLY B 335 -29.62 -1.69 -22.01
CA GLY B 335 -29.12 -2.10 -20.71
C GLY B 335 -27.87 -2.97 -20.72
N ALA B 336 -27.86 -3.95 -19.85
CA ALA B 336 -26.73 -4.84 -19.70
C ALA B 336 -26.47 -5.62 -20.99
N ARG B 337 -27.55 -6.04 -21.65
CA ARG B 337 -27.46 -6.73 -22.94
C ARG B 337 -26.68 -5.92 -23.97
N ALA B 338 -27.01 -4.63 -24.09
CA ALA B 338 -26.30 -3.76 -25.02
C ALA B 338 -24.82 -3.66 -24.67
N MET B 339 -24.53 -3.55 -23.37
CA MET B 339 -23.17 -3.37 -22.89
C MET B 339 -22.27 -4.51 -23.27
N THR B 340 -22.70 -5.73 -22.97
CA THR B 340 -21.84 -6.90 -23.16
C THR B 340 -21.71 -7.28 -24.63
N SER B 341 -22.80 -7.22 -25.38
CA SER B 341 -22.73 -7.46 -26.81
C SER B 341 -21.76 -6.47 -27.48
N LEU B 342 -21.78 -5.22 -27.02
CA LEU B 342 -20.89 -4.18 -27.56
C LEU B 342 -19.40 -4.50 -27.37
N TYR B 343 -19.04 -4.84 -26.13
CA TYR B 343 -17.70 -5.39 -25.82
C TYR B 343 -17.29 -6.43 -26.84
N GLY B 344 -18.21 -7.35 -27.12
CA GLY B 344 -18.01 -8.41 -28.09
C GLY B 344 -17.80 -7.88 -29.50
N HIS B 345 -18.61 -6.90 -29.92
CA HIS B 345 -18.46 -6.33 -31.24
C HIS B 345 -17.13 -5.62 -31.36
N LEU B 346 -16.74 -4.92 -30.30
CA LEU B 346 -15.45 -4.23 -30.28
C LEU B 346 -14.30 -5.24 -30.34
N LEU B 347 -14.43 -6.31 -29.57
CA LEU B 347 -13.43 -7.39 -29.57
C LEU B 347 -13.17 -7.86 -30.98
N ALA B 348 -14.25 -8.16 -31.71
CA ALA B 348 -14.16 -8.58 -33.11
C ALA B 348 -13.41 -7.57 -33.93
N LEU B 349 -13.81 -6.31 -33.83
CA LEU B 349 -13.16 -5.27 -34.59
C LEU B 349 -11.66 -5.13 -34.27
N GLN B 350 -11.28 -5.32 -33.00
CA GLN B 350 -9.88 -5.26 -32.59
C GLN B 350 -9.09 -6.39 -33.28
N LYS B 351 -9.55 -7.63 -33.07
CA LYS B 351 -8.95 -8.82 -33.67
C LYS B 351 -8.76 -8.69 -35.19
N LEU B 352 -9.76 -8.18 -35.90
CA LEU B 352 -9.66 -8.03 -37.34
C LEU B 352 -8.75 -6.87 -37.75
N GLY B 353 -8.18 -6.16 -36.77
CA GLY B 353 -7.32 -5.00 -37.02
C GLY B 353 -8.06 -3.84 -37.67
N LEU B 354 -9.37 -3.76 -37.39
CA LEU B 354 -10.26 -2.77 -38.03
C LEU B 354 -10.72 -1.68 -37.07
N LEU B 355 -10.67 -1.96 -35.76
CA LEU B 355 -11.04 -0.96 -34.76
C LEU B 355 -10.21 0.32 -34.89
N ASP B 356 -9.00 0.20 -35.45
CA ASP B 356 -8.13 1.36 -35.66
C ASP B 356 -8.48 2.19 -36.91
N CYS B 357 -9.52 1.79 -37.66
CA CYS B 357 -10.02 2.57 -38.80
C CYS B 357 -11.21 3.45 -38.42
N VAL B 358 -11.66 3.30 -37.18
CA VAL B 358 -12.87 3.96 -36.69
C VAL B 358 -12.56 5.34 -36.10
N THR B 359 -13.11 6.37 -36.74
CA THR B 359 -12.90 7.76 -36.35
C THR B 359 -13.79 8.15 -35.18
N TYR B 360 -15.10 7.87 -35.32
CA TYR B 360 -16.14 8.23 -34.33
C TYR B 360 -16.77 6.99 -33.72
N PHE B 361 -17.21 7.11 -32.47
CA PHE B 361 -17.83 5.99 -31.74
C PHE B 361 -18.94 6.53 -30.85
N SER B 362 -20.20 6.30 -31.24
CA SER B 362 -21.38 6.88 -30.56
C SER B 362 -22.22 5.80 -29.90
N GLY B 363 -22.94 6.17 -28.84
CA GLY B 363 -23.85 5.22 -28.17
C GLY B 363 -24.95 5.87 -27.36
N ILE B 364 -25.99 5.09 -27.04
CA ILE B 364 -27.06 5.53 -26.15
C ILE B 364 -27.22 4.53 -25.03
N SER B 365 -27.61 5.02 -23.86
CA SER B 365 -28.04 4.18 -22.73
C SER B 365 -27.00 3.10 -22.30
N GLY B 366 -27.35 1.81 -22.37
CA GLY B 366 -26.41 0.72 -22.08
C GLY B 366 -25.06 0.80 -22.77
N SER B 367 -25.05 1.02 -24.09
CA SER B 367 -23.81 1.23 -24.84
C SER B 367 -22.82 2.14 -24.12
N THR B 368 -23.34 3.17 -23.45
CA THR B 368 -22.48 4.17 -22.85
C THR B 368 -21.74 3.60 -21.66
N TRP B 369 -22.29 2.56 -21.04
CA TRP B 369 -21.63 1.90 -19.92
C TRP B 369 -20.31 1.28 -20.40
N THR B 370 -20.42 0.48 -21.46
CA THR B 370 -19.25 -0.04 -22.16
C THR B 370 -18.30 1.09 -22.55
N MET B 371 -18.83 2.15 -23.14
CA MET B 371 -18.01 3.27 -23.61
C MET B 371 -17.27 3.98 -22.48
N ALA B 372 -17.97 4.25 -21.39
CA ALA B 372 -17.43 5.05 -20.30
C ALA B 372 -16.27 4.35 -19.60
N HIS B 373 -16.46 3.06 -19.34
CA HIS B 373 -15.42 2.25 -18.70
C HIS B 373 -14.17 2.14 -19.57
N LEU B 374 -14.36 1.81 -20.84
CA LEU B 374 -13.24 1.67 -21.79
C LEU B 374 -12.42 2.94 -21.90
N TYR B 375 -13.08 4.09 -21.95
CA TYR B 375 -12.37 5.35 -22.11
C TYR B 375 -11.70 5.86 -20.83
N GLY B 376 -11.98 5.19 -19.70
CA GLY B 376 -11.26 5.41 -18.44
C GLY B 376 -9.77 5.14 -18.59
N ASP B 377 -9.44 4.00 -19.18
CA ASP B 377 -8.08 3.71 -19.66
C ASP B 377 -7.83 4.51 -20.94
N PRO B 378 -6.88 5.46 -20.92
CA PRO B 378 -6.68 6.34 -22.08
C PRO B 378 -6.14 5.68 -23.34
N GLU B 379 -5.83 4.39 -23.29
CA GLU B 379 -5.34 3.66 -24.47
C GLU B 379 -5.97 2.29 -24.61
N TRP B 380 -7.23 2.19 -24.19
CA TRP B 380 -7.99 0.94 -24.21
C TRP B 380 -8.00 0.22 -25.56
N SER B 381 -8.12 0.97 -26.65
CA SER B 381 -8.26 0.40 -28.00
C SER B 381 -7.01 -0.31 -28.49
N GLN B 382 -5.86 0.05 -27.91
CA GLN B 382 -4.60 -0.62 -28.23
C GLN B 382 -4.32 -1.82 -27.32
N ARG B 383 -4.74 -1.75 -26.06
CA ARG B 383 -4.51 -2.83 -25.10
C ARG B 383 -5.53 -3.95 -25.25
N ASP B 384 -5.28 -5.06 -24.57
CA ASP B 384 -6.15 -6.22 -24.63
C ASP B 384 -7.49 -5.90 -24.02
N LEU B 385 -8.56 -6.16 -24.77
CA LEU B 385 -9.93 -5.89 -24.32
C LEU B 385 -10.41 -6.85 -23.25
N GLU B 386 -9.84 -8.06 -23.22
CA GLU B 386 -10.30 -9.13 -22.30
C GLU B 386 -10.06 -8.80 -20.82
N GLY B 387 -9.30 -7.75 -20.54
CA GLY B 387 -9.21 -7.19 -19.20
C GLY B 387 -10.53 -6.55 -18.77
N PRO B 388 -10.95 -5.48 -19.45
CA PRO B 388 -12.25 -4.86 -19.24
C PRO B 388 -13.44 -5.81 -19.35
N ILE B 389 -13.36 -6.79 -20.24
CA ILE B 389 -14.46 -7.76 -20.40
C ILE B 389 -14.68 -8.49 -19.08
N ARG B 390 -13.56 -8.94 -18.50
CA ARG B 390 -13.54 -9.66 -17.24
C ARG B 390 -14.13 -8.81 -16.12
N TYR B 391 -13.75 -7.53 -16.11
CA TYR B 391 -14.28 -6.53 -15.17
C TYR B 391 -15.80 -6.51 -15.25
N ALA B 392 -16.29 -6.38 -16.47
CA ALA B 392 -17.73 -6.28 -16.71
C ALA B 392 -18.44 -7.56 -16.28
N ARG B 393 -17.90 -8.70 -16.70
CA ARG B 393 -18.51 -10.00 -16.40
C ARG B 393 -18.65 -10.23 -14.90
N GLU B 394 -17.57 -9.98 -14.17
CA GLU B 394 -17.57 -10.23 -12.73
C GLU B 394 -18.58 -9.35 -12.01
N HIS B 395 -18.52 -8.04 -12.26
CA HIS B 395 -19.44 -7.11 -11.64
C HIS B 395 -20.89 -7.39 -12.04
N LEU B 396 -21.08 -7.87 -13.26
CA LEU B 396 -22.43 -8.21 -13.74
C LEU B 396 -22.96 -9.47 -13.02
N ALA B 397 -22.07 -10.42 -12.75
CA ALA B 397 -22.44 -11.68 -12.08
C ALA B 397 -22.62 -11.53 -10.56
N LYS B 398 -21.79 -10.71 -9.92
CA LYS B 398 -21.94 -10.43 -8.49
C LYS B 398 -23.42 -10.06 -8.17
N SER B 399 -24.00 -10.66 -7.13
CA SER B 399 -25.41 -10.44 -6.84
C SER B 399 -25.63 -9.06 -6.25
N LYS B 400 -26.77 -8.45 -6.54
CA LYS B 400 -27.00 -7.03 -6.20
C LYS B 400 -27.88 -6.84 -4.97
N LEU B 401 -27.88 -7.78 -4.03
CA LEU B 401 -28.65 -7.59 -2.80
C LEU B 401 -27.97 -6.52 -1.93
N GLU B 402 -26.65 -6.43 -2.05
CA GLU B 402 -25.87 -5.46 -1.29
C GLU B 402 -26.17 -4.02 -1.65
N VAL B 403 -26.34 -3.75 -2.95
CA VAL B 403 -26.56 -2.37 -3.41
C VAL B 403 -27.81 -1.71 -2.82
N PHE B 404 -28.76 -2.50 -2.32
CA PHE B 404 -29.96 -1.96 -1.66
C PHE B 404 -30.00 -2.10 -0.13
N SER B 405 -28.87 -2.52 0.46
CA SER B 405 -28.72 -2.66 1.90
C SER B 405 -28.48 -1.31 2.58
N PRO B 406 -29.07 -1.09 3.78
CA PRO B 406 -29.06 0.24 4.42
C PRO B 406 -27.70 0.86 4.74
N GLU B 407 -26.61 0.10 4.61
CA GLU B 407 -25.26 0.68 4.77
C GLU B 407 -24.91 1.49 3.54
N ARG B 408 -25.26 0.98 2.36
CA ARG B 408 -25.05 1.71 1.12
C ARG B 408 -26.07 2.84 0.97
N LEU B 409 -27.35 2.56 1.26
CA LEU B 409 -28.38 3.58 1.18
C LEU B 409 -27.99 4.82 2.00
N ALA B 410 -27.39 4.59 3.17
CA ALA B 410 -26.85 5.68 3.99
C ALA B 410 -25.90 6.54 3.17
N SER B 411 -24.91 5.89 2.55
CA SER B 411 -23.89 6.61 1.78
C SER B 411 -24.43 7.37 0.56
N TYR B 412 -25.56 6.92 0.02
CA TYR B 412 -26.21 7.66 -1.06
C TYR B 412 -26.85 8.92 -0.49
N ARG B 413 -27.82 8.77 0.43
CA ARG B 413 -28.49 9.95 1.02
C ARG B 413 -27.47 10.91 1.66
N ARG B 414 -26.39 10.35 2.19
CA ARG B 414 -25.30 11.16 2.76
C ARG B 414 -24.57 11.94 1.67
N GLU B 415 -24.40 11.33 0.49
CA GLU B 415 -23.86 12.05 -0.66
C GLU B 415 -24.88 12.99 -1.32
N LEU B 416 -26.16 12.69 -1.17
CA LEU B 416 -27.21 13.63 -1.60
C LEU B 416 -27.34 14.84 -0.69
N GLU B 417 -27.17 14.66 0.62
CA GLU B 417 -27.15 15.81 1.55
C GLU B 417 -25.91 16.68 1.26
N LEU B 418 -24.75 16.04 1.12
CA LEU B 418 -23.53 16.73 0.74
C LEU B 418 -23.75 17.43 -0.60
N ARG B 419 -24.45 16.75 -1.49
CA ARG B 419 -24.78 17.29 -2.81
C ARG B 419 -25.78 18.43 -2.71
N ALA B 420 -26.78 18.30 -1.83
CA ALA B 420 -27.78 19.36 -1.64
C ALA B 420 -27.19 20.62 -1.01
N GLU B 421 -26.20 20.46 -0.14
CA GLU B 421 -25.53 21.61 0.51
C GLU B 421 -24.83 22.49 -0.53
N GLN B 422 -24.12 21.87 -1.46
CA GLN B 422 -23.55 22.57 -2.63
C GLN B 422 -24.69 23.02 -3.54
N GLY B 423 -24.40 23.88 -4.50
CA GLY B 423 -25.45 24.32 -5.44
C GLY B 423 -25.95 23.20 -6.35
N HIS B 424 -26.88 22.39 -5.86
CA HIS B 424 -27.35 21.20 -6.58
C HIS B 424 -28.81 20.86 -6.32
N PRO B 425 -29.57 20.58 -7.39
CA PRO B 425 -30.89 20.03 -7.18
C PRO B 425 -30.80 18.57 -6.77
N THR B 426 -31.84 18.08 -6.09
CA THR B 426 -31.96 16.66 -5.83
C THR B 426 -33.00 16.11 -6.76
N THR B 427 -32.54 15.34 -7.74
CA THR B 427 -33.41 14.71 -8.74
C THR B 427 -33.28 13.18 -8.55
N PHE B 428 -34.30 12.46 -8.97
CA PHE B 428 -34.30 11.02 -8.90
C PHE B 428 -33.11 10.48 -9.72
N VAL B 429 -32.87 11.11 -10.88
CA VAL B 429 -31.79 10.68 -11.77
C VAL B 429 -30.42 10.65 -11.04
N ASP B 430 -30.20 11.54 -10.07
CA ASP B 430 -28.95 11.58 -9.28
C ASP B 430 -28.78 10.39 -8.36
N LEU B 431 -29.91 9.86 -7.88
CA LEU B 431 -29.91 8.62 -7.10
C LEU B 431 -29.67 7.43 -8.00
N TRP B 432 -30.38 7.39 -9.12
CA TRP B 432 -30.16 6.36 -10.14
C TRP B 432 -28.69 6.33 -10.56
N ALA B 433 -28.03 7.48 -10.56
CA ALA B 433 -26.60 7.55 -10.83
C ALA B 433 -25.79 6.79 -9.80
N LEU B 434 -26.19 6.96 -8.54
CA LEU B 434 -25.50 6.30 -7.41
C LEU B 434 -25.72 4.79 -7.36
N VAL B 435 -26.93 4.33 -7.64
CA VAL B 435 -27.17 2.88 -7.61
C VAL B 435 -26.55 2.20 -8.84
N LEU B 436 -26.61 2.89 -9.98
CA LEU B 436 -26.04 2.35 -11.23
C LEU B 436 -24.53 2.27 -11.10
N GLU B 437 -23.92 3.30 -10.54
CA GLU B 437 -22.48 3.28 -10.23
C GLU B 437 -22.16 2.10 -9.32
N SER B 438 -23.07 1.84 -8.40
CA SER B 438 -22.90 0.79 -7.41
C SER B 438 -23.06 -0.61 -8.01
N MET B 439 -23.87 -0.75 -9.04
CA MET B 439 -24.03 -2.04 -9.74
C MET B 439 -22.93 -2.28 -10.75
N LEU B 440 -22.57 -1.22 -11.46
CA LEU B 440 -21.64 -1.29 -12.57
C LEU B 440 -20.20 -1.46 -12.09
N HIS B 441 -19.93 -0.89 -10.92
CA HIS B 441 -18.64 -1.00 -10.25
C HIS B 441 -18.98 -1.37 -8.81
N GLY B 442 -17.99 -1.75 -8.01
CA GLY B 442 -18.27 -2.11 -6.61
C GLY B 442 -18.36 -0.91 -5.68
N GLN B 443 -18.01 0.26 -6.20
CA GLN B 443 -17.55 1.37 -5.39
C GLN B 443 -17.74 2.67 -6.14
N VAL B 444 -17.44 3.78 -5.46
CA VAL B 444 -17.30 5.08 -6.13
C VAL B 444 -16.20 4.98 -7.20
N MET B 445 -16.44 5.57 -8.37
CA MET B 445 -15.47 5.62 -9.47
C MET B 445 -15.21 7.05 -9.86
N ASP B 446 -14.01 7.54 -9.55
CA ASP B 446 -13.69 8.96 -9.69
C ASP B 446 -13.10 9.25 -11.05
N GLN B 447 -13.94 9.19 -12.08
CA GLN B 447 -13.55 9.58 -13.43
C GLN B 447 -14.52 10.63 -13.94
N LYS B 448 -14.09 11.37 -14.96
CA LYS B 448 -14.87 12.49 -15.49
C LYS B 448 -14.75 12.58 -17.01
N LEU B 449 -15.84 12.96 -17.69
CA LEU B 449 -15.84 13.04 -19.14
C LEU B 449 -14.69 13.87 -19.71
N SER B 450 -14.32 14.96 -19.05
CA SER B 450 -13.17 15.78 -19.49
C SER B 450 -11.91 14.91 -19.52
N GLY B 451 -11.76 14.09 -18.49
CA GLY B 451 -10.63 13.14 -18.36
C GLY B 451 -10.38 12.25 -19.56
N GLN B 452 -11.40 12.04 -20.38
CA GLN B 452 -11.28 11.19 -21.55
C GLN B 452 -10.59 11.88 -22.71
N ARG B 453 -10.17 13.13 -22.55
CA ARG B 453 -9.33 13.74 -23.58
C ARG B 453 -7.96 13.11 -23.59
N ALA B 454 -7.59 12.52 -22.45
CA ALA B 454 -6.44 11.61 -22.37
C ALA B 454 -6.47 10.58 -23.51
N ALA B 455 -7.62 9.94 -23.69
CA ALA B 455 -7.79 8.90 -24.69
C ALA B 455 -7.74 9.40 -26.14
N LEU B 456 -7.52 10.69 -26.35
CA LEU B 456 -7.53 11.26 -27.70
C LEU B 456 -6.32 12.08 -28.07
N GLU B 457 -5.47 12.39 -27.10
CA GLU B 457 -4.31 13.26 -27.31
C GLU B 457 -3.60 12.95 -28.61
N ARG B 458 -3.28 11.68 -28.83
CA ARG B 458 -2.47 11.26 -29.97
C ARG B 458 -3.29 10.50 -31.03
N GLY B 459 -4.60 10.73 -31.06
CA GLY B 459 -5.49 10.04 -31.98
C GLY B 459 -5.51 8.53 -31.80
N GLN B 460 -5.35 8.07 -30.56
CA GLN B 460 -5.20 6.64 -30.27
C GLN B 460 -6.51 5.87 -30.04
N ASN B 461 -7.63 6.57 -29.95
CA ASN B 461 -8.94 5.93 -29.91
C ASN B 461 -9.88 6.71 -30.80
N PRO B 462 -11.11 6.19 -31.03
CA PRO B 462 -12.11 7.01 -31.73
C PRO B 462 -12.73 8.04 -30.79
N LEU B 463 -13.44 9.01 -31.35
CA LEU B 463 -14.06 10.06 -30.53
C LEU B 463 -15.40 9.57 -29.95
N PRO B 464 -15.50 9.49 -28.62
CA PRO B 464 -16.73 9.02 -28.01
C PRO B 464 -17.85 10.06 -27.96
N LEU B 465 -19.03 9.66 -28.47
CA LEU B 465 -20.19 10.56 -28.54
C LEU B 465 -21.34 9.92 -27.77
N TYR B 466 -21.59 10.39 -26.57
CA TYR B 466 -22.64 9.83 -25.73
C TYR B 466 -23.90 10.64 -25.99
N LEU B 467 -24.88 10.02 -26.64
CA LEU B 467 -26.11 10.69 -26.96
C LEU B 467 -27.18 10.52 -25.87
N SER B 468 -27.96 11.57 -25.65
CA SER B 468 -28.94 11.61 -24.57
C SER B 468 -30.24 12.27 -25.02
N LEU B 469 -31.37 11.60 -24.76
CA LEU B 469 -32.69 12.09 -25.18
C LEU B 469 -33.39 12.82 -24.05
N ASN B 470 -33.60 14.12 -24.22
CA ASN B 470 -34.11 15.01 -23.15
C ASN B 470 -35.59 15.32 -23.30
N VAL B 471 -36.15 16.02 -22.30
CA VAL B 471 -37.55 16.50 -22.34
C VAL B 471 -37.64 17.89 -23.00
N LYS B 482 -39.04 16.81 -27.77
CA LYS B 482 -37.84 16.26 -27.12
C LYS B 482 -36.57 16.47 -27.99
N GLU B 483 -35.47 16.83 -27.33
CA GLU B 483 -34.25 17.26 -27.99
C GLU B 483 -33.11 16.30 -27.71
N TRP B 484 -32.15 16.24 -28.62
CA TRP B 484 -30.98 15.40 -28.45
C TRP B 484 -29.84 16.20 -27.89
N VAL B 485 -29.24 15.67 -26.84
CA VAL B 485 -28.03 16.23 -26.27
C VAL B 485 -26.87 15.25 -26.40
N GLU B 486 -25.85 15.69 -27.12
CA GLU B 486 -24.65 14.92 -27.39
C GLU B 486 -23.58 15.32 -26.41
N PHE B 487 -22.78 14.36 -25.96
CA PHE B 487 -21.66 14.63 -25.05
C PHE B 487 -20.37 14.10 -25.66
N SER B 488 -19.36 14.95 -25.82
CA SER B 488 -18.03 14.45 -26.12
C SER B 488 -17.11 14.95 -25.05
N PRO B 489 -15.92 14.35 -24.93
CA PRO B 489 -14.91 14.88 -24.01
C PRO B 489 -14.49 16.30 -24.38
N TYR B 490 -14.71 16.70 -25.63
CA TYR B 490 -14.45 18.07 -26.04
C TYR B 490 -15.61 19.01 -25.73
N GLU B 491 -16.82 18.69 -26.21
CA GLU B 491 -17.97 19.58 -25.96
C GLU B 491 -19.27 18.82 -25.70
N VAL B 492 -20.22 19.51 -25.11
CA VAL B 492 -21.54 18.98 -24.79
C VAL B 492 -22.60 19.97 -25.24
N GLY B 493 -23.66 19.50 -25.86
CA GLY B 493 -24.77 20.41 -26.18
C GLY B 493 -25.92 19.91 -27.03
N PHE B 494 -26.79 20.85 -27.34
CA PHE B 494 -28.00 20.57 -28.07
C PHE B 494 -27.66 20.65 -29.54
N LEU B 495 -27.92 19.54 -30.24
CA LEU B 495 -27.66 19.46 -31.67
C LEU B 495 -28.61 20.33 -32.45
N LYS B 496 -29.82 20.48 -31.94
CA LYS B 496 -30.85 21.27 -32.61
C LYS B 496 -30.54 22.77 -32.59
N TYR B 497 -29.94 23.26 -31.51
CA TYR B 497 -29.67 24.69 -31.36
C TYR B 497 -28.22 25.08 -31.65
N GLY B 498 -27.38 24.14 -32.04
CA GLY B 498 -25.97 24.44 -32.21
C GLY B 498 -25.48 25.26 -31.05
N ALA B 499 -25.74 24.76 -29.85
CA ALA B 499 -25.36 25.44 -28.62
C ALA B 499 -24.56 24.45 -27.79
N PHE B 500 -23.31 24.77 -27.51
CA PHE B 500 -22.39 23.82 -26.85
C PHE B 500 -21.46 24.45 -25.82
N VAL B 501 -21.12 23.65 -24.82
CA VAL B 501 -20.10 23.98 -23.83
C VAL B 501 -19.12 22.83 -23.68
N PRO B 502 -17.90 23.13 -23.20
CA PRO B 502 -17.03 22.04 -22.78
C PRO B 502 -17.58 21.35 -21.53
N PRO B 503 -17.30 20.05 -21.37
CA PRO B 503 -17.93 19.15 -20.38
C PRO B 503 -17.67 19.48 -18.91
N GLU B 504 -16.59 20.21 -18.61
CA GLU B 504 -16.32 20.70 -17.25
C GLU B 504 -17.44 21.62 -16.74
N LEU B 505 -17.88 22.49 -17.64
CA LEU B 505 -18.87 23.50 -17.33
C LEU B 505 -20.28 22.93 -17.29
N PHE B 506 -20.49 21.77 -17.90
CA PHE B 506 -21.79 21.10 -17.78
C PHE B 506 -22.14 20.88 -16.31
N GLY B 507 -23.28 21.41 -15.92
CA GLY B 507 -23.69 21.41 -14.52
C GLY B 507 -23.64 22.80 -13.91
N SER B 508 -22.79 23.67 -14.47
CA SER B 508 -22.59 25.01 -13.91
C SER B 508 -23.78 25.91 -14.23
N GLU B 509 -23.84 27.05 -13.56
CA GLU B 509 -24.97 27.96 -13.72
C GLU B 509 -24.66 28.99 -14.80
N PHE B 510 -25.59 29.19 -15.72
CA PHE B 510 -25.35 30.08 -16.86
C PHE B 510 -26.42 31.16 -16.99
N PHE B 511 -26.12 32.16 -17.81
CA PHE B 511 -27.10 33.18 -18.17
C PHE B 511 -26.78 33.85 -19.50
N MET B 512 -27.74 33.77 -20.41
CA MET B 512 -27.65 34.44 -21.68
C MET B 512 -26.32 34.10 -22.33
N GLY B 513 -25.90 32.85 -22.16
CA GLY B 513 -24.65 32.34 -22.76
C GLY B 513 -23.38 32.67 -22.01
N ARG B 514 -23.51 33.10 -20.76
CA ARG B 514 -22.38 33.54 -19.95
C ARG B 514 -22.34 32.72 -18.67
N LEU B 515 -21.14 32.31 -18.24
CA LEU B 515 -20.99 31.53 -17.01
C LEU B 515 -21.20 32.43 -15.79
N MET B 516 -22.16 32.11 -14.94
CA MET B 516 -22.42 32.94 -13.76
C MET B 516 -21.74 32.36 -12.52
N ARG B 517 -21.88 31.07 -12.31
CA ARG B 517 -21.20 30.39 -11.20
C ARG B 517 -20.63 29.06 -11.66
N ARG B 518 -19.33 28.88 -11.54
CA ARG B 518 -18.68 27.63 -11.91
C ARG B 518 -18.91 26.58 -10.83
N ILE B 519 -19.38 25.40 -11.25
CA ILE B 519 -19.67 24.28 -10.37
C ILE B 519 -18.67 23.18 -10.69
N PRO B 520 -18.30 22.37 -9.68
CA PRO B 520 -17.34 21.31 -10.00
C PRO B 520 -17.93 20.26 -10.95
N GLU B 521 -17.21 19.98 -12.03
CA GLU B 521 -17.58 18.93 -12.98
C GLU B 521 -17.92 17.64 -12.24
N PRO B 522 -19.05 17.01 -12.59
CA PRO B 522 -19.45 15.83 -11.83
C PRO B 522 -18.79 14.53 -12.27
N ARG B 523 -18.74 13.61 -11.32
CA ARG B 523 -18.27 12.26 -11.52
C ARG B 523 -19.09 11.61 -12.63
N ILE B 524 -18.45 10.90 -13.55
CA ILE B 524 -19.12 10.46 -14.79
C ILE B 524 -20.43 9.67 -14.59
N CYS B 525 -20.57 8.94 -13.50
CA CYS B 525 -21.79 8.16 -13.26
C CYS B 525 -23.09 9.00 -13.23
N PHE B 526 -22.97 10.29 -12.90
CA PHE B 526 -24.12 11.20 -12.94
C PHE B 526 -24.52 11.47 -14.36
N LEU B 527 -23.54 11.57 -15.26
CA LEU B 527 -23.82 11.64 -16.70
C LEU B 527 -24.42 10.32 -17.22
N GLU B 528 -23.87 9.19 -16.79
CA GLU B 528 -24.40 7.90 -17.21
C GLU B 528 -25.86 7.74 -16.86
N ALA B 529 -26.30 8.35 -15.76
CA ALA B 529 -27.73 8.32 -15.42
C ALA B 529 -28.57 9.17 -16.37
N ILE B 530 -28.10 10.38 -16.71
CA ILE B 530 -28.74 11.19 -17.75
C ILE B 530 -28.88 10.34 -19.01
N TRP B 531 -27.80 9.65 -19.39
CA TRP B 531 -27.74 8.89 -20.65
C TRP B 531 -28.56 7.62 -20.66
N SER B 532 -28.83 7.06 -19.49
CA SER B 532 -29.53 5.78 -19.39
C SER B 532 -30.63 5.85 -18.35
N ASN B 533 -31.25 7.02 -18.25
CA ASN B 533 -32.35 7.21 -17.32
C ASN B 533 -33.55 6.40 -17.74
N ILE B 534 -34.19 5.80 -16.75
CA ILE B 534 -35.29 4.92 -16.99
C ILE B 534 -36.56 5.27 -16.21
N PHE B 535 -36.52 6.38 -15.47
CA PHE B 535 -37.59 6.73 -14.56
C PHE B 535 -38.36 7.95 -15.00
N SER B 536 -39.66 7.93 -14.73
CA SER B 536 -40.50 9.10 -14.89
C SER B 536 -40.06 10.06 -13.79
N LEU B 537 -40.77 11.14 -13.59
CA LEU B 537 -40.50 11.99 -12.42
C LEU B 537 -41.34 11.62 -11.18
N ASN B 538 -41.86 10.38 -11.15
CA ASN B 538 -42.92 10.01 -10.20
C ASN B 538 -42.52 9.13 -8.98
N LEU B 539 -43.37 9.21 -7.95
CA LEU B 539 -43.19 8.53 -6.65
C LEU B 539 -44.48 7.77 -6.26
N LEU B 540 -44.29 6.54 -5.76
CA LEU B 540 -45.30 5.47 -5.88
C LEU B 540 -45.14 4.27 -4.93
N ASP B 541 -46.22 3.47 -4.72
CA ASP B 541 -47.54 3.64 -5.41
C ASP B 541 -48.52 4.45 -4.57
N GLU B 579 -41.47 -8.44 -12.20
CA GLU B 579 -42.49 -7.61 -11.60
C GLU B 579 -42.36 -7.55 -10.08
N ALA B 580 -42.44 -8.72 -9.43
CA ALA B 580 -42.37 -8.83 -7.97
C ALA B 580 -40.94 -8.62 -7.43
N SER B 581 -39.94 -8.91 -8.26
CA SER B 581 -38.54 -8.77 -7.86
C SER B 581 -38.17 -7.36 -7.41
N TRP B 582 -38.56 -6.35 -8.20
CA TRP B 582 -38.12 -4.96 -7.95
C TRP B 582 -39.26 -4.03 -7.51
N LEU B 583 -40.23 -4.58 -6.78
CA LEU B 583 -41.13 -3.79 -5.93
C LEU B 583 -40.60 -3.80 -4.48
N GLN B 584 -39.55 -4.57 -4.22
CA GLN B 584 -38.98 -4.72 -2.87
C GLN B 584 -37.77 -3.82 -2.57
N PRO B 585 -36.81 -3.72 -3.51
CA PRO B 585 -35.80 -2.68 -3.33
C PRO B 585 -36.41 -1.28 -3.40
N GLY B 586 -37.52 -1.15 -4.14
CA GLY B 586 -38.31 0.08 -4.16
C GLY B 586 -38.81 0.48 -2.79
N THR B 587 -39.29 -0.50 -2.02
CA THR B 587 -39.73 -0.26 -0.65
C THR B 587 -38.54 -0.04 0.28
N ALA B 588 -37.48 -0.84 0.14
CA ALA B 588 -36.24 -0.65 0.89
C ALA B 588 -35.69 0.77 0.71
N LEU B 589 -35.59 1.20 -0.55
CA LEU B 589 -35.18 2.58 -0.88
C LEU B 589 -36.08 3.65 -0.29
N ALA B 590 -37.35 3.62 -0.69
CA ALA B 590 -38.31 4.68 -0.34
C ALA B 590 -38.30 4.97 1.14
N GLN B 591 -38.26 3.91 1.93
CA GLN B 591 -38.25 4.01 3.39
C GLN B 591 -36.94 4.54 3.96
N ALA B 592 -35.81 4.14 3.40
CA ALA B 592 -34.50 4.65 3.83
C ALA B 592 -34.30 6.14 3.46
N PHE B 593 -35.09 6.63 2.51
CA PHE B 593 -34.92 7.98 1.97
C PHE B 593 -35.95 9.03 2.44
N LYS B 594 -36.78 8.71 3.44
CA LYS B 594 -37.84 9.63 3.87
C LYS B 594 -37.30 10.83 4.66
N GLY B 595 -37.89 12.00 4.43
CA GLY B 595 -37.39 13.27 4.97
C GLY B 595 -37.14 14.25 3.84
N PHE B 596 -36.84 13.73 2.66
CA PHE B 596 -36.64 14.56 1.47
C PHE B 596 -37.98 15.06 0.92
N SER B 606 -32.67 23.94 -11.38
CA SER B 606 -32.64 22.83 -12.34
C SER B 606 -32.49 23.27 -13.82
N PRO B 607 -32.20 24.57 -14.08
CA PRO B 607 -32.03 24.93 -15.49
C PRO B 607 -30.69 24.50 -16.10
N ASN B 608 -30.61 24.57 -17.42
CA ASN B 608 -29.45 24.15 -18.19
C ASN B 608 -28.59 25.36 -18.60
N PHE B 609 -27.61 25.13 -19.47
CA PHE B 609 -26.75 26.23 -19.93
C PHE B 609 -27.42 27.17 -20.95
N LEU B 610 -28.55 26.77 -21.53
CA LEU B 610 -29.30 27.66 -22.41
C LEU B 610 -30.04 28.81 -21.69
N GLN B 611 -30.20 28.69 -20.38
CA GLN B 611 -30.95 29.67 -19.58
C GLN B 611 -30.76 31.08 -20.09
N GLY B 612 -31.85 31.79 -20.32
CA GLY B 612 -31.81 33.14 -20.86
C GLY B 612 -31.92 33.25 -22.38
N LEU B 613 -31.30 32.32 -23.09
CA LEU B 613 -31.18 32.44 -24.54
C LEU B 613 -32.56 32.40 -25.15
N GLN B 614 -32.69 32.93 -26.36
CA GLN B 614 -33.98 33.04 -27.05
C GLN B 614 -33.90 32.51 -28.47
N LEU B 615 -35.06 32.27 -29.08
CA LEU B 615 -35.12 31.64 -30.41
C LEU B 615 -35.19 32.68 -31.52
N HIS B 616 -34.42 32.49 -32.57
CA HIS B 616 -34.47 33.40 -33.71
C HIS B 616 -35.82 33.25 -34.42
N GLN B 617 -36.32 34.36 -34.97
CA GLN B 617 -37.69 34.41 -35.46
C GLN B 617 -37.85 33.58 -36.72
N ASP B 618 -37.09 33.93 -37.76
CA ASP B 618 -37.20 33.23 -39.05
C ASP B 618 -37.07 31.69 -38.93
N TYR B 619 -36.43 31.21 -37.87
CA TYR B 619 -36.56 29.81 -37.42
C TYR B 619 -37.73 29.71 -36.45
N GLU B 644 -52.88 8.27 -14.55
CA GLU B 644 -52.30 7.41 -13.53
C GLU B 644 -50.78 7.50 -13.59
N PRO B 645 -50.07 7.01 -12.55
CA PRO B 645 -48.63 7.27 -12.47
C PRO B 645 -47.82 6.39 -13.41
N ARG B 646 -46.72 6.94 -13.91
CA ARG B 646 -45.90 6.23 -14.87
C ARG B 646 -44.94 5.22 -14.23
N LEU B 647 -44.25 5.62 -13.16
CA LEU B 647 -43.04 4.94 -12.55
C LEU B 647 -41.74 4.93 -13.39
N CYS B 648 -41.78 4.32 -14.58
CA CYS B 648 -40.69 4.41 -15.52
C CYS B 648 -41.07 5.34 -16.63
N LEU B 649 -40.06 5.67 -17.42
CA LEU B 649 -40.31 6.27 -18.70
C LEU B 649 -41.06 5.23 -19.53
N VAL B 650 -41.92 5.70 -20.42
CA VAL B 650 -42.72 4.80 -21.24
C VAL B 650 -42.72 5.18 -22.70
N ASP B 651 -42.59 6.47 -22.99
CA ASP B 651 -42.54 6.92 -24.36
C ASP B 651 -41.52 6.06 -25.08
N ALA B 652 -41.88 5.60 -26.27
CA ALA B 652 -41.09 4.60 -26.99
C ALA B 652 -39.74 5.14 -27.43
N ALA B 653 -39.65 6.46 -27.63
CA ALA B 653 -38.41 7.11 -28.02
C ALA B 653 -37.20 6.74 -27.16
N TYR B 654 -37.45 6.58 -25.87
CA TYR B 654 -36.40 6.31 -24.90
C TYR B 654 -35.73 4.95 -25.07
N PHE B 655 -36.50 3.96 -25.53
CA PHE B 655 -35.98 2.60 -25.67
C PHE B 655 -35.77 2.13 -27.10
N ILE B 656 -36.20 2.90 -28.09
CA ILE B 656 -36.02 2.50 -29.48
C ILE B 656 -35.40 3.60 -30.33
N ASN B 657 -34.09 3.80 -30.20
CA ASN B 657 -33.32 4.58 -31.19
C ASN B 657 -31.87 4.19 -31.16
N THR B 658 -31.19 4.42 -32.27
CA THR B 658 -29.75 4.27 -32.38
C THR B 658 -29.18 5.68 -32.22
N SER B 659 -27.87 5.81 -32.11
CA SER B 659 -27.24 7.11 -31.90
C SER B 659 -26.96 7.86 -33.22
N SER B 660 -27.90 7.84 -34.15
CA SER B 660 -27.71 8.47 -35.43
C SER B 660 -27.38 9.94 -35.30
N PRO B 661 -28.13 10.66 -34.44
CA PRO B 661 -28.00 12.11 -34.42
C PRO B 661 -26.56 12.58 -34.34
N SER B 662 -25.76 11.91 -33.53
CA SER B 662 -24.33 12.18 -33.44
C SER B 662 -23.60 11.97 -34.76
N MET B 663 -23.94 10.92 -35.49
CA MET B 663 -23.27 10.63 -36.76
C MET B 663 -23.67 11.59 -37.90
N PHE B 664 -24.70 12.40 -37.69
CA PHE B 664 -25.17 13.30 -38.74
C PHE B 664 -25.11 14.77 -38.40
N ARG B 665 -24.47 15.10 -37.28
CA ARG B 665 -24.21 16.47 -36.91
C ARG B 665 -23.44 17.18 -38.05
N PRO B 666 -23.74 18.46 -38.29
CA PRO B 666 -23.20 19.26 -39.37
C PRO B 666 -21.85 18.90 -39.98
N GLY B 667 -20.76 19.01 -39.23
CA GLY B 667 -19.42 18.98 -39.83
C GLY B 667 -18.78 17.63 -40.05
N ARG B 668 -19.50 16.54 -39.77
CA ARG B 668 -18.87 15.23 -39.57
C ARG B 668 -18.63 14.38 -40.83
N ARG B 669 -19.48 14.53 -41.84
CA ARG B 669 -19.37 13.81 -43.13
C ARG B 669 -18.96 12.34 -42.97
N LEU B 670 -19.85 11.52 -42.44
CA LEU B 670 -19.56 10.10 -42.31
C LEU B 670 -19.69 9.36 -43.63
N ASP B 671 -18.73 8.48 -43.91
CA ASP B 671 -18.66 7.70 -45.14
C ASP B 671 -19.08 6.26 -44.95
N LEU B 672 -18.78 5.69 -43.79
CA LEU B 672 -19.25 4.34 -43.44
C LEU B 672 -19.72 4.33 -41.99
N ILE B 673 -20.86 3.66 -41.75
CA ILE B 673 -21.37 3.46 -40.39
C ILE B 673 -21.55 1.97 -40.13
N LEU B 674 -20.98 1.51 -39.02
CA LEU B 674 -21.24 0.17 -38.51
C LEU B 674 -22.31 0.30 -37.43
N SER B 675 -23.53 -0.08 -37.77
CA SER B 675 -24.65 0.04 -36.87
C SER B 675 -24.83 -1.25 -36.12
N PHE B 676 -24.61 -1.19 -34.80
CA PHE B 676 -24.90 -2.32 -33.90
C PHE B 676 -26.23 -2.10 -33.23
N ASP B 677 -27.09 -3.10 -33.30
CA ASP B 677 -28.43 -3.01 -32.78
C ASP B 677 -28.57 -4.12 -31.77
N TYR B 678 -29.10 -3.79 -30.60
CA TYR B 678 -29.20 -4.75 -29.49
C TYR B 678 -30.66 -5.08 -29.14
N SER B 679 -31.56 -4.89 -30.10
CA SER B 679 -32.96 -5.21 -29.90
C SER B 679 -33.22 -6.71 -30.04
N LEU B 680 -34.17 -7.21 -29.25
CA LEU B 680 -34.58 -8.61 -29.26
C LEU B 680 -35.83 -8.82 -30.10
N SER B 681 -36.33 -7.76 -30.69
CA SER B 681 -37.29 -7.83 -31.78
C SER B 681 -37.07 -6.54 -32.57
N ALA B 682 -37.70 -6.40 -33.72
CA ALA B 682 -37.52 -5.17 -34.51
C ALA B 682 -36.04 -4.74 -34.63
N PRO B 683 -35.20 -5.57 -35.25
CA PRO B 683 -33.82 -5.16 -35.49
C PRO B 683 -33.64 -4.07 -36.54
N PHE B 684 -34.70 -3.68 -37.25
CA PHE B 684 -34.57 -2.58 -38.20
C PHE B 684 -35.36 -1.31 -37.87
N GLU B 685 -36.08 -1.28 -36.74
CA GLU B 685 -36.86 -0.10 -36.39
C GLU B 685 -35.95 1.09 -36.20
N ALA B 686 -34.96 0.93 -35.34
CA ALA B 686 -34.06 2.02 -35.05
C ALA B 686 -33.49 2.64 -36.32
N LEU B 687 -33.16 1.80 -37.31
CA LEU B 687 -32.60 2.33 -38.55
C LEU B 687 -33.63 3.09 -39.33
N GLN B 688 -34.84 2.55 -39.42
CA GLN B 688 -35.91 3.24 -40.14
C GLN B 688 -36.24 4.61 -39.53
N GLN B 689 -36.16 4.68 -38.21
CA GLN B 689 -36.27 5.95 -37.47
C GLN B 689 -35.24 6.92 -38.01
N THR B 690 -34.02 6.41 -38.20
CA THR B 690 -32.91 7.21 -38.70
C THR B 690 -33.12 7.66 -40.13
N GLU B 691 -33.65 6.77 -40.97
CA GLU B 691 -33.99 7.13 -42.33
C GLU B 691 -34.93 8.32 -42.27
N LEU B 692 -36.01 8.17 -41.52
CA LEU B 692 -36.97 9.26 -41.27
C LEU B 692 -36.28 10.56 -40.83
N TYR B 693 -35.50 10.45 -39.76
CA TYR B 693 -34.74 11.55 -39.17
C TYR B 693 -33.96 12.29 -40.23
N CYS B 694 -33.11 11.58 -40.96
CA CYS B 694 -32.30 12.19 -42.03
C CYS B 694 -33.18 12.70 -43.19
N ARG B 695 -34.26 11.98 -43.48
CA ARG B 695 -35.17 12.35 -44.55
C ARG B 695 -35.78 13.72 -44.27
N ALA B 696 -36.15 13.95 -43.03
CA ALA B 696 -36.76 15.23 -42.63
C ALA B 696 -35.77 16.39 -42.57
N ARG B 697 -34.46 16.13 -42.64
CA ARG B 697 -33.49 17.21 -42.62
C ARG B 697 -32.67 17.33 -43.91
N GLY B 698 -33.13 16.72 -44.99
CA GLY B 698 -32.44 16.82 -46.28
C GLY B 698 -31.03 16.28 -46.27
N LEU B 699 -30.81 15.27 -45.42
CA LEU B 699 -29.51 14.66 -45.27
C LEU B 699 -29.47 13.37 -46.06
N PRO B 700 -28.45 13.20 -46.90
CA PRO B 700 -28.39 11.99 -47.68
C PRO B 700 -28.29 10.77 -46.76
N PHE B 701 -29.04 9.72 -47.10
CA PHE B 701 -29.10 8.50 -46.31
C PHE B 701 -29.77 7.39 -47.12
N PRO B 702 -29.14 6.22 -47.17
CA PRO B 702 -29.66 5.13 -48.00
C PRO B 702 -30.94 4.55 -47.43
N ARG B 703 -31.85 4.14 -48.30
CA ARG B 703 -33.15 3.66 -47.85
C ARG B 703 -33.06 2.25 -47.29
N VAL B 704 -33.54 2.09 -46.06
CA VAL B 704 -33.59 0.82 -45.39
C VAL B 704 -34.92 0.14 -45.70
N GLU B 705 -34.90 -0.81 -46.63
CA GLU B 705 -36.09 -1.56 -46.99
C GLU B 705 -35.73 -3.03 -46.97
N PRO B 706 -35.79 -3.65 -45.79
CA PRO B 706 -35.48 -5.06 -45.70
C PRO B 706 -36.67 -5.87 -46.20
N SER B 707 -36.38 -6.92 -46.96
CA SER B 707 -37.41 -7.78 -47.53
C SER B 707 -38.11 -8.56 -46.42
N PRO B 708 -39.36 -8.99 -46.69
CA PRO B 708 -40.10 -9.81 -45.72
C PRO B 708 -39.25 -10.92 -45.12
N GLN B 709 -38.46 -11.60 -45.95
CA GLN B 709 -37.55 -12.67 -45.48
C GLN B 709 -36.56 -12.19 -44.41
N ASP B 710 -36.06 -10.97 -44.57
CA ASP B 710 -35.07 -10.42 -43.65
C ASP B 710 -35.64 -10.14 -42.27
N GLN B 711 -36.84 -9.57 -42.20
CA GLN B 711 -37.48 -9.34 -40.90
C GLN B 711 -37.63 -10.66 -40.12
N HIS B 712 -38.09 -11.72 -40.81
CA HIS B 712 -38.46 -12.99 -40.17
C HIS B 712 -37.27 -13.71 -39.57
N GLN B 713 -36.26 -13.97 -40.40
CA GLN B 713 -34.99 -14.49 -39.92
C GLN B 713 -33.87 -13.64 -40.50
N PRO B 714 -33.47 -12.58 -39.76
CA PRO B 714 -32.36 -11.78 -40.21
C PRO B 714 -31.05 -12.51 -40.00
N ARG B 715 -30.01 -11.94 -40.58
CA ARG B 715 -28.70 -12.52 -40.61
C ARG B 715 -27.70 -11.53 -40.05
N GLU B 716 -26.48 -12.00 -39.89
CA GLU B 716 -25.46 -11.33 -39.07
C GLU B 716 -25.17 -9.87 -39.48
N CYS B 717 -25.24 -9.62 -40.78
CA CYS B 717 -24.86 -8.34 -41.38
C CYS B 717 -25.79 -7.99 -42.54
N HIS B 718 -26.19 -6.72 -42.62
CA HIS B 718 -27.04 -6.24 -43.69
C HIS B 718 -26.46 -4.98 -44.30
N LEU B 719 -26.28 -4.98 -45.61
CA LEU B 719 -25.83 -3.81 -46.34
C LEU B 719 -27.01 -2.92 -46.68
N PHE B 720 -26.78 -1.61 -46.71
CA PHE B 720 -27.73 -0.65 -47.23
C PHE B 720 -26.91 0.45 -47.91
N SER B 721 -27.06 0.60 -49.21
CA SER B 721 -26.20 1.60 -49.91
C SER B 721 -26.98 2.17 -51.07
N ASP B 722 -26.73 3.43 -51.34
CA ASP B 722 -27.49 4.14 -52.33
C ASP B 722 -26.48 4.95 -53.12
N PRO B 723 -26.15 4.52 -54.35
CA PRO B 723 -25.48 5.47 -55.27
C PRO B 723 -26.43 6.08 -56.30
N PRO B 726 -25.65 8.24 -53.00
CA PRO B 726 -24.92 9.10 -53.90
C PRO B 726 -23.64 9.59 -53.20
N GLU B 727 -23.92 10.39 -52.18
CA GLU B 727 -22.94 10.90 -51.22
C GLU B 727 -23.34 10.40 -49.85
N ALA B 728 -24.29 9.46 -49.79
CA ALA B 728 -24.87 9.02 -48.52
C ALA B 728 -23.99 7.94 -47.99
N PRO B 729 -23.87 7.88 -46.66
CA PRO B 729 -23.01 6.88 -46.07
C PRO B 729 -23.36 5.44 -46.44
N ILE B 730 -22.34 4.60 -46.42
CA ILE B 730 -22.49 3.17 -46.55
C ILE B 730 -22.88 2.71 -45.14
N LEU B 731 -23.73 1.71 -45.07
CA LEU B 731 -24.30 1.32 -43.80
C LEU B 731 -24.32 -0.18 -43.67
N LEU B 732 -23.45 -0.70 -42.81
CA LEU B 732 -23.51 -2.10 -42.42
C LEU B 732 -24.21 -2.19 -41.08
N HIS B 733 -25.30 -2.94 -41.06
CA HIS B 733 -26.15 -3.05 -39.90
C HIS B 733 -26.04 -4.43 -39.34
N PHE B 734 -25.80 -4.53 -38.04
CA PHE B 734 -25.59 -5.80 -37.38
C PHE B 734 -26.70 -6.08 -36.35
N PRO B 735 -27.74 -6.82 -36.76
CA PRO B 735 -28.76 -7.30 -35.83
C PRO B 735 -28.18 -8.13 -34.69
N LEU B 736 -28.95 -8.25 -33.62
CA LEU B 736 -28.59 -9.14 -32.53
C LEU B 736 -29.31 -10.46 -32.74
N VAL B 737 -28.71 -11.33 -33.55
CA VAL B 737 -29.36 -12.54 -34.01
C VAL B 737 -28.45 -13.74 -33.76
N ASN B 738 -29.04 -14.90 -33.51
CA ASN B 738 -28.30 -16.14 -33.35
C ASN B 738 -28.53 -16.93 -34.65
N ALA B 739 -27.66 -16.79 -35.63
CA ALA B 739 -28.01 -17.23 -36.98
C ALA B 739 -27.13 -18.41 -37.34
N SER B 740 -25.94 -18.11 -37.87
CA SER B 740 -24.99 -19.14 -38.27
C SER B 740 -24.10 -19.53 -37.09
N PHE B 741 -24.17 -18.77 -36.01
CA PHE B 741 -23.46 -19.11 -34.80
C PHE B 741 -23.97 -20.39 -34.15
N LYS B 742 -25.22 -20.77 -34.44
CA LYS B 742 -25.78 -22.02 -33.88
C LYS B 742 -24.85 -23.19 -34.14
N ASP B 743 -24.37 -23.28 -35.38
CA ASP B 743 -23.60 -24.43 -35.84
C ASP B 743 -22.20 -24.04 -36.37
N HIS B 744 -21.70 -22.88 -35.95
CA HIS B 744 -20.33 -22.49 -36.25
C HIS B 744 -19.70 -21.99 -34.96
N SER B 745 -18.54 -22.53 -34.61
CA SER B 745 -17.82 -22.09 -33.41
C SER B 745 -16.90 -20.91 -33.71
N ALA B 746 -16.62 -20.70 -34.99
CA ALA B 746 -15.78 -19.60 -35.43
C ALA B 746 -16.08 -19.38 -36.90
N PRO B 747 -15.72 -18.20 -37.44
CA PRO B 747 -16.13 -17.87 -38.81
C PRO B 747 -15.67 -18.92 -39.79
N GLY B 748 -16.63 -19.55 -40.47
CA GLY B 748 -16.32 -20.58 -41.47
C GLY B 748 -16.06 -21.99 -40.96
N VAL B 749 -16.12 -22.19 -39.64
CA VAL B 749 -15.81 -23.48 -39.04
C VAL B 749 -17.08 -24.11 -38.45
N GLN B 750 -17.41 -25.31 -38.91
CA GLN B 750 -18.51 -26.10 -38.38
C GLN B 750 -18.35 -26.32 -36.88
N ARG B 751 -19.47 -26.36 -36.18
CA ARG B 751 -19.48 -26.59 -34.74
C ARG B 751 -19.37 -28.09 -34.51
N SER B 752 -18.41 -28.51 -33.70
CA SER B 752 -18.34 -29.92 -33.29
C SER B 752 -19.56 -30.19 -32.43
N PRO B 753 -20.03 -31.46 -32.39
CA PRO B 753 -21.18 -31.77 -31.52
C PRO B 753 -20.84 -31.69 -30.01
N ALA B 754 -19.54 -31.68 -29.68
CA ALA B 754 -19.09 -31.49 -28.31
C ALA B 754 -19.26 -30.04 -27.80
N GLU B 755 -19.10 -29.08 -28.71
CA GLU B 755 -19.29 -27.65 -28.40
C GLU B 755 -20.65 -27.09 -28.82
N LEU B 756 -21.60 -27.98 -29.15
CA LEU B 756 -22.89 -27.52 -29.62
C LEU B 756 -23.55 -26.54 -28.65
N GLN B 757 -23.58 -26.87 -27.36
CA GLN B 757 -24.19 -26.00 -26.34
C GLN B 757 -23.72 -24.53 -26.32
N GLY B 758 -22.47 -24.26 -26.71
CA GLY B 758 -21.97 -22.87 -26.85
C GLY B 758 -22.73 -22.00 -27.84
N GLY B 759 -23.31 -22.63 -28.87
CA GLY B 759 -24.06 -21.93 -29.91
C GLY B 759 -25.53 -21.71 -29.61
N GLN B 760 -26.07 -22.36 -28.57
CA GLN B 760 -27.46 -22.12 -28.18
C GLN B 760 -27.51 -20.92 -27.23
N VAL B 761 -28.15 -19.83 -27.68
CA VAL B 761 -28.15 -18.56 -26.97
C VAL B 761 -29.59 -18.12 -26.76
N ASP B 762 -29.98 -17.96 -25.51
CA ASP B 762 -31.39 -17.74 -25.17
C ASP B 762 -31.81 -16.29 -25.44
N LEU B 763 -32.16 -15.99 -26.69
CA LEU B 763 -32.50 -14.63 -27.08
C LEU B 763 -34.00 -14.42 -27.20
N THR B 764 -34.77 -15.49 -27.12
CA THR B 764 -36.24 -15.43 -27.22
C THR B 764 -36.81 -16.36 -26.16
N GLY B 765 -38.12 -16.37 -26.00
CA GLY B 765 -38.75 -17.26 -25.03
C GLY B 765 -38.51 -16.84 -23.60
N ALA B 766 -39.47 -17.19 -22.73
CA ALA B 766 -39.44 -16.78 -21.33
C ALA B 766 -38.18 -17.28 -20.64
N THR B 767 -37.91 -16.70 -19.47
CA THR B 767 -36.65 -16.89 -18.74
C THR B 767 -35.39 -16.66 -19.62
N CYS B 768 -35.52 -15.77 -20.61
CA CYS B 768 -34.37 -15.24 -21.32
C CYS B 768 -33.66 -14.31 -20.34
N PRO B 769 -32.35 -14.48 -20.16
CA PRO B 769 -31.62 -13.69 -19.18
C PRO B 769 -31.18 -12.30 -19.63
N TYR B 770 -31.48 -11.95 -20.89
CA TYR B 770 -31.03 -10.69 -21.48
C TYR B 770 -32.13 -9.63 -21.55
N THR B 771 -33.29 -9.93 -20.98
CA THR B 771 -34.30 -8.93 -20.76
C THR B 771 -33.66 -7.63 -20.22
N LEU B 772 -34.30 -6.49 -20.53
CA LEU B 772 -33.81 -5.16 -20.12
C LEU B 772 -33.75 -5.03 -18.61
N SER B 773 -34.81 -5.47 -17.93
CA SER B 773 -34.93 -5.60 -16.46
C SER B 773 -33.69 -6.12 -15.77
N ASN B 774 -33.18 -7.22 -16.30
CA ASN B 774 -32.15 -8.01 -15.62
C ASN B 774 -30.79 -7.33 -15.64
N MET B 775 -30.16 -7.26 -14.46
CA MET B 775 -28.82 -6.69 -14.35
C MET B 775 -27.84 -7.54 -13.53
N THR B 776 -28.15 -8.83 -13.39
CA THR B 776 -27.15 -9.80 -12.97
C THR B 776 -27.08 -10.87 -14.07
N TYR B 777 -25.93 -11.00 -14.73
CA TYR B 777 -25.75 -12.03 -15.77
C TYR B 777 -24.78 -13.10 -15.27
N LYS B 778 -25.33 -14.30 -15.08
CA LYS B 778 -24.55 -15.49 -14.78
C LYS B 778 -23.36 -15.56 -15.76
N GLU B 779 -22.16 -15.82 -15.24
CA GLU B 779 -20.91 -15.76 -16.05
C GLU B 779 -21.00 -16.59 -17.35
N GLU B 780 -21.61 -17.76 -17.27
CA GLU B 780 -21.94 -18.59 -18.43
C GLU B 780 -22.73 -17.81 -19.50
N ASP B 781 -23.83 -17.18 -19.08
CA ASP B 781 -24.71 -16.42 -19.99
C ASP B 781 -24.02 -15.20 -20.60
N PHE B 782 -23.28 -14.46 -19.78
CA PHE B 782 -22.45 -13.37 -20.28
C PHE B 782 -21.63 -13.82 -21.49
N GLU B 783 -20.96 -14.96 -21.37
CA GLU B 783 -20.03 -15.44 -22.39
C GLU B 783 -20.69 -15.77 -23.73
N ARG B 784 -21.82 -16.49 -23.69
CA ARG B 784 -22.55 -16.84 -24.91
C ARG B 784 -22.78 -15.60 -25.75
N LEU B 785 -23.41 -14.59 -25.14
CA LEU B 785 -23.78 -13.37 -25.84
C LEU B 785 -22.54 -12.65 -26.36
N LEU B 786 -21.49 -12.62 -25.56
CA LEU B 786 -20.24 -11.96 -25.96
C LEU B 786 -19.63 -12.63 -27.17
N ARG B 787 -19.56 -13.96 -27.16
CA ARG B 787 -18.97 -14.71 -28.26
C ARG B 787 -19.84 -14.68 -29.50
N LEU B 788 -21.15 -14.76 -29.31
CA LEU B 788 -22.08 -14.59 -30.41
C LEU B 788 -21.76 -13.28 -31.11
N SER B 789 -21.65 -12.22 -30.31
CA SER B 789 -21.42 -10.89 -30.85
C SER B 789 -20.05 -10.80 -31.54
N ASP B 790 -19.01 -11.27 -30.87
CA ASP B 790 -17.68 -11.35 -31.46
C ASP B 790 -17.76 -12.04 -32.82
N TYR B 791 -18.39 -13.20 -32.83
CA TYR B 791 -18.53 -14.02 -34.03
C TYR B 791 -19.27 -13.30 -35.15
N ASN B 792 -20.47 -12.80 -34.84
CA ASN B 792 -21.32 -12.16 -35.84
C ASN B 792 -20.58 -11.08 -36.62
N VAL B 793 -19.71 -10.34 -35.94
CA VAL B 793 -18.91 -9.32 -36.61
C VAL B 793 -17.75 -9.94 -37.41
N GLN B 794 -16.96 -10.80 -36.76
CA GLN B 794 -15.83 -11.43 -37.44
C GLN B 794 -16.32 -12.10 -38.71
N THR B 795 -17.36 -12.91 -38.57
CA THR B 795 -17.93 -13.66 -39.70
C THR B 795 -18.42 -12.75 -40.84
N SER B 796 -18.54 -11.47 -40.55
CA SER B 796 -18.90 -10.49 -41.55
C SER B 796 -17.70 -9.64 -41.99
N GLN B 797 -16.49 -10.17 -41.83
CA GLN B 797 -15.29 -9.42 -42.18
C GLN B 797 -15.26 -9.02 -43.67
N GLY B 798 -15.72 -9.94 -44.53
CA GLY B 798 -15.72 -9.72 -45.96
C GLY B 798 -16.46 -8.45 -46.34
N ALA B 799 -17.68 -8.34 -45.86
CA ALA B 799 -18.54 -7.19 -46.17
C ALA B 799 -18.00 -5.86 -45.65
N ILE B 800 -17.32 -5.91 -44.50
CA ILE B 800 -16.74 -4.70 -43.89
C ILE B 800 -15.61 -4.21 -44.79
N LEU B 801 -14.68 -5.11 -45.10
CA LEU B 801 -13.52 -4.80 -45.94
C LEU B 801 -14.02 -4.31 -47.30
N GLN B 802 -15.02 -5.02 -47.84
CA GLN B 802 -15.69 -4.62 -49.08
C GLN B 802 -16.19 -3.19 -49.00
N ALA B 803 -16.88 -2.89 -47.91
CA ALA B 803 -17.44 -1.57 -47.66
C ALA B 803 -16.36 -0.50 -47.55
N LEU B 804 -15.29 -0.82 -46.83
CA LEU B 804 -14.16 0.09 -46.67
C LEU B 804 -13.51 0.43 -48.02
N ARG B 805 -13.37 -0.57 -48.89
CA ARG B 805 -12.85 -0.38 -50.26
C ARG B 805 -13.73 0.61 -51.00
N THR B 806 -15.04 0.42 -50.90
CA THR B 806 -16.03 1.28 -51.55
C THR B 806 -15.96 2.70 -51.04
N ALA B 807 -15.78 2.83 -49.73
CA ALA B 807 -15.67 4.13 -49.08
C ALA B 807 -14.42 4.89 -49.54
N LEU B 808 -13.37 4.14 -49.84
CA LEU B 808 -12.11 4.71 -50.32
C LEU B 808 -12.28 5.34 -51.72
N LYS B 809 -12.98 4.64 -52.60
CA LYS B 809 -13.24 5.13 -53.97
C LYS B 809 -14.31 6.20 -54.04
N HIS B 810 -14.98 6.48 -52.94
CA HIS B 810 -15.64 7.75 -52.85
C HIS B 810 -14.60 8.90 -52.80
N ARG B 811 -13.67 8.79 -51.85
CA ARG B 811 -12.92 9.90 -51.30
C ARG B 811 -11.42 9.77 -51.58
N GLN C 19 45.66 -17.93 43.09
CA GLN C 19 45.83 -17.81 41.60
C GLN C 19 46.50 -19.04 40.98
N GLY C 20 47.69 -19.39 41.46
CA GLY C 20 48.52 -20.44 40.86
C GLY C 20 48.46 -21.75 41.61
N GLU C 21 49.12 -22.76 41.05
CA GLU C 21 49.17 -24.08 41.65
C GLU C 21 50.43 -24.78 41.13
N ALA C 22 51.22 -25.33 42.04
CA ALA C 22 52.38 -26.13 41.67
C ALA C 22 51.98 -27.60 41.69
N SER C 23 52.23 -28.29 40.59
CA SER C 23 51.99 -29.73 40.51
C SER C 23 53.06 -30.40 39.66
N THR C 24 53.48 -31.58 40.09
CA THR C 24 54.50 -32.35 39.37
C THR C 24 53.87 -33.21 38.29
N CYS C 25 54.54 -33.26 37.15
CA CYS C 25 54.11 -34.10 36.06
C CYS C 25 54.57 -35.52 36.31
N TRP C 26 53.87 -36.47 35.68
CA TRP C 26 54.26 -37.87 35.68
C TRP C 26 54.83 -38.20 34.29
N GLN C 27 55.47 -39.37 34.16
CA GLN C 27 55.92 -39.82 32.85
C GLN C 27 55.12 -41.05 32.39
N LEU C 28 54.28 -40.84 31.38
CA LEU C 28 53.54 -41.92 30.75
C LEU C 28 54.38 -42.49 29.62
N THR C 29 54.49 -43.81 29.62
CA THR C 29 55.18 -44.56 28.58
C THR C 29 54.14 -45.50 28.02
N VAL C 30 53.67 -45.22 26.81
CA VAL C 30 52.68 -46.07 26.17
C VAL C 30 53.43 -46.90 25.18
N ARG C 31 53.05 -48.17 25.04
CA ARG C 31 53.59 -48.99 23.97
C ARG C 31 52.52 -49.67 23.13
N VAL C 32 52.70 -49.54 21.83
CA VAL C 32 51.79 -50.09 20.85
C VAL C 32 52.31 -51.47 20.51
N LEU C 33 51.48 -52.49 20.73
CA LEU C 33 51.89 -53.86 20.54
C LEU C 33 51.41 -54.35 19.18
N GLU C 34 50.12 -54.63 19.08
CA GLU C 34 49.55 -55.20 17.88
C GLU C 34 48.11 -54.75 17.69
N ALA C 35 47.66 -54.85 16.45
CA ALA C 35 46.25 -54.83 16.13
C ALA C 35 45.88 -56.20 15.56
N ARG C 36 44.59 -56.48 15.51
CA ARG C 36 44.10 -57.72 14.95
C ARG C 36 42.85 -57.40 14.11
N ASN C 37 42.71 -58.09 12.99
CA ASN C 37 41.51 -58.01 12.16
C ASN C 37 41.34 -56.72 11.36
N LEU C 38 42.44 -56.15 10.89
CA LEU C 38 42.38 -54.87 10.19
C LEU C 38 41.76 -55.00 8.82
N ARG C 39 40.66 -54.28 8.60
CA ARG C 39 40.04 -54.24 7.29
C ARG C 39 41.10 -54.04 6.22
N TRP C 40 40.85 -54.59 5.05
CA TRP C 40 41.78 -54.51 3.95
C TRP C 40 41.59 -53.22 3.19
N ALA C 41 42.42 -53.00 2.19
CA ALA C 41 42.17 -51.94 1.25
C ALA C 41 41.20 -52.45 0.22
N ASP C 42 40.69 -51.52 -0.56
CA ASP C 42 39.83 -51.88 -1.66
C ASP C 42 40.67 -52.69 -2.64
N LEU C 43 39.99 -53.36 -3.56
CA LEU C 43 40.66 -54.16 -4.59
C LEU C 43 41.58 -55.26 -4.01
N LEU C 44 41.03 -56.02 -3.05
CA LEU C 44 41.63 -57.24 -2.49
C LEU C 44 43.05 -57.11 -1.98
N SER C 45 43.50 -55.89 -1.76
CA SER C 45 44.83 -55.62 -1.32
C SER C 45 44.75 -55.63 0.20
N GLU C 46 45.69 -56.25 0.86
CA GLU C 46 45.70 -56.25 2.30
C GLU C 46 46.31 -54.93 2.79
N ALA C 47 46.09 -54.57 4.06
CA ALA C 47 46.42 -53.21 4.55
C ALA C 47 47.91 -52.96 4.95
N ASP C 48 48.43 -51.74 4.64
CA ASP C 48 49.81 -51.30 5.02
C ASP C 48 49.75 -50.31 6.21
N PRO C 49 49.66 -50.85 7.43
CA PRO C 49 49.16 -50.02 8.52
C PRO C 49 50.19 -49.37 9.43
N TYR C 50 49.76 -48.29 10.10
CA TYR C 50 50.50 -47.68 11.20
C TYR C 50 49.58 -47.00 12.21
N VAL C 51 50.15 -46.69 13.37
CA VAL C 51 49.44 -46.07 14.47
C VAL C 51 49.92 -44.63 14.66
N ILE C 52 49.05 -43.78 15.21
CA ILE C 52 49.40 -42.39 15.55
C ILE C 52 48.88 -42.08 16.93
N LEU C 53 49.78 -41.60 17.79
CA LEU C 53 49.37 -41.15 19.11
C LEU C 53 49.32 -39.62 19.17
N GLN C 54 48.21 -39.08 19.66
CA GLN C 54 48.10 -37.65 19.95
C GLN C 54 47.52 -37.49 21.34
N LEU C 55 48.05 -36.54 22.08
CA LEU C 55 47.53 -36.23 23.39
C LEU C 55 46.77 -34.90 23.31
N SER C 56 45.50 -34.90 23.70
CA SER C 56 44.65 -33.71 23.69
C SER C 56 45.36 -32.48 24.25
N THR C 57 46.12 -32.69 25.32
CA THR C 57 46.82 -31.62 26.01
C THR C 57 48.28 -31.47 25.54
N ALA C 58 48.54 -31.73 24.26
CA ALA C 58 49.88 -31.56 23.69
C ALA C 58 49.77 -31.18 22.22
N PRO C 59 48.91 -30.19 21.93
CA PRO C 59 48.20 -29.99 20.66
C PRO C 59 49.00 -30.18 19.35
N GLY C 60 50.26 -29.76 19.31
CA GLY C 60 51.01 -29.81 18.06
C GLY C 60 51.72 -31.11 17.76
N MET C 61 51.77 -32.02 18.74
CA MET C 61 52.70 -33.14 18.73
C MET C 61 52.02 -34.44 18.26
N LYS C 62 52.74 -35.22 17.47
CA LYS C 62 52.30 -36.53 17.03
C LYS C 62 53.40 -37.54 17.28
N PHE C 63 53.00 -38.78 17.51
CA PHE C 63 53.91 -39.89 17.41
C PHE C 63 53.38 -40.82 16.34
N LYS C 64 54.27 -41.63 15.77
CA LYS C 64 53.94 -42.37 14.57
C LYS C 64 54.81 -43.63 14.50
N THR C 65 54.16 -44.79 14.47
CA THR C 65 54.85 -46.06 14.41
C THR C 65 55.32 -46.32 13.00
N LYS C 66 56.26 -47.24 12.87
CA LYS C 66 56.72 -47.66 11.54
C LYS C 66 55.46 -48.11 10.80
N THR C 67 55.55 -48.05 9.48
CA THR C 67 54.43 -48.44 8.63
C THR C 67 54.68 -49.85 8.03
N LEU C 68 54.07 -50.87 8.63
CA LEU C 68 54.23 -52.26 8.18
C LEU C 68 53.49 -52.46 6.84
N THR C 69 53.72 -53.61 6.19
CA THR C 69 53.16 -53.86 4.86
C THR C 69 52.26 -55.09 4.77
N ASP C 70 51.01 -54.87 4.35
CA ASP C 70 50.10 -55.94 3.95
C ASP C 70 49.82 -56.95 5.08
N THR C 71 49.33 -56.45 6.21
CA THR C 71 48.98 -57.28 7.36
C THR C 71 47.67 -56.84 7.98
N SER C 72 46.77 -57.77 8.24
CA SER C 72 45.53 -57.48 8.97
C SER C 72 45.67 -57.81 10.45
N HIS C 73 46.85 -58.31 10.83
CA HIS C 73 47.25 -58.52 12.22
C HIS C 73 48.68 -58.00 12.36
N PRO C 74 48.86 -56.67 12.40
CA PRO C 74 50.20 -56.10 12.44
C PRO C 74 50.72 -55.95 13.86
N VAL C 75 52.02 -56.22 14.03
CA VAL C 75 52.70 -56.13 15.32
C VAL C 75 53.87 -55.14 15.21
N TRP C 76 53.68 -53.96 15.84
CA TRP C 76 54.67 -52.87 15.81
C TRP C 76 55.63 -52.92 16.97
N ASN C 77 55.11 -53.29 18.14
CA ASN C 77 55.84 -53.26 19.41
C ASN C 77 56.87 -52.11 19.54
N GLU C 78 56.36 -50.88 19.45
CA GLU C 78 57.12 -49.68 19.75
C GLU C 78 56.52 -48.99 20.98
N ALA C 79 57.31 -48.11 21.59
CA ALA C 79 56.90 -47.42 22.82
C ALA C 79 57.26 -45.94 22.79
N PHE C 80 56.34 -45.11 23.26
CA PHE C 80 56.54 -43.66 23.26
C PHE C 80 56.30 -43.06 24.65
N ARG C 81 56.79 -41.83 24.82
CA ARG C 81 56.85 -41.15 26.12
C ARG C 81 56.20 -39.78 26.08
N PHE C 82 55.43 -39.48 27.13
CA PHE C 82 54.77 -38.19 27.29
C PHE C 82 55.05 -37.65 28.68
N LEU C 83 54.77 -36.36 28.85
CA LEU C 83 54.62 -35.78 30.18
C LEU C 83 53.15 -35.43 30.46
N ILE C 84 52.63 -36.04 31.51
CA ILE C 84 51.23 -35.92 31.86
C ILE C 84 51.13 -35.03 33.07
N GLN C 85 50.35 -33.96 32.98
CA GLN C 85 50.04 -33.13 34.14
C GLN C 85 48.77 -33.68 34.78
N SER C 86 48.92 -34.24 35.98
CA SER C 86 47.83 -34.90 36.70
C SER C 86 46.58 -34.02 36.93
N GLN C 87 46.79 -32.72 37.10
CA GLN C 87 45.69 -31.80 37.41
C GLN C 87 44.87 -31.34 36.20
N VAL C 88 45.26 -31.75 35.00
CA VAL C 88 44.54 -31.41 33.78
C VAL C 88 43.85 -32.67 33.23
N LYS C 89 42.81 -32.53 32.44
CA LYS C 89 42.15 -33.70 31.84
C LYS C 89 42.88 -34.15 30.56
N ASN C 90 43.61 -35.27 30.64
CA ASN C 90 44.42 -35.77 29.52
C ASN C 90 43.75 -36.93 28.78
N VAL C 91 43.53 -36.75 27.49
CA VAL C 91 42.84 -37.72 26.66
C VAL C 91 43.75 -38.13 25.52
N LEU C 92 43.98 -39.43 25.37
CA LEU C 92 44.91 -39.94 24.38
C LEU C 92 44.16 -40.53 23.19
N GLU C 93 44.38 -39.95 22.03
CA GLU C 93 43.71 -40.36 20.81
C GLU C 93 44.68 -41.16 19.98
N LEU C 94 44.46 -42.47 19.94
CA LEU C 94 45.34 -43.34 19.19
C LEU C 94 44.54 -44.00 18.09
N SER C 95 45.14 -44.04 16.90
CA SER C 95 44.41 -44.32 15.69
C SER C 95 45.30 -45.00 14.65
N ILE C 96 44.76 -46.02 13.99
CA ILE C 96 45.48 -46.80 13.00
C ILE C 96 45.11 -46.34 11.60
N TYR C 97 46.09 -46.18 10.72
CA TYR C 97 45.83 -45.77 9.33
C TYR C 97 46.36 -46.80 8.34
N ASP C 98 45.77 -46.81 7.14
CA ASP C 98 46.26 -47.60 6.01
C ASP C 98 47.05 -46.65 5.10
N GLU C 99 48.34 -46.92 4.91
CA GLU C 99 49.19 -46.06 4.07
C GLU C 99 48.86 -46.25 2.58
N ASP C 100 48.48 -45.16 1.93
CA ASP C 100 47.93 -45.24 0.56
C ASP C 100 48.13 -43.91 -0.20
N THR C 103 47.64 -41.04 -2.33
CA THR C 103 46.56 -40.25 -1.73
C THR C 103 46.88 -39.97 -0.25
N GLU C 104 45.96 -39.26 0.42
CA GLU C 104 45.94 -39.22 1.88
C GLU C 104 45.56 -40.60 2.44
N ASP C 105 45.99 -40.87 3.67
CA ASP C 105 45.85 -42.20 4.26
C ASP C 105 44.48 -42.36 4.93
N ASP C 106 43.80 -43.47 4.61
CA ASP C 106 42.47 -43.74 5.14
C ASP C 106 42.55 -44.34 6.54
N ILE C 107 41.89 -43.68 7.48
CA ILE C 107 41.78 -44.19 8.85
C ILE C 107 40.87 -45.41 8.92
N CYS C 108 41.21 -46.37 9.78
CA CYS C 108 40.37 -47.53 10.00
C CYS C 108 39.97 -47.74 11.46
N PHE C 109 40.84 -47.35 12.38
CA PHE C 109 40.55 -47.53 13.78
C PHE C 109 40.93 -46.28 14.56
N LYS C 110 40.05 -45.83 15.43
CA LYS C 110 40.30 -44.65 16.24
C LYS C 110 39.70 -44.85 17.61
N VAL C 111 40.42 -44.47 18.65
CA VAL C 111 39.84 -44.55 19.98
C VAL C 111 40.45 -43.51 20.94
N LEU C 112 39.58 -42.75 21.61
CA LEU C 112 40.00 -41.79 22.62
C LEU C 112 40.05 -42.49 23.98
N TYR C 113 41.10 -42.27 24.76
CA TYR C 113 41.24 -42.95 26.04
C TYR C 113 41.63 -41.98 27.14
N ASP C 114 40.73 -41.77 28.10
CA ASP C 114 41.05 -40.93 29.24
C ASP C 114 42.03 -41.67 30.14
N ILE C 115 43.18 -41.03 30.39
CA ILE C 115 44.26 -41.66 31.13
C ILE C 115 44.25 -41.27 32.61
N SER C 116 43.07 -40.93 33.12
CA SER C 116 42.86 -40.86 34.56
C SER C 116 42.96 -42.28 35.09
N GLU C 117 42.22 -43.19 34.45
CA GLU C 117 42.23 -44.60 34.81
C GLU C 117 43.64 -45.07 35.19
N VAL C 118 44.60 -44.88 34.28
CA VAL C 118 45.94 -45.43 34.48
C VAL C 118 46.62 -44.89 35.74
N LEU C 119 46.90 -45.81 36.67
CA LEU C 119 47.51 -45.50 37.96
C LEU C 119 49.03 -45.72 37.90
N PRO C 120 49.80 -44.94 38.69
CA PRO C 120 51.28 -44.95 38.59
C PRO C 120 51.94 -46.16 39.22
N GLY C 121 53.02 -46.65 38.62
CA GLY C 121 53.70 -47.86 39.10
C GLY C 121 53.01 -49.11 38.58
N LYS C 122 51.68 -49.18 38.75
CA LYS C 122 50.83 -50.19 38.09
C LYS C 122 50.96 -50.13 36.56
N LEU C 123 51.41 -51.22 35.98
CA LEU C 123 51.48 -51.38 34.52
C LEU C 123 50.11 -51.86 34.06
N LEU C 124 49.50 -51.14 33.11
CA LEU C 124 48.20 -51.53 32.55
C LEU C 124 48.38 -52.15 31.16
N ARG C 125 47.60 -53.19 30.85
CA ARG C 125 47.44 -53.66 29.48
C ARG C 125 45.99 -53.45 29.10
N LYS C 126 45.75 -52.77 27.97
CA LYS C 126 44.39 -52.56 27.49
C LYS C 126 44.25 -53.20 26.12
N THR C 127 43.00 -53.49 25.75
CA THR C 127 42.61 -53.81 24.36
C THR C 127 41.39 -52.95 24.02
N PHE C 128 41.40 -52.35 22.85
CA PHE C 128 40.34 -51.44 22.47
C PHE C 128 39.56 -52.03 21.33
N SER C 129 38.31 -51.60 21.15
CA SER C 129 37.51 -52.04 19.98
C SER C 129 36.39 -51.08 19.60
N GLU C 135 35.03 -56.09 15.91
CA GLU C 135 35.96 -56.74 14.99
C GLU C 135 37.42 -56.35 15.26
N GLU C 136 37.80 -55.15 14.83
CA GLU C 136 39.19 -54.67 14.94
C GLU C 136 39.59 -54.47 16.40
N GLU C 137 40.77 -54.96 16.76
CA GLU C 137 41.25 -54.88 18.14
C GLU C 137 42.68 -54.40 18.21
N LEU C 138 42.99 -53.54 19.18
CA LEU C 138 44.33 -52.97 19.33
C LEU C 138 44.82 -53.04 20.77
N ASP C 139 46.03 -53.58 20.93
CA ASP C 139 46.62 -53.89 22.23
C ASP C 139 47.72 -52.88 22.60
N VAL C 140 47.57 -52.27 23.78
CA VAL C 140 48.46 -51.21 24.23
C VAL C 140 48.85 -51.47 25.68
N GLU C 141 50.09 -51.11 26.03
CA GLU C 141 50.62 -51.18 27.40
C GLU C 141 51.12 -49.82 27.90
N PHE C 142 50.47 -49.30 28.94
CA PHE C 142 50.86 -48.03 29.57
C PHE C 142 51.62 -48.25 30.88
N LEU C 143 52.55 -47.33 31.18
CA LEU C 143 53.18 -47.27 32.50
C LEU C 143 53.45 -45.84 32.97
N MET C 144 52.73 -45.42 34.02
CA MET C 144 52.89 -44.10 34.64
C MET C 144 53.97 -44.13 35.71
N GLU C 145 55.06 -43.43 35.46
CA GLU C 145 56.21 -43.43 36.35
C GLU C 145 56.41 -42.04 36.95
N GLU C 146 56.66 -42.00 38.26
CA GLU C 146 57.07 -40.77 38.95
C GLU C 146 58.27 -40.15 38.25
N THR C 147 58.53 -38.90 38.57
CA THR C 147 59.71 -38.26 38.04
C THR C 147 60.16 -37.14 38.97
N SER C 148 61.46 -36.89 38.96
CA SER C 148 62.06 -35.86 39.76
C SER C 148 62.41 -34.65 38.88
N ASP C 149 61.39 -34.08 38.26
CA ASP C 149 61.49 -32.75 37.68
C ASP C 149 60.82 -31.84 38.71
N ARG C 150 61.12 -30.56 38.64
CA ARG C 150 60.42 -29.57 39.47
C ARG C 150 58.95 -29.54 39.10
N PRO C 151 58.08 -29.12 40.02
CA PRO C 151 56.66 -29.02 39.67
C PRO C 151 56.37 -27.91 38.65
N GLU C 152 55.37 -28.16 37.79
CA GLU C 152 54.93 -27.20 36.79
C GLU C 152 54.15 -26.11 37.53
N ASN C 153 54.26 -24.87 37.04
CA ASN C 153 53.57 -23.75 37.64
C ASN C 153 52.32 -23.36 36.87
N LEU C 154 51.19 -23.85 37.34
CA LEU C 154 49.90 -23.64 36.68
C LEU C 154 49.26 -22.35 37.17
N ILE C 155 48.29 -21.86 36.40
CA ILE C 155 47.39 -20.81 36.84
C ILE C 155 46.01 -21.36 36.59
N THR C 156 45.31 -21.71 37.67
CA THR C 156 44.06 -22.40 37.51
C THR C 156 42.89 -21.70 38.15
N ASN C 157 41.74 -22.05 37.62
CA ASN C 157 40.45 -21.49 37.95
C ASN C 157 39.60 -22.60 38.60
N LYS C 158 40.25 -23.74 38.85
CA LYS C 158 39.62 -25.02 39.23
C LYS C 158 38.68 -25.62 38.17
N VAL C 159 38.58 -24.97 37.02
CA VAL C 159 37.88 -25.54 35.85
C VAL C 159 38.62 -25.23 34.54
N ILE C 160 39.22 -24.05 34.46
CA ILE C 160 40.25 -23.82 33.46
C ILE C 160 41.65 -23.87 34.09
N VAL C 161 42.60 -24.33 33.29
CA VAL C 161 43.99 -24.35 33.67
C VAL C 161 44.79 -23.74 32.54
N ALA C 162 45.66 -22.80 32.92
CA ALA C 162 46.72 -22.34 32.06
C ALA C 162 48.01 -23.13 32.42
N ARG C 163 48.41 -24.02 31.52
CA ARG C 163 49.69 -24.72 31.64
C ARG C 163 50.85 -23.73 31.66
N GLU C 164 51.94 -24.13 32.33
CA GLU C 164 53.14 -23.29 32.38
C GLU C 164 53.70 -23.09 30.98
N LEU C 165 54.10 -21.87 30.68
CA LEU C 165 54.71 -21.54 29.41
C LEU C 165 56.22 -21.37 29.49
N SER C 166 56.81 -21.22 28.32
CA SER C 166 58.20 -20.84 28.20
C SER C 166 58.41 -20.29 26.78
N CYS C 167 59.51 -19.57 26.63
CA CYS C 167 59.71 -18.68 25.49
C CYS C 167 61.12 -18.83 24.98
N LEU C 168 61.26 -18.90 23.66
CA LEU C 168 62.54 -19.19 23.01
C LEU C 168 62.99 -17.96 22.22
N ASP C 169 63.86 -17.15 22.83
CA ASP C 169 64.47 -16.02 22.16
C ASP C 169 65.48 -16.63 21.20
N VAL C 170 65.47 -16.19 19.95
CA VAL C 170 66.41 -16.66 18.94
C VAL C 170 67.03 -15.47 18.23
N HIS C 171 68.34 -15.27 18.38
CA HIS C 171 69.03 -14.11 17.82
C HIS C 171 69.88 -14.53 16.62
N LEU C 172 70.09 -13.60 15.69
CA LEU C 172 70.50 -13.95 14.32
C LEU C 172 72.01 -14.02 14.05
N ASP C 173 72.84 -13.28 14.77
CA ASP C 173 74.31 -13.44 14.60
C ASP C 173 75.13 -12.97 15.82
N GLU C 188 65.70 -16.54 4.11
CA GLU C 188 65.51 -17.94 3.81
C GLU C 188 66.00 -18.82 4.97
N LEU C 189 65.53 -18.49 6.18
CA LEU C 189 65.79 -19.28 7.38
C LEU C 189 64.44 -19.82 7.79
N GLU C 190 64.37 -21.11 8.10
CA GLU C 190 63.11 -21.70 8.56
C GLU C 190 63.31 -22.33 9.92
N LEU C 191 62.80 -21.66 10.95
CA LEU C 191 62.82 -22.20 12.29
C LEU C 191 61.48 -22.87 12.52
N VAL C 192 61.52 -24.10 13.06
CA VAL C 192 60.31 -24.89 13.33
C VAL C 192 60.37 -25.39 14.75
N LEU C 193 59.28 -25.18 15.48
CA LEU C 193 59.19 -25.69 16.85
C LEU C 193 57.81 -26.30 17.10
N LYS C 194 57.70 -27.62 16.97
CA LYS C 194 56.41 -28.28 17.07
C LYS C 194 55.89 -28.22 18.51
N GLY C 195 54.64 -27.79 18.64
CA GLY C 195 53.98 -27.61 19.94
C GLY C 195 53.84 -26.14 20.35
N SER C 196 54.25 -25.24 19.47
CA SER C 196 54.35 -23.82 19.79
C SER C 196 53.30 -23.04 19.02
N TYR C 197 52.74 -22.03 19.66
CA TYR C 197 51.68 -21.21 19.07
C TYR C 197 52.04 -20.75 17.65
N GLU C 198 53.26 -20.26 17.48
CA GLU C 198 53.82 -19.97 16.16
C GLU C 198 54.46 -21.28 15.75
N ASP C 199 53.90 -21.99 14.79
CA ASP C 199 54.38 -23.35 14.51
C ASP C 199 55.79 -23.31 13.94
N THR C 200 55.92 -22.53 12.87
CA THR C 200 57.16 -22.41 12.14
C THR C 200 57.33 -20.95 11.75
N GLN C 201 58.50 -20.38 11.99
CA GLN C 201 58.76 -19.02 11.59
C GLN C 201 59.79 -19.03 10.47
N THR C 202 59.52 -18.23 9.44
CA THR C 202 60.32 -18.23 8.22
C THR C 202 60.69 -16.80 7.80
N SER C 203 61.96 -16.45 8.00
CA SER C 203 62.48 -15.09 7.80
C SER C 203 63.62 -15.04 6.77
N PHE C 204 64.04 -13.84 6.40
CA PHE C 204 65.23 -13.59 5.57
C PHE C 204 66.33 -12.87 6.37
N GLY C 206 69.02 -10.97 6.75
CA GLY C 206 70.30 -11.43 7.27
C GLY C 206 71.10 -10.31 7.91
N THR C 207 70.45 -9.53 8.78
CA THR C 207 71.10 -8.43 9.48
C THR C 207 70.45 -8.18 10.85
N ALA C 208 70.87 -8.96 11.84
CA ALA C 208 70.47 -8.76 13.25
C ALA C 208 68.96 -8.99 13.55
N SER C 209 68.36 -10.04 12.97
CA SER C 209 66.94 -10.44 13.24
C SER C 209 66.78 -11.18 14.57
N ALA C 210 65.53 -11.39 14.97
CA ALA C 210 65.21 -12.20 16.15
C ALA C 210 63.82 -12.80 16.07
N PHE C 211 63.55 -13.76 16.96
CA PHE C 211 62.28 -14.49 16.98
C PHE C 211 61.96 -14.99 18.37
N ARG C 212 60.69 -15.00 18.70
CA ARG C 212 60.20 -15.59 19.94
C ARG C 212 59.28 -16.76 19.58
N PHE C 213 59.39 -17.84 20.34
CA PHE C 213 58.42 -18.92 20.28
C PHE C 213 57.82 -19.10 21.66
N HIS C 214 56.52 -19.37 21.69
CA HIS C 214 55.83 -19.70 22.93
C HIS C 214 55.40 -21.14 22.88
N TYR C 215 55.53 -21.85 23.98
CA TYR C 215 55.19 -23.27 24.02
C TYR C 215 55.12 -23.71 25.47
N MET C 216 54.47 -24.83 25.75
CA MET C 216 54.41 -25.32 27.12
C MET C 216 55.78 -25.74 27.62
N ALA C 217 55.99 -25.63 28.93
CA ALA C 217 57.23 -26.08 29.54
C ALA C 217 57.28 -27.60 29.55
N ALA C 218 56.14 -28.22 29.81
CA ALA C 218 56.03 -29.68 29.87
C ALA C 218 56.23 -30.41 28.54
N LEU C 219 56.26 -29.71 27.42
CA LEU C 219 56.56 -30.37 26.14
C LEU C 219 58.03 -30.80 26.05
N GLU C 220 58.22 -32.06 25.68
CA GLU C 220 59.51 -32.56 25.23
C GLU C 220 59.51 -32.30 23.74
N THR C 221 60.25 -31.30 23.29
CA THR C 221 60.27 -30.96 21.87
C THR C 221 61.64 -30.43 21.41
N GLU C 222 61.72 -29.90 20.20
CA GLU C 222 62.98 -29.61 19.56
C GLU C 222 62.85 -28.39 18.70
N LEU C 223 63.84 -27.52 18.70
CA LEU C 223 63.91 -26.46 17.70
C LEU C 223 64.67 -26.98 16.50
N SER C 224 64.13 -26.76 15.29
CA SER C 224 64.78 -27.23 14.07
C SER C 224 65.02 -26.08 13.10
N GLY C 225 66.27 -25.97 12.63
CA GLY C 225 66.69 -24.87 11.75
C GLY C 225 67.23 -25.33 10.41
N ARG C 226 67.03 -24.49 9.38
CA ARG C 226 67.41 -24.84 8.01
C ARG C 226 67.50 -23.61 7.09
N LEU C 227 68.35 -23.70 6.07
CA LEU C 227 68.50 -22.65 5.04
C LEU C 227 68.09 -23.14 3.64
N TYR C 243 68.79 -29.99 8.10
CA TYR C 243 67.89 -29.85 9.26
C TYR C 243 68.57 -30.12 10.62
N LEU C 244 69.32 -29.15 11.13
CA LEU C 244 69.91 -29.28 12.46
C LEU C 244 68.85 -28.99 13.51
N THR C 245 68.92 -29.70 14.63
CA THR C 245 67.92 -29.55 15.68
C THR C 245 68.54 -29.56 17.09
N VAL C 246 67.90 -28.82 17.99
CA VAL C 246 68.30 -28.76 19.39
C VAL C 246 67.15 -29.28 20.23
N PRO C 247 67.43 -30.26 21.11
CA PRO C 247 66.35 -30.75 21.97
C PRO C 247 65.92 -29.68 22.97
N LEU C 248 64.67 -29.75 23.40
CA LEU C 248 64.14 -28.92 24.48
C LEU C 248 63.52 -29.81 25.53
N ARG C 249 64.31 -30.19 26.53
CA ARG C 249 63.81 -31.05 27.58
C ARG C 249 62.79 -30.25 28.40
N PRO C 250 61.82 -30.93 29.00
CA PRO C 250 60.78 -30.25 29.76
C PRO C 250 61.19 -29.83 31.16
N LEU C 251 60.66 -28.69 31.62
CA LEU C 251 60.76 -28.23 33.02
C LEU C 251 62.19 -27.95 33.54
N THR C 252 63.11 -27.60 32.65
CA THR C 252 64.49 -27.30 33.09
C THR C 252 64.79 -25.80 32.97
N GLY C 254 66.63 -23.31 31.22
CA GLY C 254 67.27 -23.23 29.90
C GLY C 254 68.66 -22.63 29.97
N LYS C 255 69.56 -23.08 29.10
CA LYS C 255 70.87 -22.47 28.98
C LYS C 255 70.94 -21.63 27.71
N GLU C 256 72.02 -20.87 27.56
CA GLU C 256 72.34 -20.22 26.30
C GLU C 256 72.84 -21.33 25.37
N VAL C 257 72.56 -21.23 24.07
CA VAL C 257 73.03 -22.23 23.11
C VAL C 257 73.30 -21.58 21.77
N THR C 258 74.44 -21.87 21.17
CA THR C 258 74.77 -21.39 19.84
C THR C 258 74.62 -22.53 18.85
N MET C 259 74.06 -22.26 17.68
CA MET C 259 74.16 -23.22 16.59
C MET C 259 74.51 -22.52 15.29
N ASP C 260 75.54 -23.05 14.61
CA ASP C 260 75.84 -22.64 13.25
C ASP C 260 74.95 -23.45 12.32
N VAL C 261 74.26 -22.77 11.43
CA VAL C 261 73.33 -23.40 10.51
C VAL C 261 73.93 -23.34 9.12
N PRO C 262 74.09 -24.50 8.46
CA PRO C 262 74.74 -24.56 7.17
C PRO C 262 73.86 -24.10 6.02
N ALA C 263 74.38 -23.19 5.20
CA ALA C 263 73.83 -22.90 3.88
C ALA C 263 74.34 -24.02 2.95
N PRO C 264 73.85 -24.11 1.69
CA PRO C 264 74.55 -25.03 0.78
C PRO C 264 76.04 -24.64 0.62
N ASN C 265 76.31 -23.35 0.43
CA ASN C 265 77.69 -22.84 0.38
C ASN C 265 77.79 -21.41 0.91
N GLY C 268 78.00 -20.03 6.42
CA GLY C 268 76.97 -20.39 7.39
C GLY C 268 76.52 -19.26 8.32
N VAL C 269 75.29 -19.39 8.81
CA VAL C 269 74.69 -18.44 9.74
C VAL C 269 74.85 -18.95 11.18
N ARG C 270 74.91 -18.02 12.14
CA ARG C 270 75.01 -18.33 13.58
C ARG C 270 73.66 -18.02 14.25
N LEU C 271 73.34 -18.65 15.39
CA LEU C 271 72.12 -18.32 16.14
C LEU C 271 72.31 -18.50 17.64
N GLN C 272 71.92 -17.50 18.43
CA GLN C 272 71.91 -17.63 19.89
C GLN C 272 70.51 -18.00 20.33
N LEU C 273 70.42 -19.00 21.21
CA LEU C 273 69.16 -19.50 21.74
C LEU C 273 69.17 -19.44 23.26
N LYS C 274 68.12 -18.86 23.85
CA LYS C 274 67.84 -19.04 25.28
C LYS C 274 66.39 -19.40 25.44
N ALA C 275 66.14 -20.27 26.40
CA ALA C 275 64.80 -20.61 26.80
C ALA C 275 64.55 -19.99 28.18
N GLU C 276 63.40 -19.33 28.34
CA GLU C 276 63.09 -18.60 29.57
C GLU C 276 61.62 -18.77 29.90
N GLY C 277 61.22 -18.29 31.08
CA GLY C 277 59.80 -18.06 31.36
C GLY C 277 59.28 -17.00 30.40
N CYS C 278 57.96 -16.93 30.21
CA CYS C 278 57.41 -15.96 29.28
C CYS C 278 57.39 -14.55 29.91
N PRO C 279 57.43 -13.50 29.06
CA PRO C 279 57.36 -12.11 29.52
C PRO C 279 55.96 -11.54 29.78
N GLU C 280 54.93 -12.12 29.16
CA GLU C 280 53.59 -11.53 29.12
C GLU C 280 52.71 -11.95 30.29
N GLU C 281 51.97 -10.99 30.83
CA GLU C 281 51.07 -11.25 31.95
C GLU C 281 49.74 -11.73 31.38
N LEU C 282 48.98 -12.48 32.19
CA LEU C 282 47.72 -13.06 31.70
C LEU C 282 46.70 -11.99 31.32
N ALA C 283 46.39 -11.92 30.03
CA ALA C 283 45.38 -11.00 29.53
C ALA C 283 43.95 -11.46 29.88
N VAL C 284 43.72 -12.77 29.84
CA VAL C 284 42.44 -13.37 30.20
C VAL C 284 42.33 -13.53 31.72
N HIS C 285 41.18 -13.14 32.27
CA HIS C 285 40.99 -13.23 33.70
C HIS C 285 40.20 -14.47 34.02
N LEU C 286 40.78 -15.31 34.87
CA LEU C 286 40.19 -16.57 35.27
C LEU C 286 39.60 -16.36 36.65
N GLY C 287 38.29 -16.45 36.74
CA GLY C 287 37.64 -16.30 38.03
C GLY C 287 36.14 -16.44 37.94
N PHE C 288 35.52 -16.74 39.08
CA PHE C 288 34.08 -16.75 39.18
C PHE C 288 33.62 -15.64 40.11
N ASN C 289 34.25 -14.48 39.95
CA ASN C 289 33.84 -13.28 40.65
C ASN C 289 33.67 -12.14 39.67
N LEU C 290 32.90 -11.15 40.07
CA LEU C 290 32.63 -9.99 39.21
C LEU C 290 33.89 -9.16 39.11
N CYS C 291 34.12 -8.55 37.96
CA CYS C 291 35.31 -7.72 37.77
C CYS C 291 35.20 -6.42 38.58
N ALA C 292 36.32 -5.72 38.69
CA ALA C 292 36.37 -4.49 39.47
C ALA C 292 35.39 -3.45 38.94
N GLU C 293 35.39 -3.25 37.62
CA GLU C 293 34.57 -2.23 36.98
C GLU C 293 33.09 -2.43 37.27
N GLU C 294 32.65 -3.67 37.16
CA GLU C 294 31.29 -4.03 37.51
C GLU C 294 31.02 -3.73 38.97
N GLN C 295 31.97 -4.10 39.83
CA GLN C 295 31.82 -3.83 41.25
C GLN C 295 31.71 -2.34 41.53
N ALA C 296 32.61 -1.56 40.94
CA ALA C 296 32.56 -0.11 41.02
C ALA C 296 31.20 0.43 40.55
N PHE C 297 30.77 -0.04 39.39
CA PHE C 297 29.47 0.34 38.83
C PHE C 297 28.29 0.01 39.73
N LEU C 298 28.34 -1.11 40.46
CA LEU C 298 27.23 -1.49 41.32
C LEU C 298 26.97 -0.42 42.38
N SER C 299 28.03 0.13 42.96
CA SER C 299 27.89 1.23 43.90
C SER C 299 27.31 2.46 43.21
N ARG C 300 28.00 2.91 42.16
CA ARG C 300 27.54 4.04 41.33
C ARG C 300 26.07 3.95 40.94
N ARG C 301 25.61 2.74 40.61
CA ARG C 301 24.23 2.54 40.23
C ARG C 301 23.33 2.47 41.46
N LYS C 302 23.73 1.69 42.46
CA LYS C 302 22.87 1.43 43.61
C LYS C 302 22.30 2.69 44.29
N GLN C 303 23.06 3.79 44.28
CA GLN C 303 22.58 5.04 44.87
C GLN C 303 21.45 5.65 44.04
N VAL C 304 21.61 5.73 42.73
CA VAL C 304 20.55 6.29 41.87
C VAL C 304 19.28 5.44 41.95
N VAL C 305 19.45 4.15 42.26
CA VAL C 305 18.32 3.27 42.52
C VAL C 305 17.61 3.65 43.82
N ALA C 306 18.36 3.87 44.90
CA ALA C 306 17.76 4.28 46.18
C ALA C 306 17.09 5.65 46.04
N LYS C 307 17.76 6.56 45.35
CA LYS C 307 17.21 7.87 45.02
C LYS C 307 15.93 7.75 44.16
N ALA C 308 15.87 6.77 43.26
CA ALA C 308 14.67 6.58 42.43
C ALA C 308 13.58 5.73 43.09
N LEU C 309 13.97 4.85 44.01
CA LEU C 309 13.03 4.00 44.77
C LEU C 309 12.22 4.86 45.74
N LYS C 310 12.92 5.78 46.39
CA LYS C 310 12.33 6.61 47.41
C LYS C 310 11.07 7.37 46.92
N GLN C 311 11.08 7.85 45.68
CA GLN C 311 9.92 8.57 45.11
C GLN C 311 8.86 7.59 44.67
N ALA C 312 9.30 6.50 44.04
CA ALA C 312 8.39 5.46 43.55
C ALA C 312 7.69 4.71 44.69
N LEU C 313 8.39 4.51 45.80
CA LEU C 313 7.81 3.85 46.97
C LEU C 313 7.47 4.80 48.12
N GLN C 314 7.52 6.11 47.86
CA GLN C 314 7.30 7.15 48.89
C GLN C 314 7.86 6.71 50.24
N LEU C 315 9.18 6.71 50.37
CA LEU C 315 9.82 6.04 51.50
C LEU C 315 10.18 6.95 52.66
N ASP C 316 10.20 6.34 53.85
CA ASP C 316 10.50 7.01 55.12
C ASP C 316 11.81 7.76 55.10
N ARG C 317 12.86 7.08 54.66
CA ARG C 317 14.23 7.54 54.84
C ARG C 317 15.04 7.25 53.59
N ASP C 318 16.35 7.50 53.67
CA ASP C 318 17.30 7.04 52.64
C ASP C 318 17.81 5.64 52.94
N GLN C 320 21.04 3.88 51.59
CA GLN C 320 21.68 2.83 52.37
C GLN C 320 22.12 1.69 51.46
N GLU C 321 23.38 1.69 51.00
CA GLU C 321 23.79 0.82 49.87
C GLU C 321 23.55 -0.68 50.07
N ASP C 322 23.87 -1.18 51.25
CA ASP C 322 23.75 -2.61 51.56
C ASP C 322 22.31 -3.14 51.55
N GLU C 323 21.33 -2.25 51.62
CA GLU C 323 19.92 -2.63 51.66
C GLU C 323 19.22 -2.42 50.30
N VAL C 324 19.92 -1.81 49.34
CA VAL C 324 19.34 -1.54 48.01
C VAL C 324 19.15 -2.85 47.25
N PRO C 325 17.91 -3.15 46.83
CA PRO C 325 17.64 -4.41 46.13
C PRO C 325 18.13 -4.40 44.68
N VAL C 326 18.61 -5.56 44.22
CA VAL C 326 19.15 -5.72 42.87
C VAL C 326 18.07 -6.26 41.93
N VAL C 327 17.66 -5.40 40.99
CA VAL C 327 16.54 -5.67 40.10
C VAL C 327 17.08 -5.85 38.70
N GLY C 328 16.59 -6.84 37.98
CA GLY C 328 17.06 -7.09 36.63
C GLY C 328 15.96 -7.13 35.61
N ILE C 329 16.26 -6.67 34.40
CA ILE C 329 15.43 -6.94 33.24
C ILE C 329 16.00 -8.16 32.52
N MET C 330 15.11 -9.08 32.14
CA MET C 330 15.51 -10.34 31.52
C MET C 330 14.68 -10.63 30.28
N ALA C 331 15.17 -10.17 29.14
CA ALA C 331 14.48 -10.30 27.88
C ALA C 331 14.91 -11.56 27.10
N THR C 332 13.93 -12.18 26.42
CA THR C 332 14.18 -13.28 25.50
C THR C 332 14.41 -12.72 24.10
N GLY C 333 14.60 -13.58 23.12
CA GLY C 333 14.80 -13.13 21.76
C GLY C 333 13.48 -12.98 21.08
N GLY C 334 13.53 -12.93 19.74
CA GLY C 334 12.33 -12.89 18.90
C GLY C 334 12.36 -11.86 17.77
N GLY C 335 13.51 -11.72 17.13
CA GLY C 335 13.66 -10.80 16.00
C GLY C 335 13.11 -9.40 16.20
N ALA C 336 12.48 -8.88 15.14
CA ALA C 336 11.91 -7.55 15.15
C ALA C 336 10.80 -7.42 16.20
N ARG C 337 9.99 -8.46 16.35
CA ARG C 337 8.95 -8.53 17.38
C ARG C 337 9.50 -8.29 18.79
N ALA C 338 10.58 -8.97 19.13
CA ALA C 338 11.22 -8.81 20.44
C ALA C 338 11.71 -7.38 20.62
N MET C 339 12.31 -6.83 19.56
CA MET C 339 12.89 -5.49 19.61
C MET C 339 11.87 -4.43 19.94
N THR C 340 10.75 -4.41 19.21
CA THR C 340 9.77 -3.33 19.36
C THR C 340 8.96 -3.48 20.64
N SER C 341 8.56 -4.70 20.98
CA SER C 341 7.88 -4.92 22.24
C SER C 341 8.74 -4.46 23.41
N LEU C 342 10.05 -4.71 23.32
CA LEU C 342 10.98 -4.32 24.38
C LEU C 342 11.03 -2.81 24.60
N TYR C 343 11.19 -2.06 23.50
CA TYR C 343 11.05 -0.59 23.50
C TYR C 343 9.82 -0.18 24.30
N GLY C 344 8.69 -0.84 23.99
CA GLY C 344 7.44 -0.60 24.69
C GLY C 344 7.50 -0.91 26.17
N HIS C 345 8.10 -2.04 26.54
CA HIS C 345 8.22 -2.39 27.95
C HIS C 345 9.09 -1.38 28.68
N LEU C 346 10.17 -0.95 28.02
CA LEU C 346 11.05 0.06 28.61
C LEU C 346 10.32 1.39 28.76
N LEU C 347 9.56 1.75 27.74
CA LEU C 347 8.75 2.98 27.78
C LEU C 347 7.89 3.00 29.03
N ALA C 348 7.19 1.90 29.27
CA ALA C 348 6.33 1.74 30.45
C ALA C 348 7.13 1.97 31.71
N LEU C 349 8.25 1.28 31.81
CA LEU C 349 9.09 1.40 33.00
C LEU C 349 9.62 2.82 33.22
N GLN C 350 9.93 3.54 32.14
CA GLN C 350 10.38 4.93 32.24
C GLN C 350 9.25 5.80 32.82
N LYS C 351 8.09 5.77 32.16
CA LYS C 351 6.90 6.51 32.59
C LYS C 351 6.53 6.26 34.06
N LEU C 352 6.58 5.01 34.51
CA LEU C 352 6.26 4.72 35.90
C LEU C 352 7.39 5.14 36.86
N GLY C 353 8.47 5.72 36.34
CA GLY C 353 9.63 6.12 37.14
C GLY C 353 10.35 4.95 37.79
N LEU C 354 10.27 3.78 37.16
CA LEU C 354 10.79 2.52 37.71
C LEU C 354 12.02 2.03 36.96
N LEU C 355 12.22 2.48 35.73
CA LEU C 355 13.41 2.11 34.96
C LEU C 355 14.70 2.48 35.68
N ASP C 356 14.63 3.49 36.55
CA ASP C 356 15.79 3.94 37.33
C ASP C 356 16.06 3.07 38.56
N CYS C 357 15.25 2.03 38.80
CA CYS C 357 15.50 1.06 39.88
C CYS C 357 16.22 -0.19 39.38
N VAL C 358 16.42 -0.26 38.06
CA VAL C 358 16.97 -1.44 37.40
C VAL C 358 18.50 -1.39 37.34
N THR C 359 19.13 -2.35 38.00
CA THR C 359 20.59 -2.44 38.10
C THR C 359 21.17 -3.09 36.83
N TYR C 360 20.63 -4.26 36.46
CA TYR C 360 21.09 -5.07 35.32
C TYR C 360 20.03 -5.16 34.24
N PHE C 361 20.47 -5.29 33.00
CA PHE C 361 19.57 -5.37 31.85
C PHE C 361 20.16 -6.33 30.82
N SER C 362 19.58 -7.53 30.71
CA SER C 362 20.12 -8.60 29.86
C SER C 362 19.19 -8.91 28.69
N GLY C 363 19.73 -9.42 27.59
CA GLY C 363 18.92 -9.83 26.44
C GLY C 363 19.58 -10.83 25.51
N ILE C 364 18.78 -11.48 24.67
CA ILE C 364 19.28 -12.39 23.64
C ILE C 364 18.69 -11.98 22.31
N SER C 365 19.46 -12.19 21.24
CA SER C 365 19.00 -12.06 19.85
C SER C 365 18.34 -10.70 19.52
N GLY C 366 17.06 -10.68 19.14
CA GLY C 366 16.33 -9.42 18.89
C GLY C 366 16.41 -8.36 19.99
N SER C 367 16.18 -8.74 21.25
CA SER C 367 16.35 -7.85 22.40
C SER C 367 17.62 -7.02 22.31
N THR C 368 18.69 -7.62 21.80
CA THR C 368 19.98 -6.94 21.77
C THR C 368 19.98 -5.79 20.77
N TRP C 369 19.13 -5.86 19.76
CA TRP C 369 19.03 -4.78 18.79
C TRP C 369 18.53 -3.51 19.49
N THR C 370 17.42 -3.65 20.19
CA THR C 370 16.93 -2.60 21.08
C THR C 370 18.02 -2.12 22.03
N MET C 371 18.69 -3.06 22.69
CA MET C 371 19.72 -2.73 23.68
C MET C 371 20.89 -1.96 23.07
N ALA C 372 21.37 -2.41 21.92
CA ALA C 372 22.58 -1.85 21.32
C ALA C 372 22.38 -0.42 20.87
N HIS C 373 21.24 -0.16 20.24
CA HIS C 373 20.88 1.18 19.78
C HIS C 373 20.73 2.18 20.94
N LEU C 374 19.97 1.77 21.95
CA LEU C 374 19.74 2.60 23.14
C LEU C 374 21.04 2.98 23.84
N TYR C 375 21.94 2.02 24.00
CA TYR C 375 23.20 2.29 24.69
C TYR C 375 24.21 3.10 23.87
N GLY C 376 23.92 3.32 22.58
CA GLY C 376 24.68 4.23 21.73
C GLY C 376 24.66 5.65 22.28
N ASP C 377 23.47 6.12 22.62
CA ASP C 377 23.30 7.34 23.41
C ASP C 377 23.66 7.05 24.89
N PRO C 378 24.72 7.67 25.42
CA PRO C 378 25.18 7.30 26.76
C PRO C 378 24.26 7.68 27.92
N GLU C 379 23.14 8.34 27.63
CA GLU C 379 22.18 8.69 28.68
C GLU C 379 20.73 8.46 28.23
N TRP C 380 20.55 7.43 27.42
CA TRP C 380 19.24 7.07 26.85
C TRP C 380 18.13 6.94 27.90
N SER C 381 18.45 6.33 29.05
CA SER C 381 17.43 6.01 30.08
C SER C 381 16.85 7.25 30.75
N GLN C 382 17.58 8.36 30.68
CA GLN C 382 17.09 9.62 31.20
C GLN C 382 16.35 10.45 30.15
N ARG C 383 16.78 10.37 28.89
CA ARG C 383 16.14 11.12 27.81
C ARG C 383 14.86 10.44 27.31
N ASP C 384 14.12 11.15 26.47
CA ASP C 384 12.86 10.66 25.96
C ASP C 384 13.11 9.46 25.06
N LEU C 385 12.42 8.35 25.34
CA LEU C 385 12.55 7.13 24.55
C LEU C 385 11.93 7.23 23.17
N GLU C 386 10.93 8.09 23.00
CA GLU C 386 10.17 8.20 21.75
C GLU C 386 11.01 8.68 20.56
N GLY C 387 12.23 9.17 20.84
CA GLY C 387 13.20 9.44 19.78
C GLY C 387 13.70 8.17 19.12
N PRO C 388 14.40 7.32 19.90
CA PRO C 388 14.77 5.98 19.45
C PRO C 388 13.63 5.11 18.91
N ILE C 389 12.43 5.22 19.49
CA ILE C 389 11.28 4.43 19.03
C ILE C 389 11.00 4.77 17.57
N ARG C 390 10.99 6.08 17.29
CA ARG C 390 10.73 6.62 15.96
C ARG C 390 11.80 6.12 14.97
N TYR C 391 13.05 6.13 15.42
CA TYR C 391 14.19 5.60 14.65
C TYR C 391 13.89 4.17 14.23
N ALA C 392 13.51 3.35 15.22
CA ALA C 392 13.26 1.94 14.99
C ALA C 392 12.10 1.73 14.06
N ARG C 393 10.99 2.43 14.31
CA ARG C 393 9.79 2.32 13.49
C ARG C 393 10.04 2.64 12.02
N GLU C 394 10.71 3.75 11.77
CA GLU C 394 10.97 4.20 10.40
C GLU C 394 11.84 3.20 9.64
N HIS C 395 12.96 2.82 10.24
CA HIS C 395 13.87 1.86 9.62
C HIS C 395 13.21 0.50 9.43
N LEU C 396 12.31 0.14 10.36
CA LEU C 396 11.58 -1.12 10.26
C LEU C 396 10.57 -1.07 9.11
N ALA C 397 9.95 0.08 8.89
CA ALA C 397 8.94 0.25 7.83
C ALA C 397 9.54 0.45 6.43
N LYS C 398 10.68 1.13 6.33
CA LYS C 398 11.47 1.25 5.09
C LYS C 398 11.58 -0.11 4.39
N SER C 399 11.24 -0.20 3.10
CA SER C 399 11.26 -1.49 2.40
C SER C 399 12.72 -1.91 2.21
N LYS C 400 12.98 -3.22 2.26
CA LYS C 400 14.35 -3.73 2.25
C LYS C 400 14.77 -4.27 0.89
N LEU C 401 14.22 -3.73 -0.20
CA LEU C 401 14.64 -4.18 -1.52
C LEU C 401 16.03 -3.61 -1.83
N GLU C 402 16.33 -2.45 -1.25
CA GLU C 402 17.63 -1.80 -1.43
C GLU C 402 18.79 -2.58 -0.81
N VAL C 403 18.58 -3.15 0.38
CA VAL C 403 19.66 -3.87 1.08
C VAL C 403 20.25 -5.05 0.27
N PHE C 404 19.50 -5.56 -0.70
CA PHE C 404 19.98 -6.65 -1.55
C PHE C 404 20.37 -6.24 -2.97
N SER C 405 20.39 -4.93 -3.23
CA SER C 405 20.75 -4.38 -4.53
C SER C 405 22.27 -4.37 -4.71
N PRO C 406 22.76 -4.67 -5.94
CA PRO C 406 24.22 -4.86 -6.16
C PRO C 406 25.15 -3.70 -5.83
N GLU C 407 24.63 -2.51 -5.54
CA GLU C 407 25.46 -1.41 -5.09
C GLU C 407 25.88 -1.65 -3.66
N ARG C 408 24.93 -2.11 -2.84
CA ARG C 408 25.23 -2.45 -1.45
C ARG C 408 26.03 -3.76 -1.36
N LEU C 409 25.63 -4.77 -2.13
CA LEU C 409 26.34 -6.04 -2.14
C LEU C 409 27.83 -5.83 -2.44
N ALA C 410 28.13 -4.92 -3.37
CA ALA C 410 29.50 -4.51 -3.65
C ALA C 410 30.21 -4.09 -2.35
N SER C 411 29.60 -3.17 -1.61
CA SER C 411 30.21 -2.63 -0.40
C SER C 411 30.38 -3.66 0.71
N TYR C 412 29.57 -4.72 0.72
CA TYR C 412 29.77 -5.81 1.67
C TYR C 412 31.00 -6.61 1.27
N ARG C 413 30.99 -7.22 0.07
CA ARG C 413 32.13 -8.02 -0.38
C ARG C 413 33.44 -7.20 -0.38
N ARG C 414 33.32 -5.90 -0.65
CA ARG C 414 34.45 -5.00 -0.61
C ARG C 414 34.96 -4.83 0.83
N GLU C 415 34.04 -4.80 1.80
CA GLU C 415 34.42 -4.79 3.21
C GLU C 415 34.88 -6.15 3.70
N LEU C 416 34.42 -7.22 3.06
CA LEU C 416 34.92 -8.56 3.36
C LEU C 416 36.33 -8.80 2.80
N GLU C 417 36.63 -8.25 1.62
CA GLU C 417 37.99 -8.34 1.09
C GLU C 417 38.93 -7.51 1.98
N LEU C 418 38.53 -6.30 2.31
CA LEU C 418 39.28 -5.47 3.24
C LEU C 418 39.44 -6.21 4.57
N ARG C 419 38.37 -6.87 4.98
CA ARG C 419 38.37 -7.65 6.22
C ARG C 419 39.27 -8.88 6.08
N ALA C 420 39.24 -9.55 4.94
CA ALA C 420 40.08 -10.72 4.71
C ALA C 420 41.57 -10.39 4.66
N GLU C 421 41.92 -9.21 4.14
CA GLU C 421 43.32 -8.76 4.06
C GLU C 421 43.93 -8.62 5.47
N GLN C 422 43.17 -8.01 6.39
CA GLN C 422 43.55 -7.97 7.81
C GLN C 422 43.45 -9.37 8.41
N HIS C 424 41.66 -11.81 9.65
CA HIS C 424 40.23 -12.07 9.83
C HIS C 424 39.72 -13.26 9.03
N PRO C 425 38.96 -14.15 9.68
CA PRO C 425 38.27 -15.18 8.92
C PRO C 425 37.10 -14.57 8.17
N THR C 426 36.67 -15.22 7.10
CA THR C 426 35.41 -14.88 6.45
C THR C 426 34.40 -15.94 6.83
N THR C 427 33.45 -15.54 7.67
CA THR C 427 32.38 -16.41 8.11
C THR C 427 31.06 -15.82 7.58
N PHE C 428 30.06 -16.67 7.45
CA PHE C 428 28.72 -16.25 7.02
C PHE C 428 28.18 -15.22 8.01
N VAL C 429 28.41 -15.45 9.30
CA VAL C 429 27.94 -14.56 10.36
C VAL C 429 28.41 -13.10 10.16
N ASP C 430 29.61 -12.90 9.58
CA ASP C 430 30.14 -11.55 9.26
C ASP C 430 29.36 -10.83 8.16
N LEU C 431 28.83 -11.59 7.21
CA LEU C 431 27.95 -11.05 6.18
C LEU C 431 26.58 -10.73 6.76
N TRP C 432 26.04 -11.66 7.54
CA TRP C 432 24.81 -11.43 8.26
C TRP C 432 24.91 -10.16 9.11
N ALA C 433 26.09 -9.88 9.64
CA ALA C 433 26.34 -8.64 10.38
C ALA C 433 26.13 -7.42 9.50
N LEU C 434 26.64 -7.50 8.28
CA LEU C 434 26.53 -6.40 7.32
C LEU C 434 25.11 -6.17 6.81
N VAL C 435 24.36 -7.23 6.53
CA VAL C 435 22.99 -7.03 6.04
C VAL C 435 22.08 -6.59 7.19
N LEU C 436 22.32 -7.12 8.39
CA LEU C 436 21.51 -6.77 9.56
C LEU C 436 21.76 -5.33 9.91
N GLU C 437 23.01 -4.91 9.87
CA GLU C 437 23.36 -3.49 10.07
C GLU C 437 22.65 -2.62 9.04
N SER C 438 22.54 -3.14 7.84
CA SER C 438 21.92 -2.44 6.73
C SER C 438 20.40 -2.36 6.85
N MET C 439 19.77 -3.36 7.48
CA MET C 439 18.32 -3.32 7.73
C MET C 439 17.96 -2.50 8.96
N LEU C 440 18.76 -2.65 10.00
CA LEU C 440 18.51 -2.04 11.30
C LEU C 440 18.77 -0.53 11.28
N HIS C 441 19.75 -0.13 10.46
CA HIS C 441 20.12 1.27 10.23
C HIS C 441 20.20 1.40 8.72
N GLY C 442 20.30 2.63 8.21
CA GLY C 442 20.38 2.82 6.76
C GLY C 442 21.78 2.61 6.20
N GLN C 443 22.76 2.49 7.09
CA GLN C 443 24.14 2.79 6.78
C GLN C 443 25.06 2.07 7.73
N VAL C 444 26.36 2.20 7.50
CA VAL C 444 27.37 1.83 8.49
C VAL C 444 27.15 2.61 9.80
N MET C 445 27.26 1.93 10.94
CA MET C 445 27.11 2.55 12.26
C MET C 445 28.36 2.29 13.07
N ASP C 446 29.15 3.34 13.29
CA ASP C 446 30.46 3.19 13.90
C ASP C 446 30.39 3.33 15.43
N GLN C 447 29.83 2.30 16.08
CA GLN C 447 29.81 2.22 17.53
C GLN C 447 30.41 0.90 17.96
N LYS C 448 30.84 0.83 19.22
CA LYS C 448 31.55 -0.34 19.74
C LYS C 448 31.15 -0.64 21.18
N LEU C 449 31.08 -1.92 21.54
CA LEU C 449 30.66 -2.32 22.88
C LEU C 449 31.44 -1.61 24.00
N SER C 450 32.75 -1.40 23.81
CA SER C 450 33.57 -0.68 24.79
C SER C 450 33.01 0.72 25.01
N GLY C 451 32.64 1.35 23.91
CA GLY C 451 32.01 2.69 23.91
C GLY C 451 30.82 2.87 24.85
N GLN C 452 30.15 1.76 25.19
CA GLN C 452 29.00 1.83 26.07
C GLN C 452 29.37 1.98 27.53
N ARG C 453 30.66 2.05 27.85
CA ARG C 453 31.04 2.40 29.23
C ARG C 453 30.70 3.85 29.51
N ALA C 454 30.61 4.64 28.44
CA ALA C 454 30.01 5.98 28.50
C ALA C 454 28.69 5.96 29.26
N ALA C 455 27.81 5.04 28.87
CA ALA C 455 26.48 4.92 29.46
C ALA C 455 26.48 4.44 30.92
N LEU C 456 27.63 4.24 31.53
CA LEU C 456 27.70 3.72 32.89
C LEU C 456 28.57 4.53 33.84
N GLU C 457 29.33 5.49 33.31
CA GLU C 457 30.28 6.27 34.11
C GLU C 457 29.69 6.66 35.45
N ARG C 458 28.51 7.26 35.40
CA ARG C 458 27.89 7.84 36.60
C ARG C 458 26.68 7.04 37.09
N GLY C 459 26.64 5.75 36.76
CA GLY C 459 25.53 4.88 37.13
C GLY C 459 24.20 5.34 36.57
N GLN C 460 24.22 5.92 35.36
CA GLN C 460 23.03 6.54 34.76
C GLN C 460 22.14 5.59 33.92
N ASN C 461 22.62 4.37 33.66
CA ASN C 461 21.78 3.35 33.02
C ASN C 461 22.03 2.03 33.75
N PRO C 462 21.26 0.98 33.42
CA PRO C 462 21.59 -0.35 33.95
C PRO C 462 22.72 -0.98 33.16
N LEU C 463 23.30 -2.06 33.69
CA LEU C 463 24.42 -2.71 33.03
C LEU C 463 23.94 -3.67 31.94
N PRO C 464 24.32 -3.39 30.68
CA PRO C 464 23.84 -4.25 29.59
C PRO C 464 24.58 -5.57 29.46
N LEU C 465 23.83 -6.67 29.45
CA LEU C 465 24.41 -8.01 29.37
C LEU C 465 23.87 -8.71 28.13
N TYR C 466 24.66 -8.77 27.07
CA TYR C 466 24.21 -9.38 25.83
C TYR C 466 24.64 -10.85 25.85
N LEU C 467 23.67 -11.74 25.97
CA LEU C 467 23.95 -13.17 26.05
C LEU C 467 23.94 -13.82 24.66
N SER C 468 24.84 -14.79 24.48
CA SER C 468 25.06 -15.43 23.18
C SER C 468 25.27 -16.93 23.35
N LEU C 469 24.52 -17.72 22.59
CA LEU C 469 24.58 -19.19 22.67
C LEU C 469 25.50 -19.76 21.59
N ASN C 470 26.62 -20.35 22.01
CA ASN C 470 27.69 -20.79 21.10
C ASN C 470 27.63 -22.29 20.79
N LYS C 482 26.93 -27.03 24.14
CA LYS C 482 26.85 -25.61 23.81
C LYS C 482 26.99 -24.73 25.06
N GLU C 483 27.74 -23.64 24.91
CA GLU C 483 28.15 -22.79 26.03
C GLU C 483 27.56 -21.40 25.90
N TRP C 484 27.38 -20.73 27.03
CA TRP C 484 26.89 -19.36 27.03
C TRP C 484 28.03 -18.38 27.10
N VAL C 485 28.01 -17.41 26.20
CA VAL C 485 28.95 -16.29 26.22
C VAL C 485 28.22 -14.98 26.45
N GLU C 486 28.57 -14.33 27.56
CA GLU C 486 27.99 -13.08 28.01
C GLU C 486 28.89 -11.94 27.56
N PHE C 487 28.30 -10.83 27.16
CA PHE C 487 29.05 -9.64 26.76
C PHE C 487 28.60 -8.45 27.59
N SER C 488 29.52 -7.79 28.30
CA SER C 488 29.22 -6.50 28.89
C SER C 488 30.21 -5.51 28.34
N PRO C 489 29.91 -4.20 28.45
CA PRO C 489 30.90 -3.20 28.10
C PRO C 489 32.17 -3.29 28.95
N TYR C 490 32.08 -3.91 30.12
CA TYR C 490 33.26 -4.17 30.93
C TYR C 490 34.01 -5.44 30.49
N GLU C 491 33.35 -6.59 30.47
CA GLU C 491 34.01 -7.84 30.10
C GLU C 491 33.14 -8.78 29.26
N VAL C 492 33.81 -9.71 28.59
CA VAL C 492 33.18 -10.69 27.73
C VAL C 492 33.76 -12.05 28.06
N GLY C 493 32.91 -13.07 28.16
CA GLY C 493 33.43 -14.41 28.30
C GLY C 493 32.48 -15.55 28.58
N PHE C 494 33.08 -16.70 28.81
CA PHE C 494 32.36 -17.94 28.99
C PHE C 494 31.99 -18.04 30.46
N LEU C 495 30.70 -18.13 30.72
CA LEU C 495 30.19 -18.22 32.09
C LEU C 495 30.56 -19.55 32.72
N LYS C 496 30.63 -20.60 31.90
CA LYS C 496 30.95 -21.93 32.36
C LYS C 496 32.40 -22.07 32.82
N TYR C 497 33.32 -21.37 32.16
CA TYR C 497 34.74 -21.48 32.48
C TYR C 497 35.29 -20.32 33.31
N GLY C 498 34.45 -19.38 33.70
CA GLY C 498 34.94 -18.21 34.42
C GLY C 498 36.18 -17.68 33.73
N ALA C 499 36.06 -17.47 32.43
CA ALA C 499 37.16 -16.99 31.62
C ALA C 499 36.67 -15.78 30.87
N PHE C 500 37.30 -14.63 31.12
CA PHE C 500 36.82 -13.36 30.56
C PHE C 500 37.91 -12.41 30.11
N VAL C 501 37.56 -11.61 29.09
CA VAL C 501 38.39 -10.51 28.61
C VAL C 501 37.56 -9.24 28.51
N PRO C 502 38.22 -8.08 28.56
CA PRO C 502 37.53 -6.86 28.16
C PRO C 502 37.20 -6.86 26.66
N PRO C 503 36.08 -6.20 26.27
CA PRO C 503 35.49 -6.27 24.92
C PRO C 503 36.33 -5.74 23.76
N GLU C 504 37.30 -4.87 24.04
CA GLU C 504 38.27 -4.41 23.02
C GLU C 504 39.06 -5.58 22.43
N LEU C 505 39.48 -6.46 23.33
CA LEU C 505 40.33 -7.57 22.99
C LEU C 505 39.56 -8.71 22.33
N PHE C 506 38.24 -8.73 22.51
CA PHE C 506 37.43 -9.72 21.80
C PHE C 506 37.64 -9.60 20.29
N GLY C 507 38.04 -10.71 19.68
CA GLY C 507 38.44 -10.74 18.28
C GLY C 507 39.93 -10.93 18.12
N SER C 508 40.71 -10.53 19.13
CA SER C 508 42.17 -10.57 19.05
C SER C 508 42.67 -12.00 19.17
N GLU C 509 43.94 -12.21 18.85
CA GLU C 509 44.53 -13.55 18.84
C GLU C 509 45.18 -13.82 20.19
N PHE C 510 44.88 -14.97 20.78
CA PHE C 510 45.36 -15.30 22.12
C PHE C 510 46.10 -16.62 22.17
N PHE C 511 46.80 -16.84 23.28
CA PHE C 511 47.44 -18.12 23.54
C PHE C 511 47.69 -18.37 25.01
N MET C 512 47.12 -19.45 25.50
CA MET C 512 47.34 -19.88 26.87
C MET C 512 47.07 -18.74 27.83
N GLY C 513 46.05 -17.94 27.48
CA GLY C 513 45.62 -16.81 28.30
C GLY C 513 46.42 -15.53 28.12
N ARG C 514 47.18 -15.44 27.05
CA ARG C 514 48.07 -14.31 26.81
C ARG C 514 47.74 -13.72 25.45
N LEU C 515 47.73 -12.39 25.35
CA LEU C 515 47.46 -11.72 24.09
C LEU C 515 48.67 -11.84 23.15
N MET C 516 48.47 -12.42 21.97
CA MET C 516 49.58 -12.59 21.04
C MET C 516 49.58 -11.48 20.00
N ARG C 517 48.44 -11.19 19.41
CA ARG C 517 48.32 -10.09 18.45
C ARG C 517 47.03 -9.31 18.73
N ARG C 518 47.16 -8.02 19.01
CA ARG C 518 46.00 -7.16 19.21
C ARG C 518 45.33 -6.79 17.88
N ILE C 519 44.03 -7.02 17.80
CA ILE C 519 43.24 -6.75 16.60
C ILE C 519 42.29 -5.59 16.93
N PRO C 520 41.95 -4.75 15.94
CA PRO C 520 41.04 -3.65 16.26
C PRO C 520 39.66 -4.15 16.64
N GLU C 521 39.17 -3.70 17.80
CA GLU C 521 37.81 -4.00 18.26
C GLU C 521 36.80 -3.77 17.14
N PRO C 522 35.89 -4.73 16.92
CA PRO C 522 35.00 -4.59 15.79
C PRO C 522 33.77 -3.73 16.07
N ARG C 523 33.26 -3.17 14.98
CA ARG C 523 32.02 -2.41 14.95
C ARG C 523 30.90 -3.28 15.54
N ILE C 524 30.05 -2.72 16.40
CA ILE C 524 29.11 -3.55 17.19
C ILE C 524 28.19 -4.48 16.38
N CYS C 525 27.86 -4.13 15.14
CA CYS C 525 26.99 -4.98 14.34
C CYS C 525 27.53 -6.42 14.12
N PHE C 526 28.85 -6.58 14.19
CA PHE C 526 29.46 -7.90 14.07
C PHE C 526 29.17 -8.72 15.30
N LEU C 527 29.14 -8.06 16.46
CA LEU C 527 28.68 -8.70 17.69
C LEU C 527 27.18 -9.01 17.63
N GLU C 528 26.37 -8.09 17.12
CA GLU C 528 24.93 -8.32 17.00
C GLU C 528 24.64 -9.56 16.15
N ALA C 529 25.48 -9.86 15.17
CA ALA C 529 25.30 -11.08 14.38
C ALA C 529 25.62 -12.33 15.20
N ILE C 530 26.71 -12.32 15.97
CA ILE C 530 26.99 -13.39 16.93
C ILE C 530 25.76 -13.61 17.82
N TRP C 531 25.19 -12.51 18.32
CA TRP C 531 24.10 -12.57 19.29
C TRP C 531 22.77 -12.98 18.70
N SER C 532 22.58 -12.77 17.41
CA SER C 532 21.31 -13.04 16.75
C SER C 532 21.52 -13.82 15.47
N ASN C 533 22.51 -14.70 15.48
CA ASN C 533 22.79 -15.55 14.33
C ASN C 533 21.66 -16.53 14.13
N ILE C 534 21.29 -16.69 12.86
CA ILE C 534 20.22 -17.61 12.50
C ILE C 534 20.59 -18.65 11.47
N PHE C 535 21.88 -18.72 11.12
CA PHE C 535 22.32 -19.58 10.03
C PHE C 535 23.17 -20.77 10.51
N SER C 536 23.01 -21.89 9.82
CA SER C 536 23.87 -23.06 10.02
C SER C 536 25.26 -22.74 9.54
N LEU C 537 26.15 -23.73 9.54
CA LEU C 537 27.48 -23.53 9.00
C LEU C 537 27.41 -23.72 7.47
N ASN C 538 26.26 -24.16 6.96
CA ASN C 538 26.01 -24.34 5.52
C ASN C 538 24.91 -23.39 5.00
N GLU C 579 8.39 -18.20 2.61
CA GLU C 579 9.15 -19.22 1.89
C GLU C 579 9.71 -18.69 0.57
N ALA C 580 8.82 -18.26 -0.33
CA ALA C 580 9.19 -17.75 -1.66
C ALA C 580 9.84 -16.36 -1.61
N SER C 581 9.51 -15.59 -0.57
CA SER C 581 10.04 -14.22 -0.40
C SER C 581 11.57 -14.18 -0.35
N TRP C 582 12.17 -15.04 0.48
CA TRP C 582 13.61 -14.99 0.72
C TRP C 582 14.42 -16.17 0.15
N LEU C 583 13.94 -16.70 -0.99
CA LEU C 583 14.76 -17.53 -1.87
C LEU C 583 15.32 -16.64 -3.01
N GLN C 584 14.88 -15.38 -3.07
CA GLN C 584 15.30 -14.45 -4.13
C GLN C 584 16.47 -13.53 -3.77
N PRO C 585 16.46 -12.94 -2.56
CA PRO C 585 17.68 -12.26 -2.12
C PRO C 585 18.83 -13.25 -1.92
N GLY C 586 18.50 -14.49 -1.60
CA GLY C 586 19.47 -15.58 -1.57
C GLY C 586 20.18 -15.79 -2.90
N THR C 587 19.42 -15.75 -3.99
CA THR C 587 20.00 -15.86 -5.34
C THR C 587 20.74 -14.57 -5.73
N ALA C 588 20.14 -13.41 -5.42
CA ALA C 588 20.83 -12.12 -5.64
C ALA C 588 22.19 -12.06 -4.94
N LEU C 589 22.22 -12.44 -3.66
CA LEU C 589 23.49 -12.56 -2.90
C LEU C 589 24.57 -13.38 -3.68
N ALA C 590 24.14 -14.25 -4.61
CA ALA C 590 25.05 -15.10 -5.42
C ALA C 590 26.21 -14.27 -6.05
N GLN C 591 26.03 -12.95 -6.11
CA GLN C 591 27.11 -12.04 -6.53
C GLN C 591 28.27 -11.96 -5.53
N ALA C 592 27.97 -12.01 -4.23
CA ALA C 592 28.99 -12.09 -3.17
C ALA C 592 29.69 -13.45 -3.17
N SER C 606 40.30 -18.62 13.18
CA SER C 606 38.95 -18.46 13.75
C SER C 606 38.81 -18.99 15.21
N PRO C 607 39.94 -19.22 15.90
CA PRO C 607 39.81 -19.60 17.33
C PRO C 607 39.45 -18.41 18.23
N ASN C 608 39.08 -18.73 19.46
CA ASN C 608 38.65 -17.74 20.46
C ASN C 608 39.79 -17.41 21.43
N PHE C 609 39.49 -16.66 22.48
CA PHE C 609 40.50 -16.29 23.46
C PHE C 609 40.90 -17.43 24.42
N LEU C 610 40.13 -18.51 24.45
CA LEU C 610 40.52 -19.67 25.23
C LEU C 610 41.67 -20.49 24.62
N GLN C 611 41.96 -20.27 23.34
CA GLN C 611 42.99 -21.06 22.64
C GLN C 611 44.14 -21.41 23.54
N GLY C 612 44.51 -22.68 23.57
CA GLY C 612 45.61 -23.16 24.40
C GLY C 612 45.19 -23.67 25.77
N LEU C 613 44.23 -23.00 26.38
CA LEU C 613 43.87 -23.31 27.76
C LEU C 613 43.36 -24.73 27.85
N GLN C 614 43.44 -25.32 29.03
CA GLN C 614 43.05 -26.72 29.24
C GLN C 614 42.11 -26.86 30.42
N LEU C 615 41.46 -28.01 30.53
CA LEU C 615 40.44 -28.24 31.55
C LEU C 615 41.02 -28.89 32.80
N HIS C 616 40.64 -28.40 33.97
CA HIS C 616 41.09 -29.00 35.22
C HIS C 616 40.49 -30.40 35.36
N GLN C 617 41.23 -31.32 35.97
CA GLN C 617 40.86 -32.73 35.98
C GLN C 617 39.65 -32.96 36.87
N ASP C 618 39.76 -32.62 38.15
CA ASP C 618 38.67 -32.85 39.10
C ASP C 618 37.31 -32.27 38.65
N TYR C 619 37.34 -31.26 37.78
CA TYR C 619 36.17 -30.88 36.98
C TYR C 619 36.17 -31.66 35.67
N GLU C 644 20.65 -34.40 6.66
CA GLU C 644 20.62 -33.69 5.39
C GLU C 644 20.95 -32.21 5.60
N PRO C 645 21.28 -31.48 4.51
CA PRO C 645 21.81 -30.12 4.69
C PRO C 645 20.73 -29.12 5.04
N ARG C 646 21.10 -28.14 5.87
CA ARG C 646 20.20 -27.13 6.42
C ARG C 646 20.74 -25.75 6.11
N LEU C 647 19.85 -24.77 6.14
CA LEU C 647 20.16 -23.40 5.79
C LEU C 647 20.20 -22.52 7.05
N CYS C 648 19.26 -22.73 7.95
CA CYS C 648 19.26 -22.05 9.24
C CYS C 648 19.69 -22.95 10.37
N LEU C 649 19.94 -22.31 11.52
CA LEU C 649 20.01 -23.03 12.76
C LEU C 649 18.64 -23.62 13.02
N VAL C 650 18.62 -24.75 13.70
CA VAL C 650 17.40 -25.50 13.87
C VAL C 650 17.22 -26.00 15.30
N ASP C 651 18.33 -26.30 15.96
CA ASP C 651 18.27 -26.70 17.36
C ASP C 651 17.41 -25.67 18.10
N ALA C 652 16.51 -26.18 18.95
CA ALA C 652 15.50 -25.35 19.58
C ALA C 652 16.11 -24.35 20.56
N ALA C 653 17.27 -24.69 21.12
CA ALA C 653 17.98 -23.82 22.07
C ALA C 653 18.15 -22.39 21.58
N TYR C 654 18.41 -22.25 20.28
CA TYR C 654 18.67 -20.96 19.66
C TYR C 654 17.48 -20.00 19.68
N PHE C 655 16.27 -20.54 19.57
CA PHE C 655 15.08 -19.72 19.51
C PHE C 655 14.21 -19.73 20.77
N ILE C 656 14.50 -20.60 21.75
CA ILE C 656 13.70 -20.68 22.96
C ILE C 656 14.54 -20.63 24.23
N ASN C 657 15.01 -19.44 24.59
CA ASN C 657 15.56 -19.19 25.93
C ASN C 657 15.47 -17.73 26.28
N THR C 658 15.43 -17.45 27.58
CA THR C 658 15.53 -16.10 28.12
C THR C 658 16.99 -15.93 28.54
N SER C 659 17.39 -14.71 28.89
CA SER C 659 18.78 -14.43 29.24
C SER C 659 19.10 -14.72 30.72
N SER C 660 18.58 -15.83 31.25
CA SER C 660 18.78 -16.15 32.65
C SER C 660 20.23 -16.23 33.03
N PRO C 661 21.05 -16.89 32.19
CA PRO C 661 22.42 -17.17 32.59
C PRO C 661 23.15 -15.95 33.11
N SER C 662 22.94 -14.81 32.45
CA SER C 662 23.49 -13.54 32.89
C SER C 662 23.00 -13.15 34.28
N MET C 663 21.73 -13.36 34.57
CA MET C 663 21.15 -12.97 35.86
C MET C 663 21.59 -13.88 37.01
N PHE C 664 22.21 -15.02 36.71
CA PHE C 664 22.62 -15.97 37.75
C PHE C 664 24.11 -16.24 37.84
N ARG C 665 24.90 -15.46 37.11
CA ARG C 665 26.35 -15.50 37.21
C ARG C 665 26.76 -15.28 38.67
N PRO C 666 27.80 -15.99 39.12
CA PRO C 666 28.29 -15.99 40.49
C PRO C 666 28.00 -14.78 41.39
N GLY C 667 28.56 -13.61 41.09
CA GLY C 667 28.58 -12.51 42.07
C GLY C 667 27.37 -11.59 42.13
N ARG C 668 26.32 -11.88 41.37
CA ARG C 668 25.29 -10.88 41.04
C ARG C 668 24.13 -10.74 42.03
N ARG C 669 23.77 -11.83 42.70
CA ARG C 669 22.70 -11.83 43.73
C ARG C 669 21.48 -10.99 43.35
N LEU C 670 20.73 -11.46 42.36
CA LEU C 670 19.51 -10.76 41.97
C LEU C 670 18.36 -11.01 42.93
N ASP C 671 17.65 -9.93 43.27
CA ASP C 671 16.54 -9.96 44.23
C ASP C 671 15.18 -9.90 43.53
N LEU C 672 15.09 -9.17 42.42
CA LEU C 672 13.89 -9.16 41.60
C LEU C 672 14.26 -9.24 40.12
N ILE C 673 13.52 -10.05 39.36
CA ILE C 673 13.67 -10.12 37.90
C ILE C 673 12.36 -9.82 37.22
N LEU C 674 12.42 -8.87 36.27
CA LEU C 674 11.30 -8.62 35.38
C LEU C 674 11.58 -9.38 34.10
N SER C 675 10.88 -10.50 33.90
CA SER C 675 11.09 -11.34 32.74
C SER C 675 10.12 -10.96 31.65
N PHE C 676 10.65 -10.44 30.54
CA PHE C 676 9.87 -10.16 29.35
C PHE C 676 10.03 -11.28 28.35
N ASP C 677 8.92 -11.82 27.88
CA ASP C 677 8.91 -12.96 26.98
C ASP C 677 8.20 -12.53 25.72
N TYR C 678 8.79 -12.81 24.57
CA TYR C 678 8.24 -12.36 23.29
C TYR C 678 7.80 -13.52 22.41
N SER C 679 7.48 -14.65 23.05
CA SER C 679 7.01 -15.81 22.32
C SER C 679 5.53 -15.67 21.96
N LEU C 680 5.16 -16.19 20.80
CA LEU C 680 3.78 -16.19 20.32
C LEU C 680 3.06 -17.50 20.63
N SER C 681 3.76 -18.41 21.29
CA SER C 681 3.15 -19.55 21.95
C SER C 681 4.11 -19.92 23.07
N ALA C 682 3.74 -20.83 23.96
CA ALA C 682 4.64 -21.22 25.05
C ALA C 682 5.29 -20.02 25.78
N PRO C 683 4.45 -19.17 26.41
CA PRO C 683 5.03 -18.05 27.16
C PRO C 683 5.73 -18.45 28.45
N PHE C 684 5.65 -19.72 28.85
CA PHE C 684 6.36 -20.14 30.05
C PHE C 684 7.50 -21.13 29.82
N GLU C 685 7.77 -21.51 28.57
CA GLU C 685 8.83 -22.49 28.30
C GLU C 685 10.17 -21.92 28.74
N ALA C 686 10.49 -20.74 28.22
CA ALA C 686 11.77 -20.13 28.55
C ALA C 686 12.01 -20.09 30.05
N LEU C 687 10.98 -19.79 30.83
CA LEU C 687 11.15 -19.75 32.28
C LEU C 687 11.40 -21.13 32.86
N GLN C 688 10.66 -22.13 32.42
CA GLN C 688 10.85 -23.49 32.90
C GLN C 688 12.26 -24.01 32.58
N GLN C 689 12.79 -23.60 31.42
CA GLN C 689 14.17 -23.88 31.05
C GLN C 689 15.10 -23.32 32.10
N THR C 690 14.80 -22.11 32.55
CA THR C 690 15.56 -21.43 33.60
C THR C 690 15.45 -22.12 34.96
N GLU C 691 14.26 -22.58 35.30
CA GLU C 691 14.06 -23.36 36.52
C GLU C 691 15.01 -24.57 36.47
N LEU C 692 14.92 -25.33 35.39
CA LEU C 692 15.84 -26.44 35.12
C LEU C 692 17.31 -26.06 35.28
N TYR C 693 17.71 -25.03 34.54
CA TYR C 693 19.07 -24.48 34.57
C TYR C 693 19.55 -24.23 35.99
N CYS C 694 18.80 -23.43 36.75
CA CYS C 694 19.15 -23.12 38.14
C CYS C 694 19.06 -24.36 39.04
N ARG C 695 18.09 -25.23 38.76
CA ARG C 695 17.92 -26.47 39.52
C ARG C 695 19.18 -27.34 39.43
N ALA C 696 19.75 -27.44 38.23
CA ALA C 696 20.95 -28.24 38.01
C ALA C 696 22.22 -27.63 38.60
N ARG C 697 22.19 -26.37 39.01
CA ARG C 697 23.38 -25.76 39.61
C ARG C 697 23.22 -25.38 41.07
N GLY C 698 22.20 -25.92 41.75
CA GLY C 698 21.98 -25.64 43.17
C GLY C 698 21.74 -24.16 43.47
N LEU C 699 21.14 -23.47 42.51
CA LEU C 699 20.86 -22.06 42.64
C LEU C 699 19.41 -21.88 43.04
N PRO C 700 19.17 -21.10 44.10
CA PRO C 700 17.78 -20.90 44.50
C PRO C 700 17.00 -20.23 43.38
N PHE C 701 15.78 -20.71 43.16
CA PHE C 701 14.91 -20.21 42.10
C PHE C 701 13.49 -20.72 42.33
N PRO C 702 12.50 -19.81 42.26
CA PRO C 702 11.13 -20.20 42.56
C PRO C 702 10.56 -21.09 41.47
N ARG C 703 9.74 -22.06 41.87
CA ARG C 703 9.21 -23.02 40.90
C ARG C 703 8.10 -22.40 40.06
N VAL C 704 8.26 -22.49 38.75
CA VAL C 704 7.30 -21.98 37.80
C VAL C 704 6.33 -23.12 37.50
N GLU C 705 5.16 -23.06 38.11
CA GLU C 705 4.11 -24.04 37.88
C GLU C 705 2.83 -23.29 37.56
N PRO C 706 2.65 -22.88 36.30
CA PRO C 706 1.43 -22.19 35.94
C PRO C 706 0.28 -23.19 35.79
N SER C 707 -0.90 -22.82 36.29
CA SER C 707 -2.07 -23.67 36.24
C SER C 707 -2.55 -23.84 34.80
N PRO C 708 -3.25 -24.95 34.52
CA PRO C 708 -3.83 -25.15 33.18
C PRO C 708 -4.50 -23.90 32.61
N GLN C 709 -5.25 -23.17 33.45
CA GLN C 709 -5.92 -21.94 33.04
C GLN C 709 -4.94 -20.87 32.52
N ASP C 710 -3.77 -20.79 33.15
CA ASP C 710 -2.78 -19.80 32.79
C ASP C 710 -2.16 -20.06 31.42
N GLN C 711 -1.84 -21.31 31.12
CA GLN C 711 -1.32 -21.64 29.78
C GLN C 711 -2.29 -21.22 28.67
N HIS C 712 -3.58 -21.53 28.86
CA HIS C 712 -4.61 -21.35 27.82
C HIS C 712 -4.86 -19.89 27.47
N GLN C 713 -5.18 -19.09 28.49
CA GLN C 713 -5.27 -17.64 28.33
C GLN C 713 -4.47 -16.99 29.46
N PRO C 714 -3.19 -16.72 29.20
CA PRO C 714 -2.38 -16.03 30.19
C PRO C 714 -2.75 -14.59 30.24
N ARG C 715 -2.22 -13.92 31.25
CA ARG C 715 -2.51 -12.54 31.54
C ARG C 715 -1.23 -11.75 31.62
N GLU C 716 -1.37 -10.43 31.74
CA GLU C 716 -0.30 -9.46 31.51
C GLU C 716 0.95 -9.68 32.36
N CYS C 717 0.74 -10.16 33.58
CA CYS C 717 1.78 -10.32 34.58
C CYS C 717 1.55 -11.58 35.42
N HIS C 718 2.62 -12.33 35.70
CA HIS C 718 2.55 -13.51 36.55
C HIS C 718 3.62 -13.48 37.61
N LEU C 719 3.21 -13.64 38.86
CA LEU C 719 4.15 -13.72 39.98
C LEU C 719 4.61 -15.15 40.16
N PHE C 720 5.87 -15.31 40.62
CA PHE C 720 6.38 -16.61 41.03
C PHE C 720 7.17 -16.47 42.35
N SER C 721 6.66 -17.17 43.39
CA SER C 721 6.93 -16.91 44.82
C SER C 721 6.45 -15.52 45.24
N PRO C 726 12.06 -18.53 50.92
CA PRO C 726 13.46 -18.88 50.60
C PRO C 726 14.44 -17.70 50.48
N GLU C 727 15.46 -17.85 49.64
CA GLU C 727 16.41 -16.79 49.32
C GLU C 727 16.41 -16.49 47.82
N ALA C 728 15.41 -17.02 47.12
CA ALA C 728 15.38 -17.03 45.67
C ALA C 728 14.76 -15.75 45.16
N PRO C 729 15.18 -15.28 43.97
CA PRO C 729 14.65 -14.04 43.47
C PRO C 729 13.12 -14.05 43.30
N ILE C 730 12.54 -12.86 43.39
CA ILE C 730 11.16 -12.65 43.07
C ILE C 730 11.13 -12.53 41.55
N LEU C 731 10.06 -13.02 40.94
CA LEU C 731 10.01 -13.11 39.51
C LEU C 731 8.66 -12.68 39.00
N LEU C 732 8.63 -11.50 38.37
CA LEU C 732 7.48 -11.06 37.61
C LEU C 732 7.70 -11.35 36.12
N HIS C 733 6.81 -12.15 35.56
CA HIS C 733 6.94 -12.61 34.19
C HIS C 733 5.86 -11.99 33.36
N PHE C 734 6.26 -11.41 32.22
CA PHE C 734 5.34 -10.70 31.35
C PHE C 734 5.21 -11.38 30.00
N PRO C 735 4.19 -12.24 29.84
CA PRO C 735 3.87 -12.83 28.53
C PRO C 735 3.59 -11.79 27.46
N LEU C 736 3.69 -12.19 26.20
CA LEU C 736 3.31 -11.33 25.11
C LEU C 736 1.89 -11.71 24.74
N VAL C 737 0.94 -11.12 25.45
CA VAL C 737 -0.47 -11.50 25.33
C VAL C 737 -1.34 -10.25 25.09
N ASN C 738 -2.48 -10.41 24.42
CA ASN C 738 -3.40 -9.28 24.26
C ASN C 738 -4.28 -8.98 25.49
N ALA C 739 -5.05 -9.95 25.93
CA ALA C 739 -5.71 -9.88 27.27
C ALA C 739 -6.62 -8.67 27.55
N SER C 740 -6.26 -7.76 28.47
CA SER C 740 -7.16 -6.69 28.88
C SER C 740 -6.97 -5.45 28.00
N PHE C 741 -5.92 -5.45 27.19
CA PHE C 741 -5.68 -4.39 26.24
C PHE C 741 -6.76 -4.34 25.16
N LYS C 742 -7.45 -5.46 24.93
CA LYS C 742 -8.53 -5.48 23.91
C LYS C 742 -9.51 -4.35 24.14
N ASP C 743 -9.91 -4.21 25.40
CA ASP C 743 -10.98 -3.30 25.78
C ASP C 743 -10.54 -2.25 26.80
N HIS C 744 -9.23 -2.01 26.89
CA HIS C 744 -8.72 -0.91 27.71
C HIS C 744 -7.71 -0.15 26.86
N SER C 745 -7.88 1.17 26.78
CA SER C 745 -6.94 2.02 26.04
C SER C 745 -5.78 2.47 26.92
N ALA C 746 -5.95 2.35 28.24
CA ALA C 746 -4.93 2.71 29.19
C ALA C 746 -5.26 2.01 30.49
N PRO C 747 -4.27 1.86 31.39
CA PRO C 747 -4.51 1.07 32.59
C PRO C 747 -5.73 1.54 33.35
N GLY C 748 -6.70 0.65 33.50
CA GLY C 748 -7.92 0.97 34.25
C GLY C 748 -9.01 1.72 33.51
N VAL C 749 -8.78 2.04 32.24
CA VAL C 749 -9.72 2.84 31.46
C VAL C 749 -10.34 2.00 30.36
N GLN C 750 -11.68 1.91 30.37
CA GLN C 750 -12.43 1.24 29.32
C GLN C 750 -12.12 1.82 27.95
N ARG C 751 -12.13 0.97 26.94
CA ARG C 751 -11.86 1.38 25.57
C ARG C 751 -13.15 1.96 25.01
N SER C 752 -13.09 3.18 24.48
CA SER C 752 -14.25 3.74 23.79
C SER C 752 -14.46 2.92 22.53
N PRO C 753 -15.70 2.84 22.03
CA PRO C 753 -15.93 2.11 20.78
C PRO C 753 -15.30 2.78 19.54
N ALA C 754 -14.94 4.06 19.66
CA ALA C 754 -14.22 4.78 18.61
C ALA C 754 -12.75 4.34 18.46
N GLU C 755 -12.12 3.99 19.58
CA GLU C 755 -10.74 3.47 19.61
C GLU C 755 -10.64 1.94 19.68
N LEU C 756 -11.74 1.22 19.45
CA LEU C 756 -11.73 -0.25 19.55
C LEU C 756 -10.57 -0.87 18.73
N GLN C 757 -10.46 -0.48 17.47
CA GLN C 757 -9.40 -0.99 16.58
C GLN C 757 -7.95 -0.98 17.12
N GLY C 758 -7.60 0.02 17.93
CA GLY C 758 -6.27 0.06 18.56
C GLY C 758 -5.92 -1.14 19.44
N GLY C 759 -6.96 -1.75 20.02
CA GLY C 759 -6.80 -2.91 20.89
C GLY C 759 -6.77 -4.26 20.19
N GLN C 760 -7.12 -4.31 18.91
CA GLN C 760 -7.03 -5.56 18.16
C GLN C 760 -5.60 -5.71 17.56
N VAL C 761 -4.88 -6.71 18.06
CA VAL C 761 -3.45 -6.88 17.74
C VAL C 761 -3.25 -8.29 17.20
N ASP C 762 -2.75 -8.38 15.97
CA ASP C 762 -2.70 -9.65 15.27
C ASP C 762 -1.53 -10.51 15.75
N LEU C 763 -1.74 -11.23 16.86
CA LEU C 763 -0.68 -12.05 17.46
C LEU C 763 -0.79 -13.53 17.14
N THR C 764 -1.91 -13.92 16.53
CA THR C 764 -2.17 -15.31 16.14
C THR C 764 -2.79 -15.29 14.75
N GLY C 765 -3.00 -16.46 14.17
CA GLY C 765 -3.63 -16.55 12.85
C GLY C 765 -2.71 -16.08 11.73
N ALA C 766 -2.94 -16.64 10.54
CA ALA C 766 -2.11 -16.38 9.38
C ALA C 766 -2.09 -14.89 9.05
N THR C 767 -1.12 -14.51 8.22
CA THR C 767 -0.80 -13.11 7.93
C THR C 767 -0.64 -12.25 9.20
N CYS C 768 -0.16 -12.87 10.29
CA CYS C 768 0.32 -12.13 11.45
C CYS C 768 1.65 -11.49 11.04
N PRO C 769 1.80 -10.18 11.28
CA PRO C 769 2.99 -9.49 10.80
C PRO C 769 4.20 -9.59 11.71
N TYR C 770 4.06 -10.27 12.85
CA TYR C 770 5.12 -10.35 13.85
C TYR C 770 5.87 -11.68 13.82
N THR C 771 5.56 -12.51 12.84
CA THR C 771 6.36 -13.68 12.57
C THR C 771 7.87 -13.32 12.63
N LEU C 772 8.69 -14.31 13.01
CA LEU C 772 10.15 -14.13 13.15
C LEU C 772 10.81 -13.74 11.82
N SER C 773 10.42 -14.44 10.74
CA SER C 773 10.76 -14.12 9.34
C SER C 773 10.75 -12.65 8.99
N ASN C 774 9.65 -11.99 9.35
CA ASN C 774 9.33 -10.65 8.85
C ASN C 774 10.19 -9.58 9.48
N MET C 775 10.77 -8.73 8.64
CA MET C 775 11.59 -7.62 9.12
C MET C 775 11.26 -6.27 8.47
N THR C 776 10.07 -6.15 7.91
CA THR C 776 9.49 -4.85 7.59
C THR C 776 8.14 -4.76 8.34
N TYR C 777 8.00 -3.83 9.29
CA TYR C 777 6.75 -3.65 10.03
C TYR C 777 6.11 -2.34 9.61
N LYS C 778 4.96 -2.45 8.94
CA LYS C 778 4.11 -1.32 8.62
C LYS C 778 3.94 -0.45 9.89
N GLU C 779 4.10 0.87 9.75
CA GLU C 779 4.12 1.79 10.90
C GLU C 779 2.91 1.61 11.83
N GLU C 780 1.73 1.40 11.25
CA GLU C 780 0.52 1.03 12.00
C GLU C 780 0.74 -0.19 12.91
N ASP C 781 1.25 -1.29 12.34
CA ASP C 781 1.48 -2.54 13.08
C ASP C 781 2.54 -2.39 14.17
N PHE C 782 3.63 -1.71 13.85
CA PHE C 782 4.64 -1.37 14.85
C PHE C 782 3.97 -0.79 16.11
N GLU C 783 3.08 0.18 15.91
CA GLU C 783 2.46 0.92 17.02
C GLU C 783 1.58 0.07 17.93
N ARG C 784 0.73 -0.77 17.34
CA ARG C 784 -0.14 -1.66 18.13
C ARG C 784 0.69 -2.44 19.15
N LEU C 785 1.69 -3.16 18.65
CA LEU C 785 2.54 -4.00 19.48
C LEU C 785 3.27 -3.19 20.54
N LEU C 786 3.75 -2.00 20.17
CA LEU C 786 4.45 -1.12 21.10
C LEU C 786 3.54 -0.66 22.23
N ARG C 787 2.34 -0.24 21.88
CA ARG C 787 1.38 0.24 22.88
C ARG C 787 0.84 -0.90 23.74
N LEU C 788 0.58 -2.05 23.12
CA LEU C 788 0.20 -3.24 23.87
C LEU C 788 1.25 -3.48 24.95
N SER C 789 2.51 -3.48 24.54
CA SER C 789 3.60 -3.77 25.45
C SER C 789 3.71 -2.71 26.54
N ASP C 790 3.69 -1.44 26.13
CA ASP C 790 3.67 -0.33 27.09
C ASP C 790 2.57 -0.57 28.13
N TYR C 791 1.36 -0.82 27.63
CA TYR C 791 0.18 -1.02 28.46
C TYR C 791 0.34 -2.18 29.42
N ASN C 792 0.68 -3.36 28.88
CA ASN C 792 0.78 -4.58 29.69
C ASN C 792 1.66 -4.39 30.92
N VAL C 793 2.73 -3.61 30.77
CA VAL C 793 3.60 -3.33 31.90
C VAL C 793 2.97 -2.29 32.84
N GLN C 794 2.55 -1.15 32.28
CA GLN C 794 1.95 -0.09 33.10
C GLN C 794 0.83 -0.69 33.94
N THR C 795 -0.08 -1.40 33.27
CA THR C 795 -1.25 -1.98 33.91
C THR C 795 -0.88 -2.98 35.02
N SER C 796 0.38 -3.38 35.05
CA SER C 796 0.88 -4.25 36.09
C SER C 796 1.74 -3.47 37.10
N GLN C 797 1.53 -2.15 37.21
CA GLN C 797 2.32 -1.34 38.12
C GLN C 797 2.20 -1.79 39.58
N GLY C 798 0.99 -2.16 39.97
CA GLY C 798 0.71 -2.60 41.34
C GLY C 798 1.61 -3.73 41.79
N ALA C 799 1.66 -4.79 40.99
CA ALA C 799 2.46 -5.98 41.29
C ALA C 799 3.97 -5.70 41.33
N ILE C 800 4.42 -4.78 40.49
CA ILE C 800 5.84 -4.42 40.44
C ILE C 800 6.20 -3.74 41.75
N LEU C 801 5.44 -2.69 42.09
CA LEU C 801 5.67 -1.93 43.32
C LEU C 801 5.57 -2.86 44.52
N GLN C 802 4.54 -3.72 44.51
CA GLN C 802 4.38 -4.77 45.52
C GLN C 802 5.62 -5.62 45.66
N ALA C 803 6.14 -6.07 44.52
CA ALA C 803 7.34 -6.88 44.47
C ALA C 803 8.57 -6.14 44.99
N LEU C 804 8.72 -4.87 44.59
CA LEU C 804 9.83 -4.05 45.05
C LEU C 804 9.82 -3.87 46.57
N ARG C 805 8.62 -3.68 47.14
CA ARG C 805 8.45 -3.60 48.60
C ARG C 805 8.95 -4.88 49.26
N THR C 806 8.56 -6.03 48.70
CA THR C 806 8.94 -7.34 49.21
C THR C 806 10.44 -7.55 49.13
N ALA C 807 11.03 -7.08 48.02
CA ALA C 807 12.47 -7.18 47.80
C ALA C 807 13.25 -6.33 48.81
N LEU C 808 12.66 -5.23 49.24
CA LEU C 808 13.26 -4.34 50.25
C LEU C 808 13.35 -5.02 51.63
N LYS C 809 12.26 -5.69 52.04
CA LYS C 809 12.21 -6.41 53.32
C LYS C 809 12.90 -7.76 53.18
N HIS C 810 13.20 -8.15 51.94
CA HIS C 810 14.11 -9.25 51.60
C HIS C 810 15.38 -8.97 52.37
N ARG C 811 15.77 -7.69 52.46
CA ARG C 811 16.68 -7.21 53.52
C ARG C 811 16.87 -5.69 53.44
N GLN D 19 51.97 14.64 -3.96
CA GLN D 19 52.07 14.84 -5.44
C GLN D 19 52.72 13.64 -6.14
N GLY D 20 53.94 13.28 -5.73
CA GLY D 20 54.75 12.28 -6.42
C GLY D 20 54.73 10.93 -5.73
N GLU D 21 55.39 9.97 -6.37
CA GLU D 21 55.49 8.62 -5.84
C GLU D 21 56.74 7.97 -6.45
N ALA D 22 57.58 7.39 -5.61
CA ALA D 22 58.75 6.63 -6.08
C ALA D 22 58.37 5.16 -6.10
N SER D 23 58.57 4.51 -7.24
CA SER D 23 58.32 3.07 -7.37
C SER D 23 59.35 2.45 -8.30
N THR D 24 59.79 1.25 -7.95
CA THR D 24 60.78 0.54 -8.75
C THR D 24 60.11 -0.28 -9.82
N CYS D 25 60.73 -0.25 -11.00
CA CYS D 25 60.27 -1.06 -12.12
C CYS D 25 60.75 -2.49 -11.95
N TRP D 26 60.04 -3.42 -12.57
CA TRP D 26 60.43 -4.81 -12.64
C TRP D 26 60.94 -5.08 -14.05
N GLN D 27 61.56 -6.23 -14.25
CA GLN D 27 61.97 -6.64 -15.59
C GLN D 27 61.17 -7.85 -16.08
N LEU D 28 60.28 -7.60 -17.04
CA LEU D 28 59.52 -8.66 -17.68
C LEU D 28 60.31 -9.18 -18.86
N THR D 29 60.42 -10.50 -18.93
CA THR D 29 61.09 -11.19 -20.01
C THR D 29 60.04 -12.13 -20.58
N VAL D 30 59.52 -11.78 -21.75
CA VAL D 30 58.51 -12.61 -22.38
C VAL D 30 59.25 -13.40 -23.44
N ARG D 31 58.86 -14.65 -23.63
CA ARG D 31 59.38 -15.42 -24.75
C ARG D 31 58.28 -16.05 -25.58
N VAL D 32 58.42 -15.87 -26.88
CA VAL D 32 57.49 -16.37 -27.84
C VAL D 32 58.00 -17.74 -28.27
N LEU D 33 57.19 -18.77 -28.06
CA LEU D 33 57.61 -20.15 -28.33
C LEU D 33 57.10 -20.59 -29.70
N GLU D 34 55.80 -20.87 -29.77
CA GLU D 34 55.19 -21.39 -30.98
C GLU D 34 53.74 -20.93 -31.10
N ALA D 35 53.26 -20.96 -32.33
CA ALA D 35 51.84 -20.95 -32.61
C ALA D 35 51.47 -22.29 -33.23
N ARG D 36 50.17 -22.57 -33.27
CA ARG D 36 49.68 -23.80 -33.87
C ARG D 36 48.41 -23.44 -34.66
N ASN D 37 48.24 -24.08 -35.81
CA ASN D 37 47.01 -23.99 -36.60
C ASN D 37 46.82 -22.65 -37.33
N LEU D 38 47.90 -22.06 -37.80
CA LEU D 38 47.80 -20.74 -38.43
C LEU D 38 47.14 -20.82 -39.80
N ARG D 39 46.03 -20.11 -39.96
CA ARG D 39 45.38 -20.01 -41.25
C ARG D 39 46.42 -19.73 -42.34
N TRP D 40 46.15 -20.24 -43.52
CA TRP D 40 47.06 -20.10 -44.65
C TRP D 40 46.86 -18.78 -45.34
N ALA D 41 47.65 -18.53 -46.37
CA ALA D 41 47.35 -17.44 -47.27
C ALA D 41 46.36 -17.92 -48.30
N ASP D 42 45.83 -16.96 -49.04
CA ASP D 42 44.97 -17.27 -50.14
C ASP D 42 45.80 -18.02 -51.17
N LEU D 43 45.12 -18.65 -52.12
CA LEU D 43 45.77 -19.39 -53.20
C LEU D 43 46.71 -20.52 -52.69
N LEU D 44 46.17 -21.33 -51.77
CA LEU D 44 46.81 -22.57 -51.26
C LEU D 44 48.23 -22.45 -50.78
N SER D 45 48.66 -21.24 -50.49
CA SER D 45 50.00 -20.98 -50.05
C SER D 45 49.94 -21.04 -48.53
N GLU D 46 50.90 -21.70 -47.92
CA GLU D 46 50.93 -21.74 -46.47
C GLU D 46 51.55 -20.43 -45.94
N ALA D 47 51.34 -20.13 -44.66
CA ALA D 47 51.67 -18.80 -44.10
C ALA D 47 53.16 -18.53 -43.74
N ASP D 48 53.64 -17.30 -43.99
CA ASP D 48 55.01 -16.84 -43.64
C ASP D 48 54.99 -15.93 -42.41
N PRO D 49 54.93 -16.52 -41.21
CA PRO D 49 54.46 -15.75 -40.07
C PRO D 49 55.51 -15.12 -39.17
N TYR D 50 55.08 -14.08 -38.44
CA TYR D 50 55.85 -13.51 -37.32
C TYR D 50 54.96 -12.90 -36.26
N VAL D 51 55.56 -12.65 -35.10
CA VAL D 51 54.87 -12.08 -33.95
C VAL D 51 55.35 -10.65 -33.71
N ILE D 52 54.50 -9.84 -33.10
CA ILE D 52 54.85 -8.47 -32.71
C ILE D 52 54.38 -8.22 -31.29
N LEU D 53 55.29 -7.77 -30.44
CA LEU D 53 54.93 -7.38 -29.09
C LEU D 53 54.87 -5.86 -28.96
N GLN D 54 53.76 -5.36 -28.40
CA GLN D 54 53.65 -3.95 -28.06
C GLN D 54 53.12 -3.84 -26.67
N LEU D 55 53.67 -2.91 -25.90
CA LEU D 55 53.19 -2.69 -24.55
C LEU D 55 52.43 -1.37 -24.54
N SER D 56 51.17 -1.42 -24.10
CA SER D 56 50.31 -0.24 -24.02
C SER D 56 51.03 0.96 -23.42
N THR D 57 51.84 0.71 -22.41
CA THR D 57 52.56 1.77 -21.70
C THR D 57 53.98 1.95 -22.22
N ALA D 58 54.20 1.77 -23.53
CA ALA D 58 55.51 1.98 -24.14
C ALA D 58 55.32 2.43 -25.59
N PRO D 59 54.42 3.39 -25.80
CA PRO D 59 53.67 3.64 -27.04
C PRO D 59 54.42 3.51 -28.38
N GLY D 60 55.67 3.96 -28.46
CA GLY D 60 56.36 4.00 -29.75
C GLY D 60 57.09 2.73 -30.15
N MET D 61 57.18 1.78 -29.22
CA MET D 61 58.14 0.69 -29.31
C MET D 61 57.46 -0.59 -29.81
N LYS D 62 58.17 -1.33 -30.65
CA LYS D 62 57.73 -2.64 -31.11
C LYS D 62 58.85 -3.65 -30.91
N PHE D 63 58.48 -4.91 -30.71
CA PHE D 63 59.39 -6.01 -30.88
C PHE D 63 58.84 -6.89 -31.98
N LYS D 64 59.72 -7.66 -32.61
CA LYS D 64 59.35 -8.35 -33.83
C LYS D 64 60.22 -9.59 -33.98
N THR D 65 59.59 -10.76 -34.04
CA THR D 65 60.28 -12.03 -34.17
C THR D 65 60.71 -12.22 -35.62
N LYS D 66 61.67 -13.11 -35.82
CA LYS D 66 62.08 -13.46 -37.18
C LYS D 66 60.82 -13.89 -37.90
N THR D 67 60.86 -13.75 -39.22
CA THR D 67 59.72 -14.12 -40.05
C THR D 67 59.97 -15.49 -40.72
N LEU D 68 59.40 -16.55 -40.15
CA LEU D 68 59.56 -17.91 -40.68
C LEU D 68 58.80 -18.04 -42.00
N THR D 69 59.03 -19.13 -42.74
CA THR D 69 58.38 -19.32 -44.07
C THR D 69 57.53 -20.59 -44.18
N ASP D 70 56.26 -20.38 -44.53
CA ASP D 70 55.36 -21.44 -44.92
C ASP D 70 55.14 -22.49 -43.83
N THR D 71 54.66 -22.06 -42.67
CA THR D 71 54.34 -22.95 -41.55
C THR D 71 53.04 -22.55 -40.86
N SER D 72 52.16 -23.52 -40.64
CA SER D 72 50.95 -23.25 -39.86
C SER D 72 51.12 -23.66 -38.40
N HIS D 73 52.31 -24.16 -38.08
CA HIS D 73 52.74 -24.44 -36.71
C HIS D 73 54.18 -23.92 -36.58
N PRO D 74 54.34 -22.57 -36.49
CA PRO D 74 55.68 -21.98 -36.47
C PRO D 74 56.25 -21.89 -35.06
N VAL D 75 57.56 -22.15 -34.95
CA VAL D 75 58.28 -22.13 -33.67
C VAL D 75 59.42 -21.13 -33.78
N TRP D 76 59.25 -19.98 -33.10
CA TRP D 76 60.22 -18.88 -33.10
C TRP D 76 61.23 -18.98 -31.98
N ASN D 77 60.74 -19.42 -30.81
CA ASN D 77 61.51 -19.44 -29.55
C ASN D 77 62.53 -18.29 -29.41
N GLU D 78 62.01 -17.07 -29.42
CA GLU D 78 62.77 -15.86 -29.10
C GLU D 78 62.21 -15.25 -27.83
N ALA D 79 63.01 -14.40 -27.20
CA ALA D 79 62.63 -13.78 -25.93
C ALA D 79 62.98 -12.29 -25.91
N PHE D 80 62.07 -11.48 -25.38
CA PHE D 80 62.27 -10.04 -25.32
C PHE D 80 62.08 -9.52 -23.91
N ARG D 81 62.55 -8.30 -23.70
CA ARG D 81 62.65 -7.67 -22.38
C ARG D 81 61.96 -6.31 -22.34
N PHE D 82 61.25 -6.06 -21.26
CA PHE D 82 60.58 -4.78 -21.03
C PHE D 82 60.91 -4.29 -19.64
N LEU D 83 60.63 -3.02 -19.40
CA LEU D 83 60.53 -2.50 -18.05
C LEU D 83 59.07 -2.18 -17.69
N ILE D 84 58.60 -2.83 -16.65
CA ILE D 84 57.23 -2.74 -16.24
C ILE D 84 57.16 -1.92 -14.98
N GLN D 85 56.34 -0.87 -14.99
CA GLN D 85 56.10 -0.09 -13.79
C GLN D 85 54.87 -0.68 -13.13
N SER D 86 55.08 -1.29 -11.97
CA SER D 86 54.02 -1.97 -11.22
C SER D 86 52.79 -1.12 -10.90
N GLN D 87 53.00 0.18 -10.69
CA GLN D 87 51.90 1.08 -10.28
C GLN D 87 51.01 1.58 -11.42
N VAL D 88 51.36 1.24 -12.65
CA VAL D 88 50.58 1.61 -13.83
C VAL D 88 49.89 0.36 -14.41
N LYS D 89 48.79 0.52 -15.15
CA LYS D 89 48.13 -0.63 -15.78
C LYS D 89 48.80 -1.02 -17.11
N ASN D 90 49.55 -2.12 -17.11
CA ASN D 90 50.33 -2.55 -18.28
C ASN D 90 49.65 -3.70 -19.04
N VAL D 91 49.38 -3.47 -20.33
CA VAL D 91 48.65 -4.40 -21.17
C VAL D 91 49.53 -4.74 -22.34
N LEU D 92 49.76 -6.03 -22.56
CA LEU D 92 50.65 -6.47 -23.62
C LEU D 92 49.87 -7.02 -24.80
N GLU D 93 50.04 -6.39 -25.96
CA GLU D 93 49.32 -6.75 -27.16
C GLU D 93 50.27 -7.50 -28.07
N LEU D 94 50.07 -8.80 -28.15
CA LEU D 94 50.93 -9.63 -28.97
C LEU D 94 50.12 -10.26 -30.08
N SER D 95 50.68 -10.24 -31.28
CA SER D 95 49.89 -10.46 -32.48
C SER D 95 50.75 -11.07 -33.58
N ILE D 96 50.19 -12.06 -34.27
CA ILE D 96 50.88 -12.78 -35.32
C ILE D 96 50.46 -12.25 -36.67
N TYR D 97 51.42 -12.04 -37.58
CA TYR D 97 51.11 -11.58 -38.94
C TYR D 97 51.60 -12.56 -40.00
N ASP D 98 50.96 -12.54 -41.17
CA ASP D 98 51.43 -13.26 -42.37
C ASP D 98 52.18 -12.26 -43.27
N GLU D 99 53.48 -12.51 -43.52
CA GLU D 99 54.29 -11.59 -44.34
C GLU D 99 53.96 -11.70 -45.83
N ASP D 100 53.64 -10.54 -46.41
CA ASP D 100 53.22 -10.41 -47.80
C ASP D 100 54.14 -9.41 -48.52
N THR D 103 52.47 -6.42 -50.32
CA THR D 103 51.41 -5.61 -49.71
C THR D 103 51.77 -5.37 -48.25
N GLU D 104 50.89 -4.68 -47.53
CA GLU D 104 50.91 -4.69 -46.07
C GLU D 104 50.56 -6.09 -45.56
N ASP D 105 51.03 -6.43 -44.37
CA ASP D 105 50.91 -7.77 -43.83
C ASP D 105 49.57 -8.00 -43.14
N ASP D 106 48.89 -9.09 -43.49
CA ASP D 106 47.58 -9.40 -42.92
C ASP D 106 47.71 -10.07 -41.55
N ILE D 107 47.08 -9.47 -40.56
CA ILE D 107 47.04 -10.05 -39.20
C ILE D 107 46.13 -11.27 -39.16
N CYS D 108 46.51 -12.26 -38.36
CA CYS D 108 45.69 -13.46 -38.17
C CYS D 108 45.37 -13.78 -36.72
N PHE D 109 46.24 -13.38 -35.81
CA PHE D 109 45.99 -13.63 -34.41
C PHE D 109 46.40 -12.40 -33.58
N LYS D 110 45.54 -12.00 -32.65
CA LYS D 110 45.81 -10.86 -31.79
C LYS D 110 45.25 -11.12 -30.42
N VAL D 111 45.99 -10.78 -29.39
CA VAL D 111 45.46 -10.93 -28.04
C VAL D 111 46.10 -9.94 -27.05
N LEU D 112 45.25 -9.22 -26.32
CA LEU D 112 45.71 -8.30 -25.27
C LEU D 112 45.80 -9.05 -23.97
N TYR D 113 46.87 -8.85 -23.22
CA TYR D 113 47.07 -9.59 -21.97
C TYR D 113 47.50 -8.69 -20.83
N ASP D 114 46.64 -8.53 -19.84
CA ASP D 114 46.99 -7.73 -18.68
C ASP D 114 48.00 -8.50 -17.86
N ILE D 115 49.15 -7.88 -17.60
CA ILE D 115 50.27 -8.54 -16.93
C ILE D 115 50.30 -8.22 -15.45
N SER D 116 49.13 -7.92 -14.88
CA SER D 116 48.97 -7.90 -13.43
C SER D 116 49.10 -9.33 -12.98
N GLU D 117 48.34 -10.22 -13.61
CA GLU D 117 48.39 -11.65 -13.32
C GLU D 117 49.82 -12.10 -13.01
N VAL D 118 50.74 -11.86 -13.95
CA VAL D 118 52.10 -12.41 -13.82
C VAL D 118 52.83 -11.92 -12.57
N LEU D 119 53.15 -12.86 -11.68
CA LEU D 119 53.81 -12.61 -10.41
C LEU D 119 55.33 -12.80 -10.53
N PRO D 120 56.12 -12.06 -9.75
CA PRO D 120 57.60 -12.04 -9.91
C PRO D 120 58.28 -13.29 -9.38
N LEU D 123 57.83 -18.12 -12.75
CA LEU D 123 57.71 -18.27 -14.21
C LEU D 123 56.31 -18.75 -14.64
N LEU D 124 55.67 -18.02 -15.55
CA LEU D 124 54.36 -18.40 -16.09
C LEU D 124 54.43 -18.91 -17.53
N ARG D 125 53.63 -19.92 -17.85
CA ARG D 125 53.44 -20.34 -19.23
C ARG D 125 51.96 -20.13 -19.55
N LYS D 126 51.69 -19.41 -20.64
CA LYS D 126 50.32 -19.21 -21.10
C LYS D 126 50.14 -19.77 -22.50
N THR D 127 48.88 -20.05 -22.82
CA THR D 127 48.44 -20.34 -24.17
C THR D 127 47.23 -19.47 -24.45
N PHE D 128 47.20 -18.84 -25.61
CA PHE D 128 46.11 -17.94 -25.91
C PHE D 128 45.30 -18.50 -27.06
N SER D 129 44.05 -18.07 -27.18
CA SER D 129 43.22 -18.46 -28.33
C SER D 129 42.05 -17.48 -28.58
N GLN D 130 41.81 -17.20 -29.86
CA GLN D 130 40.81 -16.22 -30.29
C GLN D 130 41.14 -15.79 -31.69
N GLU D 135 40.63 -22.34 -32.54
CA GLU D 135 41.54 -22.90 -33.53
C GLU D 135 43.00 -22.52 -33.29
N GLU D 136 43.37 -21.28 -33.67
CA GLU D 136 44.75 -20.81 -33.58
C GLU D 136 45.19 -20.67 -32.13
N GLU D 137 46.38 -21.16 -31.81
CA GLU D 137 46.89 -21.15 -30.45
C GLU D 137 48.33 -20.65 -30.40
N LEU D 138 48.65 -19.84 -29.40
CA LEU D 138 50.00 -19.26 -29.25
C LEU D 138 50.53 -19.40 -27.83
N ASP D 139 51.75 -19.94 -27.74
CA ASP D 139 52.40 -20.30 -26.48
C ASP D 139 53.49 -19.33 -26.09
N VAL D 140 53.38 -18.76 -24.88
CA VAL D 140 54.28 -17.71 -24.41
C VAL D 140 54.72 -18.04 -22.99
N GLU D 141 55.97 -17.68 -22.67
CA GLU D 141 56.53 -17.79 -21.31
C GLU D 141 57.06 -16.46 -20.77
N PHE D 142 56.44 -15.98 -19.69
CA PHE D 142 56.84 -14.74 -19.00
C PHE D 142 57.64 -15.00 -17.73
N LEU D 143 58.58 -14.09 -17.43
CA LEU D 143 59.26 -14.10 -16.14
C LEU D 143 59.55 -12.67 -15.62
N MET D 144 58.86 -12.30 -14.53
CA MET D 144 59.05 -11.00 -13.88
C MET D 144 60.16 -11.08 -12.85
N GLU D 145 61.24 -10.35 -13.12
CA GLU D 145 62.43 -10.37 -12.26
C GLU D 145 62.63 -9.01 -11.61
N GLU D 146 62.94 -9.02 -10.31
CA GLU D 146 63.37 -7.81 -9.59
C GLU D 146 64.54 -7.16 -10.30
N THR D 147 64.80 -5.92 -9.95
CA THR D 147 65.97 -5.26 -10.51
C THR D 147 66.44 -4.15 -9.57
N SER D 148 67.75 -3.89 -9.63
CA SER D 148 68.37 -2.87 -8.80
C SER D 148 68.68 -1.64 -9.67
N ASP D 149 67.63 -1.07 -10.23
CA ASP D 149 67.67 0.29 -10.77
C ASP D 149 67.04 1.14 -9.70
N ARG D 150 67.33 2.43 -9.72
CA ARG D 150 66.68 3.37 -8.82
C ARG D 150 65.19 3.40 -9.12
N PRO D 151 64.37 3.75 -8.11
CA PRO D 151 62.93 3.86 -8.39
C PRO D 151 62.59 5.02 -9.34
N GLU D 152 61.56 4.80 -10.16
CA GLU D 152 61.06 5.81 -11.10
C GLU D 152 60.31 6.85 -10.29
N ASN D 153 60.39 8.10 -10.73
CA ASN D 153 59.71 9.20 -10.04
C ASN D 153 58.43 9.60 -10.75
N LEU D 154 57.32 9.06 -10.24
CA LEU D 154 56.00 9.30 -10.81
C LEU D 154 55.36 10.54 -10.22
N ILE D 155 54.35 11.05 -10.92
CA ILE D 155 53.46 12.08 -10.40
C ILE D 155 52.07 11.53 -10.61
N THR D 156 51.42 11.14 -9.53
CA THR D 156 50.17 10.44 -9.66
C THR D 156 49.04 11.11 -8.94
N ASN D 157 47.86 10.76 -9.43
CA ASN D 157 46.59 11.29 -9.03
C ASN D 157 45.78 10.16 -8.37
N LYS D 158 46.44 9.01 -8.21
CA LYS D 158 45.85 7.71 -7.86
C LYS D 158 44.88 7.15 -8.90
N VAL D 159 44.72 7.84 -10.03
CA VAL D 159 43.96 7.31 -11.18
C VAL D 159 44.65 7.69 -12.50
N ILE D 160 45.23 8.89 -12.56
CA ILE D 160 46.22 9.17 -13.58
C ILE D 160 47.65 9.11 -13.03
N VAL D 161 48.57 8.71 -13.89
CA VAL D 161 49.97 8.67 -13.58
C VAL D 161 50.73 9.32 -14.70
N ALA D 162 51.61 10.24 -14.31
CA ALA D 162 52.62 10.76 -15.20
C ALA D 162 53.91 9.98 -14.94
N ARG D 163 54.29 9.13 -15.91
CA ARG D 163 55.58 8.45 -15.90
C ARG D 163 56.74 9.44 -15.89
N GLU D 164 57.86 9.03 -15.30
CA GLU D 164 59.05 9.87 -15.27
C GLU D 164 59.53 10.15 -16.67
N LEU D 165 59.91 11.39 -16.92
CA LEU D 165 60.45 11.78 -18.19
C LEU D 165 61.96 11.96 -18.16
N SER D 166 62.51 12.18 -19.36
CA SER D 166 63.88 12.60 -19.53
C SER D 166 64.01 13.23 -20.92
N CYS D 167 65.09 13.98 -21.09
CA CYS D 167 65.21 14.93 -22.19
C CYS D 167 66.61 14.83 -22.77
N LEU D 168 66.68 14.84 -24.11
CA LEU D 168 67.93 14.62 -24.82
C LEU D 168 68.32 15.90 -25.56
N ASP D 169 69.20 16.69 -24.95
CA ASP D 169 69.75 17.89 -25.56
C ASP D 169 70.73 17.36 -26.60
N VAL D 170 70.64 17.87 -27.83
CA VAL D 170 71.55 17.49 -28.90
C VAL D 170 72.09 18.75 -29.55
N HIS D 171 73.39 18.97 -29.45
CA HIS D 171 74.02 20.18 -29.98
C HIS D 171 74.81 19.86 -31.24
N LEU D 172 74.94 20.85 -32.13
CA LEU D 172 75.32 20.59 -33.53
C LEU D 172 76.81 20.58 -33.87
N ASP D 173 77.66 21.31 -33.15
CA ASP D 173 79.12 21.20 -33.38
C ASP D 173 79.98 21.63 -32.18
N GLU D 188 70.05 18.38 -43.66
CA GLU D 188 69.88 16.98 -44.00
C GLU D 188 70.47 16.07 -42.91
N LEU D 189 70.09 16.34 -41.66
CA LEU D 189 70.44 15.50 -40.53
C LEU D 189 69.14 14.91 -40.08
N GLU D 190 69.10 13.60 -39.86
CA GLU D 190 67.89 12.97 -39.38
C GLU D 190 68.16 12.26 -38.07
N LEU D 191 67.69 12.86 -36.99
CA LEU D 191 67.78 12.24 -35.68
C LEU D 191 66.46 11.51 -35.43
N VAL D 192 66.55 10.27 -34.97
CA VAL D 192 65.37 9.42 -34.68
C VAL D 192 65.49 8.81 -33.29
N LEU D 193 64.44 8.95 -32.49
CA LEU D 193 64.43 8.38 -31.16
C LEU D 193 63.07 7.73 -30.89
N LYS D 194 63.00 6.42 -31.09
CA LYS D 194 61.71 5.73 -30.96
C LYS D 194 61.24 5.70 -29.51
N GLY D 195 59.98 6.09 -29.30
CA GLY D 195 59.37 6.20 -27.96
C GLY D 195 59.21 7.64 -27.46
N SER D 196 59.56 8.59 -28.31
CA SER D 196 59.68 9.98 -27.92
C SER D 196 58.60 10.78 -28.58
N TYR D 197 58.05 11.75 -27.86
CA TYR D 197 56.95 12.56 -28.35
C TYR D 197 57.24 13.09 -29.77
N GLU D 198 58.44 13.62 -29.96
CA GLU D 198 58.93 14.01 -31.29
C GLU D 198 59.57 12.74 -31.81
N ASP D 199 58.97 12.07 -32.77
CA ASP D 199 59.47 10.75 -33.16
C ASP D 199 60.84 10.85 -33.79
N THR D 200 60.91 11.69 -34.82
CA THR D 200 62.13 11.88 -35.59
C THR D 200 62.23 13.36 -35.92
N GLN D 201 63.40 13.95 -35.70
CA GLN D 201 63.62 15.35 -36.02
C GLN D 201 64.61 15.47 -37.15
N THR D 202 64.30 16.34 -38.09
CA THR D 202 65.02 16.42 -39.35
C THR D 202 65.32 17.88 -39.72
N SER D 203 66.59 18.26 -39.52
CA SER D 203 67.06 19.63 -39.70
C SER D 203 68.09 19.76 -40.83
N PHE D 204 68.34 21.01 -41.24
CA PHE D 204 69.26 21.35 -42.34
C PHE D 204 70.42 22.26 -41.93
N ALA D 208 74.73 26.86 -35.93
CA ALA D 208 74.91 26.09 -34.71
C ALA D 208 73.58 25.66 -34.09
N SER D 209 73.00 24.54 -34.60
CA SER D 209 71.64 24.07 -34.23
C SER D 209 71.56 23.24 -32.94
N ALA D 210 70.33 22.98 -32.49
CA ALA D 210 70.09 22.10 -31.35
C ALA D 210 68.70 21.47 -31.39
N PHE D 211 68.51 20.44 -30.56
CA PHE D 211 67.28 19.67 -30.53
C PHE D 211 67.05 19.10 -29.15
N ARG D 212 65.78 19.02 -28.78
CA ARG D 212 65.37 18.35 -27.56
C ARG D 212 64.47 17.17 -27.95
N PHE D 213 64.64 16.04 -27.26
CA PHE D 213 63.70 14.92 -27.33
C PHE D 213 63.17 14.65 -25.93
N HIS D 214 61.88 14.35 -25.86
CA HIS D 214 61.25 13.95 -24.61
C HIS D 214 60.84 12.52 -24.72
N TYR D 215 61.03 11.75 -23.66
CA TYR D 215 60.71 10.33 -23.69
C TYR D 215 60.72 9.82 -22.26
N MET D 216 60.09 8.69 -22.02
CA MET D 216 60.09 8.11 -20.66
C MET D 216 61.48 7.70 -20.24
N ALA D 217 61.75 7.75 -18.94
CA ALA D 217 63.02 7.29 -18.41
C ALA D 217 63.08 5.77 -18.49
N ALA D 218 61.96 5.10 -18.20
CA ALA D 218 61.88 3.64 -18.20
C ALA D 218 62.04 2.97 -19.58
N LEU D 219 62.03 3.75 -20.67
CA LEU D 219 62.29 3.17 -21.99
C LEU D 219 63.75 2.77 -22.18
N GLU D 220 63.95 1.54 -22.63
CA GLU D 220 65.23 1.09 -23.16
C GLU D 220 65.18 1.42 -24.65
N THR D 221 65.88 2.46 -25.07
CA THR D 221 65.84 2.87 -26.48
C THR D 221 67.18 3.45 -26.97
N GLU D 222 67.18 4.05 -28.16
CA GLU D 222 68.41 4.42 -28.83
C GLU D 222 68.22 5.69 -29.62
N LEU D 223 69.20 6.60 -29.61
CA LEU D 223 69.19 7.71 -30.56
C LEU D 223 69.91 7.29 -31.83
N SER D 224 69.32 7.55 -32.98
CA SER D 224 69.92 7.17 -34.26
C SER D 224 70.09 8.38 -35.19
N GLY D 225 71.31 8.56 -35.69
CA GLY D 225 71.68 9.71 -36.52
C GLY D 225 72.16 9.34 -37.91
N ARG D 226 71.88 10.22 -38.88
CA ARG D 226 72.21 9.96 -40.28
C ARG D 226 72.22 11.23 -41.14
N LEU D 227 73.04 11.22 -42.20
CA LEU D 227 73.09 12.32 -43.16
C LEU D 227 72.59 11.83 -44.52
N TYR D 243 73.72 4.87 -40.53
CA TYR D 243 72.88 4.91 -39.33
C TYR D 243 73.60 4.58 -38.02
N LEU D 244 74.35 5.55 -37.48
CA LEU D 244 75.01 5.35 -36.19
C LEU D 244 74.00 5.54 -35.09
N THR D 245 74.14 4.78 -34.01
CA THR D 245 73.19 4.87 -32.92
C THR D 245 73.86 4.79 -31.55
N VAL D 246 73.26 5.47 -30.58
CA VAL D 246 73.71 5.45 -29.20
C VAL D 246 72.61 4.84 -28.33
N PRO D 247 72.94 3.82 -27.52
CA PRO D 247 71.93 3.25 -26.64
C PRO D 247 71.52 4.24 -25.55
N LEU D 248 70.28 4.11 -25.07
CA LEU D 248 69.77 4.87 -23.93
C LEU D 248 69.20 3.90 -22.90
N ARG D 249 70.02 3.49 -21.93
CA ARG D 249 69.55 2.56 -20.92
C ARG D 249 68.54 3.29 -20.05
N PRO D 250 67.60 2.54 -19.44
CA PRO D 250 66.61 3.17 -18.58
C PRO D 250 67.07 3.50 -17.16
N LEU D 251 66.54 4.60 -16.62
CA LEU D 251 66.70 5.00 -15.21
C LEU D 251 68.14 5.26 -14.74
N THR D 252 69.01 5.67 -15.66
CA THR D 252 70.39 5.99 -15.28
C THR D 252 70.64 7.48 -15.37
N ILE D 253 71.73 7.88 -14.74
CA ILE D 253 72.21 9.23 -14.84
C ILE D 253 72.90 9.32 -16.20
N GLY D 254 72.48 10.26 -17.02
CA GLY D 254 73.03 10.40 -18.37
C GLY D 254 74.39 11.07 -18.35
N LYS D 255 75.25 10.68 -19.28
CA LYS D 255 76.57 11.29 -19.42
C LYS D 255 76.58 12.19 -20.65
N GLU D 256 77.64 12.98 -20.79
CA GLU D 256 77.91 13.70 -22.03
C GLU D 256 78.39 12.66 -23.04
N VAL D 257 78.05 12.83 -24.31
CA VAL D 257 78.49 11.90 -25.35
C VAL D 257 78.67 12.64 -26.67
N THR D 258 79.80 12.41 -27.33
CA THR D 258 80.05 12.99 -28.64
C THR D 258 79.89 11.90 -29.70
N MET D 259 79.27 12.23 -30.82
CA MET D 259 79.35 11.33 -31.97
C MET D 259 79.61 12.12 -33.22
N ASP D 260 80.62 11.69 -33.97
CA ASP D 260 80.84 12.17 -35.33
C ASP D 260 79.93 11.39 -36.27
N VAL D 261 79.18 12.11 -37.10
CA VAL D 261 78.24 11.48 -38.01
C VAL D 261 78.76 11.66 -39.43
N PRO D 262 78.94 10.55 -40.16
CA PRO D 262 79.54 10.57 -41.48
C PRO D 262 78.56 11.04 -42.52
N ALA D 263 79.00 12.02 -43.31
CA ALA D 263 78.35 12.32 -44.56
C ALA D 263 78.73 11.19 -45.51
N PRO D 264 77.87 10.94 -46.50
CA PRO D 264 78.16 9.84 -47.40
C PRO D 264 79.46 10.07 -48.18
N ASN D 265 79.60 11.28 -48.71
CA ASN D 265 80.67 11.66 -49.62
C ASN D 265 81.64 12.70 -49.03
N ALA D 266 81.10 13.69 -48.32
CA ALA D 266 81.85 14.87 -47.89
C ALA D 266 82.36 14.73 -46.45
N PRO D 267 82.90 15.83 -45.84
CA PRO D 267 83.35 15.78 -44.43
C PRO D 267 82.21 15.64 -43.42
N GLY D 268 82.56 15.28 -42.19
CA GLY D 268 81.58 14.84 -41.19
C GLY D 268 81.13 15.90 -40.20
N VAL D 269 79.95 15.67 -39.61
CA VAL D 269 79.37 16.52 -38.56
C VAL D 269 79.62 15.92 -37.15
N ARG D 270 79.70 16.79 -36.15
CA ARG D 270 79.90 16.41 -34.73
C ARG D 270 78.57 16.62 -33.99
N LEU D 271 78.33 15.92 -32.87
CA LEU D 271 77.15 16.17 -32.04
C LEU D 271 77.43 15.92 -30.57
N GLN D 272 77.05 16.86 -29.71
CA GLN D 272 77.10 16.65 -28.25
C GLN D 272 75.73 16.19 -27.76
N LEU D 273 75.72 15.14 -26.95
CA LEU D 273 74.48 14.58 -26.40
C LEU D 273 74.55 14.54 -24.87
N LYS D 274 73.53 15.07 -24.20
CA LYS D 274 73.33 14.81 -22.77
C LYS D 274 71.89 14.41 -22.58
N ALA D 275 71.69 13.47 -21.65
CA ALA D 275 70.39 13.08 -21.21
C ALA D 275 70.21 13.62 -19.80
N GLU D 276 69.05 14.24 -19.54
CA GLU D 276 68.78 14.90 -18.27
C GLU D 276 67.33 14.68 -17.88
N GLY D 277 66.98 15.08 -16.67
CA GLY D 277 65.57 15.24 -16.30
C GLY D 277 65.00 16.35 -17.16
N CYS D 278 63.67 16.40 -17.29
CA CYS D 278 63.06 17.42 -18.15
C CYS D 278 63.07 18.79 -17.44
N PRO D 279 63.06 19.88 -18.22
CA PRO D 279 63.00 21.25 -17.68
C PRO D 279 61.60 21.77 -17.33
N GLU D 280 60.55 21.21 -17.95
CA GLU D 280 59.21 21.79 -17.91
C GLU D 280 58.39 21.30 -16.72
N GLU D 281 57.67 22.22 -16.10
CA GLU D 281 56.82 21.91 -14.95
C GLU D 281 55.48 21.43 -15.49
N LEU D 282 54.75 20.66 -14.70
CA LEU D 282 53.50 20.07 -15.17
C LEU D 282 52.46 21.14 -15.45
N ALA D 283 52.09 21.28 -16.72
CA ALA D 283 51.05 22.20 -17.15
C ALA D 283 49.65 21.72 -16.77
N VAL D 284 49.44 20.41 -16.85
CA VAL D 284 48.18 19.77 -16.46
C VAL D 284 48.13 19.56 -14.94
N HIS D 285 47.00 19.90 -14.33
CA HIS D 285 46.86 19.75 -12.90
C HIS D 285 46.08 18.49 -12.61
N LEU D 286 46.70 17.61 -11.82
CA LEU D 286 46.14 16.34 -11.45
C LEU D 286 45.60 16.47 -10.05
N GLY D 287 44.29 16.36 -9.90
CA GLY D 287 43.68 16.45 -8.59
C GLY D 287 42.18 16.29 -8.62
N PHE D 288 41.60 15.97 -7.47
CA PHE D 288 40.14 15.95 -7.33
C PHE D 288 39.69 17.03 -6.35
N ASN D 289 40.30 18.20 -6.48
CA ASN D 289 39.89 19.37 -5.73
C ASN D 289 39.65 20.55 -6.64
N LEU D 290 38.88 21.51 -6.17
CA LEU D 290 38.57 22.69 -6.97
C LEU D 290 39.83 23.54 -7.07
N CYS D 291 40.02 24.20 -8.22
CA CYS D 291 41.19 25.06 -8.40
C CYS D 291 41.09 26.32 -7.55
N ALA D 292 42.20 27.03 -7.44
CA ALA D 292 42.26 28.22 -6.61
C ALA D 292 41.27 29.28 -7.07
N GLU D 293 41.22 29.52 -8.38
CA GLU D 293 40.37 30.57 -8.96
C GLU D 293 38.89 30.34 -8.64
N GLU D 294 38.47 29.08 -8.78
CA GLU D 294 37.12 28.69 -8.41
C GLU D 294 36.90 28.93 -6.92
N GLN D 295 37.87 28.55 -6.10
CA GLN D 295 37.76 28.76 -4.66
C GLN D 295 37.65 30.24 -4.32
N ALA D 296 38.54 31.05 -4.90
CA ALA D 296 38.46 32.50 -4.77
C ALA D 296 37.08 33.03 -5.17
N PHE D 297 36.62 32.59 -6.34
CA PHE D 297 35.31 32.99 -6.85
C PHE D 297 34.14 32.62 -5.93
N LEU D 298 34.23 31.49 -5.26
CA LEU D 298 33.16 31.06 -4.37
C LEU D 298 32.91 32.09 -3.28
N SER D 299 33.98 32.62 -2.71
CA SER D 299 33.86 33.70 -1.73
C SER D 299 33.25 34.94 -2.35
N ARG D 300 33.91 35.45 -3.39
CA ARG D 300 33.42 36.58 -4.18
C ARG D 300 31.94 36.50 -4.53
N ARG D 301 31.49 35.30 -4.89
CA ARG D 301 30.09 35.09 -5.25
C ARG D 301 29.23 34.97 -4.00
N LYS D 302 29.66 34.16 -3.03
CA LYS D 302 28.84 33.86 -1.85
C LYS D 302 28.27 35.09 -1.12
N GLN D 303 29.03 36.20 -1.11
CA GLN D 303 28.55 37.42 -0.46
C GLN D 303 27.39 38.04 -1.23
N VAL D 304 27.52 38.17 -2.56
CA VAL D 304 26.42 38.75 -3.37
C VAL D 304 25.17 37.89 -3.27
N VAL D 305 25.36 36.60 -3.01
CA VAL D 305 24.23 35.70 -2.76
C VAL D 305 23.57 36.03 -1.43
N ALA D 306 24.34 36.21 -0.37
CA ALA D 306 23.77 36.57 0.93
C ALA D 306 23.07 37.94 0.87
N LYS D 307 23.73 38.89 0.21
CA LYS D 307 23.15 40.21 -0.06
C LYS D 307 21.86 40.12 -0.89
N ALA D 308 21.78 39.16 -1.82
CA ALA D 308 20.57 38.97 -2.64
C ALA D 308 19.50 38.08 -1.97
N LEU D 309 19.92 37.17 -1.09
CA LEU D 309 19.00 36.31 -0.33
C LEU D 309 18.22 37.12 0.69
N LYS D 310 18.93 38.01 1.36
CA LYS D 310 18.35 38.81 2.43
C LYS D 310 17.08 39.58 1.99
N GLN D 311 17.05 40.10 0.75
CA GLN D 311 15.87 40.84 0.24
C GLN D 311 14.80 39.87 -0.21
N ALA D 312 15.22 38.81 -0.89
CA ALA D 312 14.32 37.79 -1.40
C ALA D 312 13.64 37.00 -0.26
N LEU D 313 14.36 36.76 0.82
CA LEU D 313 13.83 36.03 1.99
C LEU D 313 13.51 36.94 3.16
N GLN D 314 13.54 38.25 2.95
CA GLN D 314 13.34 39.25 4.02
C GLN D 314 13.92 38.75 5.34
N LEU D 315 15.25 38.76 5.44
CA LEU D 315 15.92 38.06 6.52
C LEU D 315 16.27 38.94 7.71
N ASP D 316 16.31 38.29 8.88
CA ASP D 316 16.61 38.93 10.17
C ASP D 316 17.91 39.72 10.14
N ARG D 317 18.97 39.08 9.67
CA ARG D 317 20.33 39.57 9.84
C ARG D 317 21.13 39.32 8.58
N ASP D 318 22.43 39.61 8.65
CA ASP D 318 23.36 39.20 7.61
C ASP D 318 23.85 37.78 7.86
N LEU D 319 24.25 37.13 6.77
CA LEU D 319 24.73 35.74 6.80
C LEU D 319 26.23 35.70 6.75
N GLN D 320 26.80 34.77 7.48
CA GLN D 320 28.23 34.51 7.41
C GLN D 320 28.45 33.66 6.17
N GLU D 321 29.63 33.75 5.57
CA GLU D 321 29.95 33.00 4.33
C GLU D 321 29.70 31.48 4.47
N ASP D 322 30.06 30.93 5.64
CA ASP D 322 29.93 29.49 5.89
C ASP D 322 28.49 28.99 5.91
N GLU D 323 27.52 29.89 6.05
CA GLU D 323 26.11 29.52 6.12
C GLU D 323 25.39 29.71 4.78
N VAL D 324 26.06 30.37 3.82
CA VAL D 324 25.43 30.69 2.52
C VAL D 324 25.24 29.40 1.74
N PRO D 325 23.98 29.09 1.35
CA PRO D 325 23.70 27.88 0.59
C PRO D 325 24.16 27.95 -0.88
N VAL D 326 24.63 26.81 -1.39
CA VAL D 326 25.13 26.70 -2.76
C VAL D 326 24.03 26.19 -3.69
N VAL D 327 23.59 27.08 -4.58
CA VAL D 327 22.46 26.83 -5.45
C VAL D 327 22.97 26.71 -6.87
N GLY D 328 22.45 25.74 -7.61
CA GLY D 328 22.89 25.54 -8.98
C GLY D 328 21.76 25.53 -9.97
N ILE D 329 22.03 26.05 -11.16
CA ILE D 329 21.16 25.81 -12.32
C ILE D 329 21.71 24.63 -13.11
N MET D 330 20.81 23.72 -13.49
CA MET D 330 21.20 22.48 -14.15
C MET D 330 20.35 22.24 -15.38
N ALA D 331 20.82 22.73 -16.51
CA ALA D 331 20.08 22.63 -17.76
C ALA D 331 20.50 21.39 -18.56
N THR D 332 19.51 20.79 -19.25
CA THR D 332 19.74 19.72 -20.22
C THR D 332 19.94 20.34 -21.60
N GLY D 333 20.11 19.51 -22.62
CA GLY D 333 20.27 20.01 -23.97
C GLY D 333 18.92 20.19 -24.62
N GLY D 334 18.95 20.28 -25.95
CA GLY D 334 17.74 20.32 -26.76
C GLY D 334 17.73 21.39 -27.85
N GLY D 335 18.86 21.57 -28.53
CA GLY D 335 18.96 22.52 -29.63
C GLY D 335 18.40 23.90 -29.37
N ALA D 336 17.73 24.44 -30.39
CA ALA D 336 17.16 25.77 -30.33
C ALA D 336 16.09 25.85 -29.24
N ARG D 337 15.30 24.80 -29.11
CA ARG D 337 14.28 24.71 -28.06
C ARG D 337 14.88 24.90 -26.65
N ALA D 338 15.98 24.21 -26.37
CA ALA D 338 16.63 24.33 -25.08
C ALA D 338 17.12 25.76 -24.85
N MET D 339 17.68 26.36 -25.90
CA MET D 339 18.25 27.69 -25.83
C MET D 339 17.22 28.72 -25.42
N THR D 340 16.09 28.76 -26.11
CA THR D 340 15.12 29.83 -25.92
C THR D 340 14.36 29.63 -24.63
N SER D 341 13.98 28.41 -24.33
CA SER D 341 13.33 28.14 -23.06
C SER D 341 14.22 28.58 -21.90
N LEU D 342 15.51 28.34 -22.02
CA LEU D 342 16.47 28.70 -20.98
C LEU D 342 16.53 30.20 -20.72
N TYR D 343 16.66 30.98 -21.79
CA TYR D 343 16.51 32.45 -21.73
C TYR D 343 15.29 32.82 -20.87
N GLY D 344 14.17 32.16 -21.17
CA GLY D 344 12.92 32.38 -20.45
C GLY D 344 13.02 32.02 -18.98
N HIS D 345 13.63 30.89 -18.66
CA HIS D 345 13.80 30.50 -17.26
C HIS D 345 14.68 31.48 -16.52
N LEU D 346 15.74 31.94 -17.18
CA LEU D 346 16.63 32.93 -16.59
C LEU D 346 15.88 34.24 -16.37
N LEU D 347 15.10 34.65 -17.37
CA LEU D 347 14.29 35.86 -17.27
C LEU D 347 13.48 35.83 -15.99
N ALA D 348 12.78 34.72 -15.79
CA ALA D 348 11.96 34.54 -14.59
C ALA D 348 12.79 34.72 -13.34
N LEU D 349 13.92 34.02 -13.29
CA LEU D 349 14.78 34.11 -12.12
C LEU D 349 15.29 35.52 -11.85
N GLN D 350 15.58 36.28 -12.92
CA GLN D 350 16.02 37.68 -12.78
C GLN D 350 14.91 38.54 -12.15
N LYS D 351 13.74 38.53 -12.78
CA LYS D 351 12.56 39.25 -12.30
C LYS D 351 12.24 38.94 -10.84
N LEU D 352 12.31 37.68 -10.43
CA LEU D 352 12.03 37.33 -9.03
C LEU D 352 13.17 37.72 -8.09
N GLY D 353 14.24 38.32 -8.62
CA GLY D 353 15.41 38.70 -7.82
C GLY D 353 16.15 37.51 -7.23
N LEU D 354 16.05 36.36 -7.90
CA LEU D 354 16.59 35.09 -7.41
C LEU D 354 17.81 34.61 -8.19
N LEU D 355 17.98 35.11 -9.42
CA LEU D 355 19.15 34.77 -10.23
C LEU D 355 20.45 35.13 -9.52
N ASP D 356 20.40 36.11 -8.62
CA ASP D 356 21.56 36.53 -7.86
C ASP D 356 21.88 35.62 -6.66
N CYS D 357 21.09 34.57 -6.44
CA CYS D 357 21.37 33.57 -5.40
C CYS D 357 22.08 32.33 -5.96
N VAL D 358 22.23 32.32 -7.29
CA VAL D 358 22.78 31.16 -8.01
C VAL D 358 24.31 31.23 -8.11
N THR D 359 24.97 30.26 -7.49
CA THR D 359 26.43 30.17 -7.44
C THR D 359 26.99 29.56 -8.73
N TYR D 360 26.45 28.40 -9.11
CA TYR D 360 26.87 27.64 -10.30
C TYR D 360 25.79 27.58 -11.37
N PHE D 361 26.19 27.49 -12.63
CA PHE D 361 25.26 27.46 -13.75
C PHE D 361 25.83 26.55 -14.85
N SER D 362 25.26 25.34 -14.98
CA SER D 362 25.77 24.30 -15.88
C SER D 362 24.82 24.04 -17.03
N GLY D 363 25.34 23.57 -18.17
CA GLY D 363 24.49 23.19 -19.30
C GLY D 363 25.14 22.21 -20.28
N ILE D 364 24.31 21.59 -21.11
CA ILE D 364 24.80 20.73 -22.19
C ILE D 364 24.17 21.19 -23.51
N SER D 365 24.92 21.02 -24.60
CA SER D 365 24.41 21.18 -25.97
C SER D 365 23.73 22.55 -26.25
N GLY D 366 22.44 22.56 -26.58
CA GLY D 366 21.68 23.81 -26.76
C GLY D 366 21.77 24.85 -25.62
N SER D 367 21.58 24.41 -24.37
CA SER D 367 21.81 25.27 -23.20
C SER D 367 23.07 26.11 -23.28
N THR D 368 24.13 25.55 -23.84
CA THR D 368 25.41 26.24 -23.90
C THR D 368 25.38 27.41 -24.87
N TRP D 369 24.51 27.37 -25.88
CA TRP D 369 24.35 28.50 -26.79
C TRP D 369 23.86 29.75 -26.05
N THR D 370 22.77 29.56 -25.31
CA THR D 370 22.31 30.57 -24.37
C THR D 370 23.42 31.03 -23.44
N MET D 371 24.12 30.07 -22.83
CA MET D 371 25.16 30.38 -21.85
C MET D 371 26.30 31.20 -22.46
N ALA D 372 26.74 30.79 -23.64
CA ALA D 372 27.94 31.37 -24.26
C ALA D 372 27.72 32.83 -24.67
N HIS D 373 26.56 33.10 -25.27
CA HIS D 373 26.20 34.45 -25.66
C HIS D 373 26.06 35.39 -24.46
N LEU D 374 25.33 34.95 -23.44
CA LEU D 374 25.13 35.73 -22.22
C LEU D 374 26.44 36.09 -21.52
N TYR D 375 27.36 35.14 -21.43
CA TYR D 375 28.63 35.40 -20.75
C TYR D 375 29.63 36.24 -21.58
N GLY D 376 29.30 36.48 -22.86
CA GLY D 376 30.03 37.44 -23.70
C GLY D 376 30.01 38.83 -23.09
N ASP D 377 28.82 39.30 -22.71
CA ASP D 377 28.67 40.49 -21.87
C ASP D 377 29.07 40.13 -20.41
N PRO D 378 30.16 40.73 -19.89
CA PRO D 378 30.64 40.33 -18.55
C PRO D 378 29.75 40.66 -17.36
N GLU D 379 28.61 41.32 -17.60
CA GLU D 379 27.68 41.64 -16.52
C GLU D 379 26.23 41.42 -16.94
N TRP D 380 26.03 40.41 -17.78
CA TRP D 380 24.71 40.07 -18.33
C TRP D 380 23.63 39.88 -17.25
N SER D 381 23.99 39.25 -16.13
CA SER D 381 23.00 38.90 -15.09
C SER D 381 22.42 40.11 -14.39
N GLN D 382 23.14 41.22 -14.42
CA GLN D 382 22.66 42.47 -13.85
C GLN D 382 21.88 43.32 -14.85
N ARG D 383 22.27 43.28 -16.12
CA ARG D 383 21.60 44.05 -17.17
C ARG D 383 20.32 43.38 -17.65
N ASP D 384 19.55 44.10 -18.45
CA ASP D 384 18.27 43.61 -18.95
C ASP D 384 18.50 42.45 -19.90
N LEU D 385 17.83 41.35 -19.63
CA LEU D 385 17.96 40.15 -20.47
C LEU D 385 17.30 40.27 -21.83
N GLU D 386 16.28 41.13 -21.92
CA GLU D 386 15.47 41.27 -23.16
C GLU D 386 16.28 41.81 -24.36
N GLY D 387 17.50 42.30 -24.09
CA GLY D 387 18.44 42.63 -25.16
C GLY D 387 18.91 41.36 -25.87
N PRO D 388 19.63 40.49 -25.14
CA PRO D 388 20.03 39.18 -25.65
C PRO D 388 18.88 38.32 -26.19
N ILE D 389 17.71 38.40 -25.57
CA ILE D 389 16.54 37.62 -26.03
C ILE D 389 16.22 38.01 -27.48
N ARG D 390 16.19 39.32 -27.71
CA ARG D 390 15.90 39.92 -29.01
C ARG D 390 16.93 39.47 -30.05
N TYR D 391 18.20 39.47 -29.64
CA TYR D 391 19.31 38.97 -30.45
C TYR D 391 19.02 37.55 -30.91
N ALA D 392 18.67 36.69 -29.94
CA ALA D 392 18.42 35.28 -30.20
C ALA D 392 17.23 35.10 -31.12
N ARG D 393 16.14 35.80 -30.82
CA ARG D 393 14.91 35.70 -31.61
C ARG D 393 15.12 36.06 -33.07
N GLU D 394 15.77 37.20 -33.30
CA GLU D 394 15.98 37.69 -34.66
C GLU D 394 16.83 36.72 -35.47
N HIS D 395 17.97 36.34 -34.92
CA HIS D 395 18.86 35.41 -35.60
C HIS D 395 18.22 34.04 -35.81
N LEU D 396 17.36 33.64 -34.88
CA LEU D 396 16.64 32.37 -35.00
C LEU D 396 15.59 32.44 -36.12
N ALA D 397 14.96 33.60 -36.28
CA ALA D 397 13.91 33.80 -37.30
C ALA D 397 14.46 34.04 -38.72
N LYS D 398 15.58 34.74 -38.82
CA LYS D 398 16.33 34.90 -40.09
C LYS D 398 16.41 33.56 -40.82
N SER D 399 16.03 33.52 -42.09
CA SER D 399 16.04 32.24 -42.84
C SER D 399 17.49 31.84 -43.08
N LYS D 400 17.76 30.53 -43.08
CA LYS D 400 19.13 30.02 -43.16
C LYS D 400 19.50 29.52 -44.56
N LEU D 401 18.89 30.06 -45.60
CA LEU D 401 19.30 29.64 -46.95
C LEU D 401 20.67 30.24 -47.26
N GLU D 402 20.98 31.40 -46.66
CA GLU D 402 22.25 32.09 -46.87
C GLU D 402 23.44 31.31 -46.32
N VAL D 403 23.27 30.70 -45.15
CA VAL D 403 24.38 29.98 -44.49
C VAL D 403 24.96 28.84 -45.35
N PHE D 404 24.18 28.33 -46.31
CA PHE D 404 24.66 27.27 -47.21
C PHE D 404 24.97 27.74 -48.64
N SER D 405 24.96 29.06 -48.86
CA SER D 405 25.27 29.65 -50.15
C SER D 405 26.79 29.69 -50.39
N PRO D 406 27.24 29.43 -51.64
CA PRO D 406 28.69 29.28 -51.92
C PRO D 406 29.62 30.46 -51.59
N GLU D 407 29.07 31.64 -51.24
CA GLU D 407 29.91 32.74 -50.78
C GLU D 407 30.36 32.46 -49.36
N ARG D 408 29.45 31.96 -48.53
CA ARG D 408 29.82 31.57 -47.16
C ARG D 408 30.63 30.28 -47.15
N LEU D 409 30.22 29.29 -47.93
CA LEU D 409 30.97 28.03 -47.99
C LEU D 409 32.44 28.28 -48.34
N ALA D 410 32.68 29.23 -49.24
CA ALA D 410 34.04 29.67 -49.54
C ALA D 410 34.77 30.06 -48.27
N SER D 411 34.16 30.96 -47.48
CA SER D 411 34.81 31.48 -46.26
C SER D 411 35.04 30.40 -45.19
N TYR D 412 34.25 29.33 -45.20
CA TYR D 412 34.50 28.21 -44.29
C TYR D 412 35.73 27.44 -44.76
N ARG D 413 35.69 26.88 -45.97
CA ARG D 413 36.84 26.12 -46.49
C ARG D 413 38.12 26.96 -46.50
N ARG D 414 37.96 28.27 -46.73
CA ARG D 414 39.08 29.20 -46.69
C ARG D 414 39.62 29.34 -45.26
N GLU D 415 38.73 29.32 -44.26
CA GLU D 415 39.16 29.28 -42.86
C GLU D 415 39.66 27.90 -42.44
N LEU D 416 39.20 26.84 -43.10
CA LEU D 416 39.74 25.51 -42.86
C LEU D 416 41.13 25.32 -43.48
N GLU D 417 41.38 25.91 -44.65
CA GLU D 417 42.73 25.88 -45.23
C GLU D 417 43.68 26.70 -44.34
N LEU D 418 43.25 27.90 -43.94
CA LEU D 418 44.02 28.73 -43.00
C LEU D 418 44.23 27.95 -41.71
N ARG D 419 43.20 27.23 -41.28
CA ARG D 419 43.25 26.39 -40.09
C ARG D 419 44.17 25.19 -40.29
N ALA D 420 44.12 24.56 -41.46
CA ALA D 420 44.99 23.42 -41.76
C ALA D 420 46.48 23.80 -41.86
N GLU D 421 46.76 25.01 -42.34
CA GLU D 421 48.15 25.50 -42.44
C GLU D 421 48.79 25.59 -41.04
N GLN D 422 48.05 26.14 -40.08
CA GLN D 422 48.47 26.15 -38.67
C GLN D 422 48.42 24.73 -38.12
N HIS D 424 46.75 22.18 -36.94
CA HIS D 424 45.34 21.88 -36.72
C HIS D 424 44.83 20.71 -37.55
N PRO D 425 44.12 19.77 -36.91
CA PRO D 425 43.43 18.77 -37.71
C PRO D 425 42.20 19.37 -38.37
N THR D 426 41.74 18.75 -39.46
CA THR D 426 40.45 19.10 -40.05
C THR D 426 39.45 18.01 -39.69
N THR D 427 38.51 18.35 -38.82
CA THR D 427 37.46 17.46 -38.38
C THR D 427 36.14 18.02 -38.83
N PHE D 428 35.14 17.15 -38.92
CA PHE D 428 33.78 17.56 -39.26
C PHE D 428 33.27 18.56 -38.21
N VAL D 429 33.55 18.29 -36.93
CA VAL D 429 33.11 19.13 -35.84
C VAL D 429 33.54 20.60 -36.01
N ASP D 430 34.71 20.84 -36.64
CA ASP D 430 35.21 22.21 -36.91
C ASP D 430 34.39 22.95 -37.96
N LEU D 431 33.83 22.21 -38.90
CA LEU D 431 32.92 22.77 -39.91
C LEU D 431 31.57 23.06 -39.26
N TRP D 432 31.07 22.09 -38.50
CA TRP D 432 29.86 22.28 -37.71
C TRP D 432 29.96 23.51 -36.82
N ALA D 433 31.16 23.80 -36.31
CA ALA D 433 31.42 25.02 -35.55
C ALA D 433 31.18 26.26 -36.38
N LEU D 434 31.64 26.23 -37.63
CA LEU D 434 31.49 27.36 -38.55
C LEU D 434 30.05 27.59 -39.02
N VAL D 435 29.31 26.53 -39.31
CA VAL D 435 27.92 26.72 -39.73
C VAL D 435 27.02 27.09 -38.54
N LEU D 436 27.30 26.53 -37.37
CA LEU D 436 26.55 26.84 -36.15
C LEU D 436 26.80 28.28 -35.75
N GLU D 437 28.05 28.72 -35.82
CA GLU D 437 28.39 30.13 -35.60
C GLU D 437 27.65 31.03 -36.58
N SER D 438 27.51 30.55 -37.80
CA SER D 438 26.83 31.28 -38.87
C SER D 438 25.31 31.34 -38.70
N MET D 439 24.72 30.31 -38.08
CA MET D 439 23.28 30.32 -37.78
C MET D 439 22.96 31.09 -36.52
N LEU D 440 23.80 30.93 -35.51
CA LEU D 440 23.59 31.49 -34.18
C LEU D 440 23.83 33.00 -34.15
N HIS D 441 24.78 33.44 -34.98
CA HIS D 441 25.12 34.83 -35.19
C HIS D 441 25.16 35.03 -36.70
N GLY D 442 25.21 36.28 -37.18
CA GLY D 442 25.25 36.51 -38.63
C GLY D 442 26.63 36.35 -39.24
N GLN D 443 27.63 36.21 -38.38
CA GLN D 443 29.00 36.55 -38.70
C GLN D 443 29.96 35.80 -37.79
N VAL D 444 31.25 35.96 -38.05
CA VAL D 444 32.27 35.55 -37.09
C VAL D 444 32.07 36.29 -35.75
N MET D 445 32.22 35.57 -34.65
CA MET D 445 32.12 36.14 -33.30
C MET D 445 33.39 35.87 -32.53
N ASP D 446 34.17 36.92 -32.30
CA ASP D 446 35.51 36.76 -31.72
C ASP D 446 35.49 36.85 -30.20
N GLN D 447 34.95 35.80 -29.58
CA GLN D 447 34.98 35.67 -28.13
C GLN D 447 35.61 34.33 -27.76
N LYS D 448 36.07 34.22 -26.51
CA LYS D 448 36.81 33.05 -26.04
C LYS D 448 36.46 32.71 -24.60
N LEU D 449 36.41 31.41 -24.28
CA LEU D 449 36.05 30.95 -22.93
C LEU D 449 36.86 31.61 -21.81
N SER D 450 38.15 31.84 -22.04
CA SER D 450 38.99 32.54 -21.06
C SER D 450 38.42 33.93 -20.77
N GLY D 451 38.00 34.61 -21.85
CA GLY D 451 37.37 35.93 -21.78
C GLY D 451 36.20 36.06 -20.80
N GLN D 452 35.57 34.94 -20.48
CA GLN D 452 34.44 34.95 -19.55
C GLN D 452 34.86 35.06 -18.09
N ARG D 453 36.16 35.14 -17.80
CA ARG D 453 36.56 35.41 -16.44
C ARG D 453 36.22 36.85 -16.09
N ALA D 454 36.10 37.68 -17.12
CA ALA D 454 35.52 39.01 -17.00
C ALA D 454 34.21 38.96 -16.21
N ALA D 455 33.33 38.04 -16.59
CA ALA D 455 32.03 37.87 -15.97
C ALA D 455 32.05 37.36 -14.53
N LEU D 456 33.23 37.14 -13.97
CA LEU D 456 33.33 36.58 -12.63
C LEU D 456 34.22 37.36 -11.68
N GLU D 457 34.97 38.34 -12.20
CA GLU D 457 35.94 39.09 -11.39
C GLU D 457 35.39 39.44 -10.02
N ARG D 458 34.19 40.04 -10.00
CA ARG D 458 33.60 40.58 -8.77
C ARG D 458 32.40 39.74 -8.30
N GLY D 459 32.37 38.47 -8.68
CA GLY D 459 31.28 37.58 -8.30
C GLY D 459 29.92 38.04 -8.80
N GLN D 460 29.91 38.66 -9.98
CA GLN D 460 28.70 39.29 -10.52
C GLN D 460 27.81 38.36 -11.38
N ASN D 461 28.27 37.16 -11.70
CA ASN D 461 27.43 36.16 -12.34
C ASN D 461 27.71 34.82 -11.67
N PRO D 462 26.93 33.77 -12.01
CA PRO D 462 27.29 32.42 -11.54
C PRO D 462 28.42 31.84 -12.37
N LEU D 463 29.02 30.75 -11.89
CA LEU D 463 30.12 30.11 -12.62
C LEU D 463 29.62 29.19 -13.72
N PRO D 464 29.96 29.49 -14.99
CA PRO D 464 29.43 28.69 -16.09
C PRO D 464 30.19 27.38 -16.28
N LEU D 465 29.46 26.27 -16.32
CA LEU D 465 30.03 24.95 -16.47
C LEU D 465 29.45 24.29 -17.71
N TYR D 466 30.23 24.29 -18.79
CA TYR D 466 29.76 23.72 -20.04
C TYR D 466 30.20 22.26 -20.06
N LEU D 467 29.24 21.33 -19.95
CA LEU D 467 29.53 19.91 -19.94
C LEU D 467 29.48 19.30 -21.34
N SER D 468 30.39 18.35 -21.59
CA SER D 468 30.58 17.76 -22.92
C SER D 468 30.80 16.27 -22.80
N LEU D 469 30.03 15.50 -23.57
CA LEU D 469 30.10 14.04 -23.55
C LEU D 469 30.99 13.53 -24.67
N ASN D 470 32.12 12.92 -24.30
CA ASN D 470 33.15 12.53 -25.27
C ASN D 470 33.10 11.04 -25.63
N GLU D 483 33.29 9.61 -21.57
CA GLU D 483 33.80 10.37 -20.44
C GLU D 483 33.20 11.74 -20.50
N TRP D 484 33.06 12.37 -19.34
CA TRP D 484 32.55 13.73 -19.26
C TRP D 484 33.69 14.73 -19.18
N VAL D 485 33.62 15.74 -20.05
CA VAL D 485 34.56 16.84 -20.02
C VAL D 485 33.82 18.14 -19.72
N GLU D 486 34.20 18.74 -18.59
CA GLU D 486 33.62 19.98 -18.10
C GLU D 486 34.50 21.14 -18.52
N PHE D 487 33.89 22.27 -18.87
CA PHE D 487 34.62 23.47 -19.26
C PHE D 487 34.19 24.62 -18.37
N SER D 488 35.12 25.26 -17.67
CA SER D 488 34.82 26.53 -17.03
C SER D 488 35.79 27.56 -17.57
N PRO D 489 35.49 28.85 -17.39
CA PRO D 489 36.45 29.88 -17.75
C PRO D 489 37.75 29.77 -16.95
N TYR D 490 37.70 29.10 -15.80
CA TYR D 490 38.92 28.83 -15.03
C TYR D 490 39.67 27.58 -15.52
N GLU D 491 39.01 26.44 -15.58
CA GLU D 491 39.67 25.22 -16.01
C GLU D 491 38.78 24.30 -16.86
N VAL D 492 39.43 23.41 -17.60
CA VAL D 492 38.79 22.45 -18.48
C VAL D 492 39.39 21.08 -18.21
N GLY D 493 38.55 20.05 -18.10
CA GLY D 493 39.09 18.71 -18.04
C GLY D 493 38.16 17.54 -17.77
N PHE D 494 38.77 16.39 -17.62
CA PHE D 494 38.08 15.14 -17.45
C PHE D 494 37.77 15.01 -15.98
N LEU D 495 36.47 14.89 -15.66
CA LEU D 495 36.01 14.72 -14.29
C LEU D 495 36.42 13.37 -13.73
N LYS D 496 36.46 12.35 -14.59
CA LYS D 496 36.84 11.00 -14.20
C LYS D 496 38.32 10.85 -13.80
N TYR D 497 39.20 11.59 -14.46
CA TYR D 497 40.64 11.48 -14.20
C TYR D 497 41.20 12.59 -13.35
N GLY D 498 40.37 13.51 -12.87
CA GLY D 498 40.88 14.67 -12.15
C GLY D 498 42.09 15.23 -12.87
N ALA D 499 41.93 15.49 -14.16
CA ALA D 499 42.99 16.03 -14.99
C ALA D 499 42.46 17.27 -15.67
N PHE D 500 43.08 18.42 -15.39
CA PHE D 500 42.56 19.71 -15.88
C PHE D 500 43.63 20.69 -16.34
N VAL D 501 43.23 21.51 -17.31
CA VAL D 501 44.03 22.66 -17.77
C VAL D 501 43.19 23.92 -17.78
N PRO D 502 43.83 25.09 -17.71
CA PRO D 502 43.12 26.32 -18.04
C PRO D 502 42.75 26.37 -19.53
N PRO D 503 41.62 27.04 -19.86
CA PRO D 503 40.99 27.00 -21.18
C PRO D 503 41.77 27.57 -22.34
N GLU D 504 42.74 28.44 -22.08
CA GLU D 504 43.66 28.96 -23.11
C GLU D 504 44.45 27.83 -23.77
N LEU D 505 44.90 26.92 -22.92
CA LEU D 505 45.74 25.84 -23.34
C LEU D 505 44.95 24.73 -24.03
N PHE D 506 43.65 24.68 -23.79
CA PHE D 506 42.81 23.70 -24.49
C PHE D 506 42.96 23.88 -26.00
N GLY D 507 43.35 22.79 -26.67
CA GLY D 507 43.69 22.82 -28.10
C GLY D 507 45.18 22.70 -28.33
N SER D 508 45.99 23.06 -27.33
CA SER D 508 47.44 23.05 -27.47
C SER D 508 47.95 21.62 -27.44
N GLU D 509 49.21 21.45 -27.82
CA GLU D 509 49.79 20.12 -27.90
C GLU D 509 50.50 19.79 -26.59
N PHE D 510 50.24 18.61 -26.04
CA PHE D 510 50.76 18.23 -24.73
C PHE D 510 51.50 16.91 -24.78
N PHE D 511 52.24 16.66 -23.71
CA PHE D 511 52.90 15.39 -23.54
C PHE D 511 53.22 15.09 -22.09
N MET D 512 52.68 13.97 -21.62
CA MET D 512 52.97 13.47 -20.30
C MET D 512 52.73 14.56 -19.27
N GLY D 513 51.69 15.36 -19.53
CA GLY D 513 51.31 16.46 -18.64
C GLY D 513 52.10 17.74 -18.78
N ARG D 514 52.82 17.89 -19.89
CA ARG D 514 53.67 19.04 -20.13
C ARG D 514 53.29 19.70 -21.44
N LEU D 515 53.27 21.02 -21.47
CA LEU D 515 52.93 21.75 -22.69
C LEU D 515 54.09 21.68 -23.70
N MET D 516 53.84 21.16 -24.90
CA MET D 516 54.91 21.03 -25.89
C MET D 516 54.88 22.16 -26.88
N ARG D 517 53.70 22.47 -27.41
CA ARG D 517 53.55 23.61 -28.30
C ARG D 517 52.27 24.37 -27.96
N ARG D 518 52.42 25.65 -27.62
CA ARG D 518 51.26 26.48 -27.32
C ARG D 518 50.55 26.89 -28.61
N ILE D 519 49.24 26.65 -28.65
CA ILE D 519 48.39 26.97 -29.80
C ILE D 519 47.46 28.11 -29.39
N PRO D 520 47.09 29.00 -30.34
CA PRO D 520 46.19 30.07 -29.94
C PRO D 520 44.82 29.53 -29.52
N GLU D 521 44.38 29.90 -28.32
CA GLU D 521 43.04 29.55 -27.83
C GLU D 521 42.00 29.79 -28.92
N PRO D 522 41.10 28.83 -29.14
CA PRO D 522 40.16 28.99 -30.24
C PRO D 522 38.94 29.82 -29.91
N ARG D 523 38.38 30.40 -30.96
CA ARG D 523 37.15 31.14 -30.91
C ARG D 523 36.06 30.24 -30.33
N ILE D 524 35.25 30.76 -29.41
CA ILE D 524 34.34 29.90 -28.64
C ILE D 524 33.42 28.99 -29.45
N CYS D 525 33.05 29.37 -30.67
CA CYS D 525 32.15 28.54 -31.49
C CYS D 525 32.70 27.12 -31.80
N PHE D 526 34.02 26.97 -31.77
CA PHE D 526 34.64 25.67 -31.94
C PHE D 526 34.40 24.80 -30.72
N LEU D 527 34.40 25.42 -29.53
CA LEU D 527 33.96 24.74 -28.30
C LEU D 527 32.47 24.41 -28.31
N GLU D 528 31.65 25.35 -28.76
CA GLU D 528 30.22 25.09 -28.86
C GLU D 528 29.92 23.87 -29.73
N ALA D 529 30.74 23.63 -30.75
CA ALA D 529 30.56 22.43 -31.59
C ALA D 529 30.90 21.15 -30.82
N ILE D 530 32.01 21.16 -30.08
CA ILE D 530 32.33 20.05 -29.17
C ILE D 530 31.12 19.79 -28.27
N TRP D 531 30.57 20.85 -27.70
CA TRP D 531 29.49 20.74 -26.70
C TRP D 531 28.15 20.33 -27.25
N SER D 532 27.93 20.59 -28.54
CA SER D 532 26.64 20.34 -29.16
C SER D 532 26.81 19.61 -30.49
N ASN D 533 27.82 18.74 -30.53
CA ASN D 533 28.08 17.94 -31.72
C ASN D 533 26.97 16.95 -31.93
N ILE D 534 26.54 16.83 -33.18
CA ILE D 534 25.44 15.94 -33.53
C ILE D 534 25.81 14.92 -34.60
N PHE D 535 27.08 14.88 -34.98
CA PHE D 535 27.51 14.07 -36.12
C PHE D 535 28.37 12.88 -35.72
N SER D 536 28.20 11.77 -36.43
CA SER D 536 29.07 10.62 -36.28
C SER D 536 30.46 11.00 -36.79
N LEU D 537 31.36 10.03 -36.84
CA LEU D 537 32.67 10.26 -37.43
C LEU D 537 32.57 10.13 -38.96
N ASN D 538 31.41 9.68 -39.45
CA ASN D 538 31.12 9.54 -40.87
C ASN D 538 29.99 10.50 -41.30
N GLU D 579 13.26 15.55 -43.19
CA GLU D 579 13.99 14.54 -43.96
C GLU D 579 14.50 15.11 -45.29
N ALA D 580 13.59 15.57 -46.14
CA ALA D 580 13.93 16.12 -47.46
C ALA D 580 14.59 17.50 -47.38
N SER D 581 14.28 18.24 -46.30
CA SER D 581 14.81 19.59 -46.10
C SER D 581 16.34 19.63 -46.10
N TRP D 582 16.97 18.75 -45.32
CA TRP D 582 18.42 18.81 -45.11
C TRP D 582 19.20 17.65 -45.74
N LEU D 583 18.70 17.16 -46.87
CA LEU D 583 19.51 16.36 -47.81
C LEU D 583 20.04 17.29 -48.92
N GLN D 584 19.60 18.55 -48.92
CA GLN D 584 19.98 19.52 -49.96
C GLN D 584 21.15 20.43 -49.60
N PRO D 585 21.17 20.97 -48.36
CA PRO D 585 22.39 21.66 -47.92
C PRO D 585 23.56 20.68 -47.79
N GLY D 586 23.23 19.42 -47.51
CA GLY D 586 24.22 18.35 -47.53
C GLY D 586 24.90 18.19 -48.88
N THR D 587 24.13 18.26 -49.96
CA THR D 587 24.67 18.23 -51.32
C THR D 587 25.39 19.53 -51.69
N ALA D 588 24.79 20.67 -51.34
CA ALA D 588 25.43 21.97 -51.53
C ALA D 588 26.82 22.01 -50.86
N LEU D 589 26.87 21.59 -49.58
CA LEU D 589 28.14 21.49 -48.83
C LEU D 589 29.14 20.54 -49.46
N ALA D 590 28.74 19.28 -49.59
CA ALA D 590 29.65 18.20 -50.03
C ALA D 590 30.37 18.58 -51.30
N GLN D 591 29.63 19.16 -52.23
CA GLN D 591 30.16 19.58 -53.52
C GLN D 591 31.07 20.81 -53.44
N ALA D 592 30.74 21.78 -52.59
CA ALA D 592 31.61 22.95 -52.39
C ALA D 592 32.91 22.61 -51.66
N PHE D 593 32.93 21.47 -50.99
CA PHE D 593 34.06 21.07 -50.14
C PHE D 593 34.99 19.98 -50.71
N LYS D 594 34.84 19.63 -52.00
CA LYS D 594 35.64 18.54 -52.59
C LYS D 594 37.08 18.94 -52.86
N GLY D 595 38.00 18.01 -52.61
CA GLY D 595 39.43 18.30 -52.62
C GLY D 595 40.07 17.91 -51.31
N PHE D 596 39.30 17.97 -50.23
CA PHE D 596 39.75 17.55 -48.91
C PHE D 596 39.83 16.03 -48.83
N SER D 606 44.00 13.17 -33.63
CA SER D 606 43.75 14.49 -33.06
C SER D 606 43.81 14.42 -31.53
N PRO D 607 45.03 14.35 -30.92
CA PRO D 607 44.99 14.01 -29.49
C PRO D 607 44.67 15.18 -28.53
N ASN D 608 44.39 14.82 -27.28
CA ASN D 608 44.01 15.77 -26.25
C ASN D 608 45.18 16.09 -25.31
N PHE D 609 44.91 16.78 -24.21
CA PHE D 609 45.97 17.13 -23.25
C PHE D 609 46.43 15.96 -22.36
N LEU D 610 45.66 14.87 -22.32
CA LEU D 610 46.09 13.66 -21.61
C LEU D 610 47.23 12.89 -22.31
N GLN D 611 47.47 13.17 -23.60
CA GLN D 611 48.45 12.44 -24.39
C GLN D 611 49.66 12.07 -23.57
N GLY D 612 50.06 10.80 -23.62
CA GLY D 612 51.19 10.29 -22.85
C GLY D 612 50.84 9.73 -21.47
N LEU D 613 49.90 10.36 -20.78
CA LEU D 613 49.61 9.97 -19.41
C LEU D 613 49.11 8.55 -19.38
N GLN D 614 49.24 7.91 -18.21
CA GLN D 614 48.87 6.50 -18.04
C GLN D 614 47.99 6.28 -16.83
N LEU D 615 47.36 5.12 -16.75
CA LEU D 615 46.37 4.84 -15.71
C LEU D 615 47.01 4.13 -14.52
N HIS D 616 46.67 4.57 -13.31
CA HIS D 616 47.18 3.91 -12.12
C HIS D 616 46.60 2.51 -12.03
N GLN D 617 47.37 1.58 -11.50
CA GLN D 617 47.00 0.17 -11.54
C GLN D 617 45.83 -0.12 -10.61
N ASP D 618 46.01 0.15 -9.31
CA ASP D 618 44.96 -0.15 -8.33
C ASP D 618 43.57 0.45 -8.69
N TYR D 619 43.56 1.50 -9.51
CA TYR D 619 42.36 1.91 -10.23
C TYR D 619 42.32 1.18 -11.57
N GLU D 644 25.98 -0.63 -40.00
CA GLU D 644 25.95 0.14 -41.24
C GLU D 644 26.25 1.62 -40.95
N PRO D 645 26.59 2.40 -41.99
CA PRO D 645 27.07 3.76 -41.74
C PRO D 645 25.95 4.72 -41.34
N ARG D 646 26.31 5.65 -40.46
CA ARG D 646 25.39 6.62 -39.87
C ARG D 646 25.90 8.01 -40.14
N LEU D 647 25.00 8.98 -40.07
CA LEU D 647 25.29 10.36 -40.41
C LEU D 647 25.36 11.20 -39.15
N CYS D 648 24.42 10.96 -38.23
CA CYS D 648 24.45 11.60 -36.92
C CYS D 648 24.92 10.68 -35.83
N LEU D 649 25.18 11.26 -34.67
CA LEU D 649 25.28 10.51 -33.44
C LEU D 649 23.91 9.89 -33.18
N VAL D 650 23.91 8.71 -32.57
CA VAL D 650 22.66 7.99 -32.31
C VAL D 650 22.56 7.47 -30.91
N ASP D 651 23.69 7.16 -30.29
CA ASP D 651 23.71 6.69 -28.93
C ASP D 651 22.87 7.65 -28.12
N ALA D 652 22.00 7.11 -27.27
CA ALA D 652 20.99 7.90 -26.55
C ALA D 652 21.60 8.87 -25.55
N ALA D 653 22.78 8.54 -25.04
CA ALA D 653 23.52 9.39 -24.09
C ALA D 653 23.66 10.84 -24.54
N TYR D 654 23.88 11.01 -25.84
CA TYR D 654 24.12 12.32 -26.41
C TYR D 654 22.93 13.26 -26.31
N PHE D 655 21.73 12.71 -26.41
CA PHE D 655 20.51 13.52 -26.42
C PHE D 655 19.68 13.46 -25.15
N ILE D 656 20.00 12.56 -24.22
CA ILE D 656 19.23 12.43 -23.00
C ILE D 656 20.13 12.43 -21.75
N ASN D 657 20.61 13.61 -21.36
CA ASN D 657 21.17 13.81 -20.03
C ASN D 657 21.07 15.26 -19.63
N THR D 658 21.06 15.50 -18.32
CA THR D 658 21.18 16.84 -17.75
C THR D 658 22.65 17.01 -17.35
N SER D 659 23.05 18.21 -16.96
CA SER D 659 24.46 18.49 -16.65
C SER D 659 24.81 18.16 -15.19
N SER D 660 24.32 17.03 -14.68
CA SER D 660 24.56 16.66 -13.30
C SER D 660 26.02 16.57 -12.97
N PRO D 661 26.82 15.94 -13.85
CA PRO D 661 28.21 15.66 -13.50
C PRO D 661 28.95 16.87 -12.96
N SER D 662 28.71 18.03 -13.57
CA SER D 662 29.26 19.30 -13.11
C SER D 662 28.82 19.64 -11.69
N MET D 663 27.55 19.41 -11.38
CA MET D 663 27.01 19.73 -10.06
C MET D 663 27.49 18.78 -8.95
N PHE D 664 28.13 17.66 -9.32
CA PHE D 664 28.56 16.68 -8.33
C PHE D 664 30.06 16.40 -8.30
N ARG D 665 30.81 17.22 -9.03
CA ARG D 665 32.27 17.18 -8.97
C ARG D 665 32.74 17.35 -7.51
N PRO D 666 33.82 16.65 -7.12
CA PRO D 666 34.35 16.59 -5.76
C PRO D 666 34.07 17.77 -4.82
N GLY D 667 34.61 18.95 -5.10
CA GLY D 667 34.64 20.01 -4.08
C GLY D 667 33.42 20.92 -3.93
N ARG D 668 32.34 20.64 -4.67
CA ARG D 668 31.30 21.65 -4.92
C ARG D 668 30.16 21.75 -3.89
N ARG D 669 29.83 20.64 -3.25
CA ARG D 669 28.78 20.58 -2.22
C ARG D 669 27.53 21.41 -2.52
N LEU D 670 26.75 20.98 -3.51
CA LEU D 670 25.51 21.69 -3.84
C LEU D 670 24.38 21.40 -2.87
N ASP D 671 23.67 22.46 -2.48
CA ASP D 671 22.57 22.38 -1.51
C ASP D 671 21.20 22.46 -2.15
N LEU D 672 21.07 23.22 -3.24
CA LEU D 672 19.83 23.28 -4.02
C LEU D 672 20.17 23.26 -5.50
N ILE D 673 19.41 22.49 -6.27
CA ILE D 673 19.54 22.46 -7.73
C ILE D 673 18.20 22.78 -8.38
N LEU D 674 18.23 23.75 -9.28
CA LEU D 674 17.08 24.04 -10.14
C LEU D 674 17.34 23.33 -11.45
N SER D 675 16.64 22.22 -11.66
CA SER D 675 16.82 21.42 -12.86
C SER D 675 15.83 21.84 -13.91
N PHE D 676 16.32 22.38 -15.00
CA PHE D 676 15.50 22.70 -16.16
C PHE D 676 15.64 21.61 -17.19
N ASP D 677 14.50 21.09 -17.66
CA ASP D 677 14.49 19.99 -18.59
C ASP D 677 13.76 20.45 -19.82
N TYR D 678 14.32 20.20 -20.99
CA TYR D 678 13.74 20.69 -22.24
C TYR D 678 13.27 19.56 -23.15
N SER D 679 12.97 18.42 -22.54
CA SER D 679 12.50 17.28 -23.29
C SER D 679 11.02 17.41 -23.62
N LEU D 680 10.63 16.92 -24.79
CA LEU D 680 9.24 16.91 -25.25
C LEU D 680 8.54 15.59 -24.96
N SER D 681 9.25 14.66 -24.36
CA SER D 681 8.66 13.51 -23.73
C SER D 681 9.65 13.13 -22.63
N ALA D 682 9.30 12.20 -21.76
CA ALA D 682 10.23 11.79 -20.70
C ALA D 682 10.88 12.98 -19.97
N PRO D 683 10.07 13.81 -19.31
CA PRO D 683 10.65 14.89 -18.52
C PRO D 683 11.39 14.44 -17.24
N PHE D 684 11.34 13.15 -16.90
CA PHE D 684 12.08 12.70 -15.72
C PHE D 684 13.21 11.70 -16.02
N GLU D 685 13.45 11.37 -17.28
CA GLU D 685 14.50 10.41 -17.60
C GLU D 685 15.85 10.98 -17.18
N ALA D 686 16.16 12.17 -17.67
CA ALA D 686 17.44 12.79 -17.37
C ALA D 686 17.72 12.78 -15.88
N LEU D 687 16.71 13.04 -15.06
CA LEU D 687 16.92 13.02 -13.61
C LEU D 687 17.19 11.64 -13.09
N GLN D 688 16.44 10.66 -13.56
CA GLN D 688 16.65 9.28 -13.12
C GLN D 688 18.05 8.77 -13.49
N GLN D 689 18.54 9.20 -14.65
CA GLN D 689 19.91 8.95 -15.06
C GLN D 689 20.86 9.47 -13.99
N THR D 690 20.57 10.67 -13.51
CA THR D 690 21.36 11.32 -12.47
C THR D 690 21.30 10.58 -11.14
N GLU D 691 20.11 10.09 -10.79
CA GLU D 691 19.95 9.28 -9.59
C GLU D 691 20.90 8.10 -9.70
N LEU D 692 20.80 7.38 -10.81
CA LEU D 692 21.71 6.28 -11.13
C LEU D 692 23.18 6.66 -11.00
N TYR D 693 23.56 7.72 -11.72
CA TYR D 693 24.91 8.28 -11.71
C TYR D 693 25.43 8.47 -10.28
N CYS D 694 24.69 9.24 -9.47
CA CYS D 694 25.08 9.49 -8.09
C CYS D 694 25.03 8.22 -7.23
N ARG D 695 24.06 7.36 -7.53
CA ARG D 695 23.91 6.08 -6.81
C ARG D 695 25.17 5.21 -6.95
N ALA D 696 25.71 5.16 -8.17
CA ALA D 696 26.90 4.37 -8.45
C ALA D 696 28.18 4.96 -7.86
N ARG D 697 28.16 6.21 -7.40
CA ARG D 697 29.36 6.81 -6.82
C ARG D 697 29.25 7.14 -5.34
N GLY D 698 28.24 6.58 -4.66
CA GLY D 698 28.06 6.81 -3.23
C GLY D 698 27.81 8.28 -2.87
N LEU D 699 27.18 9.00 -3.79
CA LEU D 699 26.90 10.41 -3.61
C LEU D 699 25.47 10.56 -3.16
N PRO D 700 25.23 11.30 -2.05
CA PRO D 700 23.86 11.48 -1.62
C PRO D 700 23.04 12.21 -2.68
N PHE D 701 21.81 11.72 -2.89
CA PHE D 701 20.92 12.25 -3.92
C PHE D 701 19.51 11.72 -3.68
N PRO D 702 18.51 12.62 -3.68
CA PRO D 702 17.16 12.22 -3.36
C PRO D 702 16.56 11.36 -4.46
N ARG D 703 15.76 10.37 -4.08
CA ARG D 703 15.20 9.46 -5.07
C ARG D 703 14.06 10.09 -5.85
N VAL D 704 14.21 10.05 -7.18
CA VAL D 704 13.21 10.59 -8.09
C VAL D 704 12.24 9.47 -8.42
N GLU D 705 11.07 9.50 -7.77
CA GLU D 705 10.03 8.52 -8.00
C GLU D 705 8.73 9.26 -8.25
N PRO D 706 8.52 9.72 -9.49
CA PRO D 706 7.29 10.42 -9.80
C PRO D 706 6.14 9.44 -9.94
N SER D 707 4.98 9.80 -9.40
CA SER D 707 3.80 8.94 -9.44
C SER D 707 3.27 8.82 -10.86
N PRO D 708 2.56 7.72 -11.15
CA PRO D 708 1.95 7.55 -12.48
C PRO D 708 1.27 8.81 -13.00
N GLN D 709 0.54 9.51 -12.13
CA GLN D 709 -0.14 10.74 -12.49
C GLN D 709 0.83 11.81 -13.01
N ASP D 710 2.01 11.89 -12.41
CA ASP D 710 2.99 12.90 -12.76
C ASP D 710 3.56 12.69 -14.15
N GLN D 711 3.89 11.45 -14.50
CA GLN D 711 4.39 11.17 -15.85
C GLN D 711 3.38 11.61 -16.92
N HIS D 712 2.10 11.29 -16.70
CA HIS D 712 1.05 11.50 -17.71
C HIS D 712 0.78 12.96 -18.00
N GLN D 713 0.46 13.72 -16.95
CA GLN D 713 0.37 15.17 -17.07
C GLN D 713 1.19 15.80 -15.94
N PRO D 714 2.48 16.08 -16.23
CA PRO D 714 3.29 16.75 -15.24
C PRO D 714 2.91 18.21 -15.13
N ARG D 715 3.46 18.85 -14.11
CA ARG D 715 3.15 20.21 -13.78
C ARG D 715 4.44 21.01 -13.71
N GLU D 716 4.29 22.33 -13.54
CA GLU D 716 5.35 23.31 -13.76
C GLU D 716 6.61 23.05 -12.95
N CYS D 717 6.42 22.52 -11.73
CA CYS D 717 7.50 22.34 -10.77
C CYS D 717 7.31 21.04 -9.98
N HIS D 718 8.40 20.29 -9.77
CA HIS D 718 8.38 19.08 -8.94
C HIS D 718 9.48 19.09 -7.90
N LEU D 719 9.10 18.88 -6.63
CA LEU D 719 10.07 18.76 -5.55
C LEU D 719 10.55 17.31 -5.43
N PHE D 720 11.82 17.15 -5.02
CA PHE D 720 12.35 15.84 -4.66
C PHE D 720 13.16 15.95 -3.35
N SER D 721 12.68 15.23 -2.32
CA SER D 721 13.00 15.43 -0.90
C SER D 721 12.51 16.79 -0.43
N CYS D 725 18.19 10.09 3.22
CA CYS D 725 19.58 10.51 3.35
C CYS D 725 19.70 12.05 3.41
N PRO D 726 19.10 12.67 4.43
CA PRO D 726 19.00 14.14 4.42
C PRO D 726 20.29 14.99 4.43
N GLU D 727 21.34 14.59 3.72
CA GLU D 727 22.49 15.45 3.41
C GLU D 727 22.53 15.76 1.91
N ALA D 728 21.52 15.27 1.19
CA ALA D 728 21.48 15.30 -0.26
C ALA D 728 20.83 16.59 -0.71
N PRO D 729 21.22 17.10 -1.89
CA PRO D 729 20.66 18.36 -2.35
C PRO D 729 19.14 18.34 -2.46
N ILE D 730 18.55 19.51 -2.31
CA ILE D 730 17.15 19.72 -2.60
C ILE D 730 17.09 19.90 -4.11
N LEU D 731 16.00 19.44 -4.71
CA LEU D 731 15.94 19.41 -6.14
C LEU D 731 14.55 19.85 -6.63
N LEU D 732 14.51 21.03 -7.21
CA LEU D 732 13.33 21.50 -7.91
C LEU D 732 13.51 21.27 -9.40
N HIS D 733 12.61 20.50 -9.97
CA HIS D 733 12.70 20.08 -11.35
C HIS D 733 11.59 20.75 -12.13
N PHE D 734 11.94 21.37 -13.23
CA PHE D 734 10.99 22.10 -14.06
C PHE D 734 10.84 21.48 -15.45
N PRO D 735 9.80 20.64 -15.63
CA PRO D 735 9.49 20.06 -16.93
C PRO D 735 9.18 21.12 -17.96
N LEU D 736 9.24 20.74 -19.22
CA LEU D 736 8.83 21.64 -20.28
C LEU D 736 7.40 21.28 -20.63
N VAL D 737 6.46 21.84 -19.90
CA VAL D 737 5.06 21.46 -19.98
C VAL D 737 4.17 22.70 -20.15
N ASN D 738 3.02 22.56 -20.81
CA ASN D 738 2.09 23.70 -20.92
C ASN D 738 1.23 23.98 -19.66
N ALA D 739 0.47 22.99 -19.22
CA ALA D 739 -0.16 23.04 -17.89
C ALA D 739 -1.07 24.25 -17.56
N SER D 740 -0.70 25.14 -16.62
CA SER D 740 -1.60 26.24 -16.19
C SER D 740 -1.41 27.49 -17.03
N PHE D 741 -0.38 27.48 -17.87
CA PHE D 741 -0.14 28.57 -18.80
C PHE D 741 -1.23 28.64 -19.88
N LYS D 742 -1.94 27.52 -20.13
CA LYS D 742 -3.03 27.52 -21.12
C LYS D 742 -3.97 28.68 -20.87
N ASP D 743 -4.37 28.83 -19.61
CA ASP D 743 -5.43 29.77 -19.21
C ASP D 743 -4.95 30.81 -18.18
N HIS D 744 -3.64 31.03 -18.10
CA HIS D 744 -3.10 32.09 -17.28
C HIS D 744 -2.08 32.84 -18.13
N SER D 745 -2.20 34.16 -18.20
CA SER D 745 -1.24 34.99 -18.95
C SER D 745 -0.06 35.40 -18.06
N ALA D 746 -0.23 35.28 -16.75
CA ALA D 746 0.80 35.60 -15.80
C ALA D 746 0.44 34.91 -14.50
N PRO D 747 1.42 34.74 -13.58
CA PRO D 747 1.16 33.93 -12.39
C PRO D 747 -0.05 34.45 -11.63
N GLY D 748 -1.07 33.60 -11.48
CA GLY D 748 -2.26 33.96 -10.74
C GLY D 748 -3.31 34.78 -11.49
N VAL D 749 -3.06 35.09 -12.75
CA VAL D 749 -3.97 35.90 -13.55
C VAL D 749 -4.64 35.09 -14.66
N GLN D 750 -5.96 35.05 -14.65
CA GLN D 750 -6.73 34.39 -15.71
C GLN D 750 -6.39 34.96 -17.08
N ARG D 751 -6.44 34.10 -18.09
CA ARG D 751 -6.16 34.52 -19.47
C ARG D 751 -7.39 35.19 -20.07
N SER D 752 -7.21 36.39 -20.62
CA SER D 752 -8.30 37.06 -21.35
C SER D 752 -8.57 36.23 -22.61
N PRO D 753 -9.80 36.28 -23.14
CA PRO D 753 -10.09 35.55 -24.38
C PRO D 753 -9.40 36.15 -25.62
N ALA D 754 -8.92 37.39 -25.51
CA ALA D 754 -8.13 38.02 -26.58
C ALA D 754 -6.70 37.46 -26.70
N GLU D 755 -6.11 37.10 -25.56
CA GLU D 755 -4.77 36.49 -25.54
C GLU D 755 -4.82 34.96 -25.40
N LEU D 756 -5.99 34.32 -25.64
CA LEU D 756 -6.11 32.85 -25.51
C LEU D 756 -5.01 32.19 -26.32
N GLN D 757 -4.89 32.60 -27.58
CA GLN D 757 -3.82 32.16 -28.49
C GLN D 757 -2.40 32.12 -27.92
N GLY D 758 -2.06 33.10 -27.08
CA GLY D 758 -0.76 33.14 -26.43
C GLY D 758 -0.43 31.92 -25.58
N GLY D 759 -1.46 31.29 -25.01
CA GLY D 759 -1.31 30.12 -24.14
C GLY D 759 -1.30 28.79 -24.86
N GLN D 760 -1.68 28.76 -26.13
CA GLN D 760 -1.62 27.52 -26.91
C GLN D 760 -0.22 27.38 -27.51
N VAL D 761 0.52 26.38 -27.03
CA VAL D 761 1.93 26.22 -27.37
C VAL D 761 2.10 24.82 -27.95
N ASP D 762 2.56 24.76 -29.20
CA ASP D 762 2.59 23.51 -29.94
C ASP D 762 3.78 22.65 -29.51
N LEU D 763 3.62 21.90 -28.41
CA LEU D 763 4.70 21.08 -27.86
C LEU D 763 4.58 19.62 -28.22
N THR D 764 3.45 19.23 -28.82
CA THR D 764 3.21 17.83 -29.22
C THR D 764 2.58 17.87 -30.60
N GLY D 765 2.39 16.71 -31.21
CA GLY D 765 1.76 16.63 -32.51
C GLY D 765 2.66 17.13 -33.64
N ALA D 766 2.43 16.59 -34.84
CA ALA D 766 3.24 16.92 -36.00
C ALA D 766 3.19 18.42 -36.30
N THR D 767 4.11 18.85 -37.15
CA THR D 767 4.37 20.27 -37.41
C THR D 767 4.54 21.11 -36.12
N CYS D 768 5.05 20.46 -35.07
CA CYS D 768 5.54 21.17 -33.89
C CYS D 768 6.84 21.85 -34.32
N PRO D 769 6.97 23.16 -34.06
CA PRO D 769 8.15 23.89 -34.54
C PRO D 769 9.40 23.76 -33.65
N TYR D 770 9.29 23.04 -32.53
CA TYR D 770 10.37 22.94 -31.55
C TYR D 770 11.14 21.63 -31.64
N THR D 771 10.82 20.82 -32.63
CA THR D 771 11.62 19.66 -32.97
C THR D 771 13.11 20.02 -32.94
N LEU D 772 13.95 19.04 -32.61
CA LEU D 772 15.40 19.23 -32.51
C LEU D 772 16.02 19.67 -33.84
N SER D 773 15.60 19.00 -34.92
CA SER D 773 15.91 19.37 -36.33
C SER D 773 15.87 20.85 -36.64
N ASN D 774 14.77 21.49 -36.24
CA ASN D 774 14.44 22.84 -36.67
C ASN D 774 15.32 23.90 -36.02
N MET D 775 15.86 24.79 -36.84
CA MET D 775 16.66 25.90 -36.35
C MET D 775 16.31 27.27 -36.93
N THR D 776 15.09 27.39 -37.46
CA THR D 776 14.49 28.70 -37.71
C THR D 776 13.18 28.74 -36.91
N TYR D 777 13.08 29.65 -35.96
CA TYR D 777 11.84 29.80 -35.19
C TYR D 777 11.18 31.14 -35.56
N LYS D 778 10.03 31.04 -36.21
CA LYS D 778 9.15 32.17 -36.47
C LYS D 778 9.01 32.99 -35.17
N GLU D 779 9.14 34.32 -35.26
CA GLU D 779 9.19 35.20 -34.08
C GLU D 779 8.01 34.97 -33.13
N GLU D 780 6.83 34.77 -33.69
CA GLU D 780 5.64 34.36 -32.94
C GLU D 780 5.90 33.10 -32.08
N ASP D 781 6.41 32.05 -32.70
CA ASP D 781 6.68 30.76 -32.01
C ASP D 781 7.76 30.89 -30.94
N PHE D 782 8.83 31.61 -31.26
CA PHE D 782 9.85 31.92 -30.27
C PHE D 782 9.22 32.44 -28.97
N GLU D 783 8.32 33.42 -29.11
CA GLU D 783 7.74 34.12 -27.97
C GLU D 783 6.90 33.20 -27.06
N ARG D 784 6.05 32.37 -27.67
CA ARG D 784 5.22 31.45 -26.90
C ARG D 784 6.06 30.66 -25.93
N LEU D 785 7.07 29.97 -26.46
CA LEU D 785 7.92 29.10 -25.68
C LEU D 785 8.68 29.89 -24.61
N LEU D 786 9.16 31.08 -24.97
CA LEU D 786 9.87 31.92 -24.01
C LEU D 786 8.98 32.34 -22.83
N ARG D 787 7.76 32.78 -23.14
CA ARG D 787 6.83 33.23 -22.11
C ARG D 787 6.32 32.08 -21.28
N LEU D 788 6.05 30.94 -21.94
CA LEU D 788 5.69 29.73 -21.22
C LEU D 788 6.76 29.45 -20.15
N SER D 789 8.01 29.48 -20.59
CA SER D 789 9.13 29.17 -19.71
C SER D 789 9.27 30.20 -18.59
N ASP D 790 9.23 31.49 -18.95
CA ASP D 790 9.23 32.56 -17.96
C ASP D 790 8.15 32.30 -16.91
N TYR D 791 6.94 32.06 -17.40
CA TYR D 791 5.77 31.83 -16.56
C TYR D 791 5.93 30.64 -15.64
N ASN D 792 6.26 29.48 -16.22
CA ASN D 792 6.37 28.24 -15.44
C ASN D 792 7.28 28.42 -14.22
N VAL D 793 8.35 29.19 -14.36
CA VAL D 793 9.25 29.43 -13.24
C VAL D 793 8.64 30.43 -12.27
N GLN D 794 8.22 31.58 -12.78
CA GLN D 794 7.65 32.61 -11.92
C GLN D 794 6.52 32.01 -11.08
N THR D 795 5.59 31.33 -11.77
CA THR D 795 4.42 30.73 -11.12
C THR D 795 4.81 29.70 -10.05
N SER D 796 6.08 29.30 -10.04
CA SER D 796 6.62 28.39 -9.02
C SER D 796 7.50 29.11 -8.00
N GLN D 797 7.29 30.42 -7.85
CA GLN D 797 8.13 31.20 -6.94
C GLN D 797 8.05 30.69 -5.50
N GLY D 798 6.85 30.28 -5.09
CA GLY D 798 6.62 29.80 -3.73
C GLY D 798 7.55 28.67 -3.34
N ALA D 799 7.56 27.64 -4.19
CA ALA D 799 8.36 26.44 -3.94
C ALA D 799 9.87 26.72 -3.92
N ILE D 800 10.31 27.68 -4.74
CA ILE D 800 11.73 28.04 -4.81
C ILE D 800 12.13 28.68 -3.49
N LEU D 801 11.38 29.71 -3.10
CA LEU D 801 11.64 30.42 -1.84
C LEU D 801 11.57 29.44 -0.69
N GLN D 802 10.54 28.58 -0.70
CA GLN D 802 10.41 27.49 0.28
C GLN D 802 11.66 26.64 0.35
N ALA D 803 12.14 26.23 -0.81
CA ALA D 803 13.35 25.41 -0.92
C ALA D 803 14.60 26.14 -0.40
N LEU D 804 14.72 27.41 -0.75
CA LEU D 804 15.84 28.24 -0.29
C LEU D 804 15.87 28.36 1.23
N ARG D 805 14.69 28.52 1.85
CA ARG D 805 14.56 28.54 3.31
C ARG D 805 15.09 27.25 3.90
N THR D 806 14.68 26.12 3.32
CA THR D 806 15.08 24.80 3.77
C THR D 806 16.59 24.60 3.62
N ALA D 807 17.15 25.10 2.53
CA ALA D 807 18.59 25.02 2.26
C ALA D 807 19.39 25.82 3.29
N LEU D 808 18.80 26.91 3.77
CA LEU D 808 19.43 27.76 4.78
C LEU D 808 19.58 27.00 6.12
N LYS D 809 18.53 26.28 6.51
CA LYS D 809 18.52 25.49 7.75
C LYS D 809 19.24 24.14 7.66
N HIS D 810 19.72 23.75 6.46
CA HIS D 810 20.76 22.72 6.31
C HIS D 810 21.86 23.05 7.32
N ARG D 811 22.17 24.35 7.45
CA ARG D 811 23.18 24.86 8.39
C ARG D 811 23.15 26.38 8.32
#